data_2LM2
#
_entry.id   2LM2
#
_entity_poly.entity_id   1
_entity_poly.type   'polypeptide(L)'
_entity_poly.pdbx_seq_one_letter_code
;SNAEEEPLFYTINLIIPCVLITSLAILVFYLPSDCGEKMTLCISVLLALTVFLLLISKIVPPTSSDSPSVGEYLMFTMVL
VTFSIVTSVCVLNVHHRSPETHTGGGGGIDRLFLWIFVFVCVFGTIGMFLQPLFQEE
;
_entity_poly.pdbx_strand_id   A
#
# COMPACT_ATOMS: atom_id res chain seq x y z
N ASN A 2 5.38 -23.46 24.32
CA ASN A 2 3.95 -23.42 24.04
C ASN A 2 3.50 -22.01 23.70
N ALA A 3 3.40 -21.72 22.41
CA ALA A 3 2.98 -20.40 21.94
C ALA A 3 1.62 -20.47 21.26
N GLU A 4 0.77 -19.49 21.55
CA GLU A 4 -0.56 -19.44 20.95
C GLU A 4 -0.69 -18.24 20.00
N GLU A 5 0.43 -17.87 19.38
CA GLU A 5 0.44 -16.75 18.45
C GLU A 5 -0.05 -15.47 19.13
N GLU A 6 0.14 -15.40 20.44
CA GLU A 6 -0.29 -14.24 21.21
C GLU A 6 0.28 -12.96 20.61
N PRO A 7 1.62 -12.89 20.53
CA PRO A 7 2.33 -11.72 19.98
C PRO A 7 2.12 -11.58 18.47
N LEU A 8 1.91 -12.71 17.80
CA LEU A 8 1.69 -12.71 16.36
C LEU A 8 0.29 -12.22 16.01
N PHE A 9 -0.58 -12.18 17.01
CA PHE A 9 -1.95 -11.73 16.81
C PHE A 9 -1.98 -10.28 16.32
N TYR A 10 -0.96 -9.52 16.68
CA TYR A 10 -0.86 -8.12 16.28
C TYR A 10 -0.48 -8.00 14.80
N THR A 11 0.70 -8.53 14.47
CA THR A 11 1.19 -8.49 13.09
C THR A 11 0.15 -9.04 12.12
N ILE A 12 -0.51 -10.13 12.52
CA ILE A 12 -1.53 -10.75 11.68
C ILE A 12 -2.71 -9.81 11.47
N ASN A 13 -3.15 -9.17 12.54
CA ASN A 13 -4.28 -8.25 12.47
C ASN A 13 -3.91 -6.99 11.70
N LEU A 14 -2.61 -6.82 11.45
CA LEU A 14 -2.12 -5.67 10.71
C LEU A 14 -2.10 -5.93 9.20
N ILE A 15 -2.00 -7.22 8.85
CA ILE A 15 -1.98 -7.61 7.45
C ILE A 15 -3.38 -7.63 6.86
N ILE A 16 -4.36 -7.93 7.69
CA ILE A 16 -5.75 -7.99 7.25
C ILE A 16 -6.15 -6.70 6.54
N PRO A 17 -6.00 -5.56 7.23
CA PRO A 17 -6.33 -4.25 6.68
C PRO A 17 -5.37 -3.83 5.58
N CYS A 18 -4.09 -4.17 5.75
CA CYS A 18 -3.07 -3.82 4.77
C CYS A 18 -3.49 -4.26 3.37
N VAL A 19 -3.75 -5.54 3.20
CA VAL A 19 -4.17 -6.09 1.91
C VAL A 19 -5.49 -5.47 1.46
N LEU A 20 -6.36 -5.17 2.41
CA LEU A 20 -7.66 -4.59 2.11
C LEU A 20 -7.49 -3.20 1.51
N ILE A 21 -6.65 -2.38 2.12
CA ILE A 21 -6.40 -1.03 1.64
C ILE A 21 -6.03 -1.04 0.16
N THR A 22 -5.10 -1.90 -0.21
CA THR A 22 -4.65 -2.02 -1.59
C THR A 22 -5.83 -2.20 -2.54
N SER A 23 -6.69 -3.18 -2.22
CA SER A 23 -7.86 -3.46 -3.04
C SER A 23 -8.70 -2.21 -3.25
N LEU A 24 -8.82 -1.40 -2.21
CA LEU A 24 -9.59 -0.17 -2.28
C LEU A 24 -9.11 0.72 -3.42
N ALA A 25 -7.80 0.79 -3.58
CA ALA A 25 -7.20 1.60 -4.64
C ALA A 25 -7.47 0.99 -6.01
N ILE A 26 -7.65 -0.33 -6.05
CA ILE A 26 -7.91 -1.04 -7.29
C ILE A 26 -9.38 -0.92 -7.69
N LEU A 27 -10.25 -0.93 -6.69
CA LEU A 27 -11.69 -0.82 -6.94
C LEU A 27 -12.03 0.52 -7.56
N VAL A 28 -11.34 1.57 -7.13
CA VAL A 28 -11.58 2.92 -7.64
C VAL A 28 -11.08 3.04 -9.08
N PHE A 29 -9.87 2.56 -9.33
CA PHE A 29 -9.28 2.63 -10.66
C PHE A 29 -10.12 1.84 -11.66
N TYR A 30 -10.89 0.88 -11.15
CA TYR A 30 -11.74 0.06 -12.01
C TYR A 30 -13.07 0.74 -12.28
N LEU A 31 -13.47 1.61 -11.36
CA LEU A 31 -14.73 2.33 -11.50
C LEU A 31 -14.49 3.83 -11.62
N PRO A 32 -13.96 4.24 -12.77
CA PRO A 32 -13.67 5.66 -13.04
C PRO A 32 -14.94 6.50 -13.21
N SER A 33 -15.53 6.89 -12.09
CA SER A 33 -16.75 7.69 -12.11
C SER A 33 -16.56 8.99 -11.33
N ASP A 34 -16.87 10.11 -11.98
CA ASP A 34 -16.74 11.42 -11.35
C ASP A 34 -15.29 11.69 -10.95
N CYS A 35 -15.06 12.83 -10.32
CA CYS A 35 -13.72 13.21 -9.89
C CYS A 35 -13.61 13.18 -8.36
N GLY A 36 -14.73 13.39 -7.69
CA GLY A 36 -14.74 13.38 -6.23
C GLY A 36 -14.31 12.05 -5.66
N GLU A 37 -14.47 10.99 -6.44
CA GLU A 37 -14.10 9.65 -6.01
C GLU A 37 -12.58 9.51 -5.93
N LYS A 38 -11.89 10.14 -6.87
CA LYS A 38 -10.43 10.08 -6.91
C LYS A 38 -9.82 10.98 -5.84
N MET A 39 -10.46 12.12 -5.59
CA MET A 39 -9.98 13.06 -4.58
C MET A 39 -10.14 12.49 -3.18
N THR A 40 -11.30 11.89 -2.91
CA THR A 40 -11.58 11.30 -1.61
C THR A 40 -10.78 10.02 -1.41
N LEU A 41 -10.40 9.38 -2.51
CA LEU A 41 -9.63 8.14 -2.44
C LEU A 41 -8.25 8.40 -1.84
N CYS A 42 -7.47 9.23 -2.50
CA CYS A 42 -6.12 9.56 -2.02
C CYS A 42 -6.16 10.04 -0.58
N ILE A 43 -7.07 10.96 -0.29
CA ILE A 43 -7.21 11.50 1.06
C ILE A 43 -7.54 10.40 2.06
N SER A 44 -8.32 9.42 1.61
CA SER A 44 -8.72 8.31 2.48
C SER A 44 -7.53 7.42 2.80
N VAL A 45 -6.89 6.90 1.76
CA VAL A 45 -5.72 6.04 1.93
C VAL A 45 -4.67 6.70 2.82
N LEU A 46 -4.56 8.01 2.72
CA LEU A 46 -3.59 8.77 3.51
C LEU A 46 -3.93 8.68 5.00
N LEU A 47 -5.21 8.83 5.32
CA LEU A 47 -5.66 8.77 6.70
C LEU A 47 -5.35 7.42 7.33
N ALA A 48 -5.52 6.36 6.54
CA ALA A 48 -5.25 5.01 7.02
C ALA A 48 -3.80 4.88 7.49
N LEU A 49 -2.88 5.41 6.70
CA LEU A 49 -1.46 5.35 7.03
C LEU A 49 -1.16 6.14 8.30
N THR A 50 -1.61 7.40 8.32
CA THR A 50 -1.39 8.26 9.47
C THR A 50 -1.92 7.63 10.75
N VAL A 51 -3.13 7.06 10.66
CA VAL A 51 -3.75 6.42 11.82
C VAL A 51 -2.88 5.29 12.35
N PHE A 52 -2.30 4.51 11.44
CA PHE A 52 -1.44 3.39 11.81
C PHE A 52 -0.24 3.87 12.62
N LEU A 53 0.36 4.96 12.18
CA LEU A 53 1.52 5.53 12.86
C LEU A 53 1.23 5.74 14.34
N LEU A 54 0.21 6.54 14.63
CA LEU A 54 -0.17 6.81 16.01
C LEU A 54 -0.38 5.51 16.80
N LEU A 55 -0.95 4.51 16.12
CA LEU A 55 -1.20 3.22 16.75
C LEU A 55 0.05 2.70 17.46
N ILE A 56 1.08 2.40 16.67
CA ILE A 56 2.33 1.90 17.22
C ILE A 56 3.09 3.00 17.96
N SER A 57 2.76 4.25 17.63
CA SER A 57 3.42 5.39 18.26
C SER A 57 3.46 5.23 19.78
N LYS A 58 2.36 4.75 20.34
CA LYS A 58 2.27 4.54 21.79
C LYS A 58 2.60 3.10 22.16
N ILE A 59 2.46 2.20 21.19
CA ILE A 59 2.75 0.79 21.40
C ILE A 59 4.16 0.43 20.93
N VAL A 60 5.16 0.96 21.61
CA VAL A 60 6.55 0.70 21.27
C VAL A 60 6.89 1.27 19.90
N PRO A 61 7.05 2.59 19.83
CA PRO A 61 7.37 3.30 18.58
C PRO A 61 8.79 3.00 18.11
N PRO A 62 9.10 3.39 16.86
CA PRO A 62 10.43 3.18 16.27
C PRO A 62 11.49 4.07 16.90
N THR A 63 11.05 5.11 17.59
CA THR A 63 11.97 6.04 18.25
C THR A 63 12.06 5.75 19.74
N SER A 64 12.09 4.47 20.10
CA SER A 64 12.18 4.06 21.49
C SER A 64 12.75 2.65 21.60
N SER A 65 13.55 2.26 20.62
CA SER A 65 14.16 0.94 20.61
C SER A 65 15.40 0.91 19.73
N ASP A 66 16.01 -0.26 19.60
CA ASP A 66 17.21 -0.42 18.78
C ASP A 66 16.87 -1.11 17.46
N SER A 67 16.05 -2.14 17.53
CA SER A 67 15.66 -2.89 16.34
C SER A 67 14.13 -3.03 16.27
N PRO A 68 13.44 -1.90 16.04
CA PRO A 68 11.99 -1.88 15.93
C PRO A 68 11.47 -2.57 14.67
N SER A 69 10.25 -3.07 14.73
CA SER A 69 9.64 -3.76 13.60
C SER A 69 8.71 -2.83 12.83
N VAL A 70 8.06 -1.93 13.56
CA VAL A 70 7.13 -0.98 12.95
C VAL A 70 7.84 -0.14 11.88
N GLY A 71 9.12 0.12 12.09
CA GLY A 71 9.88 0.91 11.14
C GLY A 71 10.09 0.20 9.82
N GLU A 72 10.24 -1.13 9.88
CA GLU A 72 10.46 -1.93 8.69
C GLU A 72 9.34 -1.70 7.67
N TYR A 73 8.11 -2.03 8.07
CA TYR A 73 6.95 -1.86 7.20
C TYR A 73 6.79 -0.40 6.79
N LEU A 74 7.21 0.50 7.67
CA LEU A 74 7.11 1.94 7.40
C LEU A 74 7.93 2.32 6.18
N MET A 75 9.11 1.74 6.05
CA MET A 75 9.99 2.02 4.92
C MET A 75 9.36 1.56 3.62
N PHE A 76 9.01 0.28 3.56
CA PHE A 76 8.39 -0.29 2.37
C PHE A 76 7.11 0.46 2.01
N THR A 77 6.37 0.88 3.03
CA THR A 77 5.12 1.60 2.83
C THR A 77 5.38 3.02 2.32
N MET A 78 6.46 3.62 2.79
CA MET A 78 6.82 4.97 2.39
C MET A 78 7.04 5.04 0.87
N VAL A 79 7.96 4.21 0.38
CA VAL A 79 8.26 4.18 -1.05
C VAL A 79 7.02 3.87 -1.87
N LEU A 80 6.12 3.08 -1.28
CA LEU A 80 4.89 2.70 -1.97
C LEU A 80 3.94 3.88 -2.07
N VAL A 81 3.77 4.60 -0.97
CA VAL A 81 2.89 5.75 -0.93
C VAL A 81 3.27 6.78 -1.99
N THR A 82 4.57 7.07 -2.07
CA THR A 82 5.08 8.03 -3.04
C THR A 82 4.68 7.64 -4.46
N PHE A 83 4.82 6.36 -4.78
CA PHE A 83 4.48 5.85 -6.10
C PHE A 83 3.03 6.21 -6.46
N SER A 84 2.15 6.11 -5.49
CA SER A 84 0.74 6.43 -5.70
C SER A 84 0.55 7.90 -6.05
N ILE A 85 1.25 8.77 -5.32
CA ILE A 85 1.16 10.20 -5.54
C ILE A 85 1.54 10.56 -6.98
N VAL A 86 2.54 9.85 -7.51
CA VAL A 86 3.00 10.09 -8.87
C VAL A 86 1.86 9.86 -9.87
N THR A 87 1.17 8.75 -9.74
CA THR A 87 0.07 8.42 -10.63
C THR A 87 -1.11 9.38 -10.44
N SER A 88 -1.38 9.72 -9.19
CA SER A 88 -2.47 10.64 -8.87
C SER A 88 -2.34 11.93 -9.66
N VAL A 89 -1.14 12.51 -9.65
CA VAL A 89 -0.89 13.75 -10.37
C VAL A 89 -0.84 13.52 -11.87
N CYS A 90 -0.22 12.42 -12.28
CA CYS A 90 -0.11 12.09 -13.70
C CYS A 90 -1.47 12.09 -14.37
N VAL A 91 -2.50 11.75 -13.60
CA VAL A 91 -3.86 11.72 -14.13
C VAL A 91 -4.52 13.09 -14.03
N LEU A 92 -4.26 13.80 -12.93
CA LEU A 92 -4.82 15.12 -12.72
C LEU A 92 -4.51 16.05 -13.90
N ASN A 93 -3.23 16.21 -14.20
CA ASN A 93 -2.81 17.06 -15.31
C ASN A 93 -2.67 16.24 -16.60
N VAL A 94 -2.85 16.91 -17.73
CA VAL A 94 -2.75 16.25 -19.03
C VAL A 94 -1.52 16.74 -19.79
N HIS A 95 -0.96 15.87 -20.62
CA HIS A 95 0.22 16.21 -21.41
C HIS A 95 -0.13 16.30 -22.90
N HIS A 96 -0.15 17.53 -23.43
CA HIS A 96 -0.48 17.75 -24.83
C HIS A 96 0.76 17.58 -25.70
N ARG A 97 0.87 16.44 -26.37
CA ARG A 97 2.01 16.16 -27.24
C ARG A 97 3.31 16.20 -26.45
N SER A 98 4.42 15.89 -27.12
CA SER A 98 5.73 15.89 -26.48
C SER A 98 6.84 15.93 -27.52
N PRO A 99 8.04 16.33 -27.09
CA PRO A 99 9.21 16.43 -27.97
C PRO A 99 9.72 15.05 -28.41
N GLU A 100 9.68 14.10 -27.49
CA GLU A 100 10.14 12.74 -27.78
C GLU A 100 9.00 11.73 -27.62
N THR A 101 9.27 10.49 -28.00
CA THR A 101 8.26 9.44 -27.90
C THR A 101 8.85 8.18 -27.27
N HIS A 102 8.18 7.65 -26.26
CA HIS A 102 8.64 6.45 -25.57
C HIS A 102 8.70 5.26 -26.53
N THR A 103 8.94 4.08 -25.99
CA THR A 103 9.04 2.86 -26.79
C THR A 103 8.05 1.81 -26.30
N GLY A 104 6.97 1.62 -27.06
CA GLY A 104 5.96 0.64 -26.68
C GLY A 104 4.76 1.26 -26.00
N GLY A 105 3.97 0.44 -25.32
CA GLY A 105 2.80 0.94 -24.63
C GLY A 105 1.67 1.26 -25.59
N GLY A 106 0.45 0.82 -25.25
CA GLY A 106 -0.69 1.07 -26.10
C GLY A 106 -1.95 1.40 -25.30
N GLY A 107 -1.79 2.27 -24.30
CA GLY A 107 -2.93 2.64 -23.47
C GLY A 107 -3.14 1.69 -22.32
N GLY A 108 -2.15 0.85 -22.06
CA GLY A 108 -2.26 -0.12 -20.98
C GLY A 108 -1.48 0.32 -19.75
N ILE A 109 -0.93 1.53 -19.79
CA ILE A 109 -0.15 2.05 -18.67
C ILE A 109 -0.92 1.91 -17.35
N ASP A 110 -2.24 2.09 -17.42
CA ASP A 110 -3.08 1.98 -16.24
C ASP A 110 -3.12 0.54 -15.74
N ARG A 111 -3.46 -0.39 -16.63
CA ARG A 111 -3.54 -1.80 -16.27
C ARG A 111 -2.19 -2.31 -15.77
N LEU A 112 -1.12 -1.67 -16.22
CA LEU A 112 0.22 -2.06 -15.84
C LEU A 112 0.46 -1.80 -14.35
N PHE A 113 0.12 -0.59 -13.91
CA PHE A 113 0.29 -0.22 -12.51
C PHE A 113 -0.65 -1.02 -11.61
N LEU A 114 -1.74 -1.50 -12.18
CA LEU A 114 -2.72 -2.28 -11.44
C LEU A 114 -2.15 -3.62 -11.03
N TRP A 115 -1.47 -4.28 -11.97
CA TRP A 115 -0.87 -5.58 -11.71
C TRP A 115 0.46 -5.44 -10.97
N ILE A 116 1.25 -4.46 -11.39
CA ILE A 116 2.54 -4.20 -10.75
C ILE A 116 2.39 -3.96 -9.26
N PHE A 117 1.20 -3.51 -8.86
CA PHE A 117 0.92 -3.23 -7.46
C PHE A 117 0.58 -4.53 -6.70
N VAL A 118 -0.47 -5.20 -7.16
CA VAL A 118 -0.91 -6.45 -6.54
C VAL A 118 0.24 -7.45 -6.47
N PHE A 119 1.19 -7.34 -7.40
CA PHE A 119 2.33 -8.24 -7.43
C PHE A 119 3.27 -7.96 -6.26
N VAL A 120 3.78 -6.73 -6.19
CA VAL A 120 4.69 -6.34 -5.13
C VAL A 120 4.05 -6.52 -3.75
N CYS A 121 2.72 -6.51 -3.73
CA CYS A 121 1.99 -6.68 -2.48
C CYS A 121 1.95 -8.14 -2.05
N VAL A 122 1.70 -9.02 -3.02
CA VAL A 122 1.63 -10.45 -2.75
C VAL A 122 2.95 -10.96 -2.15
N PHE A 123 4.05 -10.37 -2.58
CA PHE A 123 5.37 -10.75 -2.09
C PHE A 123 5.62 -10.19 -0.69
N GLY A 124 5.30 -8.90 -0.52
CA GLY A 124 5.50 -8.26 0.77
C GLY A 124 4.62 -8.86 1.86
N THR A 125 3.32 -8.95 1.59
CA THR A 125 2.38 -9.49 2.55
C THR A 125 2.77 -10.92 2.95
N ILE A 126 3.06 -11.74 1.96
CA ILE A 126 3.45 -13.13 2.20
C ILE A 126 4.81 -13.19 2.92
N GLY A 127 5.67 -12.23 2.63
CA GLY A 127 6.98 -12.20 3.25
C GLY A 127 6.90 -12.23 4.77
N MET A 128 6.09 -11.35 5.33
CA MET A 128 5.92 -11.26 6.78
C MET A 128 4.98 -12.35 7.27
N PHE A 129 4.16 -12.88 6.37
CA PHE A 129 3.20 -13.93 6.72
C PHE A 129 3.89 -15.28 6.77
N LEU A 130 5.08 -15.37 6.18
CA LEU A 130 5.83 -16.62 6.16
C LEU A 130 6.65 -16.78 7.44
N GLN A 131 6.53 -15.82 8.35
CA GLN A 131 7.26 -15.85 9.60
C GLN A 131 7.02 -17.17 10.33
N PRO A 132 5.75 -17.47 10.63
CA PRO A 132 5.37 -18.70 11.32
C PRO A 132 5.55 -19.93 10.46
N LEU A 133 5.82 -21.07 11.10
CA LEU A 133 6.02 -22.33 10.38
C LEU A 133 4.73 -22.78 9.71
N PHE A 134 3.60 -22.37 10.27
CA PHE A 134 2.30 -22.74 9.72
C PHE A 134 1.17 -22.02 10.47
N GLN A 135 -0.06 -22.31 10.08
CA GLN A 135 -1.22 -21.70 10.70
C GLN A 135 -1.44 -22.24 12.11
N GLU A 136 -0.83 -23.40 12.39
CA GLU A 136 -0.96 -24.03 13.70
C GLU A 136 0.35 -23.93 14.47
N GLU A 137 0.76 -22.70 14.78
CA GLU A 137 2.01 -22.48 15.52
C GLU A 137 2.01 -23.26 16.82
N ASN A 2 7.98 -23.11 22.00
CA ASN A 2 7.33 -21.92 22.53
C ASN A 2 6.45 -21.26 21.47
N ALA A 3 5.54 -20.40 21.92
CA ALA A 3 4.65 -19.69 21.01
C ALA A 3 4.93 -18.20 21.01
N GLU A 4 5.02 -17.62 19.82
CA GLU A 4 5.29 -16.19 19.69
C GLU A 4 4.21 -15.51 18.85
N GLU A 5 2.96 -15.79 19.17
CA GLU A 5 1.83 -15.20 18.45
C GLU A 5 1.29 -13.97 19.18
N GLU A 6 1.57 -13.90 20.47
CA GLU A 6 1.11 -12.78 21.29
C GLU A 6 1.56 -11.45 20.69
N PRO A 7 2.88 -11.28 20.53
CA PRO A 7 3.47 -10.06 19.97
C PRO A 7 3.17 -9.91 18.49
N LEU A 8 3.24 -11.02 17.76
CA LEU A 8 2.98 -11.02 16.33
C LEU A 8 1.52 -10.69 16.04
N PHE A 9 0.69 -10.79 17.07
CA PHE A 9 -0.74 -10.50 16.92
C PHE A 9 -0.96 -9.06 16.48
N TYR A 10 0.00 -8.19 16.78
CA TYR A 10 -0.09 -6.78 16.41
C TYR A 10 0.23 -6.59 14.94
N THR A 11 1.45 -6.95 14.55
CA THR A 11 1.89 -6.82 13.17
C THR A 11 0.89 -7.46 12.21
N ILE A 12 0.38 -8.63 12.59
CA ILE A 12 -0.59 -9.35 11.77
C ILE A 12 -1.86 -8.54 11.59
N ASN A 13 -2.32 -7.92 12.66
CA ASN A 13 -3.54 -7.11 12.61
C ASN A 13 -3.33 -5.87 11.75
N LEU A 14 -2.08 -5.56 11.46
CA LEU A 14 -1.75 -4.40 10.64
C LEU A 14 -1.72 -4.77 9.15
N ILE A 15 -1.50 -6.05 8.88
CA ILE A 15 -1.45 -6.53 7.50
C ILE A 15 -2.86 -6.71 6.94
N ILE A 16 -3.80 -7.07 7.80
CA ILE A 16 -5.19 -7.27 7.39
C ILE A 16 -5.71 -6.06 6.63
N PRO A 17 -5.66 -4.88 7.26
CA PRO A 17 -6.12 -3.63 6.65
C PRO A 17 -5.20 -3.17 5.52
N CYS A 18 -3.91 -3.44 5.66
CA CYS A 18 -2.94 -3.05 4.65
C CYS A 18 -3.37 -3.53 3.26
N VAL A 19 -3.60 -4.83 3.13
CA VAL A 19 -4.02 -5.42 1.87
C VAL A 19 -5.48 -5.10 1.57
N LEU A 20 -6.24 -4.80 2.63
CA LEU A 20 -7.66 -4.49 2.47
C LEU A 20 -7.84 -3.15 1.75
N ILE A 21 -7.07 -2.15 2.18
CA ILE A 21 -7.15 -0.83 1.56
C ILE A 21 -6.69 -0.85 0.12
N THR A 22 -5.58 -1.56 -0.13
CA THR A 22 -5.02 -1.67 -1.46
C THR A 22 -6.02 -2.30 -2.42
N SER A 23 -6.62 -3.43 -2.01
CA SER A 23 -7.59 -4.13 -2.83
C SER A 23 -8.73 -3.21 -3.22
N LEU A 24 -9.16 -2.36 -2.29
CA LEU A 24 -10.25 -1.43 -2.53
C LEU A 24 -9.92 -0.49 -3.69
N ALA A 25 -8.70 0.04 -3.68
CA ALA A 25 -8.26 0.95 -4.73
C ALA A 25 -8.15 0.23 -6.07
N ILE A 26 -7.86 -1.07 -6.02
CA ILE A 26 -7.74 -1.88 -7.23
C ILE A 26 -9.10 -2.12 -7.87
N LEU A 27 -10.11 -2.33 -7.04
CA LEU A 27 -11.47 -2.58 -7.52
C LEU A 27 -11.98 -1.39 -8.32
N VAL A 28 -11.82 -0.19 -7.76
CA VAL A 28 -12.28 1.02 -8.42
C VAL A 28 -11.60 1.20 -9.77
N PHE A 29 -10.32 0.83 -9.84
CA PHE A 29 -9.57 0.95 -11.09
C PHE A 29 -9.99 -0.13 -12.09
N TYR A 30 -10.50 -1.24 -11.56
CA TYR A 30 -10.95 -2.34 -12.40
C TYR A 30 -12.38 -2.14 -12.87
N LEU A 31 -13.08 -1.21 -12.21
CA LEU A 31 -14.47 -0.92 -12.57
C LEU A 31 -14.59 0.48 -13.16
N PRO A 32 -15.69 0.73 -13.87
CA PRO A 32 -15.95 2.02 -14.51
C PRO A 32 -16.26 3.12 -13.49
N SER A 33 -15.24 3.90 -13.15
CA SER A 33 -15.39 4.98 -12.19
C SER A 33 -14.37 6.08 -12.44
N ASP A 34 -14.77 7.10 -13.18
CA ASP A 34 -13.88 8.22 -13.50
C ASP A 34 -14.58 9.55 -13.22
N CYS A 35 -15.60 9.52 -12.37
CA CYS A 35 -16.35 10.72 -12.02
C CYS A 35 -15.55 11.59 -11.04
N GLY A 36 -14.59 10.97 -10.36
CA GLY A 36 -13.78 11.69 -9.40
C GLY A 36 -13.50 10.89 -8.15
N GLU A 37 -14.17 9.76 -8.01
CA GLU A 37 -14.00 8.89 -6.85
C GLU A 37 -12.52 8.56 -6.66
N LYS A 38 -11.77 8.51 -7.76
CA LYS A 38 -10.34 8.19 -7.71
C LYS A 38 -9.61 9.15 -6.78
N MET A 39 -9.76 10.45 -7.03
CA MET A 39 -9.11 11.47 -6.22
C MET A 39 -9.53 11.34 -4.76
N THR A 40 -10.83 11.20 -4.52
CA THR A 40 -11.35 11.08 -3.17
C THR A 40 -10.74 9.88 -2.46
N LEU A 41 -10.35 8.87 -3.23
CA LEU A 41 -9.75 7.66 -2.68
C LEU A 41 -8.30 7.91 -2.27
N CYS A 42 -7.60 8.71 -3.07
CA CYS A 42 -6.20 9.04 -2.78
C CYS A 42 -6.06 9.65 -1.39
N ILE A 43 -6.98 10.55 -1.05
CA ILE A 43 -6.95 11.21 0.25
C ILE A 43 -7.29 10.24 1.37
N SER A 44 -8.26 9.36 1.12
CA SER A 44 -8.69 8.38 2.11
C SER A 44 -7.53 7.45 2.48
N VAL A 45 -6.92 6.85 1.47
CA VAL A 45 -5.79 5.95 1.68
C VAL A 45 -4.70 6.60 2.52
N LEU A 46 -4.43 7.86 2.23
CA LEU A 46 -3.40 8.61 2.95
C LEU A 46 -3.85 8.89 4.38
N LEU A 47 -5.14 9.17 4.55
CA LEU A 47 -5.69 9.46 5.87
C LEU A 47 -5.53 8.26 6.80
N ALA A 48 -5.96 7.09 6.33
CA ALA A 48 -5.86 5.87 7.13
C ALA A 48 -4.41 5.59 7.50
N LEU A 49 -3.50 5.88 6.59
CA LEU A 49 -2.07 5.65 6.83
C LEU A 49 -1.57 6.53 7.97
N THR A 50 -1.98 7.80 7.96
CA THR A 50 -1.57 8.74 9.00
C THR A 50 -1.97 8.24 10.38
N VAL A 51 -3.12 7.59 10.45
CA VAL A 51 -3.62 7.06 11.72
C VAL A 51 -2.66 6.04 12.32
N PHE A 52 -2.45 4.95 11.58
CA PHE A 52 -1.55 3.90 12.03
C PHE A 52 -0.12 4.41 12.18
N LEU A 53 0.27 5.29 11.26
CA LEU A 53 1.62 5.87 11.29
C LEU A 53 1.88 6.57 12.61
N LEU A 54 0.99 7.48 12.98
CA LEU A 54 1.12 8.22 14.23
C LEU A 54 1.21 7.27 15.42
N LEU A 55 0.44 6.20 15.37
CA LEU A 55 0.43 5.20 16.45
C LEU A 55 1.81 4.60 16.64
N ILE A 56 2.31 3.92 15.61
CA ILE A 56 3.62 3.30 15.67
C ILE A 56 4.70 4.31 16.03
N SER A 57 4.52 5.54 15.55
CA SER A 57 5.48 6.61 15.83
C SER A 57 5.75 6.73 17.32
N LYS A 58 4.69 6.77 18.10
CA LYS A 58 4.80 6.88 19.56
C LYS A 58 5.34 5.59 20.16
N ILE A 59 5.20 4.49 19.43
CA ILE A 59 5.67 3.20 19.89
C ILE A 59 4.89 2.73 21.11
N VAL A 60 4.05 1.72 20.93
CA VAL A 60 3.23 1.18 22.01
C VAL A 60 2.79 -0.25 21.72
N PRO A 61 3.77 -1.18 21.72
CA PRO A 61 3.50 -2.59 21.46
C PRO A 61 2.72 -3.27 22.58
N PRO A 62 2.22 -4.48 22.32
CA PRO A 62 1.44 -5.25 23.30
C PRO A 62 2.31 -5.75 24.45
N THR A 63 3.62 -5.59 24.31
CA THR A 63 4.55 -6.03 25.34
C THR A 63 5.73 -5.07 25.46
N SER A 64 5.79 -4.34 26.56
CA SER A 64 6.87 -3.39 26.79
C SER A 64 8.22 -4.09 26.80
N SER A 65 8.92 -4.03 25.68
CA SER A 65 10.23 -4.66 25.55
C SER A 65 11.21 -3.73 24.85
N ASP A 66 12.42 -4.23 24.62
CA ASP A 66 13.46 -3.45 23.95
C ASP A 66 13.80 -4.05 22.59
N SER A 67 12.82 -4.67 21.95
CA SER A 67 13.01 -5.29 20.65
C SER A 67 11.90 -4.88 19.68
N PRO A 68 11.91 -3.60 19.29
CA PRO A 68 10.91 -3.05 18.36
C PRO A 68 11.08 -3.59 16.94
N SER A 69 9.98 -4.01 16.34
CA SER A 69 10.02 -4.55 14.98
C SER A 69 9.05 -3.80 14.07
N VAL A 70 8.34 -2.82 14.64
CA VAL A 70 7.38 -2.03 13.89
C VAL A 70 8.10 -1.10 12.91
N GLY A 71 9.36 -0.81 13.19
CA GLY A 71 10.14 0.06 12.32
C GLY A 71 10.53 -0.61 11.02
N GLU A 72 10.76 -1.92 11.09
CA GLU A 72 11.16 -2.68 9.91
C GLU A 72 10.06 -2.65 8.85
N TYR A 73 8.87 -3.12 9.22
CA TYR A 73 7.74 -3.15 8.30
C TYR A 73 7.39 -1.74 7.83
N LEU A 74 7.50 -0.77 8.74
CA LEU A 74 7.18 0.61 8.42
C LEU A 74 8.13 1.15 7.36
N MET A 75 9.40 0.78 7.46
CA MET A 75 10.42 1.21 6.50
C MET A 75 10.02 0.85 5.08
N PHE A 76 9.72 -0.43 4.86
CA PHE A 76 9.32 -0.90 3.55
C PHE A 76 7.95 -0.35 3.16
N THR A 77 7.14 -0.02 4.15
CA THR A 77 5.82 0.53 3.91
C THR A 77 5.89 1.94 3.34
N MET A 78 6.81 2.73 3.87
CA MET A 78 6.99 4.10 3.41
C MET A 78 7.56 4.14 2.00
N VAL A 79 8.34 3.12 1.65
CA VAL A 79 8.95 3.03 0.34
C VAL A 79 7.91 2.71 -0.73
N LEU A 80 7.12 1.67 -0.50
CA LEU A 80 6.08 1.27 -1.44
C LEU A 80 5.01 2.35 -1.55
N VAL A 81 4.57 2.86 -0.40
CA VAL A 81 3.54 3.89 -0.38
C VAL A 81 3.99 5.13 -1.15
N THR A 82 5.26 5.49 -1.00
CA THR A 82 5.81 6.65 -1.68
C THR A 82 5.70 6.51 -3.19
N PHE A 83 5.94 5.30 -3.69
CA PHE A 83 5.87 5.04 -5.12
C PHE A 83 4.44 5.23 -5.63
N SER A 84 3.47 4.75 -4.86
CA SER A 84 2.07 4.87 -5.24
C SER A 84 1.68 6.34 -5.43
N ILE A 85 1.90 7.15 -4.40
CA ILE A 85 1.58 8.56 -4.47
C ILE A 85 2.21 9.23 -5.69
N VAL A 86 3.47 8.88 -5.95
CA VAL A 86 4.19 9.44 -7.09
C VAL A 86 3.41 9.21 -8.39
N THR A 87 2.81 8.04 -8.51
CA THR A 87 2.04 7.70 -9.71
C THR A 87 0.69 8.42 -9.72
N SER A 88 0.16 8.67 -8.54
CA SER A 88 -1.12 9.36 -8.41
C SER A 88 -1.02 10.80 -8.89
N VAL A 89 -0.03 11.52 -8.38
CA VAL A 89 0.19 12.91 -8.76
C VAL A 89 0.44 13.04 -10.25
N CYS A 90 1.14 12.07 -10.82
CA CYS A 90 1.44 12.07 -12.25
C CYS A 90 0.17 12.05 -13.08
N VAL A 91 -0.79 11.22 -12.67
CA VAL A 91 -2.06 11.11 -13.38
C VAL A 91 -2.75 12.46 -13.48
N LEU A 92 -2.88 13.15 -12.35
CA LEU A 92 -3.52 14.45 -12.31
C LEU A 92 -2.78 15.45 -13.20
N ASN A 93 -1.46 15.30 -13.27
CA ASN A 93 -0.63 16.18 -14.10
C ASN A 93 -0.50 15.64 -15.52
N VAL A 94 -1.40 16.05 -16.39
CA VAL A 94 -1.39 15.61 -17.78
C VAL A 94 -1.39 16.80 -18.74
N HIS A 95 -0.68 16.67 -19.85
CA HIS A 95 -0.60 17.74 -20.84
C HIS A 95 -0.27 17.17 -22.22
N HIS A 96 0.83 16.42 -22.29
CA HIS A 96 1.27 15.82 -23.55
C HIS A 96 1.53 16.90 -24.59
N ARG A 97 2.80 17.27 -24.75
CA ARG A 97 3.19 18.29 -25.72
C ARG A 97 4.66 18.12 -26.12
N SER A 98 4.88 17.71 -27.36
CA SER A 98 6.23 17.51 -27.87
C SER A 98 6.48 18.37 -29.11
N PRO A 99 7.77 18.59 -29.42
CA PRO A 99 8.17 19.39 -30.58
C PRO A 99 7.85 18.70 -31.90
N GLU A 100 8.05 17.39 -31.94
CA GLU A 100 7.79 16.62 -33.15
C GLU A 100 6.95 15.37 -32.83
N THR A 101 6.27 14.85 -33.84
CA THR A 101 5.44 13.68 -33.67
C THR A 101 5.78 12.61 -34.70
N HIS A 102 6.41 11.53 -34.24
CA HIS A 102 6.79 10.43 -35.13
C HIS A 102 6.34 9.09 -34.55
N THR A 103 5.55 9.14 -33.50
CA THR A 103 5.04 7.93 -32.85
C THR A 103 3.68 8.16 -32.22
N GLY A 104 2.82 7.15 -32.30
CA GLY A 104 1.49 7.26 -31.73
C GLY A 104 1.47 6.97 -30.24
N GLY A 105 0.30 6.58 -29.74
CA GLY A 105 0.17 6.27 -28.33
C GLY A 105 -0.92 5.25 -28.05
N GLY A 106 -1.43 5.24 -26.82
CA GLY A 106 -2.47 4.30 -26.47
C GLY A 106 -2.71 4.24 -24.97
N GLY A 107 -3.84 3.66 -24.56
CA GLY A 107 -4.16 3.55 -23.16
C GLY A 107 -3.63 2.27 -22.53
N GLY A 108 -4.00 2.03 -21.28
CA GLY A 108 -3.55 0.83 -20.59
C GLY A 108 -2.49 1.13 -19.55
N ILE A 109 -1.90 2.32 -19.64
CA ILE A 109 -0.86 2.72 -18.70
C ILE A 109 -1.31 2.52 -17.25
N ASP A 110 -2.60 2.75 -17.00
CA ASP A 110 -3.16 2.60 -15.67
C ASP A 110 -3.24 1.12 -15.28
N ARG A 111 -3.86 0.32 -16.15
CA ARG A 111 -4.00 -1.11 -15.90
C ARG A 111 -2.64 -1.77 -15.72
N LEU A 112 -1.62 -1.18 -16.33
CA LEU A 112 -0.27 -1.71 -16.25
C LEU A 112 0.33 -1.46 -14.87
N PHE A 113 0.33 -0.20 -14.44
CA PHE A 113 0.87 0.18 -13.14
C PHE A 113 0.10 -0.53 -12.01
N LEU A 114 -1.19 -0.76 -12.23
CA LEU A 114 -2.02 -1.42 -11.23
C LEU A 114 -1.66 -2.90 -11.13
N TRP A 115 -1.53 -3.55 -12.27
CA TRP A 115 -1.19 -4.97 -12.31
C TRP A 115 0.11 -5.24 -11.57
N ILE A 116 1.17 -4.55 -11.99
CA ILE A 116 2.49 -4.71 -11.38
C ILE A 116 2.43 -4.36 -9.89
N PHE A 117 1.48 -3.53 -9.51
CA PHE A 117 1.33 -3.12 -8.12
C PHE A 117 0.71 -4.24 -7.29
N VAL A 118 -0.24 -4.97 -7.89
CA VAL A 118 -0.90 -6.07 -7.21
C VAL A 118 0.07 -7.22 -6.94
N PHE A 119 1.06 -7.35 -7.82
CA PHE A 119 2.06 -8.42 -7.67
C PHE A 119 2.98 -8.15 -6.48
N VAL A 120 3.61 -6.97 -6.49
CA VAL A 120 4.51 -6.60 -5.42
C VAL A 120 3.79 -6.52 -4.08
N CYS A 121 2.52 -6.12 -4.12
CA CYS A 121 1.72 -6.01 -2.91
C CYS A 121 1.41 -7.39 -2.33
N VAL A 122 0.84 -8.27 -3.15
CA VAL A 122 0.50 -9.62 -2.72
C VAL A 122 1.75 -10.40 -2.35
N PHE A 123 2.75 -10.36 -3.23
CA PHE A 123 4.00 -11.07 -3.00
C PHE A 123 4.71 -10.54 -1.76
N GLY A 124 4.64 -9.23 -1.56
CA GLY A 124 5.28 -8.62 -0.41
C GLY A 124 4.58 -8.95 0.89
N THR A 125 3.30 -8.63 0.97
CA THR A 125 2.52 -8.89 2.17
C THR A 125 2.58 -10.37 2.54
N ILE A 126 2.13 -11.23 1.64
CA ILE A 126 2.14 -12.67 1.88
C ILE A 126 3.55 -13.16 2.22
N GLY A 127 4.55 -12.50 1.65
CA GLY A 127 5.93 -12.88 1.90
C GLY A 127 6.25 -12.92 3.39
N MET A 128 6.02 -11.80 4.06
CA MET A 128 6.29 -11.70 5.49
C MET A 128 5.15 -12.29 6.31
N PHE A 129 3.97 -12.36 5.70
CA PHE A 129 2.79 -12.91 6.36
C PHE A 129 2.91 -14.43 6.51
N LEU A 130 3.72 -15.03 5.65
CA LEU A 130 3.92 -16.48 5.68
C LEU A 130 5.00 -16.86 6.68
N GLN A 131 5.53 -15.87 7.38
CA GLN A 131 6.58 -16.10 8.37
C GLN A 131 6.15 -17.17 9.37
N PRO A 132 5.03 -16.92 10.07
CA PRO A 132 4.49 -17.84 11.06
C PRO A 132 3.93 -19.12 10.43
N LEU A 133 3.97 -20.21 11.18
CA LEU A 133 3.47 -21.49 10.70
C LEU A 133 1.96 -21.45 10.51
N PHE A 134 1.30 -20.58 11.28
CA PHE A 134 -0.15 -20.44 11.20
C PHE A 134 -0.63 -19.29 12.07
N GLN A 135 -1.94 -19.08 12.09
CA GLN A 135 -2.53 -18.00 12.90
C GLN A 135 -2.37 -18.29 14.38
N GLU A 136 -2.13 -19.55 14.72
CA GLU A 136 -1.95 -19.95 16.11
C GLU A 136 -0.47 -20.20 16.43
N GLU A 137 0.35 -19.19 16.17
CA GLU A 137 1.78 -19.30 16.43
C GLU A 137 2.06 -19.63 17.89
N ASN A 2 5.06 -17.37 27.80
CA ASN A 2 4.57 -16.30 26.94
C ASN A 2 4.30 -16.81 25.53
N ALA A 3 3.06 -16.67 25.07
CA ALA A 3 2.66 -17.12 23.74
C ALA A 3 3.41 -16.34 22.66
N GLU A 4 3.32 -16.82 21.43
CA GLU A 4 3.98 -16.17 20.30
C GLU A 4 2.97 -15.57 19.33
N GLU A 5 1.70 -15.65 19.71
CA GLU A 5 0.62 -15.13 18.88
C GLU A 5 0.03 -13.86 19.49
N GLU A 6 0.35 -13.62 20.76
CA GLU A 6 -0.16 -12.43 21.45
C GLU A 6 0.36 -11.16 20.81
N PRO A 7 1.69 -11.02 20.75
CA PRO A 7 2.35 -9.86 20.16
C PRO A 7 2.18 -9.79 18.65
N LEU A 8 1.85 -10.94 18.05
CA LEU A 8 1.65 -11.02 16.60
C LEU A 8 0.26 -10.53 16.22
N PHE A 9 -0.62 -10.43 17.20
CA PHE A 9 -1.98 -9.98 16.95
C PHE A 9 -1.99 -8.57 16.35
N TYR A 10 -0.91 -7.83 16.59
CA TYR A 10 -0.79 -6.47 16.08
C TYR A 10 -0.39 -6.48 14.60
N THR A 11 0.77 -7.05 14.31
CA THR A 11 1.27 -7.12 12.95
C THR A 11 0.23 -7.72 12.01
N ILE A 12 -0.47 -8.74 12.49
CA ILE A 12 -1.51 -9.41 11.70
C ILE A 12 -2.64 -8.45 11.37
N ASN A 13 -3.07 -7.68 12.38
CA ASN A 13 -4.15 -6.72 12.20
C ASN A 13 -3.73 -5.58 11.28
N LEU A 14 -2.43 -5.48 11.04
CA LEU A 14 -1.88 -4.43 10.17
C LEU A 14 -1.85 -4.90 8.72
N ILE A 15 -1.81 -6.22 8.53
CA ILE A 15 -1.77 -6.79 7.18
C ILE A 15 -3.15 -6.79 6.56
N ILE A 16 -4.17 -6.95 7.39
CA ILE A 16 -5.55 -6.98 6.91
C ILE A 16 -5.86 -5.75 6.05
N PRO A 17 -5.67 -4.56 6.62
CA PRO A 17 -5.90 -3.29 5.92
C PRO A 17 -4.88 -3.04 4.81
N CYS A 18 -3.66 -3.48 5.03
CA CYS A 18 -2.59 -3.31 4.05
C CYS A 18 -3.01 -3.84 2.69
N VAL A 19 -3.35 -5.12 2.63
CA VAL A 19 -3.77 -5.74 1.39
C VAL A 19 -5.06 -5.12 0.86
N LEU A 20 -6.03 -4.91 1.75
CA LEU A 20 -7.30 -4.32 1.37
C LEU A 20 -7.09 -2.98 0.67
N ILE A 21 -6.17 -2.17 1.21
CA ILE A 21 -5.88 -0.87 0.64
C ILE A 21 -5.48 -0.99 -0.82
N THR A 22 -4.59 -1.93 -1.12
CA THR A 22 -4.12 -2.15 -2.48
C THR A 22 -5.28 -2.48 -3.41
N SER A 23 -6.07 -3.48 -3.05
CA SER A 23 -7.21 -3.89 -3.85
C SER A 23 -8.11 -2.70 -4.15
N LEU A 24 -8.29 -1.83 -3.17
CA LEU A 24 -9.13 -0.65 -3.33
C LEU A 24 -8.69 0.17 -4.53
N ALA A 25 -7.38 0.33 -4.69
CA ALA A 25 -6.83 1.10 -5.80
C ALA A 25 -7.07 0.37 -7.12
N ILE A 26 -7.08 -0.95 -7.08
CA ILE A 26 -7.30 -1.75 -8.28
C ILE A 26 -8.75 -1.70 -8.72
N LEU A 27 -9.66 -1.95 -7.80
CA LEU A 27 -11.09 -1.93 -8.09
C LEU A 27 -11.48 -0.60 -8.74
N VAL A 28 -10.78 0.47 -8.39
CA VAL A 28 -11.05 1.78 -8.94
C VAL A 28 -10.63 1.86 -10.41
N PHE A 29 -9.46 1.32 -10.71
CA PHE A 29 -8.95 1.34 -12.08
C PHE A 29 -9.68 0.32 -12.95
N TYR A 30 -10.21 -0.72 -12.30
CA TYR A 30 -10.95 -1.76 -13.01
C TYR A 30 -12.38 -1.32 -13.31
N LEU A 31 -12.93 -0.49 -12.43
CA LEU A 31 -14.29 0.00 -12.59
C LEU A 31 -14.32 1.52 -12.62
N PRO A 32 -13.78 2.11 -13.69
CA PRO A 32 -13.74 3.56 -13.87
C PRO A 32 -15.12 4.16 -14.10
N SER A 33 -15.83 4.45 -13.02
CA SER A 33 -17.17 5.03 -13.11
C SER A 33 -17.16 6.48 -12.65
N ASP A 34 -16.34 6.78 -11.65
CA ASP A 34 -16.24 8.13 -11.12
C ASP A 34 -14.80 8.64 -11.18
N CYS A 35 -14.60 9.81 -11.77
CA CYS A 35 -13.27 10.39 -11.88
C CYS A 35 -12.82 10.98 -10.55
N GLY A 36 -13.78 11.37 -9.73
CA GLY A 36 -13.46 11.94 -8.43
C GLY A 36 -13.10 10.88 -7.40
N GLU A 37 -13.29 9.62 -7.76
CA GLU A 37 -12.98 8.51 -6.87
C GLU A 37 -11.48 8.34 -6.69
N LYS A 38 -10.72 8.73 -7.71
CA LYS A 38 -9.27 8.64 -7.66
C LYS A 38 -8.70 9.51 -6.55
N MET A 39 -9.19 10.73 -6.45
CA MET A 39 -8.73 11.66 -5.42
C MET A 39 -9.08 11.14 -4.03
N THR A 40 -10.33 10.74 -3.85
CA THR A 40 -10.79 10.22 -2.57
C THR A 40 -9.94 9.05 -2.10
N LEU A 41 -9.48 8.24 -3.05
CA LEU A 41 -8.65 7.09 -2.74
C LEU A 41 -7.32 7.52 -2.14
N CYS A 42 -6.66 8.47 -2.79
CA CYS A 42 -5.38 8.98 -2.32
C CYS A 42 -5.47 9.45 -0.87
N ILE A 43 -6.64 9.97 -0.50
CA ILE A 43 -6.86 10.46 0.85
C ILE A 43 -7.08 9.30 1.82
N SER A 44 -7.85 8.31 1.39
CA SER A 44 -8.14 7.15 2.22
C SER A 44 -6.87 6.33 2.47
N VAL A 45 -6.19 5.97 1.40
CA VAL A 45 -4.96 5.19 1.50
C VAL A 45 -3.93 5.91 2.35
N LEU A 46 -3.93 7.23 2.28
CA LEU A 46 -2.99 8.05 3.04
C LEU A 46 -3.39 8.11 4.51
N LEU A 47 -4.69 8.25 4.76
CA LEU A 47 -5.20 8.32 6.13
C LEU A 47 -4.85 7.05 6.91
N ALA A 48 -5.17 5.90 6.33
CA ALA A 48 -4.88 4.62 6.96
C ALA A 48 -3.40 4.51 7.33
N LEU A 49 -2.53 4.78 6.38
CA LEU A 49 -1.10 4.73 6.61
C LEU A 49 -0.66 5.73 7.67
N THR A 50 -1.43 6.80 7.79
CA THR A 50 -1.13 7.84 8.77
C THR A 50 -1.62 7.46 10.16
N VAL A 51 -2.66 6.63 10.20
CA VAL A 51 -3.23 6.18 11.46
C VAL A 51 -2.25 5.31 12.23
N PHE A 52 -1.84 4.20 11.64
CA PHE A 52 -0.90 3.28 12.27
C PHE A 52 0.45 3.96 12.48
N LEU A 53 0.86 4.77 11.51
CA LEU A 53 2.13 5.48 11.59
C LEU A 53 2.24 6.28 12.89
N LEU A 54 1.25 7.13 13.13
CA LEU A 54 1.22 7.95 14.33
C LEU A 54 1.29 7.08 15.59
N LEU A 55 0.69 5.90 15.51
CA LEU A 55 0.67 4.97 16.64
C LEU A 55 2.09 4.73 17.16
N ILE A 56 2.97 4.26 16.27
CA ILE A 56 4.35 3.98 16.63
C ILE A 56 5.16 5.27 16.68
N SER A 57 4.71 6.29 15.95
CA SER A 57 5.40 7.57 15.90
C SER A 57 5.66 8.09 17.32
N LYS A 58 4.74 7.79 18.22
CA LYS A 58 4.86 8.24 19.61
C LYS A 58 5.52 7.15 20.47
N ILE A 59 5.00 5.94 20.38
CA ILE A 59 5.54 4.82 21.14
C ILE A 59 5.35 3.51 20.39
N VAL A 60 6.42 2.72 20.31
CA VAL A 60 6.38 1.43 19.63
C VAL A 60 5.21 0.59 20.12
N PRO A 61 4.76 -0.36 19.28
CA PRO A 61 3.64 -1.24 19.61
C PRO A 61 4.01 -2.26 20.69
N PRO A 62 2.98 -2.93 21.24
CA PRO A 62 3.16 -3.93 22.29
C PRO A 62 3.86 -5.19 21.77
N THR A 63 4.02 -5.28 20.46
CA THR A 63 4.67 -6.43 19.84
C THR A 63 6.03 -6.70 20.47
N SER A 64 6.82 -5.63 20.64
CA SER A 64 8.15 -5.74 21.23
C SER A 64 8.60 -4.41 21.80
N SER A 65 9.39 -4.48 22.87
CA SER A 65 9.90 -3.28 23.52
C SER A 65 11.33 -2.97 23.07
N ASP A 66 12.11 -4.02 22.87
CA ASP A 66 13.50 -3.87 22.44
C ASP A 66 13.68 -4.33 21.00
N SER A 67 14.34 -3.51 20.19
CA SER A 67 14.57 -3.85 18.79
C SER A 67 13.25 -3.98 18.04
N PRO A 68 12.57 -2.84 17.81
CA PRO A 68 11.30 -2.81 17.10
C PRO A 68 11.44 -3.14 15.62
N SER A 69 10.31 -3.26 14.93
CA SER A 69 10.32 -3.57 13.50
C SER A 69 9.45 -2.59 12.73
N VAL A 70 9.12 -1.47 13.36
CA VAL A 70 8.30 -0.45 12.73
C VAL A 70 9.01 0.16 11.52
N GLY A 71 10.33 0.25 11.60
CA GLY A 71 11.11 0.82 10.51
C GLY A 71 10.99 -0.01 9.24
N GLU A 72 10.99 -1.32 9.40
CA GLU A 72 10.89 -2.23 8.25
C GLU A 72 9.65 -1.92 7.42
N TYR A 73 8.50 -1.89 8.09
CA TYR A 73 7.23 -1.61 7.41
C TYR A 73 7.17 -0.18 6.93
N LEU A 74 7.67 0.74 7.75
CA LEU A 74 7.68 2.16 7.41
C LEU A 74 8.42 2.40 6.10
N MET A 75 9.59 1.78 5.96
CA MET A 75 10.40 1.92 4.76
C MET A 75 9.61 1.48 3.52
N PHE A 76 9.06 0.27 3.57
CA PHE A 76 8.29 -0.26 2.46
C PHE A 76 7.06 0.60 2.19
N THR A 77 6.51 1.19 3.25
CA THR A 77 5.33 2.03 3.13
C THR A 77 5.66 3.33 2.40
N MET A 78 6.70 4.02 2.86
CA MET A 78 7.12 5.28 2.25
C MET A 78 7.43 5.07 0.77
N VAL A 79 8.11 3.98 0.45
CA VAL A 79 8.47 3.68 -0.93
C VAL A 79 7.24 3.68 -1.83
N LEU A 80 6.27 2.84 -1.50
CA LEU A 80 5.04 2.74 -2.28
C LEU A 80 4.30 4.08 -2.30
N VAL A 81 4.25 4.73 -1.15
CA VAL A 81 3.57 6.02 -1.02
C VAL A 81 4.11 7.03 -2.03
N THR A 82 5.44 7.17 -2.07
CA THR A 82 6.08 8.09 -2.99
C THR A 82 5.62 7.86 -4.42
N PHE A 83 5.58 6.59 -4.82
CA PHE A 83 5.15 6.23 -6.16
C PHE A 83 3.66 6.52 -6.36
N SER A 84 2.86 6.13 -5.37
CA SER A 84 1.41 6.34 -5.44
C SER A 84 1.09 7.80 -5.72
N ILE A 85 1.73 8.70 -4.96
CA ILE A 85 1.52 10.13 -5.12
C ILE A 85 1.90 10.58 -6.54
N VAL A 86 3.00 10.05 -7.04
CA VAL A 86 3.47 10.40 -8.38
C VAL A 86 2.44 10.03 -9.44
N THR A 87 1.86 8.84 -9.30
CA THR A 87 0.87 8.36 -10.26
C THR A 87 -0.46 9.09 -10.07
N SER A 88 -0.77 9.42 -8.81
CA SER A 88 -2.01 10.12 -8.50
C SER A 88 -2.11 11.43 -9.27
N VAL A 89 -1.16 12.33 -9.02
CA VAL A 89 -1.15 13.62 -9.70
C VAL A 89 -0.92 13.46 -11.19
N CYS A 90 -0.33 12.33 -11.57
CA CYS A 90 -0.06 12.06 -12.98
C CYS A 90 -1.35 11.83 -13.76
N VAL A 91 -2.36 11.29 -13.07
CA VAL A 91 -3.65 11.02 -13.70
C VAL A 91 -4.57 12.21 -13.59
N LEU A 92 -4.48 12.92 -12.46
CA LEU A 92 -5.32 14.09 -12.22
C LEU A 92 -5.05 15.18 -13.26
N ASN A 93 -3.79 15.28 -13.68
CA ASN A 93 -3.40 16.28 -14.67
C ASN A 93 -2.04 15.93 -15.28
N VAL A 94 -1.59 16.77 -16.20
CA VAL A 94 -0.30 16.55 -16.87
C VAL A 94 0.77 17.46 -16.28
N HIS A 95 2.02 17.01 -16.35
CA HIS A 95 3.14 17.78 -15.83
C HIS A 95 4.43 17.45 -16.59
N HIS A 96 5.08 18.49 -17.11
CA HIS A 96 6.31 18.31 -17.87
C HIS A 96 6.09 17.39 -19.06
N ARG A 97 5.49 17.93 -20.11
CA ARG A 97 5.22 17.15 -21.32
C ARG A 97 4.29 15.98 -21.01
N SER A 98 4.02 15.16 -22.02
CA SER A 98 3.14 14.01 -21.87
C SER A 98 3.92 12.78 -21.42
N PRO A 99 3.21 11.79 -20.86
CA PRO A 99 3.82 10.55 -20.39
C PRO A 99 4.32 9.68 -21.53
N GLU A 100 3.53 9.60 -22.60
CA GLU A 100 3.90 8.80 -23.75
C GLU A 100 3.13 9.25 -25.00
N THR A 101 3.42 8.62 -26.13
CA THR A 101 2.76 8.96 -27.39
C THR A 101 1.57 8.06 -27.63
N HIS A 102 0.38 8.66 -27.74
CA HIS A 102 -0.84 7.90 -27.98
C HIS A 102 -0.70 7.00 -29.20
N THR A 103 -0.36 7.59 -30.34
CA THR A 103 -0.19 6.83 -31.57
C THR A 103 -1.45 6.05 -31.92
N GLY A 104 -2.54 6.78 -32.15
CA GLY A 104 -3.80 6.14 -32.48
C GLY A 104 -4.61 5.75 -31.26
N GLY A 105 -4.02 4.90 -30.42
CA GLY A 105 -4.70 4.46 -29.22
C GLY A 105 -4.01 3.28 -28.56
N GLY A 106 -3.34 3.54 -27.44
CA GLY A 106 -2.65 2.48 -26.73
C GLY A 106 -1.86 3.00 -25.53
N GLY A 107 -0.86 2.24 -25.12
CA GLY A 107 -0.05 2.64 -23.98
C GLY A 107 0.08 1.54 -22.94
N GLY A 108 -1.02 1.24 -22.27
CA GLY A 108 -1.00 0.20 -21.24
C GLY A 108 -0.52 0.72 -19.90
N ILE A 109 -0.38 2.04 -19.79
CA ILE A 109 0.08 2.65 -18.55
C ILE A 109 -0.75 2.17 -17.36
N ASP A 110 -2.03 1.95 -17.59
CA ASP A 110 -2.94 1.48 -16.55
C ASP A 110 -2.59 0.06 -16.13
N ARG A 111 -2.57 -0.85 -17.10
CA ARG A 111 -2.26 -2.25 -16.83
C ARG A 111 -0.86 -2.39 -16.23
N LEU A 112 0.03 -1.46 -16.57
CA LEU A 112 1.39 -1.48 -16.06
C LEU A 112 1.41 -1.28 -14.55
N PHE A 113 0.81 -0.17 -14.10
CA PHE A 113 0.76 0.15 -12.68
C PHE A 113 -0.16 -0.82 -11.94
N LEU A 114 -1.10 -1.41 -12.68
CA LEU A 114 -2.05 -2.35 -12.09
C LEU A 114 -1.34 -3.65 -11.68
N TRP A 115 -0.46 -4.13 -12.54
CA TRP A 115 0.28 -5.35 -12.27
C TRP A 115 1.46 -5.08 -11.33
N ILE A 116 2.16 -3.99 -11.60
CA ILE A 116 3.31 -3.61 -10.77
C ILE A 116 2.92 -3.49 -9.30
N PHE A 117 1.65 -3.22 -9.06
CA PHE A 117 1.15 -3.08 -7.69
C PHE A 117 0.89 -4.45 -7.06
N VAL A 118 0.02 -5.23 -7.69
CA VAL A 118 -0.33 -6.55 -7.20
C VAL A 118 0.93 -7.39 -6.97
N PHE A 119 1.97 -7.11 -7.75
CA PHE A 119 3.23 -7.84 -7.63
C PHE A 119 3.94 -7.49 -6.33
N VAL A 120 4.28 -6.22 -6.18
CA VAL A 120 4.96 -5.75 -4.97
C VAL A 120 4.12 -5.99 -3.73
N CYS A 121 2.81 -5.96 -3.90
CA CYS A 121 1.88 -6.17 -2.79
C CYS A 121 1.97 -7.60 -2.28
N VAL A 122 1.98 -8.55 -3.21
CA VAL A 122 2.06 -9.96 -2.84
C VAL A 122 3.42 -10.31 -2.25
N PHE A 123 4.46 -9.70 -2.82
CA PHE A 123 5.83 -9.94 -2.34
C PHE A 123 5.98 -9.50 -0.89
N GLY A 124 5.66 -8.24 -0.62
CA GLY A 124 5.78 -7.72 0.73
C GLY A 124 4.85 -8.42 1.70
N THR A 125 3.59 -8.56 1.31
CA THR A 125 2.60 -9.22 2.16
C THR A 125 3.04 -10.64 2.51
N ILE A 126 3.23 -11.46 1.49
CA ILE A 126 3.65 -12.84 1.68
C ILE A 126 4.94 -12.92 2.49
N GLY A 127 5.78 -11.90 2.34
CA GLY A 127 7.05 -11.86 3.05
C GLY A 127 6.87 -11.98 4.56
N MET A 128 6.08 -11.06 5.12
CA MET A 128 5.83 -11.06 6.56
C MET A 128 4.77 -12.09 6.92
N PHE A 129 3.92 -12.42 5.96
CA PHE A 129 2.84 -13.39 6.17
C PHE A 129 3.41 -14.80 6.33
N LEU A 130 4.67 -14.97 5.94
CA LEU A 130 5.33 -16.26 6.04
C LEU A 130 5.86 -16.51 7.45
N GLN A 131 5.82 -15.47 8.27
CA GLN A 131 6.30 -15.58 9.65
C GLN A 131 5.65 -16.75 10.37
N PRO A 132 4.31 -16.74 10.43
CA PRO A 132 3.53 -17.79 11.09
C PRO A 132 3.57 -19.11 10.31
N LEU A 133 3.46 -20.21 11.03
CA LEU A 133 3.48 -21.53 10.41
C LEU A 133 2.25 -21.75 9.53
N PHE A 134 1.17 -21.05 9.85
CA PHE A 134 -0.07 -21.15 9.09
C PHE A 134 -1.13 -20.21 9.64
N GLN A 135 -2.33 -20.26 9.05
CA GLN A 135 -3.43 -19.41 9.50
C GLN A 135 -3.89 -19.80 10.89
N GLU A 136 -3.73 -21.08 11.23
CA GLU A 136 -4.14 -21.57 12.54
C GLU A 136 -2.97 -21.50 13.53
N GLU A 137 -2.35 -20.33 13.63
CA GLU A 137 -1.23 -20.13 14.54
C GLU A 137 -1.61 -20.52 15.97
N ASN A 2 0.80 -21.91 22.61
CA ASN A 2 -0.47 -22.37 23.14
C ASN A 2 -1.50 -21.25 23.17
N ALA A 3 -1.06 -20.08 23.62
CA ALA A 3 -1.93 -18.91 23.69
C ALA A 3 -1.13 -17.63 23.86
N GLU A 4 -0.05 -17.51 23.09
CA GLU A 4 0.80 -16.33 23.16
C GLU A 4 0.53 -15.39 21.97
N GLU A 5 -0.71 -15.37 21.52
CA GLU A 5 -1.10 -14.52 20.40
C GLU A 5 -1.63 -13.18 20.88
N GLU A 6 -1.50 -12.94 22.18
CA GLU A 6 -1.96 -11.70 22.78
C GLU A 6 -1.35 -10.49 22.07
N PRO A 7 -0.01 -10.43 22.06
CA PRO A 7 0.72 -9.33 21.41
C PRO A 7 0.61 -9.38 19.89
N LEU A 8 0.44 -10.58 19.35
CA LEU A 8 0.32 -10.76 17.91
C LEU A 8 -0.94 -10.11 17.38
N PHE A 9 -1.87 -9.80 18.29
CA PHE A 9 -3.13 -9.17 17.91
C PHE A 9 -2.89 -7.81 17.27
N TYR A 10 -1.72 -7.24 17.52
CA TYR A 10 -1.37 -5.94 16.97
C TYR A 10 -0.93 -6.07 15.51
N THR A 11 0.14 -6.83 15.29
CA THR A 11 0.67 -7.03 13.94
C THR A 11 -0.42 -7.54 13.00
N ILE A 12 -1.25 -8.45 13.50
CA ILE A 12 -2.34 -9.00 12.71
C ILE A 12 -3.34 -7.92 12.29
N ASN A 13 -3.65 -7.03 13.24
CA ASN A 13 -4.58 -5.94 12.98
C ASN A 13 -3.98 -4.91 12.02
N LEU A 14 -2.68 -5.03 11.78
CA LEU A 14 -1.97 -4.11 10.90
C LEU A 14 -2.01 -4.61 9.45
N ILE A 15 -2.11 -5.93 9.29
CA ILE A 15 -2.17 -6.53 7.97
C ILE A 15 -3.56 -6.41 7.36
N ILE A 16 -4.57 -6.42 8.22
CA ILE A 16 -5.95 -6.31 7.77
C ILE A 16 -6.14 -5.11 6.84
N PRO A 17 -5.80 -3.91 7.35
CA PRO A 17 -5.92 -2.67 6.58
C PRO A 17 -4.91 -2.60 5.44
N CYS A 18 -3.70 -3.09 5.70
CA CYS A 18 -2.63 -3.07 4.70
C CYS A 18 -3.11 -3.70 3.39
N VAL A 19 -3.70 -4.89 3.50
CA VAL A 19 -4.21 -5.60 2.33
C VAL A 19 -5.38 -4.86 1.69
N LEU A 20 -6.30 -4.39 2.53
CA LEU A 20 -7.46 -3.67 2.05
C LEU A 20 -7.05 -2.44 1.24
N ILE A 21 -6.03 -1.74 1.71
CA ILE A 21 -5.53 -0.55 1.02
C ILE A 21 -5.13 -0.88 -0.42
N THR A 22 -4.37 -1.97 -0.58
CA THR A 22 -3.91 -2.39 -1.88
C THR A 22 -5.08 -2.77 -2.78
N SER A 23 -5.93 -3.66 -2.29
CA SER A 23 -7.10 -4.12 -3.05
C SER A 23 -7.93 -2.93 -3.53
N LEU A 24 -8.00 -1.90 -2.70
CA LEU A 24 -8.76 -0.70 -3.04
C LEU A 24 -8.20 -0.03 -4.28
N ALA A 25 -6.87 0.07 -4.34
CA ALA A 25 -6.20 0.69 -5.48
C ALA A 25 -6.36 -0.16 -6.73
N ILE A 26 -6.41 -1.48 -6.56
CA ILE A 26 -6.56 -2.40 -7.67
C ILE A 26 -7.98 -2.36 -8.23
N LEU A 27 -8.95 -2.29 -7.35
CA LEU A 27 -10.36 -2.24 -7.75
C LEU A 27 -10.67 -0.95 -8.49
N VAL A 28 -10.12 0.16 -8.00
CA VAL A 28 -10.34 1.45 -8.63
C VAL A 28 -9.90 1.44 -10.10
N PHE A 29 -8.65 1.05 -10.33
CA PHE A 29 -8.11 0.99 -11.68
C PHE A 29 -8.96 0.07 -12.56
N TYR A 30 -9.60 -0.91 -11.95
CA TYR A 30 -10.44 -1.85 -12.68
C TYR A 30 -11.82 -1.25 -12.94
N LEU A 31 -12.23 -0.31 -12.10
CA LEU A 31 -13.52 0.34 -12.24
C LEU A 31 -13.36 1.84 -12.44
N PRO A 32 -12.82 2.22 -13.61
CA PRO A 32 -12.60 3.63 -13.96
C PRO A 32 -13.91 4.37 -14.21
N SER A 33 -14.56 4.78 -13.12
CA SER A 33 -15.82 5.50 -13.22
C SER A 33 -15.60 6.96 -13.62
N ASP A 34 -14.47 7.52 -13.19
CA ASP A 34 -14.13 8.89 -13.50
C ASP A 34 -12.67 9.18 -13.19
N CYS A 35 -12.20 10.37 -13.55
CA CYS A 35 -10.81 10.77 -13.31
C CYS A 35 -10.65 11.29 -11.89
N GLY A 36 -11.74 11.74 -11.29
CA GLY A 36 -11.69 12.26 -9.94
C GLY A 36 -11.64 11.16 -8.89
N GLU A 37 -12.03 9.95 -9.29
CA GLU A 37 -12.02 8.81 -8.38
C GLU A 37 -10.67 8.65 -7.72
N LYS A 38 -9.60 8.85 -8.50
CA LYS A 38 -8.25 8.72 -8.00
C LYS A 38 -8.01 9.64 -6.81
N MET A 39 -8.50 10.88 -6.93
CA MET A 39 -8.36 11.86 -5.86
C MET A 39 -8.99 11.37 -4.56
N THR A 40 -10.14 10.71 -4.69
CA THR A 40 -10.84 10.19 -3.52
C THR A 40 -10.02 9.11 -2.82
N LEU A 41 -9.32 8.31 -3.61
CA LEU A 41 -8.49 7.24 -3.06
C LEU A 41 -7.26 7.81 -2.35
N CYS A 42 -6.74 8.91 -2.87
CA CYS A 42 -5.57 9.56 -2.28
C CYS A 42 -5.84 9.96 -0.84
N ILE A 43 -7.04 10.48 -0.59
CA ILE A 43 -7.42 10.91 0.75
C ILE A 43 -7.63 9.70 1.67
N SER A 44 -8.19 8.64 1.11
CA SER A 44 -8.46 7.43 1.88
C SER A 44 -7.16 6.75 2.29
N VAL A 45 -6.31 6.47 1.30
CA VAL A 45 -5.03 5.81 1.56
C VAL A 45 -4.16 6.67 2.48
N LEU A 46 -4.43 7.97 2.50
CA LEU A 46 -3.66 8.89 3.33
C LEU A 46 -3.95 8.66 4.82
N LEU A 47 -5.23 8.59 5.16
CA LEU A 47 -5.64 8.36 6.55
C LEU A 47 -5.06 7.05 7.07
N ALA A 48 -4.95 6.06 6.19
CA ALA A 48 -4.41 4.76 6.56
C ALA A 48 -2.99 4.89 7.11
N LEU A 49 -2.13 5.54 6.34
CA LEU A 49 -0.73 5.74 6.75
C LEU A 49 -0.65 6.43 8.11
N THR A 50 -1.60 7.33 8.36
CA THR A 50 -1.64 8.07 9.61
C THR A 50 -1.94 7.14 10.78
N VAL A 51 -2.72 6.11 10.52
CA VAL A 51 -3.09 5.14 11.56
C VAL A 51 -1.86 4.37 12.05
N PHE A 52 -1.06 3.88 11.11
CA PHE A 52 0.15 3.13 11.44
C PHE A 52 1.05 3.94 12.37
N LEU A 53 1.24 5.21 12.02
CA LEU A 53 2.09 6.10 12.82
C LEU A 53 1.62 6.15 14.27
N LEU A 54 0.37 6.56 14.45
CA LEU A 54 -0.21 6.66 15.80
C LEU A 54 -0.05 5.34 16.55
N LEU A 55 -0.12 4.23 15.82
CA LEU A 55 0.03 2.91 16.41
C LEU A 55 1.29 2.83 17.26
N ILE A 56 2.44 3.06 16.63
CA ILE A 56 3.72 3.01 17.33
C ILE A 56 3.94 4.27 18.15
N SER A 57 3.28 5.36 17.75
CA SER A 57 3.40 6.63 18.46
C SER A 57 3.14 6.45 19.95
N LYS A 58 2.25 5.52 20.29
CA LYS A 58 1.92 5.25 21.68
C LYS A 58 2.78 4.12 22.24
N ILE A 59 2.84 3.01 21.50
CA ILE A 59 3.64 1.87 21.93
C ILE A 59 4.14 1.07 20.73
N VAL A 60 5.45 0.78 20.74
CA VAL A 60 6.05 0.02 19.64
C VAL A 60 5.27 -1.26 19.35
N PRO A 61 5.42 -1.77 18.12
CA PRO A 61 4.73 -2.99 17.69
C PRO A 61 5.29 -4.23 18.38
N PRO A 62 4.57 -5.36 18.24
CA PRO A 62 4.98 -6.63 18.84
C PRO A 62 6.21 -7.22 18.17
N THR A 63 6.47 -6.79 16.94
CA THR A 63 7.61 -7.29 16.18
C THR A 63 8.86 -6.50 16.52
N SER A 64 9.20 -6.45 17.80
CA SER A 64 10.38 -5.72 18.26
C SER A 64 11.65 -6.30 17.64
N SER A 65 12.01 -7.52 18.06
CA SER A 65 13.19 -8.18 17.55
C SER A 65 14.45 -7.39 17.89
N ASP A 66 15.60 -7.93 17.51
CA ASP A 66 16.88 -7.27 17.79
C ASP A 66 17.04 -6.01 16.94
N SER A 67 16.66 -6.11 15.67
CA SER A 67 16.76 -4.98 14.75
C SER A 67 15.44 -4.22 14.67
N PRO A 68 15.50 -2.96 14.21
CA PRO A 68 14.33 -2.11 14.08
C PRO A 68 13.39 -2.58 12.96
N SER A 69 12.15 -2.87 13.33
CA SER A 69 11.15 -3.33 12.37
C SER A 69 10.29 -2.17 11.88
N VAL A 70 10.12 -1.16 12.72
CA VAL A 70 9.32 0.00 12.38
C VAL A 70 9.89 0.71 11.15
N GLY A 71 11.21 0.66 11.01
CA GLY A 71 11.86 1.30 9.88
C GLY A 71 11.79 0.46 8.62
N GLU A 72 11.94 -0.85 8.77
CA GLU A 72 11.90 -1.76 7.63
C GLU A 72 10.55 -1.67 6.91
N TYR A 73 9.49 -2.01 7.63
CA TYR A 73 8.14 -1.97 7.07
C TYR A 73 7.82 -0.58 6.53
N LEU A 74 8.13 0.44 7.31
CA LEU A 74 7.88 1.82 6.91
C LEU A 74 8.60 2.15 5.60
N MET A 75 9.74 1.51 5.38
CA MET A 75 10.52 1.73 4.17
C MET A 75 9.73 1.34 2.93
N PHE A 76 9.20 0.11 2.94
CA PHE A 76 8.43 -0.38 1.81
C PHE A 76 7.11 0.38 1.68
N THR A 77 6.63 0.93 2.79
CA THR A 77 5.38 1.68 2.81
C THR A 77 5.55 3.04 2.14
N MET A 78 6.75 3.61 2.27
CA MET A 78 7.04 4.91 1.67
C MET A 78 7.15 4.79 0.16
N VAL A 79 8.03 3.91 -0.31
CA VAL A 79 8.24 3.71 -1.74
C VAL A 79 6.91 3.44 -2.45
N LEU A 80 6.01 2.74 -1.77
CA LEU A 80 4.71 2.41 -2.33
C LEU A 80 3.84 3.67 -2.45
N VAL A 81 3.70 4.40 -1.35
CA VAL A 81 2.90 5.61 -1.33
C VAL A 81 3.36 6.59 -2.41
N THR A 82 4.67 6.59 -2.67
CA THR A 82 5.24 7.48 -3.67
C THR A 82 4.73 7.15 -5.06
N PHE A 83 4.68 5.85 -5.38
CA PHE A 83 4.20 5.40 -6.69
C PHE A 83 2.73 5.79 -6.88
N SER A 84 1.98 5.79 -5.79
CA SER A 84 0.56 6.13 -5.85
C SER A 84 0.36 7.57 -6.31
N ILE A 85 1.15 8.48 -5.73
CA ILE A 85 1.07 9.88 -6.09
C ILE A 85 1.40 10.11 -7.57
N VAL A 86 2.37 9.36 -8.07
CA VAL A 86 2.77 9.47 -9.46
C VAL A 86 1.63 9.13 -10.40
N THR A 87 0.94 8.02 -10.11
CA THR A 87 -0.18 7.58 -10.93
C THR A 87 -1.38 8.50 -10.74
N SER A 88 -1.51 9.06 -9.55
CA SER A 88 -2.62 9.96 -9.25
C SER A 88 -2.64 11.15 -10.19
N VAL A 89 -1.50 11.84 -10.28
CA VAL A 89 -1.37 13.01 -11.14
C VAL A 89 -1.59 12.64 -12.60
N CYS A 90 -1.13 11.45 -12.97
CA CYS A 90 -1.28 10.98 -14.34
C CYS A 90 -2.73 11.04 -14.79
N VAL A 91 -3.63 10.52 -13.95
CA VAL A 91 -5.05 10.52 -14.26
C VAL A 91 -5.62 11.93 -14.21
N LEU A 92 -5.00 12.79 -13.41
CA LEU A 92 -5.45 14.16 -13.27
C LEU A 92 -5.54 14.86 -14.63
N ASN A 93 -4.39 14.95 -15.31
CA ASN A 93 -4.34 15.59 -16.62
C ASN A 93 -2.93 15.55 -17.18
N VAL A 94 -2.81 15.18 -18.45
CA VAL A 94 -1.51 15.10 -19.12
C VAL A 94 -1.43 16.07 -20.28
N HIS A 95 -0.26 16.68 -20.46
CA HIS A 95 -0.05 17.64 -21.54
C HIS A 95 1.44 17.78 -21.85
N HIS A 96 1.76 18.02 -23.11
CA HIS A 96 3.14 18.18 -23.54
C HIS A 96 3.29 19.37 -24.48
N ARG A 97 4.15 20.31 -24.11
CA ARG A 97 4.38 21.51 -24.92
C ARG A 97 5.47 21.26 -25.95
N SER A 98 5.05 21.06 -27.20
CA SER A 98 6.00 20.81 -28.29
C SER A 98 5.30 20.93 -29.64
N PRO A 99 6.11 21.12 -30.70
CA PRO A 99 5.60 21.26 -32.06
C PRO A 99 5.04 19.94 -32.61
N GLU A 100 5.68 18.84 -32.24
CA GLU A 100 5.25 17.52 -32.69
C GLU A 100 4.63 16.72 -31.55
N THR A 101 3.40 16.28 -31.73
CA THR A 101 2.70 15.51 -30.70
C THR A 101 1.95 14.33 -31.32
N HIS A 102 1.66 13.32 -30.50
CA HIS A 102 0.94 12.14 -30.96
C HIS A 102 -0.42 12.03 -30.29
N THR A 103 -1.29 11.21 -30.87
CA THR A 103 -2.64 11.02 -30.34
C THR A 103 -3.12 9.59 -30.55
N GLY A 104 -2.32 8.64 -30.07
CA GLY A 104 -2.69 7.24 -30.21
C GLY A 104 -1.48 6.32 -30.21
N GLY A 105 -1.46 5.37 -29.28
CA GLY A 105 -0.35 4.44 -29.19
C GLY A 105 0.02 4.11 -27.75
N GLY A 106 0.51 2.90 -27.53
CA GLY A 106 0.88 2.48 -26.19
C GLY A 106 -0.26 1.81 -25.46
N GLY A 107 0.07 1.06 -24.41
CA GLY A 107 -0.95 0.38 -23.63
C GLY A 107 -0.36 -0.67 -22.71
N GLY A 108 -1.00 -0.87 -21.56
CA GLY A 108 -0.52 -1.85 -20.60
C GLY A 108 0.14 -1.20 -19.40
N ILE A 109 0.43 0.09 -19.50
CA ILE A 109 1.06 0.83 -18.42
C ILE A 109 0.32 0.61 -17.10
N ASP A 110 -1.00 0.51 -17.18
CA ASP A 110 -1.83 0.31 -16.00
C ASP A 110 -1.71 -1.14 -15.50
N ARG A 111 -1.99 -2.08 -16.38
CA ARG A 111 -1.91 -3.50 -16.03
C ARG A 111 -0.55 -3.84 -15.44
N LEU A 112 0.47 -3.12 -15.87
CA LEU A 112 1.83 -3.35 -15.38
C LEU A 112 1.97 -2.91 -13.92
N PHE A 113 1.37 -1.77 -13.60
CA PHE A 113 1.42 -1.24 -12.24
C PHE A 113 0.49 -2.02 -11.32
N LEU A 114 -0.52 -2.65 -11.91
CA LEU A 114 -1.49 -3.43 -11.14
C LEU A 114 -0.91 -4.80 -10.77
N TRP A 115 -0.26 -5.43 -11.74
CA TRP A 115 0.33 -6.75 -11.52
C TRP A 115 1.37 -6.70 -10.40
N ILE A 116 2.30 -5.74 -10.50
CA ILE A 116 3.35 -5.58 -9.50
C ILE A 116 2.76 -5.22 -8.14
N PHE A 117 1.64 -4.49 -8.17
CA PHE A 117 0.99 -4.08 -6.94
C PHE A 117 0.71 -5.28 -6.03
N VAL A 118 0.09 -6.31 -6.60
CA VAL A 118 -0.23 -7.52 -5.85
C VAL A 118 1.03 -8.25 -5.43
N PHE A 119 2.04 -8.24 -6.30
CA PHE A 119 3.31 -8.91 -6.03
C PHE A 119 3.90 -8.43 -4.72
N VAL A 120 4.11 -7.12 -4.61
CA VAL A 120 4.67 -6.53 -3.41
C VAL A 120 3.73 -6.68 -2.22
N CYS A 121 2.42 -6.71 -2.51
CA CYS A 121 1.42 -6.86 -1.47
C CYS A 121 1.50 -8.23 -0.81
N VAL A 122 1.64 -9.26 -1.63
CA VAL A 122 1.74 -10.63 -1.13
C VAL A 122 3.00 -10.83 -0.31
N PHE A 123 4.09 -10.21 -0.76
CA PHE A 123 5.38 -10.32 -0.06
C PHE A 123 5.30 -9.66 1.31
N GLY A 124 4.71 -8.48 1.37
CA GLY A 124 4.58 -7.77 2.63
C GLY A 124 3.55 -8.38 3.54
N THR A 125 2.36 -8.64 3.00
CA THR A 125 1.27 -9.23 3.77
C THR A 125 1.72 -10.50 4.47
N ILE A 126 2.24 -11.45 3.69
CA ILE A 126 2.71 -12.71 4.24
C ILE A 126 4.00 -12.52 5.03
N GLY A 127 4.72 -11.44 4.73
CA GLY A 127 5.97 -11.17 5.42
C GLY A 127 5.78 -11.04 6.92
N MET A 128 4.70 -10.38 7.32
CA MET A 128 4.41 -10.18 8.74
C MET A 128 3.67 -11.39 9.31
N PHE A 129 2.88 -12.05 8.48
CA PHE A 129 2.12 -13.22 8.90
C PHE A 129 3.03 -14.44 9.03
N LEU A 130 4.23 -14.34 8.47
CA LEU A 130 5.19 -15.43 8.52
C LEU A 130 5.99 -15.41 9.82
N GLN A 131 5.84 -14.32 10.57
CA GLN A 131 6.54 -14.17 11.84
C GLN A 131 6.28 -15.38 12.75
N PRO A 132 5.00 -15.62 13.06
CA PRO A 132 4.58 -16.73 13.92
C PRO A 132 4.79 -18.09 13.24
N LEU A 133 5.03 -19.12 14.05
CA LEU A 133 5.24 -20.46 13.54
C LEU A 133 3.96 -21.01 12.90
N PHE A 134 2.82 -20.51 13.37
CA PHE A 134 1.53 -20.96 12.85
C PHE A 134 0.41 -20.04 13.34
N GLN A 135 -0.82 -20.39 12.99
CA GLN A 135 -1.99 -19.60 13.39
C GLN A 135 -2.17 -19.65 14.90
N GLU A 136 -1.76 -20.75 15.51
CA GLU A 136 -1.87 -20.92 16.96
C GLU A 136 -3.33 -20.81 17.40
N GLU A 137 -4.08 -21.90 17.26
CA GLU A 137 -5.48 -21.92 17.65
C GLU A 137 -5.63 -21.92 19.16
N ASN A 2 4.00 -21.55 23.99
CA ASN A 2 3.06 -21.04 24.99
C ASN A 2 2.10 -20.03 24.36
N ALA A 3 1.23 -19.46 25.19
CA ALA A 3 0.26 -18.48 24.72
C ALA A 3 0.95 -17.16 24.36
N GLU A 4 1.25 -17.01 23.07
CA GLU A 4 1.91 -15.80 22.58
C GLU A 4 1.05 -15.08 21.55
N GLU A 5 -0.24 -14.95 21.86
CA GLU A 5 -1.18 -14.29 20.95
C GLU A 5 -1.12 -12.78 21.14
N GLU A 6 -0.47 -12.33 22.20
CA GLU A 6 -0.35 -10.90 22.49
C GLU A 6 0.46 -10.21 21.41
N PRO A 7 1.70 -10.65 21.21
CA PRO A 7 2.61 -10.08 20.21
C PRO A 7 2.16 -10.39 18.78
N LEU A 8 1.34 -11.43 18.65
CA LEU A 8 0.85 -11.84 17.33
C LEU A 8 -0.39 -11.02 16.94
N PHE A 9 -0.98 -10.35 17.92
CA PHE A 9 -2.16 -9.53 17.68
C PHE A 9 -1.78 -8.20 17.02
N TYR A 10 -0.54 -7.78 17.23
CA TYR A 10 -0.05 -6.53 16.66
C TYR A 10 0.13 -6.65 15.16
N THR A 11 0.90 -7.65 14.74
CA THR A 11 1.15 -7.88 13.33
C THR A 11 -0.15 -8.07 12.56
N ILE A 12 -1.09 -8.78 13.16
CA ILE A 12 -2.38 -9.04 12.53
C ILE A 12 -3.14 -7.74 12.30
N ASN A 13 -2.98 -6.79 13.22
CA ASN A 13 -3.65 -5.50 13.11
C ASN A 13 -2.96 -4.61 12.08
N LEU A 14 -1.74 -4.98 11.72
CA LEU A 14 -0.97 -4.21 10.74
C LEU A 14 -1.26 -4.70 9.32
N ILE A 15 -1.62 -5.96 9.19
CA ILE A 15 -1.93 -6.55 7.90
C ILE A 15 -3.33 -6.16 7.44
N ILE A 16 -4.23 -5.96 8.39
CA ILE A 16 -5.60 -5.59 8.09
C ILE A 16 -5.65 -4.38 7.16
N PRO A 17 -5.03 -3.27 7.60
CA PRO A 17 -4.98 -2.03 6.83
C PRO A 17 -4.10 -2.15 5.59
N CYS A 18 -2.99 -2.86 5.73
CA CYS A 18 -2.05 -3.05 4.63
C CYS A 18 -2.79 -3.58 3.38
N VAL A 19 -3.43 -4.72 3.53
CA VAL A 19 -4.16 -5.33 2.42
C VAL A 19 -5.31 -4.44 1.97
N LEU A 20 -6.09 -3.94 2.93
CA LEU A 20 -7.22 -3.08 2.63
C LEU A 20 -6.78 -1.91 1.74
N ILE A 21 -5.64 -1.33 2.05
CA ILE A 21 -5.11 -0.21 1.29
C ILE A 21 -4.95 -0.57 -0.19
N THR A 22 -4.34 -1.72 -0.45
CA THR A 22 -4.13 -2.19 -1.81
C THR A 22 -5.46 -2.44 -2.52
N SER A 23 -6.31 -3.26 -1.91
CA SER A 23 -7.60 -3.58 -2.48
C SER A 23 -8.38 -2.31 -2.82
N LEU A 24 -8.40 -1.37 -1.88
CA LEU A 24 -9.10 -0.11 -2.08
C LEU A 24 -8.65 0.57 -3.38
N ALA A 25 -7.36 0.46 -3.67
CA ALA A 25 -6.81 1.05 -4.88
C ALA A 25 -7.22 0.27 -6.12
N ILE A 26 -7.34 -1.05 -5.97
CA ILE A 26 -7.74 -1.91 -7.08
C ILE A 26 -9.21 -1.72 -7.43
N LEU A 27 -10.07 -1.80 -6.42
CA LEU A 27 -11.50 -1.63 -6.63
C LEU A 27 -11.80 -0.31 -7.34
N VAL A 28 -11.11 0.75 -6.92
CA VAL A 28 -11.30 2.06 -7.52
C VAL A 28 -11.05 2.03 -9.02
N PHE A 29 -9.96 1.38 -9.42
CA PHE A 29 -9.60 1.27 -10.83
C PHE A 29 -10.49 0.24 -11.54
N TYR A 30 -11.04 -0.70 -10.77
CA TYR A 30 -11.89 -1.73 -11.31
C TYR A 30 -13.32 -1.21 -11.51
N LEU A 31 -13.64 -0.13 -10.83
CA LEU A 31 -14.97 0.47 -10.93
C LEU A 31 -14.87 1.94 -11.33
N PRO A 32 -14.48 2.18 -12.59
CA PRO A 32 -14.34 3.53 -13.14
C PRO A 32 -15.69 4.22 -13.32
N SER A 33 -16.21 4.81 -12.24
CA SER A 33 -17.49 5.49 -12.30
C SER A 33 -17.30 7.00 -12.46
N ASP A 34 -18.40 7.74 -12.45
CA ASP A 34 -18.35 9.19 -12.60
C ASP A 34 -18.66 9.88 -11.27
N CYS A 35 -18.20 9.27 -10.17
CA CYS A 35 -18.42 9.83 -8.84
C CYS A 35 -17.14 10.44 -8.30
N GLY A 36 -16.00 9.98 -8.81
CA GLY A 36 -14.72 10.49 -8.35
C GLY A 36 -13.99 9.52 -7.45
N GLU A 37 -14.14 8.22 -7.75
CA GLU A 37 -13.48 7.18 -6.96
C GLU A 37 -11.97 7.35 -6.99
N LYS A 38 -11.47 7.98 -8.05
CA LYS A 38 -10.04 8.21 -8.21
C LYS A 38 -9.50 9.11 -7.10
N MET A 39 -10.06 10.31 -7.00
CA MET A 39 -9.65 11.27 -5.98
C MET A 39 -9.88 10.71 -4.58
N THR A 40 -10.97 9.96 -4.43
CA THR A 40 -11.31 9.36 -3.13
C THR A 40 -10.25 8.37 -2.69
N LEU A 41 -9.65 7.68 -3.65
CA LEU A 41 -8.61 6.70 -3.36
C LEU A 41 -7.37 7.37 -2.78
N CYS A 42 -6.96 8.47 -3.39
CA CYS A 42 -5.79 9.21 -2.93
C CYS A 42 -5.92 9.57 -1.45
N ILE A 43 -7.11 10.00 -1.05
CA ILE A 43 -7.36 10.38 0.32
C ILE A 43 -7.51 9.14 1.21
N SER A 44 -8.03 8.06 0.63
CA SER A 44 -8.23 6.82 1.37
C SER A 44 -6.89 6.23 1.81
N VAL A 45 -6.02 5.95 0.83
CA VAL A 45 -4.71 5.38 1.11
C VAL A 45 -3.95 6.24 2.13
N LEU A 46 -3.94 7.54 1.89
CA LEU A 46 -3.24 8.47 2.79
C LEU A 46 -3.75 8.34 4.21
N LEU A 47 -5.07 8.31 4.36
CA LEU A 47 -5.69 8.19 5.68
C LEU A 47 -5.17 6.96 6.41
N ALA A 48 -4.98 5.86 5.68
CA ALA A 48 -4.48 4.63 6.26
C ALA A 48 -3.13 4.84 6.93
N LEU A 49 -2.24 5.55 6.25
CA LEU A 49 -0.91 5.82 6.79
C LEU A 49 -1.01 6.49 8.16
N THR A 50 -1.90 7.48 8.26
CA THR A 50 -2.09 8.21 9.51
C THR A 50 -2.47 7.26 10.64
N VAL A 51 -3.25 6.24 10.31
CA VAL A 51 -3.70 5.27 11.30
C VAL A 51 -2.51 4.57 11.95
N PHE A 52 -1.54 4.15 11.12
CA PHE A 52 -0.36 3.47 11.62
C PHE A 52 0.37 4.33 12.66
N LEU A 53 0.51 5.61 12.35
CA LEU A 53 1.18 6.55 13.24
C LEU A 53 0.61 6.46 14.65
N LEU A 54 -0.69 6.73 14.77
CA LEU A 54 -1.37 6.68 16.07
C LEU A 54 -1.17 5.31 16.73
N LEU A 55 -1.13 4.26 15.91
CA LEU A 55 -0.95 2.92 16.42
C LEU A 55 0.26 2.83 17.35
N ILE A 56 1.44 3.07 16.79
CA ILE A 56 2.67 3.03 17.58
C ILE A 56 2.78 4.25 18.49
N SER A 57 2.12 5.33 18.10
CA SER A 57 2.15 6.56 18.90
C SER A 57 1.77 6.29 20.34
N LYS A 58 0.92 5.27 20.55
CA LYS A 58 0.48 4.91 21.88
C LYS A 58 1.37 3.82 22.48
N ILE A 59 1.59 2.76 21.70
CA ILE A 59 2.43 1.66 22.14
C ILE A 59 3.11 0.98 20.97
N VAL A 60 4.41 0.73 21.10
CA VAL A 60 5.18 0.08 20.05
C VAL A 60 5.15 -1.44 20.19
N PRO A 61 5.34 -2.15 19.08
CA PRO A 61 5.34 -3.61 19.05
C PRO A 61 6.55 -4.21 19.75
N PRO A 62 6.50 -5.53 20.01
CA PRO A 62 7.60 -6.25 20.68
C PRO A 62 8.84 -6.36 19.81
N THR A 63 8.63 -6.62 18.52
CA THR A 63 9.74 -6.76 17.58
C THR A 63 10.77 -7.75 18.09
N SER A 64 10.32 -8.76 18.82
CA SER A 64 11.21 -9.77 19.37
C SER A 64 12.05 -10.41 18.26
N SER A 65 11.52 -10.40 17.05
CA SER A 65 12.21 -10.99 15.90
C SER A 65 13.59 -10.35 15.72
N ASP A 66 14.38 -10.92 14.82
CA ASP A 66 15.71 -10.40 14.54
C ASP A 66 15.64 -8.96 14.06
N SER A 67 15.01 -8.75 12.91
CA SER A 67 14.88 -7.41 12.34
C SER A 67 13.70 -6.68 12.95
N PRO A 68 13.70 -5.34 12.83
CA PRO A 68 12.63 -4.49 13.36
C PRO A 68 11.33 -4.65 12.58
N SER A 69 10.32 -3.85 12.93
CA SER A 69 9.03 -3.90 12.28
C SER A 69 8.55 -2.51 11.90
N VAL A 70 8.38 -1.65 12.90
CA VAL A 70 7.93 -0.28 12.67
C VAL A 70 8.85 0.44 11.68
N GLY A 71 10.13 0.12 11.74
CA GLY A 71 11.09 0.75 10.85
C GLY A 71 11.11 0.10 9.47
N GLU A 72 11.24 -1.22 9.44
CA GLU A 72 11.27 -1.95 8.17
C GLU A 72 10.06 -1.59 7.31
N TYR A 73 8.89 -1.56 7.94
CA TYR A 73 7.66 -1.24 7.22
C TYR A 73 7.69 0.20 6.71
N LEU A 74 8.16 1.11 7.55
CA LEU A 74 8.23 2.52 7.16
C LEU A 74 9.02 2.70 5.86
N MET A 75 10.11 1.97 5.74
CA MET A 75 10.94 2.04 4.55
C MET A 75 10.16 1.61 3.31
N PHE A 76 9.50 0.45 3.40
CA PHE A 76 8.72 -0.07 2.29
C PHE A 76 7.56 0.86 1.95
N THR A 77 7.01 1.51 2.98
CA THR A 77 5.89 2.43 2.80
C THR A 77 6.36 3.72 2.12
N MET A 78 7.58 4.14 2.44
CA MET A 78 8.14 5.35 1.86
C MET A 78 8.26 5.24 0.34
N VAL A 79 8.82 4.13 -0.11
CA VAL A 79 8.99 3.89 -1.54
C VAL A 79 7.65 3.65 -2.22
N LEU A 80 6.69 3.13 -1.47
CA LEU A 80 5.36 2.85 -1.99
C LEU A 80 4.56 4.14 -2.18
N VAL A 81 4.64 5.02 -1.19
CA VAL A 81 3.93 6.30 -1.24
C VAL A 81 4.47 7.18 -2.37
N THR A 82 5.80 7.28 -2.45
CA THR A 82 6.44 8.09 -3.48
C THR A 82 5.94 7.71 -4.87
N PHE A 83 5.99 6.42 -5.18
CA PHE A 83 5.54 5.94 -6.48
C PHE A 83 4.02 6.06 -6.61
N SER A 84 3.33 5.97 -5.48
CA SER A 84 1.87 6.08 -5.48
C SER A 84 1.42 7.44 -5.97
N ILE A 85 1.95 8.49 -5.36
CA ILE A 85 1.60 9.86 -5.74
C ILE A 85 1.83 10.09 -7.23
N VAL A 86 3.00 9.70 -7.71
CA VAL A 86 3.34 9.87 -9.12
C VAL A 86 2.26 9.27 -10.02
N THR A 87 2.00 7.98 -9.84
CA THR A 87 0.99 7.29 -10.64
C THR A 87 -0.38 7.95 -10.48
N SER A 88 -0.61 8.55 -9.32
CA SER A 88 -1.88 9.22 -9.05
C SER A 88 -2.05 10.45 -9.94
N VAL A 89 -1.13 11.39 -9.83
CA VAL A 89 -1.18 12.62 -10.63
C VAL A 89 -1.10 12.30 -12.12
N CYS A 90 -0.38 11.22 -12.45
CA CYS A 90 -0.22 10.82 -13.85
C CYS A 90 -1.57 10.51 -14.47
N VAL A 91 -2.44 9.84 -13.71
CA VAL A 91 -3.77 9.49 -14.20
C VAL A 91 -4.69 10.70 -14.23
N LEU A 92 -4.49 11.61 -13.27
CA LEU A 92 -5.30 12.82 -13.19
C LEU A 92 -5.19 13.64 -14.48
N ASN A 93 -4.01 14.18 -14.73
CA ASN A 93 -3.77 14.98 -15.91
C ASN A 93 -2.28 15.03 -16.27
N VAL A 94 -1.98 15.35 -17.52
CA VAL A 94 -0.59 15.44 -17.97
C VAL A 94 -0.52 16.03 -19.37
N HIS A 95 0.50 16.85 -19.60
CA HIS A 95 0.69 17.50 -20.89
C HIS A 95 2.17 17.73 -21.17
N HIS A 96 2.73 16.95 -22.09
CA HIS A 96 4.14 17.07 -22.44
C HIS A 96 4.30 17.74 -23.81
N ARG A 97 5.18 18.72 -23.88
CA ARG A 97 5.43 19.44 -25.13
C ARG A 97 6.75 19.02 -25.74
N SER A 98 6.84 19.12 -27.06
CA SER A 98 8.07 18.74 -27.77
C SER A 98 8.08 19.35 -29.17
N PRO A 99 9.28 19.43 -29.77
CA PRO A 99 9.47 19.99 -31.10
C PRO A 99 8.89 19.10 -32.20
N GLU A 100 9.04 17.79 -32.03
CA GLU A 100 8.53 16.83 -33.00
C GLU A 100 7.78 15.69 -32.30
N THR A 101 6.64 15.31 -32.86
CA THR A 101 5.83 14.23 -32.29
C THR A 101 6.53 12.89 -32.44
N HIS A 102 7.16 12.44 -31.38
CA HIS A 102 7.87 11.15 -31.40
C HIS A 102 6.94 10.02 -30.95
N THR A 103 7.46 8.80 -30.95
CA THR A 103 6.69 7.64 -30.55
C THR A 103 6.09 7.82 -29.16
N GLY A 104 5.13 6.98 -28.82
CA GLY A 104 4.49 7.07 -27.51
C GLY A 104 3.22 6.25 -27.43
N GLY A 105 3.18 5.31 -26.48
CA GLY A 105 2.02 4.46 -26.33
C GLY A 105 1.01 5.05 -25.36
N GLY A 106 0.86 4.40 -24.20
CA GLY A 106 -0.09 4.89 -23.21
C GLY A 106 -1.33 4.03 -23.12
N GLY A 107 -1.22 2.77 -23.57
CA GLY A 107 -2.35 1.87 -23.54
C GLY A 107 -2.19 0.77 -22.50
N GLY A 108 -3.23 0.55 -21.70
CA GLY A 108 -3.17 -0.47 -20.68
C GLY A 108 -2.52 0.03 -19.40
N ILE A 109 -2.33 1.33 -19.31
CA ILE A 109 -1.71 1.94 -18.13
C ILE A 109 -2.41 1.48 -16.85
N ASP A 110 -3.73 1.29 -16.94
CA ASP A 110 -4.51 0.85 -15.79
C ASP A 110 -4.13 -0.57 -15.39
N ARG A 111 -4.30 -1.50 -16.32
CA ARG A 111 -3.98 -2.91 -16.07
C ARG A 111 -2.53 -3.05 -15.59
N LEU A 112 -1.68 -2.12 -16.01
CA LEU A 112 -0.28 -2.15 -15.62
C LEU A 112 -0.11 -1.91 -14.13
N PHE A 113 -0.63 -0.77 -13.65
CA PHE A 113 -0.53 -0.42 -12.24
C PHE A 113 -1.43 -1.32 -11.40
N LEU A 114 -2.47 -1.88 -12.03
CA LEU A 114 -3.40 -2.77 -11.34
C LEU A 114 -2.72 -4.08 -10.95
N TRP A 115 -1.94 -4.62 -11.87
CA TRP A 115 -1.23 -5.89 -11.63
C TRP A 115 0.03 -5.64 -10.82
N ILE A 116 0.76 -4.59 -11.17
CA ILE A 116 2.00 -4.24 -10.46
C ILE A 116 1.75 -4.07 -8.97
N PHE A 117 0.51 -3.74 -8.61
CA PHE A 117 0.15 -3.54 -7.21
C PHE A 117 -0.12 -4.88 -6.53
N VAL A 118 -1.07 -5.64 -7.08
CA VAL A 118 -1.42 -6.94 -6.52
C VAL A 118 -0.18 -7.81 -6.33
N PHE A 119 0.82 -7.60 -7.17
CA PHE A 119 2.06 -8.36 -7.10
C PHE A 119 2.87 -7.96 -5.87
N VAL A 120 3.18 -6.67 -5.77
CA VAL A 120 3.96 -6.17 -4.65
C VAL A 120 3.20 -6.34 -3.33
N CYS A 121 1.88 -6.43 -3.42
CA CYS A 121 1.04 -6.60 -2.25
C CYS A 121 1.17 -8.01 -1.69
N VAL A 122 1.26 -8.99 -2.59
CA VAL A 122 1.39 -10.38 -2.18
C VAL A 122 2.69 -10.62 -1.42
N PHE A 123 3.78 -10.05 -1.92
CA PHE A 123 5.08 -10.19 -1.28
C PHE A 123 5.10 -9.51 0.08
N GLY A 124 4.58 -8.29 0.13
CA GLY A 124 4.55 -7.54 1.37
C GLY A 124 3.63 -8.16 2.40
N THR A 125 2.37 -8.39 2.02
CA THR A 125 1.40 -8.99 2.92
C THR A 125 1.91 -10.31 3.50
N ILE A 126 2.34 -11.21 2.61
CA ILE A 126 2.85 -12.50 3.04
C ILE A 126 4.02 -12.34 4.00
N GLY A 127 4.85 -11.32 3.75
CA GLY A 127 6.00 -11.08 4.61
C GLY A 127 5.61 -10.87 6.06
N MET A 128 4.47 -10.21 6.28
CA MET A 128 3.99 -9.94 7.63
C MET A 128 3.59 -11.23 8.33
N PHE A 129 2.83 -12.07 7.62
CA PHE A 129 2.38 -13.34 8.17
C PHE A 129 3.52 -14.34 8.24
N LEU A 130 4.62 -14.04 7.55
CA LEU A 130 5.78 -14.90 7.54
C LEU A 130 6.62 -14.73 8.80
N GLN A 131 6.37 -13.63 9.51
CA GLN A 131 7.10 -13.34 10.74
C GLN A 131 6.87 -14.42 11.78
N PRO A 132 5.60 -14.64 12.14
CA PRO A 132 5.22 -15.66 13.13
C PRO A 132 5.41 -17.08 12.61
N LEU A 133 5.68 -18.01 13.51
CA LEU A 133 5.89 -19.40 13.15
C LEU A 133 4.60 -20.02 12.61
N PHE A 134 3.47 -19.49 13.04
CA PHE A 134 2.17 -19.98 12.61
C PHE A 134 1.05 -19.04 13.05
N GLN A 135 -0.18 -19.38 12.67
CA GLN A 135 -1.34 -18.57 13.03
C GLN A 135 -1.55 -18.56 14.54
N GLU A 136 -1.17 -19.65 15.19
CA GLU A 136 -1.33 -19.76 16.64
C GLU A 136 -2.77 -19.55 17.06
N GLU A 137 -3.62 -20.54 16.79
CA GLU A 137 -5.03 -20.46 17.13
C GLU A 137 -5.41 -21.52 18.16
N ASN A 2 9.04 -21.15 25.49
CA ASN A 2 7.73 -20.51 25.52
C ASN A 2 7.32 -20.04 24.13
N ALA A 3 6.03 -20.15 23.83
CA ALA A 3 5.52 -19.73 22.53
C ALA A 3 5.72 -18.23 22.32
N GLU A 4 5.85 -17.82 21.07
CA GLU A 4 6.06 -16.42 20.73
C GLU A 4 4.91 -15.89 19.88
N GLU A 5 3.68 -16.15 20.33
CA GLU A 5 2.50 -15.70 19.60
C GLU A 5 1.67 -14.73 20.45
N GLU A 6 1.71 -13.46 20.07
CA GLU A 6 0.96 -12.44 20.80
C GLU A 6 1.20 -11.05 20.19
N PRO A 7 2.47 -10.63 20.16
CA PRO A 7 2.86 -9.33 19.61
C PRO A 7 2.70 -9.28 18.09
N LEU A 8 2.68 -10.45 17.46
CA LEU A 8 2.54 -10.53 16.01
C LEU A 8 1.10 -10.25 15.59
N PHE A 9 0.18 -10.32 16.55
CA PHE A 9 -1.23 -10.07 16.28
C PHE A 9 -1.45 -8.65 15.77
N TYR A 10 -0.53 -7.76 16.12
CA TYR A 10 -0.62 -6.36 15.70
C TYR A 10 -0.25 -6.21 14.23
N THR A 11 0.97 -6.60 13.88
CA THR A 11 1.44 -6.51 12.51
C THR A 11 0.48 -7.22 11.55
N ILE A 12 -0.05 -8.35 11.98
CA ILE A 12 -0.99 -9.12 11.17
C ILE A 12 -2.22 -8.30 10.81
N ASN A 13 -2.80 -7.64 11.81
CA ASN A 13 -3.97 -6.81 11.60
C ASN A 13 -3.64 -5.59 10.75
N LEU A 14 -2.35 -5.32 10.59
CA LEU A 14 -1.89 -4.18 9.80
C LEU A 14 -1.72 -4.58 8.34
N ILE A 15 -1.51 -5.86 8.09
CA ILE A 15 -1.34 -6.36 6.73
C ILE A 15 -2.68 -6.51 6.02
N ILE A 16 -3.72 -6.83 6.79
CA ILE A 16 -5.05 -6.99 6.24
C ILE A 16 -5.45 -5.78 5.40
N PRO A 17 -5.43 -4.60 6.02
CA PRO A 17 -5.80 -3.34 5.35
C PRO A 17 -4.76 -2.92 4.32
N CYS A 18 -3.49 -3.20 4.61
CA CYS A 18 -2.41 -2.86 3.70
C CYS A 18 -2.68 -3.38 2.29
N VAL A 19 -2.93 -4.68 2.18
CA VAL A 19 -3.21 -5.30 0.89
C VAL A 19 -4.59 -4.91 0.38
N LEU A 20 -5.49 -4.60 1.31
CA LEU A 20 -6.85 -4.21 0.95
C LEU A 20 -6.85 -2.87 0.21
N ILE A 21 -6.10 -1.92 0.74
CA ILE A 21 -6.02 -0.59 0.14
C ILE A 21 -5.35 -0.66 -1.23
N THR A 22 -4.29 -1.44 -1.33
CA THR A 22 -3.57 -1.59 -2.59
C THR A 22 -4.48 -2.13 -3.69
N SER A 23 -5.20 -3.20 -3.38
CA SER A 23 -6.12 -3.81 -4.34
C SER A 23 -7.07 -2.77 -4.93
N LEU A 24 -7.62 -1.93 -4.06
CA LEU A 24 -8.55 -0.89 -4.49
C LEU A 24 -7.90 0.01 -5.54
N ALA A 25 -6.69 0.47 -5.25
CA ALA A 25 -5.97 1.34 -6.17
C ALA A 25 -5.67 0.62 -7.49
N ILE A 26 -5.58 -0.70 -7.42
CA ILE A 26 -5.29 -1.51 -8.60
C ILE A 26 -6.55 -1.70 -9.45
N LEU A 27 -7.65 -2.04 -8.79
CA LEU A 27 -8.92 -2.25 -9.48
C LEU A 27 -9.36 -0.98 -10.21
N VAL A 28 -9.18 0.17 -9.56
CA VAL A 28 -9.56 1.45 -10.14
C VAL A 28 -8.71 1.75 -11.38
N PHE A 29 -7.42 1.45 -11.29
CA PHE A 29 -6.50 1.69 -12.40
C PHE A 29 -6.95 0.94 -13.64
N TYR A 30 -7.49 -0.26 -13.44
CA TYR A 30 -7.94 -1.09 -14.54
C TYR A 30 -9.34 -0.67 -15.01
N LEU A 31 -10.10 -0.08 -14.10
CA LEU A 31 -11.45 0.38 -14.41
C LEU A 31 -11.68 1.79 -13.88
N PRO A 32 -11.03 2.78 -14.51
CA PRO A 32 -11.17 4.18 -14.12
C PRO A 32 -12.54 4.75 -14.43
N SER A 33 -12.78 6.00 -14.02
CA SER A 33 -14.06 6.66 -14.26
C SER A 33 -13.85 8.13 -14.59
N ASP A 34 -14.90 8.76 -15.12
CA ASP A 34 -14.85 10.17 -15.46
C ASP A 34 -15.07 11.05 -14.24
N CYS A 35 -15.54 10.44 -13.15
CA CYS A 35 -15.80 11.16 -11.92
C CYS A 35 -14.51 11.40 -11.14
N GLY A 36 -13.42 10.81 -11.63
CA GLY A 36 -12.13 10.96 -10.97
C GLY A 36 -12.03 10.14 -9.70
N GLU A 37 -12.53 8.90 -9.76
CA GLU A 37 -12.49 8.01 -8.61
C GLU A 37 -11.05 7.74 -8.18
N LYS A 38 -10.14 7.73 -9.15
CA LYS A 38 -8.74 7.48 -8.89
C LYS A 38 -8.12 8.64 -8.11
N MET A 39 -8.59 9.85 -8.38
CA MET A 39 -8.08 11.04 -7.69
C MET A 39 -8.38 10.98 -6.20
N THR A 40 -9.66 10.87 -5.86
CA THR A 40 -10.07 10.81 -4.47
C THR A 40 -9.41 9.64 -3.75
N LEU A 41 -9.06 8.60 -4.50
CA LEU A 41 -8.41 7.42 -3.94
C LEU A 41 -7.00 7.76 -3.46
N CYS A 42 -6.23 8.40 -4.33
CA CYS A 42 -4.85 8.77 -4.00
C CYS A 42 -4.81 9.56 -2.68
N ILE A 43 -5.75 10.48 -2.53
CA ILE A 43 -5.81 11.30 -1.31
C ILE A 43 -6.11 10.45 -0.10
N SER A 44 -6.97 9.44 -0.28
CA SER A 44 -7.35 8.55 0.82
C SER A 44 -6.18 7.65 1.21
N VAL A 45 -5.58 7.01 0.21
CA VAL A 45 -4.45 6.12 0.45
C VAL A 45 -3.36 6.80 1.27
N LEU A 46 -3.12 8.08 0.97
CA LEU A 46 -2.11 8.84 1.68
C LEU A 46 -2.48 9.01 3.15
N LEU A 47 -3.74 9.37 3.40
CA LEU A 47 -4.22 9.56 4.76
C LEU A 47 -4.13 8.26 5.56
N ALA A 48 -4.60 7.17 4.97
CA ALA A 48 -4.55 5.87 5.63
C ALA A 48 -3.14 5.52 6.07
N LEU A 49 -2.17 5.76 5.19
CA LEU A 49 -0.77 5.48 5.50
C LEU A 49 -0.27 6.37 6.62
N THR A 50 -0.67 7.64 6.58
CA THR A 50 -0.25 8.61 7.59
C THR A 50 -0.83 8.25 8.96
N VAL A 51 -2.07 7.78 8.97
CA VAL A 51 -2.73 7.40 10.21
C VAL A 51 -1.95 6.30 10.93
N PHE A 52 -1.67 5.21 10.23
CA PHE A 52 -0.94 4.10 10.81
C PHE A 52 0.49 4.51 11.15
N LEU A 53 1.09 5.30 10.27
CA LEU A 53 2.46 5.77 10.48
C LEU A 53 2.60 6.52 11.80
N LEU A 54 1.57 7.28 12.14
CA LEU A 54 1.57 8.05 13.39
C LEU A 54 1.44 7.12 14.59
N LEU A 55 0.60 6.09 14.46
CA LEU A 55 0.40 5.13 15.54
C LEU A 55 1.72 4.50 15.96
N ILE A 56 2.35 3.80 15.03
CA ILE A 56 3.62 3.14 15.30
C ILE A 56 4.65 4.12 15.85
N SER A 57 4.56 5.37 15.39
CA SER A 57 5.48 6.41 15.84
C SER A 57 5.34 6.67 17.33
N LYS A 58 4.11 6.71 17.81
CA LYS A 58 3.83 6.94 19.21
C LYS A 58 4.12 5.69 20.04
N ILE A 59 4.11 4.54 19.38
CA ILE A 59 4.37 3.27 20.04
C ILE A 59 3.27 2.94 21.04
N VAL A 60 2.48 1.91 20.73
CA VAL A 60 1.40 1.49 21.59
C VAL A 60 1.51 0.01 21.94
N PRO A 61 2.47 -0.31 22.82
CA PRO A 61 2.71 -1.69 23.26
C PRO A 61 1.59 -2.22 24.14
N PRO A 62 1.59 -3.55 24.38
CA PRO A 62 0.57 -4.21 25.21
C PRO A 62 0.71 -3.83 26.68
N THR A 63 1.95 -3.70 27.14
CA THR A 63 2.22 -3.35 28.53
C THR A 63 3.69 -3.02 28.75
N SER A 64 4.56 -3.78 28.08
CA SER A 64 6.00 -3.57 28.21
C SER A 64 6.70 -3.85 26.88
N SER A 65 7.42 -2.85 26.37
CA SER A 65 8.13 -2.99 25.11
C SER A 65 9.63 -3.16 25.35
N ASP A 66 10.35 -3.57 24.31
CA ASP A 66 11.79 -3.76 24.41
C ASP A 66 12.39 -4.03 23.03
N SER A 67 11.71 -4.83 22.23
CA SER A 67 12.18 -5.17 20.90
C SER A 67 11.03 -5.15 19.89
N PRO A 68 10.55 -3.93 19.58
CA PRO A 68 9.45 -3.75 18.63
C PRO A 68 9.86 -4.05 17.19
N SER A 69 8.98 -4.73 16.47
CA SER A 69 9.25 -5.09 15.08
C SER A 69 8.32 -4.34 14.13
N VAL A 70 7.31 -3.69 14.69
CA VAL A 70 6.35 -2.93 13.89
C VAL A 70 7.04 -1.82 13.11
N GLY A 71 8.18 -1.37 13.62
CA GLY A 71 8.93 -0.32 12.95
C GLY A 71 9.59 -0.80 11.68
N GLU A 72 10.03 -2.05 11.68
CA GLU A 72 10.70 -2.63 10.52
C GLU A 72 9.76 -2.68 9.32
N TYR A 73 8.62 -3.35 9.50
CA TYR A 73 7.64 -3.48 8.43
C TYR A 73 7.26 -2.10 7.87
N LEU A 74 7.10 -1.13 8.76
CA LEU A 74 6.75 0.23 8.36
C LEU A 74 7.83 0.84 7.49
N MET A 75 9.08 0.54 7.82
CA MET A 75 10.22 1.07 7.06
C MET A 75 10.16 0.62 5.61
N PHE A 76 10.10 -0.70 5.41
CA PHE A 76 10.03 -1.26 4.07
C PHE A 76 8.74 -0.87 3.37
N THR A 77 7.68 -0.66 4.16
CA THR A 77 6.39 -0.28 3.63
C THR A 77 6.42 1.13 3.05
N MET A 78 6.95 2.07 3.82
CA MET A 78 7.05 3.46 3.38
C MET A 78 7.82 3.56 2.07
N VAL A 79 8.83 2.70 1.90
CA VAL A 79 9.64 2.70 0.70
C VAL A 79 8.82 2.29 -0.52
N LEU A 80 8.26 1.09 -0.48
CA LEU A 80 7.45 0.57 -1.57
C LEU A 80 6.29 1.52 -1.87
N VAL A 81 5.61 1.97 -0.83
CA VAL A 81 4.48 2.87 -0.98
C VAL A 81 4.89 4.14 -1.72
N THR A 82 6.01 4.73 -1.30
CA THR A 82 6.51 5.95 -1.92
C THR A 82 6.62 5.79 -3.43
N PHE A 83 7.10 4.63 -3.87
CA PHE A 83 7.25 4.36 -5.29
C PHE A 83 5.93 4.54 -6.02
N SER A 84 4.89 3.90 -5.50
CA SER A 84 3.56 3.98 -6.11
C SER A 84 3.02 5.41 -6.06
N ILE A 85 3.15 6.04 -4.89
CA ILE A 85 2.68 7.41 -4.73
C ILE A 85 3.35 8.35 -5.71
N VAL A 86 4.66 8.19 -5.90
CA VAL A 86 5.42 9.02 -6.82
C VAL A 86 4.79 9.03 -8.20
N THR A 87 4.71 7.84 -8.81
CA THR A 87 4.13 7.70 -10.14
C THR A 87 2.69 8.21 -10.17
N SER A 88 2.05 8.22 -9.00
CA SER A 88 0.67 8.68 -8.90
C SER A 88 0.57 10.17 -9.21
N VAL A 89 1.40 10.96 -8.55
CA VAL A 89 1.41 12.41 -8.76
C VAL A 89 1.93 12.76 -10.14
N CYS A 90 2.92 12.01 -10.61
CA CYS A 90 3.50 12.24 -11.93
C CYS A 90 2.45 12.20 -13.02
N VAL A 91 1.42 11.36 -12.82
CA VAL A 91 0.35 11.22 -13.78
C VAL A 91 -0.63 12.39 -13.68
N LEU A 92 -0.87 12.86 -12.46
CA LEU A 92 -1.78 13.98 -12.24
C LEU A 92 -1.26 15.24 -12.92
N ASN A 93 0.02 15.24 -13.25
CA ASN A 93 0.64 16.39 -13.90
C ASN A 93 0.58 16.26 -15.42
N VAL A 94 0.58 17.39 -16.11
CA VAL A 94 0.52 17.41 -17.57
C VAL A 94 1.50 18.41 -18.15
N HIS A 95 1.96 18.15 -19.37
CA HIS A 95 2.90 19.03 -20.04
C HIS A 95 3.05 18.66 -21.50
N HIS A 96 3.62 19.57 -22.29
CA HIS A 96 3.83 19.33 -23.72
C HIS A 96 2.49 19.08 -24.43
N ARG A 97 1.42 19.61 -23.85
CA ARG A 97 0.09 19.45 -24.42
C ARG A 97 -0.31 17.97 -24.45
N SER A 98 -1.54 17.70 -24.88
CA SER A 98 -2.04 16.34 -24.94
C SER A 98 -2.93 16.15 -26.17
N PRO A 99 -3.13 14.89 -26.57
CA PRO A 99 -3.95 14.54 -27.74
C PRO A 99 -5.44 14.79 -27.48
N GLU A 100 -5.88 14.51 -26.26
CA GLU A 100 -7.28 14.69 -25.89
C GLU A 100 -7.48 14.46 -24.40
N THR A 101 -8.64 14.85 -23.90
CA THR A 101 -8.97 14.69 -22.48
C THR A 101 -9.72 13.39 -22.23
N HIS A 102 -10.16 12.75 -23.31
CA HIS A 102 -10.88 11.49 -23.22
C HIS A 102 -10.38 10.48 -24.23
N THR A 103 -9.67 9.46 -23.75
CA THR A 103 -9.12 8.42 -24.62
C THR A 103 -9.40 7.04 -24.05
N GLY A 104 -10.06 6.20 -24.85
CA GLY A 104 -10.36 4.84 -24.42
C GLY A 104 -9.14 3.95 -24.38
N GLY A 105 -8.89 3.33 -23.24
CA GLY A 105 -7.74 2.45 -23.10
C GLY A 105 -6.53 3.17 -22.55
N GLY A 106 -5.40 2.46 -22.49
CA GLY A 106 -4.18 3.05 -21.98
C GLY A 106 -2.98 2.72 -22.83
N GLY A 107 -1.84 3.35 -22.52
CA GLY A 107 -0.63 3.10 -23.27
C GLY A 107 -0.04 1.74 -22.99
N GLY A 108 0.16 1.43 -21.71
CA GLY A 108 0.73 0.15 -21.33
C GLY A 108 1.77 0.28 -20.24
N ILE A 109 2.56 1.35 -20.29
CA ILE A 109 3.60 1.59 -19.29
C ILE A 109 3.05 1.48 -17.89
N ASP A 110 1.81 1.95 -17.71
CA ASP A 110 1.16 1.90 -16.40
C ASP A 110 0.81 0.47 -16.01
N ARG A 111 0.13 -0.23 -16.90
CA ARG A 111 -0.26 -1.62 -16.66
C ARG A 111 0.95 -2.47 -16.26
N LEU A 112 2.08 -2.21 -16.91
CA LEU A 112 3.30 -2.95 -16.64
C LEU A 112 3.78 -2.69 -15.21
N PHE A 113 3.87 -1.42 -14.84
CA PHE A 113 4.32 -1.05 -13.51
C PHE A 113 3.35 -1.56 -12.45
N LEU A 114 2.06 -1.54 -12.76
CA LEU A 114 1.03 -2.00 -11.84
C LEU A 114 1.10 -3.52 -11.68
N TRP A 115 1.20 -4.23 -12.79
CA TRP A 115 1.28 -5.69 -12.77
C TRP A 115 2.43 -6.16 -11.90
N ILE A 116 3.62 -5.63 -12.16
CA ILE A 116 4.80 -5.99 -11.38
C ILE A 116 4.67 -5.57 -9.93
N PHE A 117 3.92 -4.49 -9.70
CA PHE A 117 3.71 -3.99 -8.35
C PHE A 117 2.92 -4.98 -7.51
N VAL A 118 1.98 -5.67 -8.15
CA VAL A 118 1.15 -6.65 -7.46
C VAL A 118 1.95 -7.90 -7.13
N PHE A 119 2.88 -8.26 -8.02
CA PHE A 119 3.71 -9.44 -7.82
C PHE A 119 4.53 -9.32 -6.54
N VAL A 120 5.41 -8.31 -6.49
CA VAL A 120 6.25 -8.08 -5.34
C VAL A 120 5.42 -7.91 -4.07
N CYS A 121 4.20 -7.38 -4.24
CA CYS A 121 3.31 -7.17 -3.11
C CYS A 121 2.74 -8.49 -2.60
N VAL A 122 2.61 -9.45 -3.50
CA VAL A 122 2.08 -10.76 -3.15
C VAL A 122 3.05 -11.54 -2.28
N PHE A 123 4.24 -11.81 -2.83
CA PHE A 123 5.26 -12.55 -2.10
C PHE A 123 5.67 -11.80 -0.83
N GLY A 124 5.54 -10.48 -0.86
CA GLY A 124 5.91 -9.67 0.29
C GLY A 124 4.97 -9.87 1.46
N THR A 125 3.68 -9.61 1.24
CA THR A 125 2.68 -9.76 2.29
C THR A 125 2.48 -11.23 2.65
N ILE A 126 2.19 -12.05 1.65
CA ILE A 126 1.98 -13.48 1.85
C ILE A 126 3.22 -14.13 2.45
N GLY A 127 4.39 -13.61 2.10
CA GLY A 127 5.63 -14.16 2.61
C GLY A 127 5.69 -14.13 4.13
N MET A 128 5.51 -12.94 4.71
CA MET A 128 5.54 -12.78 6.15
C MET A 128 4.23 -13.22 6.78
N PHE A 129 3.17 -13.22 5.98
CA PHE A 129 1.85 -13.62 6.46
C PHE A 129 1.73 -15.14 6.52
N LEU A 130 2.67 -15.83 5.87
CA LEU A 130 2.66 -17.28 5.85
C LEU A 130 3.43 -17.86 7.04
N GLN A 131 4.10 -16.97 7.78
CA GLN A 131 4.88 -17.38 8.95
C GLN A 131 3.98 -18.08 9.98
N PRO A 132 2.95 -17.36 10.44
CA PRO A 132 2.00 -17.88 11.43
C PRO A 132 1.11 -18.98 10.85
N LEU A 133 0.68 -19.90 11.71
CA LEU A 133 -0.18 -21.00 11.29
C LEU A 133 -1.54 -20.49 10.86
N PHE A 134 -1.94 -19.34 11.40
CA PHE A 134 -3.24 -18.75 11.07
C PHE A 134 -3.31 -17.31 11.58
N GLN A 135 -4.41 -16.64 11.26
CA GLN A 135 -4.60 -15.25 11.67
C GLN A 135 -4.46 -15.11 13.19
N GLU A 136 -4.76 -16.19 13.91
CA GLU A 136 -4.66 -16.18 15.36
C GLU A 136 -5.47 -15.06 15.97
N GLU A 137 -6.78 -15.05 15.68
CA GLU A 137 -7.66 -14.02 16.19
C GLU A 137 -7.74 -14.08 17.70
N ASN A 2 7.56 -16.15 27.76
CA ASN A 2 6.52 -15.90 26.78
C ASN A 2 6.96 -16.39 25.40
N ALA A 3 6.00 -16.47 24.48
CA ALA A 3 6.28 -16.93 23.13
C ALA A 3 6.60 -15.75 22.20
N GLU A 4 6.87 -16.05 20.94
CA GLU A 4 7.20 -15.01 19.96
C GLU A 4 6.01 -14.74 19.05
N GLU A 5 4.88 -15.37 19.36
CA GLU A 5 3.66 -15.19 18.56
C GLU A 5 2.74 -14.18 19.22
N GLU A 6 3.01 -13.86 20.48
CA GLU A 6 2.19 -12.90 21.21
C GLU A 6 2.19 -11.54 20.53
N PRO A 7 3.40 -10.96 20.37
CA PRO A 7 3.57 -9.65 19.73
C PRO A 7 3.27 -9.70 18.23
N LEU A 8 3.37 -10.88 17.65
CA LEU A 8 3.11 -11.06 16.22
C LEU A 8 1.64 -10.80 15.90
N PHE A 9 0.81 -10.79 16.93
CA PHE A 9 -0.62 -10.55 16.77
C PHE A 9 -0.88 -9.16 16.21
N TYR A 10 0.05 -8.24 16.48
CA TYR A 10 -0.08 -6.86 16.00
C TYR A 10 0.23 -6.77 14.51
N THR A 11 1.44 -7.17 14.14
CA THR A 11 1.86 -7.13 12.74
C THR A 11 0.87 -7.85 11.84
N ILE A 12 0.37 -8.99 12.32
CA ILE A 12 -0.60 -9.76 11.55
C ILE A 12 -1.88 -8.98 11.31
N ASN A 13 -2.35 -8.30 12.34
CA ASN A 13 -3.56 -7.50 12.24
C ASN A 13 -3.35 -6.30 11.32
N LEU A 14 -2.09 -6.02 11.01
CA LEU A 14 -1.74 -4.89 10.15
C LEU A 14 -1.74 -5.32 8.69
N ILE A 15 -1.52 -6.60 8.44
CA ILE A 15 -1.48 -7.13 7.09
C ILE A 15 -2.90 -7.31 6.54
N ILE A 16 -3.84 -7.64 7.43
CA ILE A 16 -5.22 -7.85 7.03
C ILE A 16 -5.74 -6.66 6.22
N PRO A 17 -5.68 -5.46 6.82
CA PRO A 17 -6.13 -4.22 6.16
C PRO A 17 -5.23 -3.81 5.01
N CYS A 18 -3.94 -4.08 5.15
CA CYS A 18 -2.96 -3.74 4.12
C CYS A 18 -3.39 -4.27 2.76
N VAL A 19 -3.62 -5.58 2.70
CA VAL A 19 -4.04 -6.22 1.45
C VAL A 19 -5.47 -5.84 1.09
N LEU A 20 -6.28 -5.62 2.11
CA LEU A 20 -7.68 -5.24 1.90
C LEU A 20 -7.79 -3.91 1.17
N ILE A 21 -6.99 -2.95 1.59
CA ILE A 21 -6.99 -1.63 0.96
C ILE A 21 -6.53 -1.71 -0.49
N THR A 22 -5.53 -2.55 -0.73
CA THR A 22 -4.98 -2.72 -2.09
C THR A 22 -6.08 -3.13 -3.07
N SER A 23 -6.83 -4.17 -2.72
CA SER A 23 -7.90 -4.65 -3.58
C SER A 23 -8.87 -3.52 -3.92
N LEU A 24 -9.20 -2.71 -2.92
CA LEU A 24 -10.12 -1.59 -3.11
C LEU A 24 -9.58 -0.62 -4.16
N ALA A 25 -8.30 -0.29 -4.06
CA ALA A 25 -7.66 0.62 -5.00
C ALA A 25 -7.63 0.02 -6.41
N ILE A 26 -7.40 -1.28 -6.49
CA ILE A 26 -7.34 -1.98 -7.78
C ILE A 26 -8.68 -1.90 -8.50
N LEU A 27 -9.76 -2.07 -7.75
CA LEU A 27 -11.11 -2.02 -8.31
C LEU A 27 -11.44 -0.61 -8.80
N VAL A 28 -10.86 0.38 -8.14
CA VAL A 28 -11.10 1.77 -8.50
C VAL A 28 -10.49 2.09 -9.87
N PHE A 29 -9.32 1.51 -10.14
CA PHE A 29 -8.63 1.73 -11.41
C PHE A 29 -9.36 1.02 -12.55
N TYR A 30 -10.07 -0.05 -12.22
CA TYR A 30 -10.81 -0.82 -13.22
C TYR A 30 -12.13 -0.15 -13.55
N LEU A 31 -12.69 0.58 -12.58
CA LEU A 31 -13.96 1.27 -12.77
C LEU A 31 -13.91 2.66 -12.16
N PRO A 32 -13.18 3.57 -12.82
CA PRO A 32 -13.04 4.96 -12.37
C PRO A 32 -14.33 5.75 -12.51
N SER A 33 -14.41 6.88 -11.81
CA SER A 33 -15.60 7.73 -11.85
C SER A 33 -15.21 9.21 -11.88
N ASP A 34 -16.15 10.05 -12.28
CA ASP A 34 -15.92 11.49 -12.35
C ASP A 34 -16.40 12.17 -11.08
N CYS A 35 -16.70 11.38 -10.05
CA CYS A 35 -17.18 11.93 -8.79
C CYS A 35 -16.02 12.17 -7.83
N GLY A 36 -14.80 12.14 -8.36
CA GLY A 36 -13.62 12.35 -7.54
C GLY A 36 -13.27 11.15 -6.69
N GLU A 37 -13.62 9.96 -7.19
CA GLU A 37 -13.34 8.73 -6.46
C GLU A 37 -11.85 8.60 -6.17
N LYS A 38 -11.03 9.06 -7.11
CA LYS A 38 -9.58 8.99 -6.95
C LYS A 38 -9.12 9.79 -5.74
N MET A 39 -9.48 11.08 -5.71
CA MET A 39 -9.12 11.95 -4.61
C MET A 39 -9.60 11.38 -3.28
N THR A 40 -10.84 10.87 -3.26
CA THR A 40 -11.42 10.31 -2.06
C THR A 40 -10.65 9.06 -1.62
N LEU A 41 -10.49 8.11 -2.53
CA LEU A 41 -9.78 6.87 -2.23
C LEU A 41 -8.36 7.17 -1.75
N CYS A 42 -7.70 8.10 -2.43
CA CYS A 42 -6.33 8.48 -2.08
C CYS A 42 -6.23 8.83 -0.60
N ILE A 43 -7.17 9.63 -0.12
CA ILE A 43 -7.19 10.03 1.28
C ILE A 43 -7.54 8.86 2.19
N SER A 44 -8.49 8.05 1.75
CA SER A 44 -8.92 6.89 2.53
C SER A 44 -7.76 5.94 2.79
N VAL A 45 -7.03 5.59 1.73
CA VAL A 45 -5.89 4.69 1.84
C VAL A 45 -4.90 5.19 2.88
N LEU A 46 -4.59 6.48 2.81
CA LEU A 46 -3.65 7.10 3.75
C LEU A 46 -4.26 7.22 5.13
N LEU A 47 -5.59 7.25 5.20
CA LEU A 47 -6.30 7.37 6.46
C LEU A 47 -5.97 6.19 7.38
N ALA A 48 -6.07 4.98 6.83
CA ALA A 48 -5.77 3.78 7.59
C ALA A 48 -4.28 3.69 7.93
N LEU A 49 -3.45 3.75 6.90
CA LEU A 49 -2.01 3.68 7.08
C LEU A 49 -1.53 4.71 8.10
N THR A 50 -2.21 5.85 8.13
CA THR A 50 -1.85 6.92 9.06
C THR A 50 -2.21 6.54 10.50
N VAL A 51 -3.33 5.85 10.66
CA VAL A 51 -3.77 5.43 11.98
C VAL A 51 -2.70 4.60 12.68
N PHE A 52 -2.27 3.53 12.04
CA PHE A 52 -1.24 2.65 12.61
C PHE A 52 0.10 3.36 12.66
N LEU A 53 0.48 3.99 11.55
CA LEU A 53 1.76 4.71 11.48
C LEU A 53 1.89 5.70 12.63
N LEU A 54 0.90 6.56 12.80
CA LEU A 54 0.91 7.55 13.86
C LEU A 54 1.08 6.88 15.23
N LEU A 55 0.49 5.69 15.37
CA LEU A 55 0.58 4.95 16.62
C LEU A 55 2.02 4.81 17.07
N ILE A 56 2.85 4.23 16.21
CA ILE A 56 4.26 4.04 16.52
C ILE A 56 5.05 5.33 16.32
N SER A 57 4.51 6.23 15.51
CA SER A 57 5.16 7.51 15.24
C SER A 57 5.51 8.23 16.55
N LYS A 58 4.64 8.07 17.54
CA LYS A 58 4.85 8.71 18.84
C LYS A 58 5.55 7.75 19.80
N ILE A 59 5.03 6.53 19.91
CA ILE A 59 5.61 5.53 20.79
C ILE A 59 5.37 4.12 20.26
N VAL A 60 6.43 3.31 20.26
CA VAL A 60 6.34 1.95 19.77
C VAL A 60 5.18 1.21 20.43
N PRO A 61 4.69 0.16 19.75
CA PRO A 61 3.57 -0.66 20.25
C PRO A 61 3.96 -1.50 21.45
N PRO A 62 2.96 -2.07 22.14
CA PRO A 62 3.18 -2.92 23.31
C PRO A 62 3.84 -4.24 22.96
N THR A 63 3.94 -4.53 21.67
CA THR A 63 4.55 -5.77 21.20
C THR A 63 5.94 -5.95 21.80
N SER A 64 6.78 -4.92 21.68
CA SER A 64 8.14 -4.99 22.20
C SER A 64 8.80 -3.62 22.10
N SER A 65 9.68 -3.33 23.07
CA SER A 65 10.39 -2.06 23.10
C SER A 65 11.90 -2.27 22.96
N ASP A 66 12.32 -3.51 23.10
CA ASP A 66 13.74 -3.85 22.99
C ASP A 66 14.21 -3.73 21.55
N SER A 67 13.59 -4.50 20.66
CA SER A 67 13.96 -4.47 19.25
C SER A 67 12.77 -4.85 18.37
N PRO A 68 11.77 -3.95 18.31
CA PRO A 68 10.56 -4.15 17.53
C PRO A 68 10.83 -4.09 16.02
N SER A 69 9.87 -4.54 15.23
CA SER A 69 10.00 -4.54 13.78
C SER A 69 9.22 -3.40 13.16
N VAL A 70 8.81 -2.44 13.99
CA VAL A 70 8.04 -1.29 13.52
C VAL A 70 8.82 -0.51 12.47
N GLY A 71 10.15 -0.58 12.55
CA GLY A 71 10.98 0.13 11.60
C GLY A 71 11.07 -0.58 10.26
N GLU A 72 11.03 -1.91 10.29
CA GLU A 72 11.11 -2.70 9.08
C GLU A 72 9.82 -2.55 8.25
N TYR A 73 8.68 -2.82 8.87
CA TYR A 73 7.40 -2.72 8.19
C TYR A 73 7.14 -1.28 7.75
N LEU A 74 7.69 -0.33 8.48
CA LEU A 74 7.51 1.08 8.17
C LEU A 74 8.33 1.47 6.94
N MET A 75 9.52 0.89 6.82
CA MET A 75 10.40 1.15 5.69
C MET A 75 9.69 0.86 4.37
N PHE A 76 9.25 -0.38 4.20
CA PHE A 76 8.57 -0.79 2.98
C PHE A 76 7.24 -0.05 2.83
N THR A 77 6.60 0.23 3.96
CA THR A 77 5.31 0.94 3.95
C THR A 77 5.42 2.26 3.20
N MET A 78 6.32 3.12 3.66
CA MET A 78 6.51 4.41 3.03
C MET A 78 6.81 4.26 1.53
N VAL A 79 7.59 3.24 1.20
CA VAL A 79 7.94 2.98 -0.20
C VAL A 79 6.70 2.71 -1.04
N LEU A 80 5.78 1.92 -0.50
CA LEU A 80 4.54 1.59 -1.20
C LEU A 80 3.60 2.78 -1.24
N VAL A 81 3.62 3.60 -0.19
CA VAL A 81 2.78 4.78 -0.11
C VAL A 81 3.21 5.82 -1.14
N THR A 82 4.51 6.12 -1.16
CA THR A 82 5.05 7.10 -2.09
C THR A 82 4.64 6.79 -3.52
N PHE A 83 4.74 5.52 -3.89
CA PHE A 83 4.37 5.09 -5.25
C PHE A 83 2.93 5.45 -5.57
N SER A 84 2.03 5.19 -4.62
CA SER A 84 0.62 5.47 -4.81
C SER A 84 0.41 6.95 -5.13
N ILE A 85 1.05 7.82 -4.36
CA ILE A 85 0.94 9.26 -4.56
C ILE A 85 1.35 9.65 -5.98
N VAL A 86 2.48 9.10 -6.42
CA VAL A 86 2.99 9.38 -7.76
C VAL A 86 2.00 8.95 -8.83
N THR A 87 1.18 7.95 -8.51
CA THR A 87 0.19 7.44 -9.44
C THR A 87 -1.04 8.34 -9.49
N SER A 88 -1.62 8.62 -8.33
CA SER A 88 -2.79 9.47 -8.23
C SER A 88 -2.49 10.88 -8.74
N VAL A 89 -1.29 11.37 -8.43
CA VAL A 89 -0.88 12.70 -8.86
C VAL A 89 -0.79 12.79 -10.38
N CYS A 90 -0.21 11.76 -10.99
CA CYS A 90 -0.07 11.72 -12.44
C CYS A 90 -1.42 11.82 -13.13
N VAL A 91 -2.43 11.18 -12.53
CA VAL A 91 -3.77 11.18 -13.08
C VAL A 91 -4.33 12.60 -13.16
N LEU A 92 -4.25 13.31 -12.04
CA LEU A 92 -4.75 14.69 -11.98
C LEU A 92 -4.02 15.58 -12.98
N ASN A 93 -2.72 15.75 -12.78
CA ASN A 93 -1.91 16.57 -13.66
C ASN A 93 -0.79 15.76 -14.30
N VAL A 94 -0.75 15.75 -15.62
CA VAL A 94 0.27 15.00 -16.35
C VAL A 94 1.03 15.91 -17.30
N HIS A 95 2.26 15.51 -17.65
CA HIS A 95 3.09 16.28 -18.55
C HIS A 95 3.88 15.37 -19.48
N HIS A 96 3.22 14.83 -20.49
CA HIS A 96 3.87 13.93 -21.44
C HIS A 96 3.63 14.41 -22.88
N ARG A 97 3.62 15.72 -23.07
CA ARG A 97 3.40 16.30 -24.39
C ARG A 97 4.73 16.48 -25.13
N SER A 98 4.67 16.43 -26.45
CA SER A 98 5.86 16.58 -27.27
C SER A 98 5.54 17.35 -28.55
N PRO A 99 6.59 17.91 -29.19
CA PRO A 99 6.44 18.68 -30.43
C PRO A 99 6.07 17.81 -31.61
N GLU A 100 6.54 16.56 -31.60
CA GLU A 100 6.25 15.63 -32.68
C GLU A 100 5.97 14.24 -32.13
N THR A 101 5.08 13.51 -32.79
CA THR A 101 4.73 12.16 -32.38
C THR A 101 3.77 11.50 -33.37
N HIS A 102 4.33 10.87 -34.39
CA HIS A 102 3.54 10.20 -35.41
C HIS A 102 2.53 9.25 -34.77
N THR A 103 2.91 8.67 -33.64
CA THR A 103 2.04 7.73 -32.92
C THR A 103 0.99 8.47 -32.12
N GLY A 104 -0.25 7.97 -32.17
CA GLY A 104 -1.33 8.60 -31.43
C GLY A 104 -1.45 8.07 -30.01
N GLY A 105 -0.81 6.94 -29.75
CA GLY A 105 -0.86 6.35 -28.43
C GLY A 105 -2.19 5.67 -28.14
N GLY A 106 -2.35 5.18 -26.92
CA GLY A 106 -3.59 4.51 -26.55
C GLY A 106 -3.70 4.30 -25.05
N GLY A 107 -3.77 3.04 -24.63
CA GLY A 107 -3.89 2.74 -23.22
C GLY A 107 -3.11 1.51 -22.83
N GLY A 108 -3.41 0.97 -21.64
CA GLY A 108 -2.72 -0.21 -21.16
C GLY A 108 -1.66 0.10 -20.13
N ILE A 109 -1.06 1.28 -20.23
CA ILE A 109 -0.03 1.71 -19.28
C ILE A 109 -0.52 1.55 -17.84
N ASP A 110 -1.81 1.81 -17.63
CA ASP A 110 -2.40 1.70 -16.30
C ASP A 110 -2.33 0.28 -15.79
N ARG A 111 -2.67 -0.68 -16.65
CA ARG A 111 -2.64 -2.09 -16.28
C ARG A 111 -1.26 -2.49 -15.78
N LEU A 112 -0.23 -2.01 -16.47
CA LEU A 112 1.15 -2.32 -16.10
C LEU A 112 1.46 -1.81 -14.70
N PHE A 113 1.15 -0.55 -14.44
CA PHE A 113 1.40 0.06 -13.14
C PHE A 113 0.69 -0.73 -12.04
N LEU A 114 -0.45 -1.31 -12.37
CA LEU A 114 -1.22 -2.09 -11.41
C LEU A 114 -0.58 -3.45 -11.16
N TRP A 115 -0.22 -4.13 -12.24
CA TRP A 115 0.41 -5.44 -12.14
C TRP A 115 1.62 -5.41 -11.23
N ILE A 116 2.42 -4.36 -11.38
CA ILE A 116 3.62 -4.20 -10.57
C ILE A 116 3.28 -3.77 -9.14
N PHE A 117 2.10 -3.16 -8.99
CA PHE A 117 1.65 -2.69 -7.68
C PHE A 117 1.21 -3.88 -6.82
N VAL A 118 0.40 -4.76 -7.40
CA VAL A 118 -0.09 -5.92 -6.68
C VAL A 118 1.04 -6.91 -6.40
N PHE A 119 2.07 -6.87 -7.24
CA PHE A 119 3.21 -7.77 -7.08
C PHE A 119 3.96 -7.47 -5.77
N VAL A 120 4.42 -6.24 -5.63
CA VAL A 120 5.16 -5.83 -4.44
C VAL A 120 4.28 -5.96 -3.20
N CYS A 121 2.97 -5.90 -3.40
CA CYS A 121 2.02 -6.00 -2.28
C CYS A 121 1.86 -7.45 -1.85
N VAL A 122 1.46 -8.31 -2.78
CA VAL A 122 1.26 -9.72 -2.48
C VAL A 122 2.58 -10.38 -2.07
N PHE A 123 3.66 -10.06 -2.79
CA PHE A 123 4.96 -10.62 -2.49
C PHE A 123 5.47 -10.12 -1.14
N GLY A 124 5.20 -8.86 -0.84
CA GLY A 124 5.64 -8.28 0.42
C GLY A 124 4.86 -8.81 1.60
N THR A 125 3.54 -8.64 1.56
CA THR A 125 2.68 -9.10 2.63
C THR A 125 2.85 -10.60 2.89
N ILE A 126 2.50 -11.40 1.89
CA ILE A 126 2.63 -12.85 2.00
C ILE A 126 4.04 -13.25 2.39
N GLY A 127 5.02 -12.44 2.00
CA GLY A 127 6.40 -12.73 2.33
C GLY A 127 6.62 -12.95 3.81
N MET A 128 6.20 -11.98 4.62
CA MET A 128 6.36 -12.07 6.06
C MET A 128 5.20 -12.86 6.68
N PHE A 129 4.09 -12.92 5.96
CA PHE A 129 2.91 -13.64 6.44
C PHE A 129 3.12 -15.14 6.32
N LEU A 130 4.12 -15.54 5.55
CA LEU A 130 4.42 -16.96 5.35
C LEU A 130 5.29 -17.49 6.50
N GLN A 131 5.62 -16.62 7.44
CA GLN A 131 6.44 -17.01 8.58
C GLN A 131 5.69 -18.00 9.47
N PRO A 132 4.52 -17.57 9.97
CA PRO A 132 3.68 -18.40 10.84
C PRO A 132 3.05 -19.57 10.10
N LEU A 133 2.80 -20.66 10.82
CA LEU A 133 2.21 -21.85 10.23
C LEU A 133 0.77 -21.58 9.79
N PHE A 134 0.13 -20.61 10.44
CA PHE A 134 -1.25 -20.26 10.13
C PHE A 134 -1.66 -18.99 10.87
N GLN A 135 -2.92 -18.59 10.69
CA GLN A 135 -3.44 -17.39 11.34
C GLN A 135 -3.48 -17.58 12.86
N GLU A 136 -3.65 -18.83 13.30
CA GLU A 136 -3.71 -19.13 14.72
C GLU A 136 -4.86 -18.39 15.39
N GLU A 137 -6.07 -18.91 15.21
CA GLU A 137 -7.25 -18.30 15.80
C GLU A 137 -7.22 -18.40 17.32
N ASN A 2 6.27 -22.40 26.54
CA ASN A 2 6.71 -21.40 25.58
C ASN A 2 5.53 -20.63 25.02
N ALA A 3 5.02 -19.68 25.81
CA ALA A 3 3.89 -18.86 25.40
C ALA A 3 4.36 -17.50 24.89
N GLU A 4 4.47 -17.37 23.57
CA GLU A 4 4.91 -16.12 22.97
C GLU A 4 3.85 -15.59 22.00
N GLU A 5 2.60 -15.60 22.44
CA GLU A 5 1.49 -15.12 21.62
C GLU A 5 0.73 -14.01 22.34
N GLU A 6 0.87 -12.79 21.83
CA GLU A 6 0.19 -11.64 22.42
C GLU A 6 0.54 -10.35 21.67
N PRO A 7 1.84 -10.04 21.63
CA PRO A 7 2.34 -8.83 20.95
C PRO A 7 2.22 -8.94 19.43
N LEU A 8 2.20 -10.16 18.92
CA LEU A 8 2.10 -10.39 17.49
C LEU A 8 0.72 -9.97 16.97
N PHE A 9 -0.22 -9.80 17.90
CA PHE A 9 -1.57 -9.39 17.54
C PHE A 9 -1.58 -8.01 16.87
N TYR A 10 -0.51 -7.26 17.09
CA TYR A 10 -0.39 -5.92 16.53
C TYR A 10 -0.09 -5.99 15.03
N THR A 11 1.04 -6.61 14.69
CA THR A 11 1.44 -6.75 13.29
C THR A 11 0.33 -7.37 12.46
N ILE A 12 -0.39 -8.33 13.06
CA ILE A 12 -1.48 -9.00 12.37
C ILE A 12 -2.61 -8.03 12.05
N ASN A 13 -2.93 -7.16 13.00
CA ASN A 13 -4.00 -6.19 12.82
C ASN A 13 -3.59 -5.12 11.81
N LEU A 14 -2.30 -5.10 11.47
CA LEU A 14 -1.78 -4.13 10.51
C LEU A 14 -1.87 -4.66 9.08
N ILE A 15 -1.85 -5.99 8.95
CA ILE A 15 -1.95 -6.61 7.63
C ILE A 15 -3.39 -6.65 7.14
N ILE A 16 -4.32 -6.74 8.08
CA ILE A 16 -5.74 -6.77 7.75
C ILE A 16 -6.12 -5.62 6.82
N PRO A 17 -5.86 -4.38 7.27
CA PRO A 17 -6.16 -3.17 6.50
C PRO A 17 -5.26 -3.02 5.29
N CYS A 18 -3.98 -3.38 5.46
CA CYS A 18 -3.02 -3.29 4.37
C CYS A 18 -3.53 -3.98 3.12
N VAL A 19 -3.92 -5.24 3.25
CA VAL A 19 -4.43 -6.01 2.14
C VAL A 19 -5.86 -5.59 1.78
N LEU A 20 -6.57 -5.04 2.76
CA LEU A 20 -7.94 -4.60 2.55
C LEU A 20 -7.99 -3.42 1.58
N ILE A 21 -7.26 -2.35 1.90
CA ILE A 21 -7.21 -1.17 1.06
C ILE A 21 -6.73 -1.52 -0.35
N THR A 22 -5.70 -2.35 -0.42
CA THR A 22 -5.14 -2.77 -1.71
C THR A 22 -6.23 -3.30 -2.63
N SER A 23 -7.04 -4.22 -2.12
CA SER A 23 -8.12 -4.82 -2.90
C SER A 23 -9.04 -3.75 -3.45
N LEU A 24 -9.31 -2.74 -2.63
CA LEU A 24 -10.19 -1.64 -3.05
C LEU A 24 -9.65 -0.94 -4.28
N ALA A 25 -8.34 -0.67 -4.28
CA ALA A 25 -7.70 -0.01 -5.42
C ALA A 25 -7.76 -0.88 -6.67
N ILE A 26 -7.80 -2.19 -6.47
CA ILE A 26 -7.86 -3.14 -7.57
C ILE A 26 -9.25 -3.21 -8.17
N LEU A 27 -10.27 -3.10 -7.31
CA LEU A 27 -11.65 -3.14 -7.76
C LEU A 27 -12.05 -1.83 -8.44
N VAL A 28 -11.47 -0.74 -7.98
CA VAL A 28 -11.76 0.57 -8.54
C VAL A 28 -11.31 0.66 -10.00
N PHE A 29 -10.03 0.37 -10.24
CA PHE A 29 -9.49 0.41 -11.58
C PHE A 29 -10.21 -0.57 -12.50
N TYR A 30 -10.69 -1.65 -11.91
CA TYR A 30 -11.40 -2.68 -12.68
C TYR A 30 -12.82 -2.23 -13.01
N LEU A 31 -13.46 -1.56 -12.05
CA LEU A 31 -14.81 -1.07 -12.24
C LEU A 31 -14.86 0.45 -12.20
N PRO A 32 -14.33 1.09 -13.25
CA PRO A 32 -14.29 2.55 -13.37
C PRO A 32 -15.67 3.14 -13.59
N SER A 33 -16.18 3.86 -12.58
CA SER A 33 -17.49 4.47 -12.67
C SER A 33 -17.37 5.95 -13.05
N ASP A 34 -16.19 6.51 -12.87
CA ASP A 34 -15.94 7.91 -13.20
C ASP A 34 -16.83 8.82 -12.36
N CYS A 35 -16.95 8.52 -11.08
CA CYS A 35 -17.77 9.31 -10.17
C CYS A 35 -16.90 10.10 -9.20
N GLY A 36 -15.59 10.00 -9.38
CA GLY A 36 -14.66 10.71 -8.51
C GLY A 36 -14.15 9.84 -7.39
N GLU A 37 -14.47 8.56 -7.44
CA GLU A 37 -14.02 7.62 -6.40
C GLU A 37 -12.50 7.50 -6.40
N LYS A 38 -11.89 7.72 -7.56
CA LYS A 38 -10.44 7.63 -7.69
C LYS A 38 -9.75 8.57 -6.70
N MET A 39 -10.13 9.84 -6.72
CA MET A 39 -9.56 10.84 -5.83
C MET A 39 -9.85 10.50 -4.37
N THR A 40 -11.06 10.03 -4.11
CA THR A 40 -11.47 9.67 -2.75
C THR A 40 -10.61 8.52 -2.21
N LEU A 41 -10.29 7.57 -3.08
CA LEU A 41 -9.47 6.43 -2.68
C LEU A 41 -8.10 6.88 -2.21
N CYS A 42 -7.48 7.79 -2.96
CA CYS A 42 -6.16 8.30 -2.62
C CYS A 42 -6.16 8.88 -1.20
N ILE A 43 -7.22 9.60 -0.86
CA ILE A 43 -7.33 10.21 0.45
C ILE A 43 -7.66 9.15 1.52
N SER A 44 -8.30 8.07 1.09
CA SER A 44 -8.67 7.00 2.01
C SER A 44 -7.46 6.15 2.37
N VAL A 45 -6.79 5.62 1.36
CA VAL A 45 -5.60 4.79 1.57
C VAL A 45 -4.51 5.57 2.30
N LEU A 46 -4.50 6.88 2.12
CA LEU A 46 -3.52 7.74 2.76
C LEU A 46 -3.87 7.98 4.22
N LEU A 47 -5.17 7.97 4.52
CA LEU A 47 -5.64 8.19 5.88
C LEU A 47 -5.30 7.00 6.77
N ALA A 48 -5.66 5.80 6.32
CA ALA A 48 -5.38 4.58 7.07
C ALA A 48 -3.89 4.44 7.36
N LEU A 49 -3.08 4.64 6.32
CA LEU A 49 -1.62 4.54 6.46
C LEU A 49 -1.09 5.58 7.42
N THR A 50 -1.76 6.74 7.48
CA THR A 50 -1.35 7.82 8.37
C THR A 50 -1.64 7.48 9.83
N VAL A 51 -2.73 6.74 10.05
CA VAL A 51 -3.12 6.35 11.40
C VAL A 51 -2.04 5.49 12.05
N PHE A 52 -1.76 4.34 11.45
CA PHE A 52 -0.74 3.43 11.97
C PHE A 52 0.63 4.09 11.97
N LEU A 53 0.90 4.87 10.93
CA LEU A 53 2.19 5.56 10.81
C LEU A 53 2.48 6.39 12.06
N LEU A 54 1.59 7.32 12.37
CA LEU A 54 1.75 8.18 13.53
C LEU A 54 1.98 7.35 14.79
N LEU A 55 1.37 6.18 14.85
CA LEU A 55 1.51 5.29 16.00
C LEU A 55 2.98 5.03 16.30
N ILE A 56 3.71 4.51 15.33
CA ILE A 56 5.12 4.22 15.50
C ILE A 56 5.96 5.49 15.36
N SER A 57 5.40 6.48 14.70
CA SER A 57 6.10 7.76 14.49
C SER A 57 6.57 8.33 15.81
N LYS A 58 5.80 8.09 16.87
CA LYS A 58 6.14 8.58 18.20
C LYS A 58 6.89 7.53 19.00
N ILE A 59 6.33 6.31 19.04
CA ILE A 59 6.94 5.21 19.76
C ILE A 59 6.62 3.88 19.11
N VAL A 60 7.65 3.05 18.92
CA VAL A 60 7.48 1.73 18.31
C VAL A 60 6.36 0.95 18.98
N PRO A 61 5.78 -0.01 18.25
CA PRO A 61 4.69 -0.84 18.76
C PRO A 61 5.17 -1.82 19.84
N PRO A 62 4.21 -2.44 20.54
CA PRO A 62 4.51 -3.40 21.60
C PRO A 62 5.09 -4.70 21.05
N THR A 63 5.08 -4.85 19.74
CA THR A 63 5.61 -6.05 19.09
C THR A 63 7.09 -5.89 18.77
N SER A 64 7.54 -4.64 18.67
CA SER A 64 8.93 -4.35 18.37
C SER A 64 9.86 -5.04 19.36
N SER A 65 10.80 -5.83 18.84
CA SER A 65 11.75 -6.55 19.68
C SER A 65 12.75 -7.33 18.83
N ASP A 66 14.01 -6.94 18.91
CA ASP A 66 15.06 -7.61 18.16
C ASP A 66 14.78 -7.55 16.66
N SER A 67 15.30 -6.52 16.01
CA SER A 67 15.10 -6.34 14.57
C SER A 67 13.61 -6.19 14.25
N PRO A 68 13.03 -5.05 14.61
CA PRO A 68 11.61 -4.76 14.37
C PRO A 68 11.31 -4.57 12.89
N SER A 69 10.09 -4.93 12.48
CA SER A 69 9.67 -4.79 11.09
C SER A 69 9.12 -3.40 10.82
N VAL A 70 8.94 -2.63 11.89
CA VAL A 70 8.43 -1.27 11.77
C VAL A 70 9.24 -0.45 10.79
N GLY A 71 10.54 -0.71 10.74
CA GLY A 71 11.41 0.00 9.83
C GLY A 71 11.18 -0.37 8.38
N GLU A 72 11.38 -1.65 8.06
CA GLU A 72 11.19 -2.12 6.70
C GLU A 72 9.80 -1.77 6.18
N TYR A 73 8.79 -1.96 7.03
CA TYR A 73 7.41 -1.66 6.65
C TYR A 73 7.30 -0.24 6.12
N LEU A 74 7.81 0.72 6.87
CA LEU A 74 7.76 2.12 6.47
C LEU A 74 8.63 2.37 5.24
N MET A 75 9.72 1.63 5.14
CA MET A 75 10.64 1.76 4.01
C MET A 75 9.92 1.45 2.69
N PHE A 76 9.41 0.23 2.58
CA PHE A 76 8.69 -0.18 1.36
C PHE A 76 7.42 0.63 1.19
N THR A 77 6.86 1.10 2.29
CA THR A 77 5.63 1.88 2.26
C THR A 77 5.82 3.18 1.46
N MET A 78 6.85 3.94 1.83
CA MET A 78 7.15 5.19 1.15
C MET A 78 7.43 4.95 -0.33
N VAL A 79 8.21 3.92 -0.63
CA VAL A 79 8.56 3.59 -2.00
C VAL A 79 7.31 3.47 -2.86
N LEU A 80 6.37 2.64 -2.43
CA LEU A 80 5.13 2.43 -3.16
C LEU A 80 4.26 3.69 -3.14
N VAL A 81 4.17 4.31 -1.97
CA VAL A 81 3.38 5.52 -1.80
C VAL A 81 3.77 6.58 -2.82
N THR A 82 5.07 6.72 -3.05
CA THR A 82 5.59 7.69 -4.01
C THR A 82 5.10 7.38 -5.42
N PHE A 83 5.17 6.11 -5.80
CA PHE A 83 4.74 5.68 -7.12
C PHE A 83 3.26 5.97 -7.33
N SER A 84 2.47 5.71 -6.29
CA SER A 84 1.03 5.93 -6.36
C SER A 84 0.71 7.39 -6.64
N ILE A 85 1.24 8.28 -5.80
CA ILE A 85 1.01 9.71 -5.95
C ILE A 85 1.38 10.18 -7.35
N VAL A 86 2.46 9.61 -7.89
CA VAL A 86 2.93 9.97 -9.23
C VAL A 86 1.84 9.71 -10.26
N THR A 87 1.19 8.56 -10.16
CA THR A 87 0.13 8.19 -11.09
C THR A 87 -1.14 8.99 -10.82
N SER A 88 -1.28 9.49 -9.60
CA SER A 88 -2.45 10.26 -9.21
C SER A 88 -2.50 11.57 -9.99
N VAL A 89 -1.41 12.34 -9.93
CA VAL A 89 -1.34 13.62 -10.62
C VAL A 89 -1.28 13.42 -12.13
N CYS A 90 -0.81 12.24 -12.56
CA CYS A 90 -0.70 11.93 -13.98
C CYS A 90 -2.08 11.69 -14.59
N VAL A 91 -2.82 10.76 -14.00
CA VAL A 91 -4.16 10.43 -14.49
C VAL A 91 -5.12 11.59 -14.29
N LEU A 92 -4.75 12.51 -13.39
CA LEU A 92 -5.58 13.67 -13.12
C LEU A 92 -5.51 14.68 -14.25
N ASN A 93 -4.29 15.11 -14.58
CA ASN A 93 -4.09 16.08 -15.65
C ASN A 93 -2.60 16.25 -15.94
N VAL A 94 -2.23 16.06 -17.21
CA VAL A 94 -0.83 16.21 -17.63
C VAL A 94 -0.73 16.44 -19.13
N HIS A 95 0.30 17.18 -19.54
CA HIS A 95 0.51 17.46 -20.95
C HIS A 95 1.92 18.01 -21.18
N HIS A 96 2.29 19.01 -20.39
CA HIS A 96 3.61 19.63 -20.50
C HIS A 96 4.32 19.66 -19.16
N ARG A 97 5.02 18.57 -18.84
CA ARG A 97 5.74 18.47 -17.58
C ARG A 97 7.02 17.67 -17.75
N SER A 98 7.54 17.64 -18.98
CA SER A 98 8.76 16.90 -19.28
C SER A 98 9.54 17.58 -20.40
N PRO A 99 10.84 17.25 -20.49
CA PRO A 99 11.73 17.82 -21.52
C PRO A 99 11.39 17.32 -22.92
N GLU A 100 11.22 16.00 -23.04
CA GLU A 100 10.91 15.39 -24.32
C GLU A 100 9.43 15.06 -24.41
N THR A 101 8.86 15.23 -25.60
CA THR A 101 7.44 14.95 -25.83
C THR A 101 7.21 13.46 -26.07
N HIS A 102 6.80 12.75 -25.03
CA HIS A 102 6.54 11.31 -25.14
C HIS A 102 5.17 10.97 -24.57
N THR A 103 4.18 10.83 -25.45
CA THR A 103 2.83 10.50 -25.04
C THR A 103 2.20 9.48 -25.98
N GLY A 104 1.07 8.90 -25.55
CA GLY A 104 0.38 7.93 -26.37
C GLY A 104 0.99 6.54 -26.24
N GLY A 105 0.68 5.87 -25.13
CA GLY A 105 1.20 4.54 -24.91
C GLY A 105 0.24 3.46 -25.36
N GLY A 106 0.39 2.26 -24.81
CA GLY A 106 -0.47 1.15 -25.18
C GLY A 106 -1.89 1.34 -24.68
N GLY A 107 -2.69 0.28 -24.77
CA GLY A 107 -4.07 0.35 -24.32
C GLY A 107 -4.31 -0.41 -23.03
N GLY A 108 -3.36 -1.28 -22.68
CA GLY A 108 -3.50 -2.07 -21.47
C GLY A 108 -2.66 -1.52 -20.34
N ILE A 109 -2.21 -0.27 -20.48
CA ILE A 109 -1.39 0.37 -19.45
C ILE A 109 -2.04 0.26 -18.08
N ASP A 110 -3.37 0.35 -18.06
CA ASP A 110 -4.12 0.25 -16.81
C ASP A 110 -3.92 -1.10 -16.15
N ARG A 111 -4.24 -2.16 -16.88
CA ARG A 111 -4.09 -3.52 -16.37
C ARG A 111 -2.62 -3.85 -16.09
N LEU A 112 -1.73 -3.14 -16.78
CA LEU A 112 -0.29 -3.35 -16.61
C LEU A 112 0.17 -2.86 -15.25
N PHE A 113 -0.12 -1.60 -14.94
CA PHE A 113 0.27 -1.02 -13.67
C PHE A 113 -0.38 -1.77 -12.50
N LEU A 114 -1.52 -2.40 -12.78
CA LEU A 114 -2.23 -3.15 -11.76
C LEU A 114 -1.54 -4.47 -11.47
N TRP A 115 -1.27 -5.24 -12.53
CA TRP A 115 -0.60 -6.52 -12.39
C TRP A 115 0.69 -6.39 -11.60
N ILE A 116 1.51 -5.42 -11.97
CA ILE A 116 2.78 -5.18 -11.30
C ILE A 116 2.57 -4.68 -9.88
N PHE A 117 1.43 -4.01 -9.65
CA PHE A 117 1.10 -3.47 -8.35
C PHE A 117 0.65 -4.59 -7.40
N VAL A 118 -0.04 -5.57 -7.95
CA VAL A 118 -0.53 -6.70 -7.16
C VAL A 118 0.59 -7.66 -6.81
N PHE A 119 1.59 -7.75 -7.69
CA PHE A 119 2.72 -8.63 -7.48
C PHE A 119 3.59 -8.14 -6.32
N VAL A 120 3.86 -6.83 -6.29
CA VAL A 120 4.68 -6.23 -5.25
C VAL A 120 3.95 -6.28 -3.90
N CYS A 121 2.62 -6.19 -3.94
CA CYS A 121 1.82 -6.23 -2.73
C CYS A 121 1.63 -7.66 -2.24
N VAL A 122 1.80 -8.62 -3.15
CA VAL A 122 1.65 -10.03 -2.81
C VAL A 122 2.92 -10.58 -2.17
N PHE A 123 4.04 -10.44 -2.88
CA PHE A 123 5.32 -10.92 -2.39
C PHE A 123 5.69 -10.26 -1.06
N GLY A 124 5.58 -8.93 -1.02
CA GLY A 124 5.90 -8.20 0.19
C GLY A 124 5.04 -8.62 1.37
N THR A 125 3.72 -8.59 1.17
CA THR A 125 2.78 -8.96 2.22
C THR A 125 3.07 -10.36 2.75
N ILE A 126 3.12 -11.33 1.85
CA ILE A 126 3.40 -12.71 2.23
C ILE A 126 4.73 -12.82 2.96
N GLY A 127 5.68 -11.98 2.57
CA GLY A 127 6.99 -12.00 3.20
C GLY A 127 6.91 -11.85 4.71
N MET A 128 6.31 -10.76 5.17
CA MET A 128 6.17 -10.50 6.59
C MET A 128 5.06 -11.36 7.20
N PHE A 129 4.14 -11.83 6.35
CA PHE A 129 3.05 -12.66 6.80
C PHE A 129 3.51 -14.09 7.05
N LEU A 130 4.69 -14.42 6.54
CA LEU A 130 5.24 -15.76 6.71
C LEU A 130 5.97 -15.88 8.04
N GLN A 131 6.04 -14.77 8.78
CA GLN A 131 6.70 -14.76 10.07
C GLN A 131 6.01 -15.70 11.05
N PRO A 132 4.71 -15.44 11.29
CA PRO A 132 3.90 -16.25 12.21
C PRO A 132 3.63 -17.65 11.66
N LEU A 133 3.46 -18.61 12.57
CA LEU A 133 3.19 -19.99 12.17
C LEU A 133 1.82 -20.11 11.51
N PHE A 134 0.91 -19.20 11.85
CA PHE A 134 -0.42 -19.21 11.29
C PHE A 134 -1.19 -17.96 11.72
N GLN A 135 -2.44 -17.87 11.26
CA GLN A 135 -3.30 -16.73 11.60
C GLN A 135 -3.56 -16.66 13.10
N GLU A 136 -3.45 -17.82 13.77
CA GLU A 136 -3.67 -17.90 15.20
C GLU A 136 -5.06 -17.37 15.57
N GLU A 137 -6.08 -18.19 15.34
CA GLU A 137 -7.45 -17.79 15.64
C GLU A 137 -7.76 -17.99 17.12
N ASN A 2 8.81 -11.37 24.22
CA ASN A 2 8.01 -12.34 24.96
C ASN A 2 6.81 -12.80 24.14
N ALA A 3 6.16 -13.86 24.62
CA ALA A 3 4.99 -14.40 23.93
C ALA A 3 3.83 -14.60 24.89
N GLU A 4 3.34 -13.50 25.46
CA GLU A 4 2.23 -13.55 26.40
C GLU A 4 0.95 -13.02 25.77
N GLU A 5 0.75 -13.35 24.49
CA GLU A 5 -0.43 -12.90 23.76
C GLU A 5 -0.48 -11.38 23.70
N GLU A 6 0.02 -10.81 22.61
CA GLU A 6 0.03 -9.37 22.43
C GLU A 6 0.70 -8.99 21.11
N PRO A 7 1.98 -9.39 20.96
CA PRO A 7 2.75 -9.11 19.75
C PRO A 7 2.26 -9.89 18.55
N LEU A 8 1.59 -11.01 18.80
CA LEU A 8 1.06 -11.86 17.74
C LEU A 8 -0.12 -11.19 17.04
N PHE A 9 -0.96 -10.52 17.84
CA PHE A 9 -2.13 -9.84 17.29
C PHE A 9 -1.73 -8.57 16.56
N TYR A 10 -0.60 -7.99 16.97
CA TYR A 10 -0.11 -6.76 16.36
C TYR A 10 0.17 -6.97 14.87
N THR A 11 1.09 -7.88 14.57
CA THR A 11 1.45 -8.18 13.19
C THR A 11 0.22 -8.50 12.36
N ILE A 12 -0.71 -9.24 12.95
CA ILE A 12 -1.94 -9.61 12.26
C ILE A 12 -2.78 -8.38 11.91
N ASN A 13 -2.84 -7.43 12.84
CA ASN A 13 -3.61 -6.21 12.63
C ASN A 13 -2.94 -5.33 11.59
N LEU A 14 -1.69 -5.63 11.27
CA LEU A 14 -0.92 -4.87 10.30
C LEU A 14 -1.14 -5.42 8.89
N ILE A 15 -1.49 -6.71 8.81
CA ILE A 15 -1.73 -7.35 7.52
C ILE A 15 -3.10 -6.99 6.97
N ILE A 16 -4.05 -6.79 7.88
CA ILE A 16 -5.41 -6.44 7.48
C ILE A 16 -5.42 -5.26 6.52
N PRO A 17 -4.84 -4.13 6.97
CA PRO A 17 -4.77 -2.90 6.16
C PRO A 17 -3.81 -3.05 4.98
N CYS A 18 -2.74 -3.79 5.19
CA CYS A 18 -1.75 -4.00 4.14
C CYS A 18 -2.40 -4.52 2.87
N VAL A 19 -3.09 -5.65 2.97
CA VAL A 19 -3.77 -6.26 1.83
C VAL A 19 -5.01 -5.46 1.45
N LEU A 20 -5.78 -5.06 2.45
CA LEU A 20 -6.99 -4.28 2.23
C LEU A 20 -6.71 -3.07 1.34
N ILE A 21 -5.78 -2.23 1.78
CA ILE A 21 -5.42 -1.04 1.03
C ILE A 21 -5.09 -1.38 -0.42
N THR A 22 -4.22 -2.37 -0.61
CA THR A 22 -3.82 -2.79 -1.95
C THR A 22 -5.03 -3.11 -2.81
N SER A 23 -5.87 -4.02 -2.31
CA SER A 23 -7.07 -4.42 -3.03
C SER A 23 -7.90 -3.20 -3.45
N LEU A 24 -8.15 -2.31 -2.49
CA LEU A 24 -8.92 -1.10 -2.75
C LEU A 24 -8.32 -0.31 -3.90
N ALA A 25 -6.99 -0.30 -3.97
CA ALA A 25 -6.29 0.42 -5.03
C ALA A 25 -6.40 -0.31 -6.36
N ILE A 26 -6.59 -1.62 -6.29
CA ILE A 26 -6.71 -2.45 -7.49
C ILE A 26 -8.10 -2.31 -8.11
N LEU A 27 -9.13 -2.55 -7.30
CA LEU A 27 -10.50 -2.46 -7.76
C LEU A 27 -10.78 -1.10 -8.40
N VAL A 28 -10.36 -0.04 -7.71
CA VAL A 28 -10.55 1.32 -8.21
C VAL A 28 -9.90 1.50 -9.58
N PHE A 29 -8.64 1.10 -9.68
CA PHE A 29 -7.90 1.22 -10.94
C PHE A 29 -8.62 0.48 -12.07
N TYR A 30 -9.14 -0.70 -11.74
CA TYR A 30 -9.86 -1.51 -12.72
C TYR A 30 -11.25 -0.95 -12.99
N LEU A 31 -11.66 0.01 -12.17
CA LEU A 31 -12.97 0.63 -12.33
C LEU A 31 -12.89 2.14 -12.09
N PRO A 32 -12.29 2.85 -13.04
CA PRO A 32 -12.14 4.31 -12.97
C PRO A 32 -13.46 5.04 -13.12
N SER A 33 -13.74 5.96 -12.20
CA SER A 33 -14.97 6.73 -12.23
C SER A 33 -14.73 8.14 -12.73
N ASP A 34 -15.79 8.93 -12.83
CA ASP A 34 -15.69 10.30 -13.29
C ASP A 34 -16.32 11.28 -12.29
N CYS A 35 -16.47 10.82 -11.05
CA CYS A 35 -17.06 11.64 -10.01
C CYS A 35 -15.99 12.08 -9.01
N GLY A 36 -14.82 11.46 -9.08
CA GLY A 36 -13.74 11.80 -8.18
C GLY A 36 -13.43 10.69 -7.21
N GLU A 37 -13.99 9.50 -7.45
CA GLU A 37 -13.76 8.36 -6.58
C GLU A 37 -12.27 8.08 -6.42
N LYS A 38 -11.50 8.35 -7.47
CA LYS A 38 -10.06 8.14 -7.44
C LYS A 38 -9.42 8.91 -6.30
N MET A 39 -9.64 10.23 -6.28
CA MET A 39 -9.08 11.08 -5.24
C MET A 39 -9.51 10.60 -3.86
N THR A 40 -10.80 10.33 -3.70
CA THR A 40 -11.35 9.86 -2.43
C THR A 40 -10.60 8.62 -1.95
N LEU A 41 -10.09 7.85 -2.89
CA LEU A 41 -9.36 6.62 -2.56
C LEU A 41 -7.99 6.94 -1.98
N CYS A 42 -7.32 7.94 -2.56
CA CYS A 42 -6.01 8.35 -2.10
C CYS A 42 -6.05 8.80 -0.65
N ILE A 43 -7.05 9.62 -0.32
CA ILE A 43 -7.21 10.13 1.04
C ILE A 43 -7.70 9.03 1.98
N SER A 44 -8.39 8.05 1.43
CA SER A 44 -8.92 6.95 2.22
C SER A 44 -7.79 6.02 2.67
N VAL A 45 -7.03 5.52 1.71
CA VAL A 45 -5.92 4.63 2.01
C VAL A 45 -4.94 5.27 2.98
N LEU A 46 -4.73 6.57 2.83
CA LEU A 46 -3.82 7.31 3.70
C LEU A 46 -4.38 7.42 5.12
N LEU A 47 -5.69 7.60 5.21
CA LEU A 47 -6.35 7.72 6.51
C LEU A 47 -6.00 6.54 7.41
N ALA A 48 -6.20 5.33 6.90
CA ALA A 48 -5.90 4.11 7.66
C ALA A 48 -4.44 4.09 8.10
N LEU A 49 -3.54 4.41 7.17
CA LEU A 49 -2.11 4.43 7.46
C LEU A 49 -1.80 5.42 8.57
N THR A 50 -2.61 6.45 8.69
CA THR A 50 -2.42 7.48 9.71
C THR A 50 -2.73 6.93 11.10
N VAL A 51 -3.84 6.20 11.22
CA VAL A 51 -4.23 5.61 12.50
C VAL A 51 -3.09 4.80 13.09
N PHE A 52 -2.62 3.81 12.35
CA PHE A 52 -1.53 2.95 12.81
C PHE A 52 -0.26 3.75 13.02
N LEU A 53 -0.02 4.72 12.13
CA LEU A 53 1.16 5.57 12.22
C LEU A 53 1.32 6.16 13.61
N LEU A 54 0.31 6.91 14.04
CA LEU A 54 0.33 7.54 15.35
C LEU A 54 0.53 6.50 16.45
N LEU A 55 0.00 5.30 16.23
CA LEU A 55 0.12 4.22 17.21
C LEU A 55 1.58 4.01 17.59
N ILE A 56 2.41 3.62 16.62
CA ILE A 56 3.83 3.39 16.87
C ILE A 56 4.57 4.72 17.02
N SER A 57 4.03 5.77 16.43
CA SER A 57 4.65 7.09 16.50
C SER A 57 4.95 7.48 17.95
N LYS A 58 4.12 6.97 18.87
CA LYS A 58 4.30 7.26 20.29
C LYS A 58 5.11 6.17 20.96
N ILE A 59 4.74 4.92 20.75
CA ILE A 59 5.44 3.78 21.33
C ILE A 59 5.35 2.55 20.45
N VAL A 60 6.49 1.90 20.22
CA VAL A 60 6.54 0.71 19.39
C VAL A 60 6.27 -0.55 20.21
N PRO A 61 5.78 -1.61 19.55
CA PRO A 61 5.47 -2.89 20.19
C PRO A 61 6.73 -3.62 20.64
N PRO A 62 6.54 -4.67 21.46
CA PRO A 62 7.65 -5.49 21.96
C PRO A 62 8.30 -6.33 20.88
N THR A 63 7.66 -6.38 19.71
CA THR A 63 8.17 -7.15 18.59
C THR A 63 9.37 -6.46 17.94
N SER A 64 10.54 -6.61 18.54
CA SER A 64 11.76 -5.99 18.03
C SER A 64 12.99 -6.58 18.72
N SER A 65 13.41 -7.76 18.27
CA SER A 65 14.57 -8.43 18.83
C SER A 65 15.62 -8.69 17.75
N ASP A 66 15.29 -9.59 16.82
CA ASP A 66 16.21 -9.92 15.74
C ASP A 66 16.13 -8.91 14.62
N SER A 67 14.90 -8.57 14.21
CA SER A 67 14.69 -7.62 13.14
C SER A 67 13.54 -6.67 13.47
N PRO A 68 13.50 -5.51 12.79
CA PRO A 68 12.46 -4.51 13.00
C PRO A 68 11.10 -4.97 12.50
N SER A 69 10.09 -4.10 12.65
CA SER A 69 8.74 -4.42 12.20
C SER A 69 8.05 -3.19 11.63
N VAL A 70 7.75 -2.23 12.51
CA VAL A 70 7.09 -0.99 12.09
C VAL A 70 7.88 -0.30 10.99
N GLY A 71 9.19 -0.43 11.04
CA GLY A 71 10.05 0.20 10.04
C GLY A 71 10.04 -0.54 8.72
N GLU A 72 10.10 -1.87 8.79
CA GLU A 72 10.11 -2.70 7.59
C GLU A 72 8.83 -2.49 6.79
N TYR A 73 7.71 -2.35 7.49
CA TYR A 73 6.42 -2.15 6.84
C TYR A 73 6.33 -0.75 6.24
N LEU A 74 6.79 0.24 6.99
CA LEU A 74 6.76 1.62 6.53
C LEU A 74 7.69 1.83 5.34
N MET A 75 8.75 1.04 5.30
CA MET A 75 9.73 1.13 4.21
C MET A 75 9.08 0.77 2.87
N PHE A 76 8.48 -0.41 2.80
CA PHE A 76 7.82 -0.87 1.58
C PHE A 76 6.54 -0.07 1.32
N THR A 77 5.95 0.45 2.39
CA THR A 77 4.72 1.22 2.29
C THR A 77 5.00 2.59 1.67
N MET A 78 6.00 3.29 2.18
CA MET A 78 6.36 4.60 1.68
C MET A 78 6.77 4.54 0.21
N VAL A 79 7.50 3.47 -0.14
CA VAL A 79 7.96 3.29 -1.52
C VAL A 79 6.78 3.26 -2.49
N LEU A 80 5.85 2.34 -2.25
CA LEU A 80 4.68 2.21 -3.11
C LEU A 80 3.84 3.48 -3.08
N VAL A 81 3.59 4.00 -1.88
CA VAL A 81 2.81 5.22 -1.73
C VAL A 81 3.34 6.34 -2.61
N THR A 82 4.66 6.54 -2.58
CA THR A 82 5.30 7.57 -3.37
C THR A 82 4.98 7.41 -4.85
N PHE A 83 5.17 6.20 -5.36
CA PHE A 83 4.90 5.92 -6.77
C PHE A 83 3.42 6.06 -7.08
N SER A 84 2.57 5.74 -6.10
CA SER A 84 1.13 5.83 -6.27
C SER A 84 0.71 7.29 -6.48
N ILE A 85 1.15 8.15 -5.57
CA ILE A 85 0.81 9.57 -5.64
C ILE A 85 1.15 10.15 -7.02
N VAL A 86 2.32 9.77 -7.53
CA VAL A 86 2.76 10.24 -8.84
C VAL A 86 1.72 9.94 -9.91
N THR A 87 1.21 8.71 -9.90
CA THR A 87 0.21 8.28 -10.87
C THR A 87 -1.14 8.94 -10.59
N SER A 88 -1.37 9.31 -9.34
CA SER A 88 -2.62 9.94 -8.94
C SER A 88 -2.77 11.30 -9.60
N VAL A 89 -1.68 12.07 -9.63
CA VAL A 89 -1.69 13.40 -10.23
C VAL A 89 -1.79 13.31 -11.75
N CYS A 90 -1.07 12.36 -12.33
CA CYS A 90 -1.08 12.17 -13.78
C CYS A 90 -2.48 11.90 -14.29
N VAL A 91 -3.28 11.20 -13.49
CA VAL A 91 -4.65 10.88 -13.85
C VAL A 91 -5.55 12.10 -13.75
N LEU A 92 -5.37 12.87 -12.68
CA LEU A 92 -6.17 14.08 -12.46
C LEU A 92 -5.85 15.13 -13.51
N ASN A 93 -4.60 15.58 -13.54
CA ASN A 93 -4.17 16.60 -14.50
C ASN A 93 -2.89 16.16 -15.21
N VAL A 94 -2.80 16.48 -16.50
CA VAL A 94 -1.63 16.13 -17.30
C VAL A 94 -1.55 16.97 -18.56
N HIS A 95 -0.33 17.26 -19.00
CA HIS A 95 -0.13 18.06 -20.20
C HIS A 95 1.35 18.10 -20.58
N HIS A 96 1.64 17.86 -21.85
CA HIS A 96 3.02 17.86 -22.34
C HIS A 96 3.26 19.04 -23.29
N ARG A 97 4.46 19.58 -23.25
CA ARG A 97 4.82 20.70 -24.11
C ARG A 97 6.25 20.57 -24.62
N SER A 98 6.39 20.40 -25.94
CA SER A 98 7.71 20.26 -26.55
C SER A 98 7.77 20.99 -27.88
N PRO A 99 8.99 21.28 -28.34
CA PRO A 99 9.21 21.98 -29.62
C PRO A 99 8.85 21.12 -30.82
N GLU A 100 9.08 19.82 -30.70
CA GLU A 100 8.78 18.88 -31.78
C GLU A 100 7.60 17.98 -31.41
N THR A 101 6.93 17.44 -32.43
CA THR A 101 5.79 16.57 -32.21
C THR A 101 6.23 15.12 -32.08
N HIS A 102 5.42 14.31 -31.40
CA HIS A 102 5.73 12.91 -31.20
C HIS A 102 4.45 12.07 -31.15
N THR A 103 4.59 10.76 -31.38
CA THR A 103 3.44 9.86 -31.36
C THR A 103 3.73 8.63 -30.51
N GLY A 104 2.67 7.91 -30.15
CA GLY A 104 2.83 6.72 -29.34
C GLY A 104 1.62 5.81 -29.41
N GLY A 105 1.62 4.77 -28.58
CA GLY A 105 0.50 3.84 -28.57
C GLY A 105 0.66 2.77 -27.50
N GLY A 106 -0.45 2.43 -26.85
CA GLY A 106 -0.42 1.41 -25.80
C GLY A 106 -1.59 1.53 -24.84
N GLY A 107 -1.52 2.51 -23.94
CA GLY A 107 -2.58 2.71 -22.98
C GLY A 107 -2.78 1.50 -22.07
N GLY A 108 -1.72 0.69 -21.93
CA GLY A 108 -1.80 -0.48 -21.09
C GLY A 108 -0.94 -0.37 -19.85
N ILE A 109 -0.24 0.74 -19.72
CA ILE A 109 0.63 0.98 -18.58
C ILE A 109 -0.10 0.72 -17.27
N ASP A 110 -1.38 1.07 -17.24
CA ASP A 110 -2.20 0.88 -16.05
C ASP A 110 -2.15 -0.57 -15.58
N ARG A 111 -2.58 -1.47 -16.44
CA ARG A 111 -2.58 -2.90 -16.11
C ARG A 111 -1.16 -3.39 -15.80
N LEU A 112 -0.18 -2.69 -16.33
CA LEU A 112 1.23 -3.05 -16.11
C LEU A 112 1.62 -2.82 -14.64
N PHE A 113 1.52 -1.57 -14.20
CA PHE A 113 1.86 -1.23 -12.83
C PHE A 113 1.01 -2.02 -11.84
N LEU A 114 -0.20 -2.37 -12.25
CA LEU A 114 -1.11 -3.13 -11.40
C LEU A 114 -0.60 -4.56 -11.20
N TRP A 115 -0.29 -5.23 -12.30
CA TRP A 115 0.22 -6.59 -12.25
C TRP A 115 1.40 -6.71 -11.31
N ILE A 116 2.45 -5.93 -11.59
CA ILE A 116 3.65 -5.95 -10.77
C ILE A 116 3.33 -5.59 -9.32
N PHE A 117 2.24 -4.85 -9.12
CA PHE A 117 1.82 -4.43 -7.79
C PHE A 117 1.11 -5.58 -7.06
N VAL A 118 0.42 -6.41 -7.83
CA VAL A 118 -0.30 -7.54 -7.26
C VAL A 118 0.66 -8.64 -6.82
N PHE A 119 1.78 -8.75 -7.51
CA PHE A 119 2.80 -9.75 -7.18
C PHE A 119 3.52 -9.40 -5.90
N VAL A 120 4.08 -8.19 -5.84
CA VAL A 120 4.80 -7.73 -4.66
C VAL A 120 3.93 -7.84 -3.41
N CYS A 121 2.63 -7.66 -3.59
CA CYS A 121 1.69 -7.73 -2.47
C CYS A 121 1.50 -9.17 -2.01
N VAL A 122 1.55 -10.10 -2.96
CA VAL A 122 1.38 -11.52 -2.65
C VAL A 122 2.57 -12.04 -1.87
N PHE A 123 3.78 -11.73 -2.33
CA PHE A 123 4.99 -12.18 -1.67
C PHE A 123 5.24 -11.38 -0.39
N GLY A 124 5.01 -10.08 -0.45
CA GLY A 124 5.21 -9.24 0.71
C GLY A 124 4.35 -9.65 1.88
N THR A 125 3.05 -9.80 1.64
CA THR A 125 2.11 -10.19 2.68
C THR A 125 2.46 -11.56 3.24
N ILE A 126 2.75 -12.50 2.35
CA ILE A 126 3.10 -13.86 2.76
C ILE A 126 4.33 -13.87 3.65
N GLY A 127 5.24 -12.93 3.39
CA GLY A 127 6.45 -12.84 4.18
C GLY A 127 6.19 -12.52 5.64
N MET A 128 5.48 -11.41 5.87
CA MET A 128 5.16 -10.99 7.23
C MET A 128 4.08 -11.89 7.84
N PHE A 129 3.34 -12.58 6.97
CA PHE A 129 2.27 -13.47 7.42
C PHE A 129 2.84 -14.82 7.85
N LEU A 130 4.05 -15.11 7.39
CA LEU A 130 4.70 -16.37 7.72
C LEU A 130 5.35 -16.31 9.11
N GLN A 131 5.45 -15.09 9.65
CA GLN A 131 6.04 -14.90 10.96
C GLN A 131 5.31 -15.71 12.03
N PRO A 132 3.99 -15.46 12.17
CA PRO A 132 3.16 -16.17 13.14
C PRO A 132 2.95 -17.63 12.77
N LEU A 133 2.75 -18.47 13.78
CA LEU A 133 2.53 -19.90 13.57
C LEU A 133 1.20 -20.14 12.86
N PHE A 134 0.27 -19.22 13.04
CA PHE A 134 -1.05 -19.34 12.42
C PHE A 134 -1.89 -18.09 12.68
N GLN A 135 -3.10 -18.07 12.13
CA GLN A 135 -4.00 -16.94 12.31
C GLN A 135 -4.28 -16.70 13.79
N GLU A 136 -4.35 -17.78 14.56
CA GLU A 136 -4.62 -17.69 15.99
C GLU A 136 -5.91 -16.92 16.25
N GLU A 137 -7.01 -17.66 16.32
CA GLU A 137 -8.32 -17.04 16.57
C GLU A 137 -8.47 -16.67 18.04
N ASN A 2 8.41 -13.19 28.09
CA ASN A 2 8.42 -12.69 26.71
C ASN A 2 7.92 -13.75 25.74
N ALA A 3 7.42 -13.29 24.60
CA ALA A 3 6.91 -14.20 23.58
C ALA A 3 7.35 -13.77 22.18
N GLU A 4 7.02 -14.58 21.18
CA GLU A 4 7.39 -14.29 19.80
C GLU A 4 6.17 -13.81 19.01
N GLU A 5 5.05 -13.66 19.70
CA GLU A 5 3.82 -13.22 19.05
C GLU A 5 3.40 -11.84 19.55
N GLU A 6 3.91 -11.46 20.72
CA GLU A 6 3.58 -10.16 21.30
C GLU A 6 3.89 -9.03 20.32
N PRO A 7 5.16 -8.96 19.90
CA PRO A 7 5.62 -7.93 18.95
C PRO A 7 5.06 -8.14 17.56
N LEU A 8 4.98 -9.39 17.13
CA LEU A 8 4.45 -9.72 15.81
C LEU A 8 2.98 -9.35 15.70
N PHE A 9 2.35 -9.12 16.84
CA PHE A 9 0.93 -8.76 16.87
C PHE A 9 0.70 -7.43 16.16
N TYR A 10 1.73 -6.59 16.14
CA TYR A 10 1.63 -5.28 15.50
C TYR A 10 1.71 -5.42 13.98
N THR A 11 2.81 -5.98 13.50
CA THR A 11 3.01 -6.15 12.07
C THR A 11 1.82 -6.87 11.44
N ILE A 12 1.31 -7.89 12.12
CA ILE A 12 0.17 -8.65 11.62
C ILE A 12 -1.06 -7.75 11.45
N ASN A 13 -1.30 -6.90 12.44
CA ASN A 13 -2.45 -6.00 12.40
C ASN A 13 -2.27 -4.97 11.29
N LEU A 14 -1.05 -4.86 10.77
CA LEU A 14 -0.76 -3.91 9.70
C LEU A 14 -1.00 -4.53 8.34
N ILE A 15 -0.95 -5.85 8.27
CA ILE A 15 -1.17 -6.57 7.02
C ILE A 15 -2.66 -6.67 6.70
N ILE A 16 -3.48 -6.75 7.74
CA ILE A 16 -4.92 -6.84 7.56
C ILE A 16 -5.44 -5.72 6.67
N PRO A 17 -5.17 -4.47 7.06
CA PRO A 17 -5.59 -3.29 6.30
C PRO A 17 -4.83 -3.14 5.00
N CYS A 18 -3.57 -3.55 5.00
CA CYS A 18 -2.73 -3.45 3.81
C CYS A 18 -3.40 -4.13 2.62
N VAL A 19 -3.70 -5.42 2.77
CA VAL A 19 -4.34 -6.20 1.71
C VAL A 19 -5.80 -5.80 1.55
N LEU A 20 -6.45 -5.48 2.67
CA LEU A 20 -7.84 -5.08 2.65
C LEU A 20 -8.06 -3.86 1.75
N ILE A 21 -7.21 -2.86 1.92
CA ILE A 21 -7.30 -1.63 1.12
C ILE A 21 -6.82 -1.87 -0.31
N THR A 22 -5.62 -2.43 -0.44
CA THR A 22 -5.05 -2.72 -1.75
C THR A 22 -6.01 -3.54 -2.61
N SER A 23 -6.43 -4.69 -2.08
CA SER A 23 -7.35 -5.57 -2.80
C SER A 23 -8.58 -4.80 -3.26
N LEU A 24 -9.08 -3.92 -2.40
CA LEU A 24 -10.26 -3.11 -2.72
C LEU A 24 -10.01 -2.25 -3.94
N ALA A 25 -8.81 -1.71 -4.05
CA ALA A 25 -8.43 -0.86 -5.18
C ALA A 25 -8.21 -1.69 -6.44
N ILE A 26 -7.76 -2.93 -6.25
CA ILE A 26 -7.51 -3.82 -7.38
C ILE A 26 -8.80 -4.38 -7.94
N LEU A 27 -9.72 -4.74 -7.04
CA LEU A 27 -11.01 -5.29 -7.44
C LEU A 27 -11.88 -4.24 -8.10
N VAL A 28 -11.61 -2.97 -7.78
CA VAL A 28 -12.36 -1.87 -8.36
C VAL A 28 -11.92 -1.59 -9.79
N PHE A 29 -10.61 -1.57 -10.01
CA PHE A 29 -10.06 -1.31 -11.34
C PHE A 29 -10.52 -2.38 -12.33
N TYR A 30 -10.53 -3.63 -11.88
CA TYR A 30 -10.94 -4.74 -12.73
C TYR A 30 -12.46 -4.85 -12.79
N LEU A 31 -13.10 -4.84 -11.62
CA LEU A 31 -14.55 -4.94 -11.54
C LEU A 31 -15.15 -3.69 -10.88
N PRO A 32 -15.09 -2.56 -11.60
CA PRO A 32 -15.62 -1.29 -11.10
C PRO A 32 -17.14 -1.28 -11.03
N SER A 33 -17.68 -0.73 -9.95
CA SER A 33 -19.12 -0.67 -9.75
C SER A 33 -19.63 0.76 -9.95
N ASP A 34 -18.71 1.71 -9.99
CA ASP A 34 -19.07 3.11 -10.19
C ASP A 34 -18.01 3.84 -11.02
N CYS A 35 -18.12 5.16 -11.08
CA CYS A 35 -17.18 5.97 -11.85
C CYS A 35 -16.27 6.77 -10.92
N GLY A 36 -16.75 7.01 -9.70
CA GLY A 36 -15.97 7.77 -8.73
C GLY A 36 -15.42 6.90 -7.62
N GLU A 37 -15.40 5.59 -7.85
CA GLU A 37 -14.89 4.65 -6.86
C GLU A 37 -13.37 4.69 -6.80
N LYS A 38 -12.75 5.18 -7.86
CA LYS A 38 -11.30 5.28 -7.92
C LYS A 38 -10.78 6.34 -6.96
N MET A 39 -11.23 7.58 -7.15
CA MET A 39 -10.82 8.68 -6.30
C MET A 39 -11.11 8.38 -4.83
N THR A 40 -12.28 7.79 -4.57
CA THR A 40 -12.69 7.45 -3.22
C THR A 40 -11.68 6.51 -2.57
N LEU A 41 -11.10 5.62 -3.37
CA LEU A 41 -10.13 4.65 -2.88
C LEU A 41 -8.85 5.35 -2.45
N CYS A 42 -8.33 6.23 -3.33
CA CYS A 42 -7.11 6.97 -3.04
C CYS A 42 -7.22 7.73 -1.73
N ILE A 43 -8.43 8.21 -1.43
CA ILE A 43 -8.67 8.97 -0.21
C ILE A 43 -8.81 8.03 0.99
N SER A 44 -9.38 6.86 0.76
CA SER A 44 -9.57 5.88 1.83
C SER A 44 -8.23 5.26 2.24
N VAL A 45 -7.43 4.89 1.25
CA VAL A 45 -6.12 4.30 1.52
C VAL A 45 -5.19 5.30 2.18
N LEU A 46 -5.37 6.57 1.87
CA LEU A 46 -4.54 7.63 2.44
C LEU A 46 -4.90 7.87 3.90
N LEU A 47 -6.18 7.70 4.23
CA LEU A 47 -6.65 7.89 5.60
C LEU A 47 -6.10 6.81 6.52
N ALA A 48 -6.37 5.55 6.17
CA ALA A 48 -5.90 4.43 6.97
C ALA A 48 -4.38 4.46 7.12
N LEU A 49 -3.68 4.61 6.00
CA LEU A 49 -2.23 4.65 6.00
C LEU A 49 -1.72 5.81 6.85
N THR A 50 -2.42 6.93 6.81
CA THR A 50 -2.04 8.10 7.58
C THR A 50 -2.06 7.82 9.07
N VAL A 51 -3.06 7.05 9.51
CA VAL A 51 -3.21 6.70 10.92
C VAL A 51 -1.96 5.97 11.43
N PHE A 52 -1.66 4.83 10.81
CA PHE A 52 -0.50 4.03 11.20
C PHE A 52 0.79 4.82 11.00
N LEU A 53 0.90 5.47 9.85
CA LEU A 53 2.09 6.26 9.52
C LEU A 53 2.35 7.30 10.60
N LEU A 54 1.29 7.94 11.08
CA LEU A 54 1.41 8.96 12.12
C LEU A 54 2.01 8.37 13.39
N LEU A 55 1.65 7.12 13.68
CA LEU A 55 2.14 6.44 14.88
C LEU A 55 3.66 6.30 14.82
N ILE A 56 4.15 5.58 13.82
CA ILE A 56 5.58 5.37 13.66
C ILE A 56 6.31 6.68 13.38
N SER A 57 5.58 7.63 12.80
CA SER A 57 6.16 8.93 12.49
C SER A 57 6.70 9.61 13.75
N LYS A 58 5.85 9.71 14.77
CA LYS A 58 6.25 10.33 16.02
C LYS A 58 7.25 9.45 16.77
N ILE A 59 7.27 8.17 16.44
CA ILE A 59 8.18 7.22 17.09
C ILE A 59 7.84 7.06 18.56
N VAL A 60 8.12 5.87 19.09
CA VAL A 60 7.85 5.57 20.50
C VAL A 60 8.85 4.57 21.05
N PRO A 61 8.98 4.54 22.39
CA PRO A 61 9.90 3.64 23.07
C PRO A 61 9.46 2.18 22.99
N PRO A 62 10.36 1.27 23.36
CA PRO A 62 10.08 -0.18 23.34
C PRO A 62 9.07 -0.59 24.41
N THR A 63 9.32 -0.16 25.64
CA THR A 63 8.43 -0.48 26.75
C THR A 63 8.19 -1.98 26.84
N SER A 64 9.15 -2.77 26.38
CA SER A 64 9.04 -4.22 26.40
C SER A 64 10.30 -4.88 25.83
N SER A 65 10.24 -6.19 25.64
CA SER A 65 11.37 -6.93 25.11
C SER A 65 11.00 -7.66 23.81
N ASP A 66 11.49 -7.16 22.69
CA ASP A 66 11.21 -7.77 21.39
C ASP A 66 11.93 -7.02 20.28
N SER A 67 11.70 -7.45 19.04
CA SER A 67 12.33 -6.83 17.89
C SER A 67 11.39 -6.84 16.69
N PRO A 68 10.31 -6.04 16.77
CA PRO A 68 9.31 -5.94 15.69
C PRO A 68 9.87 -5.23 14.47
N SER A 69 10.56 -4.12 14.69
CA SER A 69 11.14 -3.35 13.58
C SER A 69 10.04 -2.80 12.67
N VAL A 70 9.56 -1.60 13.00
CA VAL A 70 8.51 -0.95 12.21
C VAL A 70 9.07 -0.40 10.90
N GLY A 71 10.36 -0.05 10.92
CA GLY A 71 10.99 0.49 9.73
C GLY A 71 11.01 -0.50 8.58
N GLU A 72 11.05 -1.79 8.92
CA GLU A 72 11.08 -2.84 7.90
C GLU A 72 9.82 -2.79 7.03
N TYR A 73 8.67 -3.00 7.68
CA TYR A 73 7.39 -3.00 6.96
C TYR A 73 7.06 -1.60 6.45
N LEU A 74 7.61 -0.59 7.11
CA LEU A 74 7.38 0.81 6.73
C LEU A 74 8.07 1.11 5.39
N MET A 75 9.32 0.67 5.26
CA MET A 75 10.07 0.91 4.04
C MET A 75 9.34 0.33 2.83
N PHE A 76 8.95 -0.94 2.92
CA PHE A 76 8.25 -1.62 1.83
C PHE A 76 6.91 -0.94 1.57
N THR A 77 6.36 -0.29 2.59
CA THR A 77 5.08 0.39 2.46
C THR A 77 5.22 1.71 1.72
N MET A 78 6.17 2.53 2.15
CA MET A 78 6.41 3.82 1.52
C MET A 78 6.75 3.65 0.04
N VAL A 79 7.50 2.59 -0.27
CA VAL A 79 7.89 2.32 -1.65
C VAL A 79 6.66 2.08 -2.53
N LEU A 80 5.90 1.04 -2.20
CA LEU A 80 4.71 0.70 -2.97
C LEU A 80 3.73 1.87 -2.99
N VAL A 81 3.45 2.43 -1.81
CA VAL A 81 2.54 3.55 -1.69
C VAL A 81 2.97 4.71 -2.58
N THR A 82 4.27 5.03 -2.53
CA THR A 82 4.82 6.12 -3.33
C THR A 82 4.53 5.92 -4.81
N PHE A 83 4.60 4.67 -5.25
CA PHE A 83 4.34 4.33 -6.66
C PHE A 83 2.89 4.63 -7.03
N SER A 84 1.97 4.23 -6.16
CA SER A 84 0.55 4.44 -6.39
C SER A 84 0.21 5.93 -6.39
N ILE A 85 0.69 6.64 -5.37
CA ILE A 85 0.44 8.07 -5.25
C ILE A 85 0.95 8.83 -6.48
N VAL A 86 2.12 8.42 -6.96
CA VAL A 86 2.72 9.05 -8.13
C VAL A 86 1.77 9.00 -9.33
N THR A 87 1.12 7.87 -9.51
CA THR A 87 0.18 7.69 -10.62
C THR A 87 -1.06 8.56 -10.43
N SER A 88 -1.51 8.67 -9.19
CA SER A 88 -2.69 9.48 -8.87
C SER A 88 -2.51 10.91 -9.34
N VAL A 89 -1.46 11.56 -8.86
CA VAL A 89 -1.17 12.95 -9.24
C VAL A 89 -0.89 13.06 -10.74
N CYS A 90 -0.41 11.98 -11.32
CA CYS A 90 -0.10 11.96 -12.75
C CYS A 90 -1.36 12.07 -13.59
N VAL A 91 -2.46 11.55 -13.06
CA VAL A 91 -3.75 11.61 -13.75
C VAL A 91 -4.43 12.95 -13.55
N LEU A 92 -4.22 13.54 -12.38
CA LEU A 92 -4.82 14.83 -12.06
C LEU A 92 -4.08 15.96 -12.76
N ASN A 93 -2.81 16.14 -12.43
CA ASN A 93 -1.99 17.18 -13.03
C ASN A 93 -0.92 16.58 -13.94
N VAL A 94 -0.32 17.44 -14.76
CA VAL A 94 0.72 16.99 -15.68
C VAL A 94 2.06 17.64 -15.36
N HIS A 95 3.13 16.85 -15.45
CA HIS A 95 4.47 17.35 -15.17
C HIS A 95 5.53 16.41 -15.73
N HIS A 96 6.34 16.92 -16.66
CA HIS A 96 7.40 16.12 -17.28
C HIS A 96 8.68 16.92 -17.39
N ARG A 97 9.78 16.34 -16.92
CA ARG A 97 11.08 17.00 -16.98
C ARG A 97 11.74 16.82 -18.35
N SER A 98 11.63 17.83 -19.20
CA SER A 98 12.20 17.78 -20.53
C SER A 98 12.13 19.14 -21.22
N PRO A 99 12.96 19.33 -22.25
CA PRO A 99 13.01 20.58 -23.01
C PRO A 99 11.75 20.81 -23.85
N GLU A 100 11.29 19.74 -24.49
CA GLU A 100 10.09 19.82 -25.33
C GLU A 100 9.15 18.67 -25.04
N THR A 101 7.86 18.88 -25.31
CA THR A 101 6.86 17.85 -25.09
C THR A 101 6.54 17.10 -26.37
N HIS A 102 5.89 15.94 -26.23
CA HIS A 102 5.52 15.12 -27.38
C HIS A 102 4.03 14.78 -27.34
N THR A 103 3.65 13.87 -26.45
CA THR A 103 2.26 13.46 -26.32
C THR A 103 1.86 13.33 -24.86
N GLY A 104 0.60 12.99 -24.62
CA GLY A 104 0.12 12.84 -23.26
C GLY A 104 0.17 11.39 -22.79
N GLY A 105 -0.59 10.52 -23.45
CA GLY A 105 -0.61 9.12 -23.07
C GLY A 105 -1.73 8.80 -22.10
N GLY A 106 -2.97 8.91 -22.57
CA GLY A 106 -4.12 8.62 -21.73
C GLY A 106 -4.84 7.35 -22.15
N GLY A 107 -4.09 6.25 -22.26
CA GLY A 107 -4.69 4.99 -22.65
C GLY A 107 -4.98 4.09 -21.47
N GLY A 108 -4.64 2.81 -21.61
CA GLY A 108 -4.87 1.87 -20.54
C GLY A 108 -3.61 1.55 -19.75
N ILE A 109 -2.59 2.38 -19.92
CA ILE A 109 -1.32 2.18 -19.24
C ILE A 109 -1.53 2.00 -17.73
N ASP A 110 -2.51 2.72 -17.19
CA ASP A 110 -2.82 2.65 -15.77
C ASP A 110 -3.03 1.20 -15.35
N ARG A 111 -3.79 0.45 -16.15
CA ARG A 111 -4.07 -0.94 -15.86
C ARG A 111 -2.78 -1.75 -15.77
N LEU A 112 -1.95 -1.64 -16.79
CA LEU A 112 -0.69 -2.37 -16.83
C LEU A 112 0.13 -2.11 -15.57
N PHE A 113 0.02 -0.89 -15.04
CA PHE A 113 0.74 -0.52 -13.83
C PHE A 113 0.14 -1.21 -12.60
N LEU A 114 -1.15 -1.47 -12.65
CA LEU A 114 -1.84 -2.12 -11.55
C LEU A 114 -1.46 -3.59 -11.45
N TRP A 115 -1.47 -4.28 -12.59
CA TRP A 115 -1.11 -5.69 -12.64
C TRP A 115 0.25 -5.93 -11.99
N ILE A 116 1.26 -5.23 -12.48
CA ILE A 116 2.61 -5.37 -11.94
C ILE A 116 2.66 -4.99 -10.47
N PHE A 117 1.79 -4.07 -10.07
CA PHE A 117 1.73 -3.62 -8.69
C PHE A 117 1.06 -4.67 -7.81
N VAL A 118 0.19 -5.47 -8.40
CA VAL A 118 -0.52 -6.51 -7.67
C VAL A 118 0.36 -7.75 -7.49
N PHE A 119 1.14 -8.06 -8.52
CA PHE A 119 2.02 -9.23 -8.46
C PHE A 119 3.13 -9.03 -7.44
N VAL A 120 3.54 -7.78 -7.26
CA VAL A 120 4.60 -7.44 -6.32
C VAL A 120 4.05 -7.35 -4.89
N CYS A 121 2.81 -6.87 -4.77
CA CYS A 121 2.17 -6.74 -3.47
C CYS A 121 1.60 -8.07 -2.99
N VAL A 122 1.38 -8.98 -3.94
CA VAL A 122 0.83 -10.29 -3.62
C VAL A 122 1.94 -11.26 -3.18
N PHE A 123 2.94 -11.42 -4.03
CA PHE A 123 4.06 -12.31 -3.72
C PHE A 123 4.73 -11.91 -2.41
N GLY A 124 4.91 -10.60 -2.21
CA GLY A 124 5.54 -10.11 -1.00
C GLY A 124 4.66 -10.30 0.22
N THR A 125 3.46 -9.70 0.18
CA THR A 125 2.53 -9.81 1.30
C THR A 125 2.21 -11.26 1.62
N ILE A 126 1.65 -11.96 0.65
CA ILE A 126 1.30 -13.37 0.83
C ILE A 126 2.50 -14.18 1.30
N GLY A 127 3.70 -13.72 0.96
CA GLY A 127 4.91 -14.41 1.35
C GLY A 127 5.02 -14.55 2.86
N MET A 128 5.05 -13.43 3.56
CA MET A 128 5.16 -13.44 5.01
C MET A 128 3.80 -13.68 5.66
N PHE A 129 2.74 -13.36 4.93
CA PHE A 129 1.38 -13.54 5.43
C PHE A 129 1.01 -15.02 5.48
N LEU A 130 1.82 -15.85 4.82
CA LEU A 130 1.57 -17.28 4.79
C LEU A 130 2.06 -17.94 6.08
N GLN A 131 2.93 -17.25 6.80
CA GLN A 131 3.46 -17.78 8.06
C GLN A 131 2.33 -18.23 8.99
N PRO A 132 1.42 -17.30 9.31
CA PRO A 132 0.29 -17.58 10.19
C PRO A 132 -0.75 -18.49 9.53
N LEU A 133 -1.46 -19.27 10.34
CA LEU A 133 -2.47 -20.18 9.83
C LEU A 133 -3.64 -19.41 9.23
N PHE A 134 -3.85 -18.18 9.72
CA PHE A 134 -4.94 -17.34 9.23
C PHE A 134 -4.84 -15.94 9.83
N GLN A 135 -5.80 -15.09 9.48
CA GLN A 135 -5.83 -13.72 9.96
C GLN A 135 -6.24 -13.67 11.44
N GLU A 136 -6.86 -14.76 11.90
CA GLU A 136 -7.30 -14.84 13.28
C GLU A 136 -8.24 -13.69 13.63
N GLU A 137 -9.53 -13.86 13.31
CA GLU A 137 -10.53 -12.84 13.58
C GLU A 137 -11.65 -13.39 14.46
N ASN A 2 -0.19 -20.10 26.64
CA ASN A 2 1.08 -19.76 25.99
C ASN A 2 0.84 -19.19 24.61
N ALA A 3 0.99 -17.87 24.49
CA ALA A 3 0.79 -17.19 23.21
C ALA A 3 2.04 -16.40 22.82
N GLU A 4 2.86 -16.98 21.95
CA GLU A 4 4.08 -16.33 21.50
C GLU A 4 3.87 -15.67 20.14
N GLU A 5 2.63 -15.28 19.86
CA GLU A 5 2.30 -14.64 18.60
C GLU A 5 1.87 -13.19 18.81
N GLU A 6 2.28 -12.63 19.95
CA GLU A 6 1.92 -11.25 20.28
C GLU A 6 2.49 -10.28 19.24
N PRO A 7 3.81 -10.30 19.06
CA PRO A 7 4.51 -9.44 18.10
C PRO A 7 4.21 -9.83 16.65
N LEU A 8 3.90 -11.10 16.44
CA LEU A 8 3.59 -11.60 15.10
C LEU A 8 2.15 -11.26 14.71
N PHE A 9 1.31 -11.01 15.71
CA PHE A 9 -0.08 -10.67 15.47
C PHE A 9 -0.21 -9.22 15.02
N TYR A 10 0.69 -8.37 15.48
CA TYR A 10 0.68 -6.96 15.13
C TYR A 10 0.93 -6.77 13.64
N THR A 11 2.08 -7.24 13.17
CA THR A 11 2.45 -7.12 11.77
C THR A 11 1.34 -7.66 10.86
N ILE A 12 0.73 -8.77 11.27
CA ILE A 12 -0.35 -9.37 10.51
C ILE A 12 -1.53 -8.43 10.38
N ASN A 13 -1.89 -7.77 11.47
CA ASN A 13 -3.01 -6.83 11.48
C ASN A 13 -2.68 -5.60 10.64
N LEU A 14 -1.42 -5.44 10.30
CA LEU A 14 -0.97 -4.30 9.49
C LEU A 14 -1.06 -4.61 8.00
N ILE A 15 -0.99 -5.90 7.67
CA ILE A 15 -1.07 -6.33 6.28
C ILE A 15 -2.51 -6.34 5.79
N ILE A 16 -3.44 -6.61 6.70
CA ILE A 16 -4.86 -6.65 6.35
C ILE A 16 -5.28 -5.37 5.64
N PRO A 17 -5.06 -4.23 6.30
CA PRO A 17 -5.42 -2.92 5.74
C PRO A 17 -4.52 -2.52 4.57
N CYS A 18 -3.25 -2.91 4.65
CA CYS A 18 -2.29 -2.60 3.59
C CYS A 18 -2.78 -3.11 2.24
N VAL A 19 -3.03 -4.41 2.17
CA VAL A 19 -3.50 -5.03 0.94
C VAL A 19 -4.89 -4.51 0.56
N LEU A 20 -5.69 -4.18 1.57
CA LEU A 20 -7.03 -3.67 1.33
C LEU A 20 -7.00 -2.30 0.69
N ILE A 21 -6.00 -1.50 1.07
CA ILE A 21 -5.86 -0.16 0.52
C ILE A 21 -5.56 -0.20 -0.97
N THR A 22 -4.68 -1.12 -1.36
CA THR A 22 -4.31 -1.27 -2.76
C THR A 22 -5.53 -1.57 -3.63
N SER A 23 -6.35 -2.51 -3.18
CA SER A 23 -7.55 -2.90 -3.91
C SER A 23 -8.40 -1.67 -4.23
N LEU A 24 -8.59 -0.81 -3.24
CA LEU A 24 -9.39 0.39 -3.42
C LEU A 24 -8.91 1.18 -4.62
N ALA A 25 -7.62 1.49 -4.66
CA ALA A 25 -7.03 2.24 -5.77
C ALA A 25 -7.29 1.54 -7.10
N ILE A 26 -7.10 0.23 -7.12
CA ILE A 26 -7.30 -0.56 -8.32
C ILE A 26 -8.75 -0.45 -8.81
N LEU A 27 -9.69 -0.55 -7.88
CA LEU A 27 -11.10 -0.46 -8.20
C LEU A 27 -11.44 0.88 -8.84
N VAL A 28 -10.67 1.91 -8.47
CA VAL A 28 -10.89 3.25 -9.00
C VAL A 28 -10.41 3.35 -10.44
N PHE A 29 -9.28 2.72 -10.73
CA PHE A 29 -8.71 2.73 -12.08
C PHE A 29 -9.56 1.90 -13.03
N TYR A 30 -10.09 0.80 -12.54
CA TYR A 30 -10.93 -0.10 -13.34
C TYR A 30 -12.35 0.44 -13.45
N LEU A 31 -12.75 1.24 -12.46
CA LEU A 31 -14.08 1.82 -12.43
C LEU A 31 -14.06 3.25 -11.91
N PRO A 32 -13.52 4.17 -12.73
CA PRO A 32 -13.42 5.58 -12.37
C PRO A 32 -14.78 6.26 -12.32
N SER A 33 -14.84 7.41 -11.65
CA SER A 33 -16.08 8.16 -11.53
C SER A 33 -15.94 9.56 -12.12
N ASP A 34 -16.95 10.40 -11.92
CA ASP A 34 -16.93 11.76 -12.43
C ASP A 34 -16.59 12.75 -11.32
N CYS A 35 -16.75 12.32 -10.08
CA CYS A 35 -16.46 13.17 -8.93
C CYS A 35 -14.95 13.29 -8.71
N GLY A 36 -14.19 12.37 -9.30
CA GLY A 36 -12.75 12.39 -9.16
C GLY A 36 -12.27 11.54 -8.00
N GLU A 37 -12.63 10.26 -8.02
CA GLU A 37 -12.23 9.34 -6.96
C GLU A 37 -10.70 9.20 -6.91
N LYS A 38 -10.04 9.54 -8.01
CA LYS A 38 -8.60 9.46 -8.10
C LYS A 38 -7.93 10.30 -7.00
N MET A 39 -8.39 11.53 -6.86
CA MET A 39 -7.84 12.44 -5.85
C MET A 39 -8.33 12.05 -4.45
N THR A 40 -9.57 11.58 -4.37
CA THR A 40 -10.15 11.17 -3.10
C THR A 40 -9.41 9.98 -2.51
N LEU A 41 -8.88 9.13 -3.38
CA LEU A 41 -8.14 7.95 -2.95
C LEU A 41 -6.78 8.32 -2.39
N CYS A 42 -6.07 9.18 -3.11
CA CYS A 42 -4.74 9.63 -2.70
C CYS A 42 -4.80 10.26 -1.30
N ILE A 43 -5.87 11.01 -1.04
CA ILE A 43 -6.04 11.66 0.25
C ILE A 43 -6.38 10.65 1.33
N SER A 44 -7.11 9.60 0.96
CA SER A 44 -7.50 8.57 1.90
C SER A 44 -6.31 7.69 2.27
N VAL A 45 -5.73 7.04 1.27
CA VAL A 45 -4.59 6.16 1.48
C VAL A 45 -3.48 6.89 2.26
N LEU A 46 -3.39 8.20 2.07
CA LEU A 46 -2.39 9.00 2.75
C LEU A 46 -2.70 9.13 4.24
N LEU A 47 -3.95 9.42 4.56
CA LEU A 47 -4.38 9.55 5.95
C LEU A 47 -4.09 8.28 6.73
N ALA A 48 -4.26 7.14 6.08
CA ALA A 48 -4.01 5.85 6.71
C ALA A 48 -2.55 5.72 7.14
N LEU A 49 -1.64 6.06 6.24
CA LEU A 49 -0.21 5.98 6.53
C LEU A 49 0.13 6.76 7.79
N THR A 50 -0.38 7.98 7.88
CA THR A 50 -0.13 8.83 9.04
C THR A 50 -0.73 8.23 10.31
N VAL A 51 -1.88 7.58 10.16
CA VAL A 51 -2.56 6.96 11.29
C VAL A 51 -1.70 5.86 11.91
N PHE A 52 -1.03 5.09 11.06
CA PHE A 52 -0.18 4.00 11.51
C PHE A 52 1.03 4.55 12.29
N LEU A 53 1.63 5.62 11.76
CA LEU A 53 2.79 6.23 12.40
C LEU A 53 2.49 6.57 13.86
N LEU A 54 1.37 7.26 14.08
CA LEU A 54 0.97 7.64 15.43
C LEU A 54 0.62 6.42 16.28
N LEU A 55 0.18 5.37 15.61
CA LEU A 55 -0.19 4.13 16.30
C LEU A 55 1.02 3.53 17.00
N ILE A 56 2.08 3.28 16.24
CA ILE A 56 3.30 2.71 16.80
C ILE A 56 3.99 3.69 17.75
N SER A 57 3.93 4.98 17.40
CA SER A 57 4.56 6.02 18.21
C SER A 57 4.08 5.91 19.66
N LYS A 58 2.78 5.80 19.85
CA LYS A 58 2.20 5.69 21.19
C LYS A 58 2.30 4.26 21.70
N ILE A 59 2.43 3.31 20.79
CA ILE A 59 2.53 1.90 21.16
C ILE A 59 1.23 1.40 21.78
N VAL A 60 0.54 0.52 21.07
CA VAL A 60 -0.72 -0.03 21.54
C VAL A 60 -0.64 -1.55 21.69
N PRO A 61 0.10 -2.00 22.73
CA PRO A 61 0.27 -3.43 23.00
C PRO A 61 -1.00 -4.09 23.48
N PRO A 62 -1.01 -5.43 23.52
CA PRO A 62 -2.16 -6.22 23.96
C PRO A 62 -2.42 -6.09 25.46
N THR A 63 -1.33 -5.93 26.23
CA THR A 63 -1.44 -5.79 27.68
C THR A 63 -0.16 -5.19 28.26
N SER A 64 0.50 -4.34 27.48
CA SER A 64 1.74 -3.69 27.92
C SER A 64 2.82 -4.74 28.18
N SER A 65 3.77 -4.84 27.25
CA SER A 65 4.86 -5.79 27.36
C SER A 65 6.03 -5.41 26.46
N ASP A 66 5.85 -5.59 25.16
CA ASP A 66 6.88 -5.25 24.19
C ASP A 66 6.34 -5.33 22.76
N SER A 67 7.17 -4.99 21.79
CA SER A 67 6.77 -5.02 20.39
C SER A 67 7.99 -5.08 19.48
N PRO A 68 7.77 -5.52 18.22
CA PRO A 68 8.84 -5.64 17.23
C PRO A 68 9.38 -4.29 16.78
N SER A 69 10.35 -4.31 15.89
CA SER A 69 10.95 -3.08 15.37
C SER A 69 10.18 -2.56 14.15
N VAL A 70 9.37 -1.53 14.37
CA VAL A 70 8.58 -0.95 13.29
C VAL A 70 9.47 -0.39 12.19
N GLY A 71 10.74 -0.14 12.54
CA GLY A 71 11.68 0.40 11.57
C GLY A 71 11.81 -0.49 10.34
N GLU A 72 11.73 -1.80 10.55
CA GLU A 72 11.85 -2.76 9.45
C GLU A 72 10.72 -2.58 8.45
N TYR A 73 9.49 -2.86 8.88
CA TYR A 73 8.33 -2.73 8.02
C TYR A 73 8.20 -1.31 7.47
N LEU A 74 8.41 -0.33 8.34
CA LEU A 74 8.32 1.07 7.95
C LEU A 74 9.27 1.37 6.79
N MET A 75 10.48 0.81 6.85
CA MET A 75 11.47 1.01 5.81
C MET A 75 10.91 0.62 4.44
N PHE A 76 10.29 -0.55 4.37
CA PHE A 76 9.72 -1.03 3.13
C PHE A 76 8.44 -0.28 2.78
N THR A 77 7.72 0.15 3.81
CA THR A 77 6.48 0.89 3.63
C THR A 77 6.72 2.21 2.91
N MET A 78 7.60 3.02 3.47
CA MET A 78 7.94 4.32 2.88
C MET A 78 8.40 4.15 1.43
N VAL A 79 9.21 3.12 1.19
CA VAL A 79 9.72 2.87 -0.15
C VAL A 79 8.59 2.74 -1.15
N LEU A 80 7.72 1.76 -0.95
CA LEU A 80 6.58 1.54 -1.84
C LEU A 80 5.69 2.76 -1.89
N VAL A 81 5.44 3.36 -0.73
CA VAL A 81 4.60 4.55 -0.65
C VAL A 81 5.12 5.66 -1.56
N THR A 82 6.44 5.87 -1.53
CA THR A 82 7.07 6.90 -2.34
C THR A 82 6.78 6.68 -3.82
N PHE A 83 6.87 5.43 -4.26
CA PHE A 83 6.62 5.09 -5.65
C PHE A 83 5.16 5.35 -6.03
N SER A 84 4.28 5.24 -5.03
CA SER A 84 2.85 5.44 -5.25
C SER A 84 2.56 6.92 -5.45
N ILE A 85 3.07 7.76 -4.55
CA ILE A 85 2.86 9.20 -4.63
C ILE A 85 3.47 9.78 -5.90
N VAL A 86 4.64 9.25 -6.28
CA VAL A 86 5.33 9.70 -7.47
C VAL A 86 4.46 9.58 -8.71
N THR A 87 3.95 8.37 -8.95
CA THR A 87 3.10 8.11 -10.10
C THR A 87 1.77 8.86 -9.99
N SER A 88 1.23 8.91 -8.77
CA SER A 88 -0.03 9.60 -8.52
C SER A 88 0.06 11.06 -8.92
N VAL A 89 1.16 11.70 -8.55
CA VAL A 89 1.37 13.11 -8.88
C VAL A 89 1.62 13.30 -10.37
N CYS A 90 2.20 12.29 -11.01
CA CYS A 90 2.50 12.35 -12.43
C CYS A 90 1.23 12.12 -13.25
N VAL A 91 0.30 11.35 -12.70
CA VAL A 91 -0.95 11.06 -13.39
C VAL A 91 -1.94 12.22 -13.24
N LEU A 92 -1.93 12.84 -12.07
CA LEU A 92 -2.83 13.96 -11.79
C LEU A 92 -2.49 15.16 -12.68
N ASN A 93 -1.29 15.14 -13.25
CA ASN A 93 -0.84 16.22 -14.12
C ASN A 93 -1.70 16.30 -15.39
N VAL A 94 -1.77 15.19 -16.11
CA VAL A 94 -2.55 15.12 -17.34
C VAL A 94 -2.53 13.72 -17.94
N HIS A 95 -3.52 13.40 -18.76
CA HIS A 95 -3.61 12.10 -19.40
C HIS A 95 -4.65 12.11 -20.52
N HIS A 96 -4.41 12.95 -21.53
CA HIS A 96 -5.32 13.06 -22.66
C HIS A 96 -4.58 13.49 -23.91
N ARG A 97 -3.87 14.61 -23.83
CA ARG A 97 -3.11 15.14 -24.95
C ARG A 97 -1.67 15.43 -24.56
N SER A 98 -0.73 14.91 -25.34
CA SER A 98 0.69 15.11 -25.06
C SER A 98 1.48 15.24 -26.36
N PRO A 99 2.69 15.81 -26.26
CA PRO A 99 3.57 16.01 -27.42
C PRO A 99 4.13 14.69 -27.94
N GLU A 100 4.50 13.80 -27.03
CA GLU A 100 5.06 12.51 -27.41
C GLU A 100 4.21 11.37 -26.83
N THR A 101 3.97 10.35 -27.64
CA THR A 101 3.18 9.20 -27.22
C THR A 101 3.51 7.96 -28.04
N HIS A 102 3.48 6.81 -27.39
CA HIS A 102 3.78 5.55 -28.07
C HIS A 102 2.63 4.55 -27.92
N THR A 103 1.44 4.97 -28.35
CA THR A 103 0.26 4.13 -28.26
C THR A 103 -0.49 4.08 -29.59
N GLY A 104 -1.62 3.39 -29.60
CA GLY A 104 -2.42 3.29 -30.81
C GLY A 104 -3.52 2.26 -30.70
N GLY A 105 -4.18 2.24 -29.54
CA GLY A 105 -5.26 1.29 -29.33
C GLY A 105 -5.98 1.51 -28.01
N GLY A 106 -5.28 1.23 -26.90
CA GLY A 106 -5.88 1.41 -25.59
C GLY A 106 -4.87 1.89 -24.56
N GLY A 107 -5.36 2.25 -23.39
CA GLY A 107 -4.48 2.73 -22.33
C GLY A 107 -3.66 1.62 -21.71
N GLY A 108 -2.43 1.45 -22.19
CA GLY A 108 -1.56 0.41 -21.67
C GLY A 108 -0.71 0.90 -20.52
N ILE A 109 -0.23 2.14 -20.62
CA ILE A 109 0.60 2.72 -19.57
C ILE A 109 -0.05 2.57 -18.20
N ASP A 110 -1.37 2.67 -18.16
CA ASP A 110 -2.11 2.54 -16.91
C ASP A 110 -2.11 1.09 -16.43
N ARG A 111 -2.62 0.19 -17.27
CA ARG A 111 -2.68 -1.22 -16.92
C ARG A 111 -1.32 -1.73 -16.48
N LEU A 112 -0.26 -1.19 -17.08
CA LEU A 112 1.11 -1.59 -16.74
C LEU A 112 1.41 -1.31 -15.27
N PHE A 113 1.30 -0.05 -14.88
CA PHE A 113 1.56 0.36 -13.50
C PHE A 113 0.57 -0.30 -12.55
N LEU A 114 -0.60 -0.66 -13.07
CA LEU A 114 -1.64 -1.30 -12.27
C LEU A 114 -1.20 -2.70 -11.83
N TRP A 115 -0.64 -3.46 -12.76
CA TRP A 115 -0.18 -4.81 -12.48
C TRP A 115 1.18 -4.79 -11.78
N ILE A 116 2.06 -3.93 -12.26
CA ILE A 116 3.39 -3.81 -11.68
C ILE A 116 3.32 -3.50 -10.19
N PHE A 117 2.22 -2.90 -9.77
CA PHE A 117 2.02 -2.56 -8.36
C PHE A 117 1.55 -3.77 -7.56
N VAL A 118 0.42 -4.33 -7.96
CA VAL A 118 -0.14 -5.49 -7.28
C VAL A 118 0.90 -6.61 -7.17
N PHE A 119 1.82 -6.65 -8.12
CA PHE A 119 2.87 -7.67 -8.13
C PHE A 119 3.87 -7.43 -7.01
N VAL A 120 4.46 -6.24 -7.00
CA VAL A 120 5.44 -5.89 -5.98
C VAL A 120 4.80 -5.84 -4.60
N CYS A 121 3.50 -5.59 -4.57
CA CYS A 121 2.77 -5.51 -3.30
C CYS A 121 2.45 -6.91 -2.78
N VAL A 122 1.76 -7.70 -3.59
CA VAL A 122 1.39 -9.06 -3.20
C VAL A 122 2.64 -9.90 -2.90
N PHE A 123 3.77 -9.50 -3.48
CA PHE A 123 5.02 -10.21 -3.27
C PHE A 123 5.58 -9.94 -1.88
N GLY A 124 5.63 -8.66 -1.50
CA GLY A 124 6.15 -8.30 -0.20
C GLY A 124 5.21 -8.69 0.93
N THR A 125 3.91 -8.51 0.71
CA THR A 125 2.91 -8.85 1.72
C THR A 125 2.87 -10.36 1.97
N ILE A 126 2.59 -11.12 0.92
CA ILE A 126 2.53 -12.58 1.04
C ILE A 126 3.85 -13.15 1.55
N GLY A 127 4.94 -12.40 1.32
CA GLY A 127 6.24 -12.85 1.75
C GLY A 127 6.33 -12.99 3.27
N MET A 128 6.06 -11.91 3.99
CA MET A 128 6.11 -11.92 5.44
C MET A 128 4.83 -12.48 6.02
N PHE A 129 3.74 -12.38 5.26
CA PHE A 129 2.44 -12.87 5.70
C PHE A 129 2.42 -14.41 5.71
N LEU A 130 2.81 -15.00 4.59
CA LEU A 130 2.84 -16.45 4.45
C LEU A 130 4.18 -17.01 4.91
N GLN A 131 5.06 -16.13 5.38
CA GLN A 131 6.37 -16.55 5.85
C GLN A 131 6.26 -17.65 6.90
N PRO A 132 5.54 -17.35 7.99
CA PRO A 132 5.34 -18.31 9.09
C PRO A 132 4.43 -19.46 8.69
N LEU A 133 4.64 -20.62 9.32
CA LEU A 133 3.83 -21.79 9.03
C LEU A 133 2.39 -21.59 9.47
N PHE A 134 2.19 -20.73 10.47
CA PHE A 134 0.86 -20.45 10.99
C PHE A 134 0.90 -19.34 12.03
N GLN A 135 1.34 -19.68 13.24
CA GLN A 135 1.43 -18.71 14.31
C GLN A 135 2.88 -18.42 14.66
N GLU A 136 3.74 -19.41 14.49
CA GLU A 136 5.17 -19.26 14.79
C GLU A 136 5.38 -18.80 16.23
N GLU A 137 5.56 -19.77 17.13
CA GLU A 137 5.77 -19.46 18.53
C GLU A 137 7.14 -18.82 18.76
N ASN A 2 -7.91 -18.76 27.81
CA ASN A 2 -8.44 -18.92 26.45
C ASN A 2 -8.04 -17.75 25.56
N ALA A 3 -7.39 -16.76 26.17
CA ALA A 3 -6.94 -15.57 25.44
C ALA A 3 -5.44 -15.36 25.60
N GLU A 4 -4.66 -16.03 24.75
CA GLU A 4 -3.20 -15.91 24.81
C GLU A 4 -2.64 -15.43 23.46
N GLU A 5 -3.54 -15.05 22.56
CA GLU A 5 -3.14 -14.58 21.24
C GLU A 5 -3.15 -13.06 21.18
N GLU A 6 -2.64 -12.43 22.24
CA GLU A 6 -2.58 -10.97 22.31
C GLU A 6 -1.84 -10.40 21.10
N PRO A 7 -0.57 -10.81 20.93
CA PRO A 7 0.26 -10.36 19.82
C PRO A 7 -0.19 -10.90 18.48
N LEU A 8 -0.72 -12.13 18.48
CA LEU A 8 -1.20 -12.76 17.26
C LEU A 8 -2.41 -12.02 16.71
N PHE A 9 -3.07 -11.25 17.57
CA PHE A 9 -4.25 -10.50 17.16
C PHE A 9 -3.85 -9.18 16.52
N TYR A 10 -2.74 -8.60 16.97
CA TYR A 10 -2.25 -7.35 16.44
C TYR A 10 -1.80 -7.50 14.99
N THR A 11 -0.98 -8.51 14.73
CA THR A 11 -0.49 -8.77 13.39
C THR A 11 -1.62 -8.85 12.39
N ILE A 12 -2.72 -9.51 12.78
CA ILE A 12 -3.87 -9.66 11.92
C ILE A 12 -4.47 -8.31 11.57
N ASN A 13 -4.55 -7.43 12.57
CA ASN A 13 -5.10 -6.09 12.37
C ASN A 13 -4.17 -5.23 11.51
N LEU A 14 -2.96 -5.74 11.29
CA LEU A 14 -1.98 -5.02 10.49
C LEU A 14 -2.11 -5.39 9.01
N ILE A 15 -2.59 -6.60 8.75
CA ILE A 15 -2.76 -7.07 7.38
C ILE A 15 -4.03 -6.49 6.76
N ILE A 16 -5.03 -6.24 7.60
CA ILE A 16 -6.29 -5.69 7.13
C ILE A 16 -6.07 -4.43 6.28
N PRO A 17 -5.40 -3.44 6.88
CA PRO A 17 -5.10 -2.18 6.19
C PRO A 17 -4.07 -2.34 5.09
N CYS A 18 -3.07 -3.18 5.34
CA CYS A 18 -2.02 -3.43 4.37
C CYS A 18 -2.61 -3.80 3.00
N VAL A 19 -3.42 -4.85 2.99
CA VAL A 19 -4.06 -5.31 1.75
C VAL A 19 -5.04 -4.27 1.22
N LEU A 20 -5.87 -3.75 2.11
CA LEU A 20 -6.86 -2.74 1.73
C LEU A 20 -6.21 -1.59 0.98
N ILE A 21 -5.07 -1.13 1.49
CA ILE A 21 -4.33 -0.04 0.87
C ILE A 21 -4.01 -0.35 -0.59
N THR A 22 -3.47 -1.54 -0.82
CA THR A 22 -3.10 -1.96 -2.17
C THR A 22 -4.34 -2.17 -3.04
N SER A 23 -5.25 -3.02 -2.56
CA SER A 23 -6.48 -3.30 -3.29
C SER A 23 -7.22 -2.01 -3.65
N LEU A 24 -7.18 -1.04 -2.74
CA LEU A 24 -7.83 0.24 -2.97
C LEU A 24 -7.19 0.98 -4.14
N ALA A 25 -5.87 0.90 -4.25
CA ALA A 25 -5.15 1.55 -5.33
C ALA A 25 -5.31 0.80 -6.64
N ILE A 26 -5.42 -0.53 -6.54
CA ILE A 26 -5.58 -1.37 -7.72
C ILE A 26 -6.98 -1.24 -8.30
N LEU A 27 -7.99 -1.36 -7.44
CA LEU A 27 -9.38 -1.26 -7.87
C LEU A 27 -9.62 0.04 -8.63
N VAL A 28 -9.22 1.16 -8.03
CA VAL A 28 -9.39 2.47 -8.66
C VAL A 28 -8.79 2.48 -10.06
N PHE A 29 -7.54 2.05 -10.18
CA PHE A 29 -6.85 2.02 -11.47
C PHE A 29 -7.55 1.06 -12.42
N TYR A 30 -8.33 0.14 -11.87
CA TYR A 30 -9.05 -0.84 -12.67
C TYR A 30 -10.38 -0.28 -13.15
N LEU A 31 -10.99 0.56 -12.31
CA LEU A 31 -12.28 1.16 -12.64
C LEU A 31 -12.22 2.68 -12.48
N PRO A 32 -11.46 3.35 -13.36
CA PRO A 32 -11.31 4.81 -13.34
C PRO A 32 -12.58 5.53 -13.75
N SER A 33 -13.11 6.36 -12.85
CA SER A 33 -14.32 7.11 -13.12
C SER A 33 -14.00 8.55 -13.53
N ASP A 34 -15.04 9.30 -13.89
CA ASP A 34 -14.87 10.69 -14.30
C ASP A 34 -15.22 11.63 -13.16
N CYS A 35 -15.23 11.11 -11.94
CA CYS A 35 -15.55 11.91 -10.76
C CYS A 35 -14.29 12.33 -10.03
N GLY A 36 -13.16 11.76 -10.43
CA GLY A 36 -11.89 12.08 -9.79
C GLY A 36 -11.56 11.14 -8.64
N GLU A 37 -11.75 9.85 -8.87
CA GLU A 37 -11.47 8.84 -7.85
C GLU A 37 -9.97 8.74 -7.59
N LYS A 38 -9.18 9.18 -8.56
CA LYS A 38 -7.73 9.14 -8.43
C LYS A 38 -7.25 9.95 -7.23
N MET A 39 -7.80 11.16 -7.09
CA MET A 39 -7.45 12.03 -5.98
C MET A 39 -8.06 11.55 -4.68
N THR A 40 -9.32 11.13 -4.74
CA THR A 40 -10.02 10.63 -3.56
C THR A 40 -9.27 9.48 -2.92
N LEU A 41 -8.76 8.58 -3.76
CA LEU A 41 -8.01 7.42 -3.28
C LEU A 41 -6.72 7.85 -2.59
N CYS A 42 -6.06 8.85 -3.15
CA CYS A 42 -4.81 9.36 -2.59
C CYS A 42 -4.98 9.71 -1.12
N ILE A 43 -6.07 10.42 -0.81
CA ILE A 43 -6.35 10.82 0.56
C ILE A 43 -6.70 9.62 1.43
N SER A 44 -7.36 8.62 0.82
CA SER A 44 -7.75 7.42 1.54
C SER A 44 -6.53 6.65 2.04
N VAL A 45 -5.64 6.31 1.12
CA VAL A 45 -4.43 5.57 1.46
C VAL A 45 -3.65 6.28 2.57
N LEU A 46 -3.60 7.61 2.49
CA LEU A 46 -2.88 8.40 3.48
C LEU A 46 -3.45 8.16 4.87
N LEU A 47 -4.77 8.08 4.96
CA LEU A 47 -5.44 7.86 6.24
C LEU A 47 -4.93 6.58 6.90
N ALA A 48 -4.79 5.53 6.10
CA ALA A 48 -4.32 4.24 6.60
C ALA A 48 -2.97 4.39 7.30
N LEU A 49 -2.06 5.14 6.68
CA LEU A 49 -0.74 5.36 7.24
C LEU A 49 -0.83 5.92 8.66
N THR A 50 -1.74 6.86 8.85
CA THR A 50 -1.93 7.48 10.17
C THR A 50 -2.33 6.44 11.20
N VAL A 51 -3.23 5.53 10.81
CA VAL A 51 -3.70 4.49 11.71
C VAL A 51 -2.54 3.66 12.24
N PHE A 52 -1.64 3.26 11.35
CA PHE A 52 -0.47 2.47 11.74
C PHE A 52 0.31 3.17 12.85
N LEU A 53 0.44 4.49 12.75
CA LEU A 53 1.17 5.27 13.73
C LEU A 53 0.61 5.02 15.14
N LEU A 54 -0.68 5.24 15.30
CA LEU A 54 -1.33 5.04 16.60
C LEU A 54 -1.14 3.60 17.09
N LEU A 55 -1.12 2.66 16.14
CA LEU A 55 -0.95 1.25 16.47
C LEU A 55 0.28 1.05 17.36
N ILE A 56 1.45 1.39 16.82
CA ILE A 56 2.70 1.25 17.56
C ILE A 56 2.83 2.34 18.63
N SER A 57 2.15 3.45 18.40
CA SER A 57 2.18 4.57 19.34
C SER A 57 1.88 4.10 20.76
N LYS A 58 1.01 3.10 20.87
CA LYS A 58 0.62 2.56 22.17
C LYS A 58 1.52 1.38 22.55
N ILE A 59 1.67 0.43 21.63
CA ILE A 59 2.50 -0.74 21.87
C ILE A 59 3.10 -1.26 20.57
N VAL A 60 4.41 -1.53 20.59
CA VAL A 60 5.10 -2.03 19.42
C VAL A 60 4.39 -3.25 18.84
N PRO A 61 4.61 -3.50 17.54
CA PRO A 61 4.00 -4.63 16.83
C PRO A 61 4.56 -5.97 17.30
N PRO A 62 3.88 -7.06 16.90
CA PRO A 62 4.30 -8.42 17.27
C PRO A 62 5.59 -8.84 16.56
N THR A 63 5.89 -8.17 15.45
CA THR A 63 7.10 -8.48 14.68
C THR A 63 8.36 -8.01 15.42
N SER A 64 8.17 -7.12 16.39
CA SER A 64 9.28 -6.60 17.18
C SER A 64 9.59 -7.51 18.35
N SER A 65 10.70 -8.25 18.25
CA SER A 65 11.11 -9.17 19.31
C SER A 65 12.40 -8.70 19.96
N ASP A 66 13.48 -8.71 19.19
CA ASP A 66 14.78 -8.29 19.68
C ASP A 66 15.35 -7.15 18.84
N SER A 67 14.49 -6.57 17.99
CA SER A 67 14.91 -5.47 17.13
C SER A 67 13.70 -4.76 16.54
N PRO A 68 13.91 -3.52 16.07
CA PRO A 68 12.85 -2.71 15.47
C PRO A 68 12.39 -3.24 14.12
N SER A 69 11.09 -3.52 14.01
CA SER A 69 10.52 -4.04 12.77
C SER A 69 9.55 -3.03 12.15
N VAL A 70 9.02 -2.14 12.98
CA VAL A 70 8.08 -1.13 12.52
C VAL A 70 8.71 -0.27 11.43
N GLY A 71 10.03 -0.18 11.43
CA GLY A 71 10.72 0.62 10.44
C GLY A 71 10.86 -0.10 9.10
N GLU A 72 11.04 -1.41 9.16
CA GLU A 72 11.19 -2.22 7.95
C GLU A 72 10.00 -2.01 7.01
N TYR A 73 8.80 -2.33 7.50
CA TYR A 73 7.59 -2.18 6.70
C TYR A 73 7.37 -0.73 6.32
N LEU A 74 7.46 0.16 7.32
CA LEU A 74 7.27 1.59 7.09
C LEU A 74 8.16 2.08 5.95
N MET A 75 9.36 1.52 5.86
CA MET A 75 10.31 1.91 4.82
C MET A 75 9.73 1.62 3.43
N PHE A 76 9.42 0.35 3.17
CA PHE A 76 8.86 -0.05 1.89
C PHE A 76 7.54 0.64 1.63
N THR A 77 6.87 1.06 2.71
CA THR A 77 5.58 1.73 2.60
C THR A 77 5.75 3.14 2.04
N MET A 78 6.61 3.92 2.67
CA MET A 78 6.86 5.30 2.24
C MET A 78 7.42 5.32 0.82
N VAL A 79 8.19 4.29 0.48
CA VAL A 79 8.80 4.20 -0.85
C VAL A 79 7.73 4.10 -1.92
N LEU A 80 6.88 3.09 -1.82
CA LEU A 80 5.81 2.87 -2.79
C LEU A 80 4.80 4.02 -2.74
N VAL A 81 4.60 4.57 -1.56
CA VAL A 81 3.67 5.68 -1.38
C VAL A 81 4.09 6.89 -2.19
N THR A 82 5.39 7.14 -2.23
CA THR A 82 5.94 8.28 -2.97
C THR A 82 5.72 8.10 -4.47
N PHE A 83 5.99 6.90 -4.97
CA PHE A 83 5.84 6.61 -6.39
C PHE A 83 4.38 6.74 -6.81
N SER A 84 3.47 6.60 -5.85
CA SER A 84 2.05 6.69 -6.12
C SER A 84 1.63 8.15 -6.33
N ILE A 85 2.14 9.03 -5.48
CA ILE A 85 1.84 10.45 -5.57
C ILE A 85 2.23 11.02 -6.94
N VAL A 86 3.34 10.53 -7.47
CA VAL A 86 3.82 10.98 -8.77
C VAL A 86 2.86 10.58 -9.88
N THR A 87 2.42 9.32 -9.86
CA THR A 87 1.50 8.82 -10.87
C THR A 87 0.11 9.44 -10.71
N SER A 88 -0.24 9.75 -9.46
CA SER A 88 -1.54 10.34 -9.18
C SER A 88 -1.70 11.68 -9.88
N VAL A 89 -0.83 12.63 -9.54
CA VAL A 89 -0.87 13.96 -10.13
C VAL A 89 -0.57 13.90 -11.63
N CYS A 90 0.24 12.92 -12.03
CA CYS A 90 0.61 12.75 -13.42
C CYS A 90 -0.63 12.70 -14.31
N VAL A 91 -1.62 11.93 -13.88
CA VAL A 91 -2.87 11.79 -14.63
C VAL A 91 -3.76 13.01 -14.45
N LEU A 92 -3.62 13.67 -13.30
CA LEU A 92 -4.42 14.86 -13.00
C LEU A 92 -4.05 16.01 -13.93
N ASN A 93 -2.76 16.18 -14.17
CA ASN A 93 -2.28 17.25 -15.04
C ASN A 93 -2.87 17.11 -16.44
N VAL A 94 -3.23 18.25 -17.04
CA VAL A 94 -3.81 18.25 -18.37
C VAL A 94 -3.11 19.27 -19.27
N HIS A 95 -2.95 18.92 -20.54
CA HIS A 95 -2.30 19.79 -21.51
C HIS A 95 -2.97 19.70 -22.88
N HIS A 96 -3.10 20.84 -23.54
CA HIS A 96 -3.73 20.89 -24.86
C HIS A 96 -2.92 20.07 -25.87
N ARG A 97 -1.75 20.58 -26.22
CA ARG A 97 -0.88 19.91 -27.19
C ARG A 97 -0.39 18.57 -26.63
N SER A 98 0.24 17.77 -27.49
CA SER A 98 0.75 16.47 -27.08
C SER A 98 2.22 16.33 -27.46
N PRO A 99 2.91 15.38 -26.81
CA PRO A 99 4.33 15.11 -27.06
C PRO A 99 4.57 14.48 -28.42
N GLU A 100 3.61 13.70 -28.89
CA GLU A 100 3.71 13.05 -30.19
C GLU A 100 2.44 12.28 -30.52
N THR A 101 2.08 12.26 -31.80
CA THR A 101 0.88 11.56 -32.25
C THR A 101 0.89 10.10 -31.81
N HIS A 102 -0.22 9.42 -32.03
CA HIS A 102 -0.35 8.01 -31.66
C HIS A 102 -1.54 7.37 -32.35
N THR A 103 -1.49 6.04 -32.49
CA THR A 103 -2.57 5.30 -33.13
C THR A 103 -3.55 4.76 -32.11
N GLY A 104 -3.51 5.31 -30.91
CA GLY A 104 -4.40 4.86 -29.85
C GLY A 104 -4.19 5.62 -28.55
N GLY A 105 -5.28 6.17 -28.01
CA GLY A 105 -5.19 6.92 -26.76
C GLY A 105 -5.00 6.01 -25.56
N GLY A 106 -4.04 6.35 -24.71
CA GLY A 106 -3.78 5.55 -23.52
C GLY A 106 -2.53 4.71 -23.65
N GLY A 107 -2.10 4.14 -22.54
CA GLY A 107 -0.90 3.31 -22.55
C GLY A 107 -0.96 2.19 -21.53
N GLY A 108 0.13 1.44 -21.40
CA GLY A 108 0.18 0.35 -20.46
C GLY A 108 1.10 0.63 -19.28
N ILE A 109 1.77 1.78 -19.33
CA ILE A 109 2.69 2.16 -18.27
C ILE A 109 2.03 2.05 -16.89
N ASP A 110 0.74 2.37 -16.84
CA ASP A 110 -0.01 2.31 -15.59
C ASP A 110 -0.31 0.86 -15.22
N ARG A 111 -0.67 0.05 -16.21
CA ARG A 111 -0.99 -1.35 -15.99
C ARG A 111 0.24 -2.11 -15.51
N LEU A 112 1.41 -1.74 -16.05
CA LEU A 112 2.66 -2.40 -15.69
C LEU A 112 2.96 -2.21 -14.20
N PHE A 113 2.77 -0.99 -13.71
CA PHE A 113 3.02 -0.68 -12.31
C PHE A 113 2.01 -1.38 -11.41
N LEU A 114 0.85 -1.69 -11.97
CA LEU A 114 -0.21 -2.36 -11.22
C LEU A 114 0.13 -3.84 -11.00
N TRP A 115 0.60 -4.48 -12.06
CA TRP A 115 0.96 -5.90 -12.00
C TRP A 115 1.99 -6.14 -10.89
N ILE A 116 2.99 -5.27 -10.82
CA ILE A 116 4.03 -5.39 -9.81
C ILE A 116 3.51 -5.02 -8.43
N PHE A 117 2.46 -4.20 -8.40
CA PHE A 117 1.86 -3.76 -7.14
C PHE A 117 1.18 -4.93 -6.43
N VAL A 118 0.53 -5.79 -7.22
CA VAL A 118 -0.17 -6.94 -6.67
C VAL A 118 0.82 -7.99 -6.16
N PHE A 119 1.89 -8.22 -6.92
CA PHE A 119 2.90 -9.19 -6.54
C PHE A 119 3.49 -8.86 -5.16
N VAL A 120 4.00 -7.64 -5.03
CA VAL A 120 4.60 -7.21 -3.77
C VAL A 120 3.58 -7.27 -2.63
N CYS A 121 2.32 -7.05 -2.96
CA CYS A 121 1.25 -7.08 -1.97
C CYS A 121 0.98 -8.52 -1.51
N VAL A 122 0.89 -9.43 -2.47
CA VAL A 122 0.64 -10.83 -2.17
C VAL A 122 1.81 -11.45 -1.41
N PHE A 123 2.97 -11.49 -2.07
CA PHE A 123 4.17 -12.05 -1.45
C PHE A 123 4.51 -11.34 -0.15
N GLY A 124 4.12 -10.08 -0.05
CA GLY A 124 4.39 -9.30 1.15
C GLY A 124 3.55 -9.76 2.33
N THR A 125 2.23 -9.74 2.15
CA THR A 125 1.31 -10.13 3.21
C THR A 125 1.63 -11.54 3.70
N ILE A 126 1.80 -12.47 2.77
CA ILE A 126 2.11 -13.85 3.11
C ILE A 126 3.49 -13.96 3.75
N GLY A 127 4.38 -13.04 3.40
CA GLY A 127 5.72 -13.06 3.96
C GLY A 127 5.75 -12.62 5.41
N MET A 128 5.05 -11.53 5.72
CA MET A 128 5.00 -11.02 7.08
C MET A 128 4.09 -11.88 7.95
N PHE A 129 3.15 -12.57 7.31
CA PHE A 129 2.21 -13.42 8.03
C PHE A 129 2.83 -14.80 8.30
N LEU A 130 3.64 -15.26 7.37
CA LEU A 130 4.30 -16.56 7.51
C LEU A 130 5.74 -16.40 7.98
N GLN A 131 6.14 -15.16 8.21
CA GLN A 131 7.49 -14.87 8.68
C GLN A 131 7.80 -15.63 9.96
N PRO A 132 6.99 -15.38 11.00
CA PRO A 132 7.16 -16.01 12.30
C PRO A 132 6.82 -17.50 12.27
N LEU A 133 7.47 -18.28 13.14
CA LEU A 133 7.24 -19.71 13.21
C LEU A 133 5.82 -20.01 13.68
N PHE A 134 5.26 -19.09 14.46
CA PHE A 134 3.91 -19.25 14.99
C PHE A 134 3.45 -17.99 15.71
N GLN A 135 3.94 -17.81 16.94
CA GLN A 135 3.59 -16.64 17.73
C GLN A 135 4.78 -15.69 17.88
N GLU A 136 5.98 -16.26 17.84
CA GLU A 136 7.20 -15.47 17.97
C GLU A 136 7.19 -14.66 19.27
N GLU A 137 7.59 -15.30 20.36
CA GLU A 137 7.61 -14.64 21.66
C GLU A 137 9.02 -14.16 22.00
N ASN A 2 7.15 -19.73 19.76
CA ASN A 2 6.72 -20.74 20.72
C ASN A 2 5.83 -20.12 21.80
N ALA A 3 6.42 -19.26 22.63
CA ALA A 3 5.69 -18.61 23.70
C ALA A 3 5.90 -17.09 23.66
N GLU A 4 6.43 -16.61 22.55
CA GLU A 4 6.68 -15.18 22.38
C GLU A 4 6.02 -14.65 21.11
N GLU A 5 4.75 -14.98 20.92
CA GLU A 5 4.02 -14.54 19.74
C GLU A 5 3.18 -13.30 20.05
N GLU A 6 3.43 -12.70 21.20
CA GLU A 6 2.70 -11.51 21.62
C GLU A 6 2.83 -10.40 20.58
N PRO A 7 4.07 -10.00 20.31
CA PRO A 7 4.37 -8.93 19.33
C PRO A 7 4.10 -9.37 17.90
N LEU A 8 4.05 -10.69 17.69
CA LEU A 8 3.79 -11.23 16.36
C LEU A 8 2.33 -11.01 15.96
N PHE A 9 1.49 -10.72 16.94
CA PHE A 9 0.08 -10.49 16.69
C PHE A 9 -0.16 -9.09 16.13
N TYR A 10 0.76 -8.18 16.45
CA TYR A 10 0.66 -6.80 15.99
C TYR A 10 0.82 -6.72 14.48
N THR A 11 1.95 -7.21 13.99
CA THR A 11 2.23 -7.19 12.55
C THR A 11 1.08 -7.83 11.76
N ILE A 12 0.53 -8.90 12.30
CA ILE A 12 -0.57 -9.60 11.64
C ILE A 12 -1.78 -8.68 11.46
N ASN A 13 -2.12 -7.95 12.52
CA ASN A 13 -3.25 -7.03 12.47
C ASN A 13 -2.97 -5.86 11.53
N LEU A 14 -1.71 -5.71 11.15
CA LEU A 14 -1.30 -4.64 10.24
C LEU A 14 -1.42 -5.08 8.79
N ILE A 15 -1.36 -6.39 8.58
CA ILE A 15 -1.45 -6.94 7.23
C ILE A 15 -2.90 -6.98 6.76
N ILE A 16 -3.82 -7.19 7.69
CA ILE A 16 -5.24 -7.25 7.38
C ILE A 16 -5.68 -6.03 6.56
N PRO A 17 -5.45 -4.84 7.13
CA PRO A 17 -5.81 -3.57 6.48
C PRO A 17 -4.93 -3.27 5.26
N CYS A 18 -3.66 -3.67 5.36
CA CYS A 18 -2.71 -3.44 4.27
C CYS A 18 -3.25 -4.01 2.96
N VAL A 19 -3.56 -5.30 2.96
CA VAL A 19 -4.08 -5.96 1.76
C VAL A 19 -5.41 -5.36 1.34
N LEU A 20 -6.28 -5.10 2.32
CA LEU A 20 -7.59 -4.52 2.05
C LEU A 20 -7.46 -3.18 1.31
N ILE A 21 -6.55 -2.34 1.78
CA ILE A 21 -6.33 -1.04 1.17
C ILE A 21 -6.07 -1.18 -0.32
N THR A 22 -5.15 -2.06 -0.68
CA THR A 22 -4.81 -2.30 -2.08
C THR A 22 -6.04 -2.66 -2.89
N SER A 23 -6.86 -3.55 -2.36
CA SER A 23 -8.07 -3.99 -3.03
C SER A 23 -8.95 -2.81 -3.40
N LEU A 24 -9.06 -1.86 -2.48
CA LEU A 24 -9.87 -0.66 -2.70
C LEU A 24 -9.47 0.03 -3.99
N ALA A 25 -8.19 0.38 -4.10
CA ALA A 25 -7.68 1.05 -5.30
C ALA A 25 -8.00 0.25 -6.55
N ILE A 26 -7.87 -1.07 -6.47
CA ILE A 26 -8.15 -1.94 -7.60
C ILE A 26 -9.63 -1.90 -7.96
N LEU A 27 -10.48 -1.80 -6.95
CA LEU A 27 -11.93 -1.75 -7.17
C LEU A 27 -12.32 -0.51 -7.95
N VAL A 28 -11.75 0.63 -7.58
CA VAL A 28 -12.03 1.89 -8.25
C VAL A 28 -11.66 1.83 -9.72
N PHE A 29 -10.56 1.14 -10.03
CA PHE A 29 -10.09 1.00 -11.39
C PHE A 29 -10.95 0.01 -12.17
N TYR A 30 -11.70 -0.82 -11.44
CA TYR A 30 -12.57 -1.81 -12.06
C TYR A 30 -14.00 -1.28 -12.18
N LEU A 31 -14.33 -0.29 -11.36
CA LEU A 31 -15.66 0.31 -11.37
C LEU A 31 -15.58 1.83 -11.46
N PRO A 32 -15.22 2.33 -12.64
CA PRO A 32 -15.09 3.77 -12.88
C PRO A 32 -16.45 4.48 -12.89
N SER A 33 -16.48 5.69 -12.35
CA SER A 33 -17.71 6.46 -12.28
C SER A 33 -17.42 7.95 -12.11
N ASP A 34 -18.41 8.78 -12.40
CA ASP A 34 -18.25 10.23 -12.29
C ASP A 34 -18.84 10.73 -10.97
N CYS A 35 -18.52 10.03 -9.88
CA CYS A 35 -19.01 10.40 -8.56
C CYS A 35 -17.88 10.98 -7.70
N GLY A 36 -16.69 11.05 -8.28
CA GLY A 36 -15.54 11.57 -7.55
C GLY A 36 -14.93 10.54 -6.63
N GLU A 37 -15.13 9.27 -6.93
CA GLU A 37 -14.59 8.19 -6.12
C GLU A 37 -13.07 8.15 -6.20
N LYS A 38 -12.54 8.47 -7.38
CA LYS A 38 -11.10 8.46 -7.60
C LYS A 38 -10.39 9.34 -6.57
N MET A 39 -10.87 10.58 -6.42
CA MET A 39 -10.29 11.51 -5.47
C MET A 39 -10.53 11.05 -4.04
N THR A 40 -11.74 10.57 -3.76
CA THR A 40 -12.10 10.10 -2.44
C THR A 40 -11.19 8.95 -2.00
N LEU A 41 -10.86 8.07 -2.94
CA LEU A 41 -10.00 6.94 -2.65
C LEU A 41 -8.63 7.39 -2.16
N CYS A 42 -8.04 8.35 -2.87
CA CYS A 42 -6.73 8.87 -2.50
C CYS A 42 -6.76 9.46 -1.09
N ILE A 43 -7.90 10.01 -0.71
CA ILE A 43 -8.06 10.61 0.61
C ILE A 43 -8.21 9.54 1.68
N SER A 44 -8.78 8.41 1.31
CA SER A 44 -8.99 7.31 2.23
C SER A 44 -7.67 6.61 2.55
N VAL A 45 -6.98 6.17 1.50
CA VAL A 45 -5.69 5.49 1.67
C VAL A 45 -4.67 6.40 2.33
N LEU A 46 -4.86 7.71 2.18
CA LEU A 46 -3.96 8.68 2.76
C LEU A 46 -4.17 8.80 4.27
N LEU A 47 -5.41 9.05 4.66
CA LEU A 47 -5.75 9.18 6.07
C LEU A 47 -5.25 7.99 6.87
N ALA A 48 -5.58 6.78 6.39
CA ALA A 48 -5.15 5.56 7.06
C ALA A 48 -3.65 5.54 7.25
N LEU A 49 -2.91 5.95 6.22
CA LEU A 49 -1.46 5.98 6.28
C LEU A 49 -0.97 6.79 7.47
N THR A 50 -1.53 7.98 7.64
CA THR A 50 -1.16 8.86 8.74
C THR A 50 -1.63 8.30 10.07
N VAL A 51 -2.75 7.56 10.05
CA VAL A 51 -3.30 6.97 11.25
C VAL A 51 -2.40 5.87 11.79
N PHE A 52 -1.72 5.16 10.88
CA PHE A 52 -0.83 4.08 11.26
C PHE A 52 0.42 4.62 11.96
N LEU A 53 1.04 5.62 11.35
CA LEU A 53 2.24 6.23 11.90
C LEU A 53 2.02 6.64 13.36
N LEU A 54 1.04 7.51 13.57
CA LEU A 54 0.72 7.99 14.92
C LEU A 54 0.51 6.81 15.87
N LEU A 55 -0.11 5.76 15.36
CA LEU A 55 -0.37 4.57 16.17
C LEU A 55 0.88 4.10 16.89
N ILE A 56 1.87 3.66 16.11
CA ILE A 56 3.13 3.19 16.68
C ILE A 56 3.94 4.35 17.24
N SER A 57 3.65 5.56 16.77
CA SER A 57 4.35 6.75 17.22
C SER A 57 4.43 6.79 18.74
N LYS A 58 3.33 6.43 19.39
CA LYS A 58 3.26 6.43 20.85
C LYS A 58 3.57 5.04 21.40
N ILE A 59 3.37 4.02 20.57
CA ILE A 59 3.64 2.65 20.98
C ILE A 59 4.70 2.00 20.10
N VAL A 60 5.91 2.56 20.13
CA VAL A 60 7.01 2.04 19.33
C VAL A 60 7.18 0.53 19.54
N PRO A 61 7.79 -0.14 18.56
CA PRO A 61 8.03 -1.58 18.62
C PRO A 61 9.07 -1.96 19.66
N PRO A 62 9.17 -3.27 19.95
CA PRO A 62 10.13 -3.79 20.93
C PRO A 62 11.57 -3.69 20.45
N THR A 63 11.73 -3.44 19.14
CA THR A 63 13.06 -3.32 18.55
C THR A 63 13.25 -1.97 17.89
N SER A 64 13.66 -0.98 18.68
CA SER A 64 13.87 0.37 18.16
C SER A 64 15.34 0.76 18.26
N SER A 65 15.96 1.04 17.11
CA SER A 65 17.36 1.42 17.07
C SER A 65 17.72 2.06 15.73
N ASP A 66 17.79 1.23 14.70
CA ASP A 66 18.12 1.71 13.36
C ASP A 66 17.10 1.20 12.33
N SER A 67 16.91 -0.11 12.30
CA SER A 67 15.97 -0.73 11.37
C SER A 67 14.84 -1.43 12.12
N PRO A 68 13.97 -0.64 12.75
CA PRO A 68 12.83 -1.16 13.51
C PRO A 68 11.77 -1.79 12.61
N SER A 69 10.97 -2.68 13.18
CA SER A 69 9.91 -3.36 12.43
C SER A 69 8.95 -2.34 11.82
N VAL A 70 8.47 -1.42 12.65
CA VAL A 70 7.54 -0.41 12.19
C VAL A 70 8.10 0.36 10.99
N GLY A 71 9.42 0.48 10.94
CA GLY A 71 10.06 1.18 9.85
C GLY A 71 10.17 0.34 8.60
N GLU A 72 10.55 -0.92 8.78
CA GLU A 72 10.70 -1.84 7.66
C GLU A 72 9.41 -1.92 6.84
N TYR A 73 8.31 -2.25 7.51
CA TYR A 73 7.02 -2.35 6.84
C TYR A 73 6.58 -0.99 6.29
N LEU A 74 6.96 0.06 6.99
CA LEU A 74 6.60 1.41 6.58
C LEU A 74 7.28 1.78 5.26
N MET A 75 8.57 1.48 5.16
CA MET A 75 9.33 1.77 3.96
C MET A 75 8.67 1.17 2.73
N PHE A 76 8.24 -0.08 2.84
CA PHE A 76 7.59 -0.77 1.74
C PHE A 76 6.24 -0.12 1.42
N THR A 77 5.58 0.39 2.45
CA THR A 77 4.28 1.04 2.28
C THR A 77 4.42 2.41 1.63
N MET A 78 5.57 3.05 1.88
CA MET A 78 5.83 4.37 1.31
C MET A 78 5.94 4.31 -0.20
N VAL A 79 6.83 3.44 -0.69
CA VAL A 79 7.03 3.28 -2.12
C VAL A 79 5.77 2.78 -2.81
N LEU A 80 4.94 2.07 -2.06
CA LEU A 80 3.70 1.53 -2.59
C LEU A 80 2.66 2.64 -2.78
N VAL A 81 2.35 3.34 -1.69
CA VAL A 81 1.38 4.43 -1.73
C VAL A 81 1.84 5.54 -2.68
N THR A 82 3.14 5.57 -2.95
CA THR A 82 3.71 6.59 -3.83
C THR A 82 3.28 6.35 -5.27
N PHE A 83 3.48 5.12 -5.75
CA PHE A 83 3.12 4.78 -7.12
C PHE A 83 1.63 4.99 -7.36
N SER A 84 0.82 4.70 -6.35
CA SER A 84 -0.62 4.86 -6.45
C SER A 84 -0.99 6.31 -6.73
N ILE A 85 -0.37 7.23 -6.00
CA ILE A 85 -0.63 8.65 -6.17
C ILE A 85 -0.36 9.09 -7.60
N VAL A 86 0.80 8.70 -8.12
CA VAL A 86 1.18 9.05 -9.49
C VAL A 86 0.13 8.58 -10.49
N THR A 87 -0.41 7.38 -10.26
CA THR A 87 -1.43 6.83 -11.14
C THR A 87 -2.75 7.57 -11.01
N SER A 88 -2.98 8.16 -9.83
CA SER A 88 -4.20 8.90 -9.58
C SER A 88 -4.28 10.15 -10.44
N VAL A 89 -3.15 10.86 -10.54
CA VAL A 89 -3.08 12.08 -11.34
C VAL A 89 -2.94 11.74 -12.82
N CYS A 90 -2.14 10.73 -13.13
CA CYS A 90 -1.93 10.32 -14.52
C CYS A 90 -3.26 10.02 -15.21
N VAL A 91 -4.17 9.38 -14.48
CA VAL A 91 -5.48 9.04 -15.02
C VAL A 91 -6.35 10.28 -15.20
N LEU A 92 -6.33 11.15 -14.19
CA LEU A 92 -7.10 12.39 -14.23
C LEU A 92 -6.74 13.23 -15.46
N ASN A 93 -5.46 13.30 -15.74
CA ASN A 93 -4.97 14.07 -16.89
C ASN A 93 -3.47 13.89 -17.07
N VAL A 94 -3.02 13.97 -18.32
CA VAL A 94 -1.61 13.83 -18.63
C VAL A 94 -0.80 15.02 -18.12
N HIS A 95 0.41 14.74 -17.62
CA HIS A 95 1.27 15.79 -17.11
C HIS A 95 2.71 15.58 -17.56
N HIS A 96 3.24 16.56 -18.29
CA HIS A 96 4.62 16.48 -18.78
C HIS A 96 5.61 16.83 -17.69
N ARG A 97 6.65 16.00 -17.56
CA ARG A 97 7.67 16.21 -16.55
C ARG A 97 9.07 16.10 -17.16
N SER A 98 10.08 16.50 -16.38
CA SER A 98 11.46 16.44 -16.84
C SER A 98 11.67 17.37 -18.05
N PRO A 99 12.94 17.71 -18.30
CA PRO A 99 13.30 18.59 -19.42
C PRO A 99 13.10 17.91 -20.77
N GLU A 100 13.52 16.65 -20.87
CA GLU A 100 13.39 15.90 -22.11
C GLU A 100 12.38 14.76 -21.95
N THR A 101 12.12 14.05 -23.04
CA THR A 101 11.18 12.94 -23.03
C THR A 101 11.83 11.67 -22.51
N HIS A 102 11.00 10.69 -22.16
CA HIS A 102 11.50 9.41 -21.66
C HIS A 102 10.95 8.25 -22.48
N THR A 103 9.64 8.06 -22.42
CA THR A 103 8.99 6.98 -23.15
C THR A 103 7.65 7.42 -23.71
N GLY A 104 7.33 6.98 -24.92
CA GLY A 104 6.07 7.34 -25.54
C GLY A 104 4.87 6.86 -24.75
N GLY A 105 4.73 5.54 -24.62
CA GLY A 105 3.61 4.98 -23.89
C GLY A 105 2.46 4.61 -24.78
N GLY A 106 1.25 4.63 -24.23
CA GLY A 106 0.07 4.28 -25.00
C GLY A 106 -1.07 3.78 -24.13
N GLY A 107 -1.97 3.01 -24.73
CA GLY A 107 -3.09 2.47 -23.99
C GLY A 107 -2.76 1.17 -23.28
N GLY A 108 -3.51 0.88 -22.22
CA GLY A 108 -3.27 -0.34 -21.47
C GLY A 108 -2.41 -0.11 -20.24
N ILE A 109 -1.76 1.05 -20.19
CA ILE A 109 -0.90 1.40 -19.07
C ILE A 109 -1.63 1.20 -17.74
N ASP A 110 -2.92 1.50 -17.74
CA ASP A 110 -3.73 1.35 -16.53
C ASP A 110 -3.77 -0.10 -16.07
N ARG A 111 -4.17 -0.99 -16.97
CA ARG A 111 -4.26 -2.40 -16.65
C ARG A 111 -2.91 -2.93 -16.15
N LEU A 112 -1.83 -2.33 -16.62
CA LEU A 112 -0.49 -2.73 -16.22
C LEU A 112 -0.26 -2.44 -14.74
N PHE A 113 -0.63 -1.24 -14.32
CA PHE A 113 -0.47 -0.83 -12.92
C PHE A 113 -1.36 -1.65 -12.01
N LEU A 114 -2.45 -2.18 -12.57
CA LEU A 114 -3.40 -2.98 -11.79
C LEU A 114 -2.77 -4.30 -11.38
N TRP A 115 -2.07 -4.94 -12.31
CA TRP A 115 -1.42 -6.22 -12.04
C TRP A 115 -0.10 -6.01 -11.30
N ILE A 116 0.66 -5.00 -11.72
CA ILE A 116 1.94 -4.70 -11.09
C ILE A 116 1.78 -4.45 -9.60
N PHE A 117 0.58 -4.04 -9.20
CA PHE A 117 0.29 -3.76 -7.80
C PHE A 117 -0.01 -5.05 -7.04
N VAL A 118 -1.04 -5.77 -7.49
CA VAL A 118 -1.43 -7.02 -6.86
C VAL A 118 -0.25 -7.97 -6.74
N PHE A 119 0.70 -7.85 -7.67
CA PHE A 119 1.88 -8.69 -7.68
C PHE A 119 2.81 -8.35 -6.50
N VAL A 120 3.26 -7.10 -6.46
CA VAL A 120 4.15 -6.65 -5.39
C VAL A 120 3.46 -6.73 -4.04
N CYS A 121 2.13 -6.71 -4.06
CA CYS A 121 1.36 -6.78 -2.82
C CYS A 121 1.26 -8.22 -2.31
N VAL A 122 0.86 -9.13 -3.20
CA VAL A 122 0.73 -10.53 -2.83
C VAL A 122 2.07 -11.12 -2.41
N PHE A 123 3.12 -10.79 -3.16
CA PHE A 123 4.46 -11.28 -2.87
C PHE A 123 4.91 -10.83 -1.48
N GLY A 124 5.01 -9.51 -1.30
CA GLY A 124 5.43 -8.98 -0.01
C GLY A 124 4.57 -9.47 1.13
N THR A 125 3.25 -9.42 0.95
CA THR A 125 2.32 -9.87 1.98
C THR A 125 2.56 -11.33 2.35
N ILE A 126 2.42 -12.21 1.36
CA ILE A 126 2.62 -13.64 1.59
C ILE A 126 3.97 -13.91 2.23
N GLY A 127 4.96 -13.08 1.89
CA GLY A 127 6.29 -13.25 2.44
C GLY A 127 6.30 -13.18 3.96
N MET A 128 5.86 -12.05 4.51
CA MET A 128 5.82 -11.87 5.96
C MET A 128 4.68 -12.69 6.57
N PHE A 129 3.67 -12.99 5.76
CA PHE A 129 2.51 -13.76 6.22
C PHE A 129 2.89 -15.21 6.44
N LEU A 130 4.04 -15.61 5.90
CA LEU A 130 4.51 -16.99 6.03
C LEU A 130 5.13 -17.23 7.40
N GLN A 131 5.62 -16.15 8.01
CA GLN A 131 6.25 -16.24 9.34
C GLN A 131 5.31 -16.92 10.32
N PRO A 132 4.11 -16.34 10.52
CA PRO A 132 3.11 -16.87 11.44
C PRO A 132 2.51 -18.19 10.94
N LEU A 133 2.08 -19.03 11.88
CA LEU A 133 1.48 -20.31 11.54
C LEU A 133 0.14 -20.12 10.84
N PHE A 134 -0.51 -18.99 11.12
CA PHE A 134 -1.80 -18.69 10.52
C PHE A 134 -2.27 -17.29 10.91
N GLN A 135 -3.43 -16.89 10.40
CA GLN A 135 -3.99 -15.58 10.71
C GLN A 135 -4.28 -15.44 12.19
N GLU A 136 -4.64 -16.56 12.82
CA GLU A 136 -4.95 -16.56 14.25
C GLU A 136 -6.01 -15.52 14.58
N GLU A 137 -7.25 -15.80 14.18
CA GLU A 137 -8.36 -14.87 14.43
C GLU A 137 -9.45 -15.55 15.24
N ASN A 2 4.34 -22.41 23.82
CA ASN A 2 2.88 -22.47 23.68
C ASN A 2 2.30 -21.08 23.43
N ALA A 3 1.57 -20.94 22.32
CA ALA A 3 0.95 -19.67 21.97
C ALA A 3 2.01 -18.57 21.83
N GLU A 4 2.46 -18.34 20.61
CA GLU A 4 3.47 -17.32 20.34
C GLU A 4 2.98 -16.35 19.26
N GLU A 5 1.68 -16.07 19.27
CA GLU A 5 1.09 -15.16 18.30
C GLU A 5 0.68 -13.85 18.96
N GLU A 6 1.09 -13.67 20.21
CA GLU A 6 0.77 -12.45 20.95
C GLU A 6 1.43 -11.23 20.32
N PRO A 7 2.77 -11.27 20.21
CA PRO A 7 3.54 -10.16 19.62
C PRO A 7 3.32 -10.05 18.12
N LEU A 8 3.16 -11.18 17.46
CA LEU A 8 2.95 -11.21 16.01
C LEU A 8 1.62 -10.56 15.64
N PHE A 9 0.76 -10.40 16.64
CA PHE A 9 -0.55 -9.79 16.43
C PHE A 9 -0.41 -8.39 15.85
N TYR A 10 0.75 -7.78 16.08
CA TYR A 10 1.01 -6.42 15.59
C TYR A 10 1.23 -6.43 14.08
N THR A 11 2.26 -7.16 13.64
CA THR A 11 2.58 -7.24 12.23
C THR A 11 1.43 -7.82 11.43
N ILE A 12 0.75 -8.81 12.02
CA ILE A 12 -0.38 -9.45 11.36
C ILE A 12 -1.53 -8.47 11.16
N ASN A 13 -1.84 -7.71 12.20
CA ASN A 13 -2.92 -6.73 12.14
C ASN A 13 -2.56 -5.59 11.19
N LEU A 14 -1.29 -5.52 10.81
CA LEU A 14 -0.81 -4.47 9.91
C LEU A 14 -0.96 -4.91 8.45
N ILE A 15 -0.96 -6.22 8.24
CA ILE A 15 -1.09 -6.77 6.89
C ILE A 15 -2.54 -6.75 6.42
N ILE A 16 -3.46 -6.90 7.36
CA ILE A 16 -4.89 -6.89 7.05
C ILE A 16 -5.25 -5.65 6.24
N PRO A 17 -4.97 -4.47 6.80
CA PRO A 17 -5.27 -3.19 6.14
C PRO A 17 -4.38 -2.94 4.93
N CYS A 18 -3.12 -3.36 5.03
CA CYS A 18 -2.17 -3.19 3.94
C CYS A 18 -2.73 -3.72 2.63
N VAL A 19 -3.14 -4.99 2.65
CA VAL A 19 -3.69 -5.63 1.46
C VAL A 19 -5.13 -5.18 1.22
N LEU A 20 -5.87 -4.96 2.30
CA LEU A 20 -7.26 -4.53 2.20
C LEU A 20 -7.37 -3.22 1.43
N ILE A 21 -6.49 -2.27 1.74
CA ILE A 21 -6.48 -0.98 1.07
C ILE A 21 -6.10 -1.12 -0.40
N THR A 22 -5.09 -1.95 -0.67
CA THR A 22 -4.62 -2.18 -2.03
C THR A 22 -5.77 -2.57 -2.94
N SER A 23 -6.50 -3.61 -2.56
CA SER A 23 -7.64 -4.08 -3.35
C SER A 23 -8.60 -2.94 -3.66
N LEU A 24 -8.87 -2.11 -2.65
CA LEU A 24 -9.78 -0.99 -2.81
C LEU A 24 -9.25 -0.01 -3.86
N ALA A 25 -7.94 0.14 -3.90
CA ALA A 25 -7.31 1.05 -4.87
C ALA A 25 -7.27 0.42 -6.26
N ILE A 26 -7.19 -0.90 -6.31
CA ILE A 26 -7.14 -1.61 -7.58
C ILE A 26 -8.52 -1.69 -8.22
N LEU A 27 -9.53 -1.99 -7.40
CA LEU A 27 -10.90 -2.09 -7.89
C LEU A 27 -11.40 -0.74 -8.39
N VAL A 28 -10.92 0.33 -7.76
CA VAL A 28 -11.31 1.69 -8.14
C VAL A 28 -10.76 2.06 -9.52
N PHE A 29 -9.47 1.84 -9.70
CA PHE A 29 -8.81 2.15 -10.97
C PHE A 29 -9.35 1.26 -12.09
N TYR A 30 -9.93 0.14 -11.70
CA TYR A 30 -10.49 -0.80 -12.67
C TYR A 30 -11.83 -0.31 -13.21
N LEU A 31 -12.68 0.15 -12.30
CA LEU A 31 -14.00 0.65 -12.68
C LEU A 31 -13.95 2.14 -12.98
N PRO A 32 -14.96 2.64 -13.71
CA PRO A 32 -15.06 4.06 -14.07
C PRO A 32 -15.36 4.94 -12.88
N SER A 33 -14.89 6.19 -12.94
CA SER A 33 -15.11 7.14 -11.86
C SER A 33 -16.50 7.74 -11.93
N ASP A 34 -17.02 8.14 -10.77
CA ASP A 34 -18.36 8.73 -10.70
C ASP A 34 -18.29 10.17 -10.22
N CYS A 35 -18.04 10.35 -8.93
CA CYS A 35 -17.95 11.68 -8.34
C CYS A 35 -16.51 12.02 -7.96
N GLY A 36 -15.64 11.01 -7.99
CA GLY A 36 -14.25 11.21 -7.65
C GLY A 36 -13.72 10.14 -6.72
N GLU A 37 -14.15 8.90 -6.93
CA GLU A 37 -13.72 7.79 -6.10
C GLU A 37 -12.19 7.70 -6.07
N LYS A 38 -11.55 8.17 -7.12
CA LYS A 38 -10.09 8.15 -7.22
C LYS A 38 -9.46 9.07 -6.17
N MET A 39 -10.07 10.23 -5.97
CA MET A 39 -9.58 11.20 -5.00
C MET A 39 -9.82 10.71 -3.58
N THR A 40 -11.01 10.15 -3.34
CA THR A 40 -11.37 9.64 -2.03
C THR A 40 -10.42 8.53 -1.58
N LEU A 41 -9.89 7.80 -2.56
CA LEU A 41 -8.97 6.71 -2.26
C LEU A 41 -7.61 7.25 -1.81
N CYS A 42 -7.15 8.30 -2.47
CA CYS A 42 -5.87 8.91 -2.13
C CYS A 42 -5.81 9.28 -0.65
N ILE A 43 -6.86 9.94 -0.17
CA ILE A 43 -6.93 10.34 1.24
C ILE A 43 -7.15 9.14 2.14
N SER A 44 -7.76 8.09 1.59
CA SER A 44 -8.03 6.88 2.35
C SER A 44 -6.75 6.11 2.63
N VAL A 45 -6.00 5.80 1.56
CA VAL A 45 -4.75 5.07 1.70
C VAL A 45 -3.84 5.72 2.72
N LEU A 46 -3.73 7.04 2.65
CA LEU A 46 -2.88 7.78 3.58
C LEU A 46 -3.44 7.73 5.00
N LEU A 47 -4.76 7.60 5.10
CA LEU A 47 -5.42 7.53 6.40
C LEU A 47 -4.84 6.39 7.24
N ALA A 48 -4.95 5.17 6.75
CA ALA A 48 -4.44 4.00 7.44
C ALA A 48 -2.96 4.18 7.78
N LEU A 49 -2.19 4.67 6.83
CA LEU A 49 -0.77 4.89 7.02
C LEU A 49 -0.51 5.75 8.25
N THR A 50 -1.46 6.62 8.58
CA THR A 50 -1.34 7.49 9.73
C THR A 50 -1.73 6.77 11.01
N VAL A 51 -2.71 5.87 10.91
CA VAL A 51 -3.18 5.12 12.07
C VAL A 51 -2.02 4.44 12.79
N PHE A 52 -1.28 3.60 12.07
CA PHE A 52 -0.15 2.89 12.65
C PHE A 52 0.99 3.86 12.95
N LEU A 53 1.24 4.79 12.04
CA LEU A 53 2.30 5.78 12.21
C LEU A 53 2.18 6.47 13.57
N LEU A 54 0.95 6.73 13.98
CA LEU A 54 0.70 7.39 15.27
C LEU A 54 0.75 6.39 16.41
N LEU A 55 0.35 5.16 16.14
CA LEU A 55 0.36 4.10 17.16
C LEU A 55 1.73 4.01 17.82
N ILE A 56 2.78 3.89 17.01
CA ILE A 56 4.13 3.79 17.52
C ILE A 56 4.68 5.17 17.89
N SER A 57 4.15 6.20 17.24
CA SER A 57 4.59 7.57 17.49
C SER A 57 4.55 7.89 18.98
N LYS A 58 3.61 7.27 19.69
CA LYS A 58 3.47 7.48 21.13
C LYS A 58 4.20 6.41 21.91
N ILE A 59 3.96 5.15 21.56
CA ILE A 59 4.61 4.03 22.23
C ILE A 59 4.75 2.84 21.29
N VAL A 60 5.94 2.24 21.30
CA VAL A 60 6.21 1.09 20.44
C VAL A 60 5.14 0.01 20.61
N PRO A 61 4.99 -0.83 19.58
CA PRO A 61 3.99 -1.92 19.59
C PRO A 61 4.36 -3.02 20.57
N PRO A 62 3.39 -3.92 20.83
CA PRO A 62 3.59 -5.05 21.76
C PRO A 62 4.55 -6.09 21.21
N THR A 63 4.91 -5.95 19.93
CA THR A 63 5.82 -6.88 19.29
C THR A 63 7.12 -7.00 20.07
N SER A 64 7.79 -5.88 20.29
CA SER A 64 9.05 -5.85 21.02
C SER A 64 9.33 -4.45 21.57
N SER A 65 9.88 -4.41 22.77
CA SER A 65 10.20 -3.14 23.42
C SER A 65 11.70 -3.01 23.65
N ASP A 66 12.44 -4.08 23.35
CA ASP A 66 13.88 -4.08 23.52
C ASP A 66 14.59 -4.03 22.17
N SER A 67 13.82 -4.20 21.11
CA SER A 67 14.37 -4.18 19.75
C SER A 67 13.26 -4.20 18.71
N PRO A 68 12.53 -3.09 18.61
CA PRO A 68 11.42 -2.95 17.65
C PRO A 68 11.90 -2.87 16.21
N SER A 69 10.97 -2.78 15.28
CA SER A 69 11.30 -2.69 13.86
C SER A 69 10.32 -1.80 13.11
N VAL A 70 9.69 -0.89 13.84
CA VAL A 70 8.73 0.04 13.25
C VAL A 70 9.34 0.81 12.10
N GLY A 71 10.66 0.95 12.13
CA GLY A 71 11.36 1.68 11.07
C GLY A 71 11.48 0.86 9.81
N GLU A 72 11.74 -0.44 9.96
CA GLU A 72 11.89 -1.33 8.81
C GLU A 72 10.67 -1.24 7.90
N TYR A 73 9.49 -1.48 8.46
CA TYR A 73 8.25 -1.44 7.69
C TYR A 73 8.05 -0.06 7.07
N LEU A 74 8.23 0.98 7.88
CA LEU A 74 8.06 2.35 7.40
C LEU A 74 8.98 2.63 6.20
N MET A 75 10.12 1.96 6.19
CA MET A 75 11.09 2.14 5.09
C MET A 75 10.49 1.67 3.77
N PHE A 76 9.86 0.50 3.79
CA PHE A 76 9.25 -0.06 2.59
C PHE A 76 7.92 0.63 2.29
N THR A 77 7.18 0.95 3.33
CA THR A 77 5.89 1.62 3.19
C THR A 77 6.04 3.00 2.57
N MET A 78 7.10 3.70 2.96
CA MET A 78 7.37 5.04 2.45
C MET A 78 7.70 5.00 0.96
N VAL A 79 8.63 4.11 0.59
CA VAL A 79 9.03 3.97 -0.81
C VAL A 79 7.82 3.74 -1.71
N LEU A 80 6.89 2.91 -1.24
CA LEU A 80 5.70 2.60 -2.00
C LEU A 80 4.72 3.77 -1.98
N VAL A 81 4.46 4.29 -0.78
CA VAL A 81 3.54 5.42 -0.61
C VAL A 81 3.92 6.57 -1.53
N THR A 82 5.20 6.94 -1.51
CA THR A 82 5.70 8.03 -2.33
C THR A 82 5.36 7.81 -3.80
N PHE A 83 5.80 6.68 -4.34
CA PHE A 83 5.54 6.35 -5.74
C PHE A 83 4.04 6.32 -6.03
N SER A 84 3.25 6.05 -4.99
CA SER A 84 1.81 5.98 -5.13
C SER A 84 1.22 7.38 -5.33
N ILE A 85 1.83 8.37 -4.69
CA ILE A 85 1.37 9.75 -4.82
C ILE A 85 1.63 10.30 -6.21
N VAL A 86 2.81 9.99 -6.75
CA VAL A 86 3.18 10.45 -8.08
C VAL A 86 2.25 9.87 -9.15
N THR A 87 1.97 8.58 -9.04
CA THR A 87 1.10 7.90 -9.99
C THR A 87 -0.35 8.32 -9.81
N SER A 88 -0.71 8.67 -8.57
CA SER A 88 -2.07 9.09 -8.25
C SER A 88 -2.47 10.30 -9.09
N VAL A 89 -1.67 11.36 -9.00
CA VAL A 89 -1.94 12.58 -9.75
C VAL A 89 -1.62 12.41 -11.23
N CYS A 90 -0.74 11.44 -11.52
CA CYS A 90 -0.35 11.17 -12.91
C CYS A 90 -1.55 10.78 -13.74
N VAL A 91 -2.41 9.93 -13.18
CA VAL A 91 -3.61 9.47 -13.88
C VAL A 91 -4.68 10.54 -13.89
N LEU A 92 -4.89 11.18 -12.75
CA LEU A 92 -5.89 12.23 -12.62
C LEU A 92 -5.70 13.30 -13.68
N ASN A 93 -4.49 13.83 -13.77
CA ASN A 93 -4.17 14.86 -14.75
C ASN A 93 -2.90 14.52 -15.52
N VAL A 94 -2.97 14.56 -16.84
CA VAL A 94 -1.82 14.26 -17.69
C VAL A 94 -0.96 15.51 -17.90
N HIS A 95 0.35 15.30 -17.97
CA HIS A 95 1.29 16.40 -18.18
C HIS A 95 2.10 16.19 -19.46
N HIS A 96 2.97 17.15 -19.76
CA HIS A 96 3.81 17.06 -20.95
C HIS A 96 2.95 17.08 -22.22
N ARG A 97 3.59 17.34 -23.35
CA ARG A 97 2.89 17.38 -24.63
C ARG A 97 3.88 17.46 -25.79
N SER A 98 3.77 16.51 -26.72
CA SER A 98 4.66 16.47 -27.88
C SER A 98 3.89 16.07 -29.13
N PRO A 99 4.47 16.38 -30.30
CA PRO A 99 3.86 16.05 -31.59
C PRO A 99 3.87 14.55 -31.88
N GLU A 100 4.92 13.87 -31.46
CA GLU A 100 5.05 12.44 -31.67
C GLU A 100 5.51 11.74 -30.39
N THR A 101 5.11 10.48 -30.23
CA THR A 101 5.48 9.70 -29.06
C THR A 101 6.53 8.64 -29.40
N HIS A 102 7.34 8.30 -28.42
CA HIS A 102 8.40 7.30 -28.62
C HIS A 102 8.39 6.27 -27.48
N THR A 103 7.28 6.20 -26.76
CA THR A 103 7.14 5.27 -25.65
C THR A 103 5.98 4.30 -25.88
N GLY A 104 6.32 3.07 -26.24
CA GLY A 104 5.31 2.06 -26.50
C GLY A 104 4.50 2.34 -27.75
N GLY A 105 3.71 1.36 -28.17
CA GLY A 105 2.90 1.54 -29.36
C GLY A 105 1.47 1.91 -29.04
N GLY A 106 0.79 1.05 -28.28
CA GLY A 106 -0.59 1.32 -27.91
C GLY A 106 -0.73 1.80 -26.49
N GLY A 107 -1.97 1.80 -25.98
CA GLY A 107 -2.20 2.25 -24.62
C GLY A 107 -2.07 1.13 -23.60
N GLY A 108 -2.84 1.23 -22.52
CA GLY A 108 -2.78 0.21 -21.49
C GLY A 108 -1.87 0.58 -20.34
N ILE A 109 -1.40 1.83 -20.35
CA ILE A 109 -0.51 2.32 -19.30
C ILE A 109 -1.09 2.04 -17.92
N ASP A 110 -2.36 2.38 -17.73
CA ASP A 110 -3.04 2.15 -16.45
C ASP A 110 -3.27 0.67 -16.21
N ARG A 111 -3.25 -0.11 -17.29
CA ARG A 111 -3.47 -1.55 -17.20
C ARG A 111 -2.22 -2.25 -16.64
N LEU A 112 -1.06 -1.87 -17.15
CA LEU A 112 0.21 -2.45 -16.71
C LEU A 112 0.62 -1.89 -15.35
N PHE A 113 0.45 -0.58 -15.18
CA PHE A 113 0.80 0.08 -13.93
C PHE A 113 0.08 -0.56 -12.75
N LEU A 114 -1.17 -0.95 -12.97
CA LEU A 114 -1.98 -1.57 -11.92
C LEU A 114 -1.44 -2.96 -11.58
N TRP A 115 -1.12 -3.74 -12.62
CA TRP A 115 -0.60 -5.08 -12.42
C TRP A 115 0.70 -5.05 -11.62
N ILE A 116 1.64 -4.21 -12.05
CA ILE A 116 2.92 -4.09 -11.36
C ILE A 116 2.74 -3.54 -9.96
N PHE A 117 1.63 -2.84 -9.73
CA PHE A 117 1.34 -2.26 -8.42
C PHE A 117 0.90 -3.33 -7.44
N VAL A 118 0.07 -4.26 -7.91
CA VAL A 118 -0.42 -5.35 -7.07
C VAL A 118 0.69 -6.33 -6.74
N PHE A 119 1.72 -6.36 -7.58
CA PHE A 119 2.85 -7.26 -7.38
C PHE A 119 3.73 -6.78 -6.23
N VAL A 120 4.21 -5.55 -6.34
CA VAL A 120 5.06 -4.98 -5.31
C VAL A 120 4.40 -5.05 -3.94
N CYS A 121 3.08 -4.96 -3.92
CA CYS A 121 2.31 -5.02 -2.67
C CYS A 121 2.20 -6.46 -2.18
N VAL A 122 1.69 -7.33 -3.05
CA VAL A 122 1.51 -8.74 -2.71
C VAL A 122 2.83 -9.34 -2.20
N PHE A 123 3.90 -9.07 -2.92
CA PHE A 123 5.22 -9.60 -2.55
C PHE A 123 5.59 -9.18 -1.12
N GLY A 124 5.46 -7.89 -0.84
CA GLY A 124 5.78 -7.38 0.48
C GLY A 124 4.86 -7.93 1.55
N THR A 125 3.56 -7.75 1.36
CA THR A 125 2.58 -8.23 2.33
C THR A 125 2.72 -9.73 2.56
N ILE A 126 2.51 -10.51 1.51
CA ILE A 126 2.62 -11.96 1.60
C ILE A 126 3.99 -12.37 2.13
N GLY A 127 5.01 -11.60 1.77
CA GLY A 127 6.36 -11.90 2.22
C GLY A 127 6.46 -12.00 3.74
N MET A 128 5.99 -10.97 4.43
CA MET A 128 6.03 -10.94 5.88
C MET A 128 4.89 -11.77 6.47
N PHE A 129 3.77 -11.84 5.74
CA PHE A 129 2.61 -12.59 6.20
C PHE A 129 2.90 -14.09 6.18
N LEU A 130 3.98 -14.48 5.51
CA LEU A 130 4.36 -15.88 5.42
C LEU A 130 5.19 -16.30 6.64
N GLN A 131 5.41 -15.35 7.55
CA GLN A 131 6.18 -15.63 8.76
C GLN A 131 5.50 -16.69 9.61
N PRO A 132 4.25 -16.42 10.01
CA PRO A 132 3.47 -17.35 10.83
C PRO A 132 3.04 -18.60 10.06
N LEU A 133 2.89 -19.71 10.78
CA LEU A 133 2.49 -20.97 10.16
C LEU A 133 1.07 -20.88 9.62
N PHE A 134 0.27 -20.01 10.21
CA PHE A 134 -1.12 -19.83 9.78
C PHE A 134 -1.72 -18.57 10.39
N GLN A 135 -2.95 -18.26 10.00
CA GLN A 135 -3.64 -17.07 10.50
C GLN A 135 -3.70 -17.08 12.03
N GLU A 136 -3.71 -18.28 12.61
CA GLU A 136 -3.76 -18.43 14.05
C GLU A 136 -5.00 -17.73 14.63
N GLU A 137 -6.16 -18.34 14.44
CA GLU A 137 -7.41 -17.78 14.94
C GLU A 137 -7.52 -17.95 16.46
N ASN A 2 9.94 -14.62 26.72
CA ASN A 2 9.09 -15.79 26.84
C ASN A 2 7.88 -15.69 25.91
N ALA A 3 8.01 -14.86 24.88
CA ALA A 3 6.93 -14.68 23.91
C ALA A 3 7.42 -13.91 22.69
N GLU A 4 7.69 -14.64 21.61
CA GLU A 4 8.17 -14.01 20.37
C GLU A 4 7.03 -13.85 19.37
N GLU A 5 5.81 -14.14 19.82
CA GLU A 5 4.64 -14.02 18.97
C GLU A 5 3.73 -12.88 19.44
N GLU A 6 4.08 -12.28 20.58
CA GLU A 6 3.31 -11.19 21.15
C GLU A 6 3.23 -10.02 20.17
N PRO A 7 4.40 -9.49 19.79
CA PRO A 7 4.50 -8.36 18.86
C PRO A 7 4.11 -8.75 17.44
N LEU A 8 4.23 -10.02 17.12
CA LEU A 8 3.88 -10.52 15.79
C LEU A 8 2.40 -10.31 15.51
N PHE A 9 1.60 -10.25 16.57
CA PHE A 9 0.16 -10.04 16.42
C PHE A 9 -0.15 -8.64 15.90
N TYR A 10 0.77 -7.71 16.16
CA TYR A 10 0.60 -6.32 15.73
C TYR A 10 0.71 -6.22 14.21
N THR A 11 1.87 -6.59 13.68
CA THR A 11 2.11 -6.54 12.24
C THR A 11 1.01 -7.26 11.48
N ILE A 12 0.59 -8.41 12.01
CA ILE A 12 -0.46 -9.19 11.37
C ILE A 12 -1.74 -8.38 11.19
N ASN A 13 -2.14 -7.69 12.25
CA ASN A 13 -3.34 -6.87 12.21
C ASN A 13 -3.15 -5.67 11.27
N LEU A 14 -1.90 -5.41 10.90
CA LEU A 14 -1.60 -4.29 10.02
C LEU A 14 -1.65 -4.73 8.55
N ILE A 15 -1.48 -6.03 8.33
CA ILE A 15 -1.52 -6.58 6.98
C ILE A 15 -2.94 -6.74 6.48
N ILE A 16 -3.86 -7.03 7.40
CA ILE A 16 -5.26 -7.20 7.06
C ILE A 16 -5.78 -6.00 6.26
N PRO A 17 -5.66 -4.80 6.86
CA PRO A 17 -6.11 -3.56 6.22
C PRO A 17 -5.24 -3.16 5.04
N CYS A 18 -3.95 -3.50 5.11
CA CYS A 18 -3.02 -3.18 4.05
C CYS A 18 -3.54 -3.68 2.70
N VAL A 19 -3.77 -4.98 2.61
CA VAL A 19 -4.27 -5.58 1.37
C VAL A 19 -5.69 -5.10 1.07
N LEU A 20 -6.46 -4.84 2.11
CA LEU A 20 -7.84 -4.38 1.95
C LEU A 20 -7.87 -3.01 1.26
N ILE A 21 -6.98 -2.12 1.67
CA ILE A 21 -6.91 -0.79 1.08
C ILE A 21 -6.59 -0.86 -0.40
N THR A 22 -5.61 -1.70 -0.76
CA THR A 22 -5.21 -1.86 -2.15
C THR A 22 -6.38 -2.34 -3.00
N SER A 23 -7.05 -3.38 -2.54
CA SER A 23 -8.19 -3.93 -3.28
C SER A 23 -9.21 -2.84 -3.61
N LEU A 24 -9.35 -1.88 -2.70
CA LEU A 24 -10.30 -0.79 -2.89
C LEU A 24 -9.94 0.03 -4.13
N ALA A 25 -8.65 0.39 -4.24
CA ALA A 25 -8.18 1.16 -5.38
C ALA A 25 -8.32 0.38 -6.68
N ILE A 26 -8.11 -0.93 -6.60
CA ILE A 26 -8.21 -1.80 -7.77
C ILE A 26 -9.66 -1.95 -8.21
N LEU A 27 -10.56 -2.18 -7.26
CA LEU A 27 -11.97 -2.34 -7.56
C LEU A 27 -12.55 -1.08 -8.19
N VAL A 28 -11.94 0.06 -7.86
CA VAL A 28 -12.38 1.35 -8.39
C VAL A 28 -12.00 1.49 -9.86
N PHE A 29 -10.74 1.17 -10.17
CA PHE A 29 -10.25 1.27 -11.54
C PHE A 29 -11.06 0.40 -12.48
N TYR A 30 -11.54 -0.74 -11.96
CA TYR A 30 -12.33 -1.66 -12.75
C TYR A 30 -13.78 -1.21 -12.85
N LEU A 31 -14.22 -0.44 -11.85
CA LEU A 31 -15.59 0.06 -11.82
C LEU A 31 -15.60 1.59 -11.79
N PRO A 32 -15.25 2.20 -12.93
CA PRO A 32 -15.22 3.67 -13.06
C PRO A 32 -16.62 4.27 -13.04
N SER A 33 -16.85 5.14 -12.05
CA SER A 33 -18.16 5.80 -11.92
C SER A 33 -18.01 7.14 -11.21
N ASP A 34 -18.79 8.12 -11.66
CA ASP A 34 -18.76 9.45 -11.07
C ASP A 34 -17.39 10.10 -11.27
N CYS A 35 -17.30 11.40 -11.00
CA CYS A 35 -16.06 12.13 -11.16
C CYS A 35 -15.38 12.34 -9.80
N GLY A 36 -16.18 12.27 -8.74
CA GLY A 36 -15.64 12.46 -7.40
C GLY A 36 -15.29 11.15 -6.73
N GLU A 37 -15.30 10.07 -7.50
CA GLU A 37 -14.97 8.75 -6.97
C GLU A 37 -13.47 8.53 -6.92
N LYS A 38 -12.79 8.90 -8.00
CA LYS A 38 -11.34 8.74 -8.09
C LYS A 38 -10.63 9.81 -7.27
N MET A 39 -11.24 10.99 -7.18
CA MET A 39 -10.66 12.09 -6.43
C MET A 39 -10.72 11.81 -4.93
N THR A 40 -11.94 11.61 -4.42
CA THR A 40 -12.13 11.33 -2.99
C THR A 40 -11.39 10.07 -2.57
N LEU A 41 -11.16 9.17 -3.53
CA LEU A 41 -10.45 7.93 -3.27
C LEU A 41 -9.02 8.18 -2.83
N CYS A 42 -8.28 8.90 -3.67
CA CYS A 42 -6.88 9.23 -3.37
C CYS A 42 -6.76 9.88 -2.00
N ILE A 43 -7.68 10.79 -1.69
CA ILE A 43 -7.68 11.48 -0.41
C ILE A 43 -8.05 10.53 0.73
N SER A 44 -9.06 9.70 0.50
CA SER A 44 -9.51 8.74 1.51
C SER A 44 -8.38 7.80 1.90
N VAL A 45 -7.87 7.05 0.93
CA VAL A 45 -6.79 6.11 1.17
C VAL A 45 -5.62 6.78 1.89
N LEU A 46 -5.36 8.04 1.54
CA LEU A 46 -4.28 8.79 2.15
C LEU A 46 -4.48 8.91 3.66
N LEU A 47 -5.70 9.23 4.06
CA LEU A 47 -6.03 9.38 5.48
C LEU A 47 -5.77 8.07 6.24
N ALA A 48 -6.33 6.98 5.74
CA ALA A 48 -6.15 5.68 6.36
C ALA A 48 -4.67 5.30 6.45
N LEU A 49 -3.91 5.69 5.43
CA LEU A 49 -2.48 5.40 5.39
C LEU A 49 -1.72 6.28 6.37
N THR A 50 -2.17 7.53 6.51
CA THR A 50 -1.53 8.47 7.42
C THR A 50 -1.73 8.06 8.88
N VAL A 51 -2.91 7.54 9.17
CA VAL A 51 -3.23 7.10 10.53
C VAL A 51 -2.33 5.95 10.97
N PHE A 52 -2.10 5.01 10.06
CA PHE A 52 -1.26 3.86 10.34
C PHE A 52 0.22 4.25 10.34
N LEU A 53 0.58 5.13 9.42
CA LEU A 53 1.97 5.59 9.31
C LEU A 53 2.39 6.35 10.55
N LEU A 54 1.66 7.43 10.85
CA LEU A 54 1.95 8.25 12.01
C LEU A 54 2.02 7.40 13.28
N LEU A 55 1.16 6.41 13.36
CA LEU A 55 1.12 5.51 14.52
C LEU A 55 2.49 4.89 14.78
N ILE A 56 3.05 4.27 13.74
CA ILE A 56 4.36 3.65 13.85
C ILE A 56 5.44 4.68 14.14
N SER A 57 5.31 5.86 13.53
CA SER A 57 6.28 6.93 13.72
C SER A 57 6.25 7.45 15.15
N LYS A 58 5.10 7.27 15.81
CA LYS A 58 4.93 7.73 17.19
C LYS A 58 5.25 6.60 18.17
N ILE A 59 5.41 5.39 17.65
CA ILE A 59 5.71 4.23 18.47
C ILE A 59 4.56 3.89 19.41
N VAL A 60 3.91 2.76 19.16
CA VAL A 60 2.79 2.33 19.98
C VAL A 60 2.83 0.82 20.21
N PRO A 61 3.80 0.38 21.02
CA PRO A 61 3.97 -1.04 21.34
C PRO A 61 2.85 -1.57 22.24
N PRO A 62 2.79 -2.91 22.39
CA PRO A 62 1.77 -3.56 23.21
C PRO A 62 1.99 -3.32 24.70
N THR A 63 3.23 -3.44 25.13
CA THR A 63 3.58 -3.23 26.54
C THR A 63 5.08 -3.34 26.76
N SER A 64 5.72 -4.28 26.05
CA SER A 64 7.15 -4.48 26.17
C SER A 64 7.84 -4.35 24.82
N SER A 65 8.91 -3.57 24.78
CA SER A 65 9.65 -3.35 23.55
C SER A 65 11.15 -3.51 23.78
N ASP A 66 11.91 -3.63 22.69
CA ASP A 66 13.35 -3.79 22.77
C ASP A 66 13.97 -3.86 21.39
N SER A 67 13.33 -4.59 20.49
CA SER A 67 13.82 -4.74 19.13
C SER A 67 12.67 -4.95 18.15
N PRO A 68 11.90 -3.88 17.91
CA PRO A 68 10.75 -3.92 17.00
C PRO A 68 11.17 -4.05 15.54
N SER A 69 10.23 -4.43 14.69
CA SER A 69 10.50 -4.60 13.27
C SER A 69 9.55 -3.75 12.43
N VAL A 70 8.97 -2.74 13.04
CA VAL A 70 8.04 -1.85 12.35
C VAL A 70 8.77 -0.99 11.33
N GLY A 71 10.03 -0.68 11.61
CA GLY A 71 10.81 0.14 10.71
C GLY A 71 11.11 -0.58 9.40
N GLU A 72 11.29 -1.89 9.46
CA GLU A 72 11.58 -2.68 8.27
C GLU A 72 10.37 -2.74 7.35
N TYR A 73 9.29 -3.34 7.83
CA TYR A 73 8.07 -3.46 7.05
C TYR A 73 7.62 -2.10 6.51
N LEU A 74 7.70 -1.08 7.36
CA LEU A 74 7.30 0.27 6.97
C LEU A 74 8.14 0.76 5.80
N MET A 75 9.41 0.36 5.77
CA MET A 75 10.31 0.77 4.70
C MET A 75 9.79 0.29 3.35
N PHE A 76 9.45 -0.99 3.26
CA PHE A 76 8.94 -1.56 2.02
C PHE A 76 7.51 -1.09 1.75
N THR A 77 6.83 -0.67 2.81
CA THR A 77 5.45 -0.20 2.69
C THR A 77 5.41 1.22 2.12
N MET A 78 6.30 2.07 2.61
CA MET A 78 6.36 3.45 2.14
C MET A 78 6.74 3.52 0.67
N VAL A 79 7.65 2.65 0.26
CA VAL A 79 8.10 2.60 -1.13
C VAL A 79 6.94 2.29 -2.07
N LEU A 80 6.25 1.18 -1.80
CA LEU A 80 5.12 0.76 -2.62
C LEU A 80 3.99 1.79 -2.56
N VAL A 81 3.62 2.16 -1.34
CA VAL A 81 2.55 3.14 -1.14
C VAL A 81 2.84 4.44 -1.89
N THR A 82 4.10 4.85 -1.86
CA THR A 82 4.51 6.07 -2.54
C THR A 82 4.26 5.98 -4.05
N PHE A 83 4.44 4.79 -4.59
CA PHE A 83 4.24 4.55 -6.02
C PHE A 83 2.81 4.92 -6.43
N SER A 84 1.83 4.35 -5.72
CA SER A 84 0.43 4.60 -6.01
C SER A 84 0.15 6.10 -6.06
N ILE A 85 0.59 6.80 -5.03
CA ILE A 85 0.39 8.25 -4.94
C ILE A 85 1.05 8.97 -6.11
N VAL A 86 2.20 8.47 -6.52
CA VAL A 86 2.93 9.06 -7.65
C VAL A 86 2.15 8.94 -8.94
N THR A 87 1.44 7.83 -9.10
CA THR A 87 0.64 7.59 -10.30
C THR A 87 -0.59 8.50 -10.32
N SER A 88 -1.19 8.70 -9.16
CA SER A 88 -2.38 9.54 -9.05
C SER A 88 -2.02 11.02 -9.18
N VAL A 89 -0.86 11.38 -8.64
CA VAL A 89 -0.40 12.77 -8.70
C VAL A 89 -0.10 13.18 -10.14
N CYS A 90 0.32 12.22 -10.95
CA CYS A 90 0.64 12.49 -12.35
C CYS A 90 -0.62 12.45 -13.21
N VAL A 91 -1.54 11.55 -12.87
CA VAL A 91 -2.78 11.41 -13.61
C VAL A 91 -3.73 12.57 -13.31
N LEU A 92 -3.84 12.92 -12.04
CA LEU A 92 -4.71 14.01 -11.62
C LEU A 92 -4.36 15.31 -12.35
N ASN A 93 -3.11 15.73 -12.21
CA ASN A 93 -2.64 16.95 -12.86
C ASN A 93 -1.15 16.88 -13.16
N VAL A 94 -0.73 17.55 -14.23
CA VAL A 94 0.68 17.56 -14.62
C VAL A 94 0.98 18.73 -15.54
N HIS A 95 2.26 19.11 -15.59
CA HIS A 95 2.69 20.23 -16.43
C HIS A 95 4.12 20.03 -16.91
N HIS A 96 4.27 19.52 -18.13
CA HIS A 96 5.59 19.28 -18.70
C HIS A 96 5.51 19.16 -20.22
N ARG A 97 5.67 20.29 -20.90
CA ARG A 97 5.61 20.32 -22.35
C ARG A 97 6.98 20.02 -22.96
N SER A 98 7.01 19.09 -23.91
CA SER A 98 8.26 18.71 -24.57
C SER A 98 7.99 18.17 -25.97
N PRO A 99 9.04 18.16 -26.80
CA PRO A 99 8.95 17.69 -28.19
C PRO A 99 8.75 16.18 -28.26
N GLU A 100 9.49 15.45 -27.43
CA GLU A 100 9.41 14.00 -27.40
C GLU A 100 9.18 13.49 -25.98
N THR A 101 8.22 12.57 -25.83
CA THR A 101 7.91 12.02 -24.52
C THR A 101 8.10 10.50 -24.52
N HIS A 102 8.21 9.93 -23.32
CA HIS A 102 8.39 8.49 -23.18
C HIS A 102 7.15 7.74 -23.64
N THR A 103 7.32 6.90 -24.66
CA THR A 103 6.21 6.12 -25.20
C THR A 103 6.63 4.67 -25.44
N GLY A 104 5.86 3.75 -24.89
CA GLY A 104 6.16 2.33 -25.06
C GLY A 104 5.09 1.43 -24.47
N GLY A 105 3.94 1.35 -25.13
CA GLY A 105 2.86 0.52 -24.64
C GLY A 105 1.64 0.58 -25.54
N GLY A 106 1.29 1.78 -26.01
CA GLY A 106 0.14 1.93 -26.87
C GLY A 106 -1.16 2.02 -26.11
N GLY A 107 -1.11 2.62 -24.92
CA GLY A 107 -2.30 2.75 -24.11
C GLY A 107 -2.37 1.71 -23.00
N GLY A 108 -3.46 1.72 -22.24
CA GLY A 108 -3.62 0.76 -21.16
C GLY A 108 -2.58 0.95 -20.07
N ILE A 109 -1.95 2.12 -20.04
CA ILE A 109 -0.93 2.42 -19.04
C ILE A 109 -1.45 2.12 -17.63
N ASP A 110 -2.73 2.39 -17.40
CA ASP A 110 -3.35 2.15 -16.10
C ASP A 110 -3.48 0.65 -15.84
N ARG A 111 -4.02 -0.07 -16.81
CA ARG A 111 -4.21 -1.52 -16.67
C ARG A 111 -2.89 -2.20 -16.32
N LEU A 112 -1.79 -1.64 -16.80
CA LEU A 112 -0.46 -2.20 -16.55
C LEU A 112 -0.10 -2.07 -15.08
N PHE A 113 -0.23 -0.85 -14.54
CA PHE A 113 0.09 -0.59 -13.15
C PHE A 113 -0.89 -1.31 -12.22
N LEU A 114 -2.08 -1.60 -12.73
CA LEU A 114 -3.11 -2.28 -11.96
C LEU A 114 -2.71 -3.72 -11.67
N TRP A 115 -2.17 -4.38 -12.69
CA TRP A 115 -1.74 -5.77 -12.54
C TRP A 115 -0.37 -5.86 -11.88
N ILE A 116 0.54 -4.98 -12.29
CA ILE A 116 1.89 -4.95 -11.72
C ILE A 116 1.84 -4.79 -10.20
N PHE A 117 0.75 -4.20 -9.70
CA PHE A 117 0.59 -3.99 -8.27
C PHE A 117 0.10 -5.26 -7.59
N VAL A 118 -1.05 -5.75 -8.02
CA VAL A 118 -1.62 -6.97 -7.44
C VAL A 118 -0.61 -8.11 -7.44
N PHE A 119 0.30 -8.09 -8.41
CA PHE A 119 1.32 -9.12 -8.52
C PHE A 119 2.33 -9.00 -7.38
N VAL A 120 2.98 -7.83 -7.30
CA VAL A 120 3.97 -7.59 -6.25
C VAL A 120 3.34 -7.64 -4.87
N CYS A 121 2.06 -7.31 -4.80
CA CYS A 121 1.34 -7.31 -3.53
C CYS A 121 1.06 -8.74 -3.07
N VAL A 122 0.81 -9.63 -4.03
CA VAL A 122 0.53 -11.03 -3.71
C VAL A 122 1.74 -11.70 -3.06
N PHE A 123 2.87 -11.68 -3.76
CA PHE A 123 4.09 -12.29 -3.26
C PHE A 123 4.63 -11.51 -2.06
N GLY A 124 4.31 -10.23 -2.00
CA GLY A 124 4.76 -9.40 -0.89
C GLY A 124 4.02 -9.69 0.39
N THR A 125 2.70 -9.65 0.35
CA THR A 125 1.88 -9.91 1.52
C THR A 125 1.99 -11.37 1.95
N ILE A 126 1.63 -12.28 1.04
CA ILE A 126 1.68 -13.70 1.33
C ILE A 126 3.09 -14.13 1.76
N GLY A 127 4.09 -13.45 1.19
CA GLY A 127 5.46 -13.77 1.53
C GLY A 127 5.74 -13.68 3.02
N MET A 128 5.54 -12.50 3.59
CA MET A 128 5.76 -12.29 5.01
C MET A 128 4.64 -12.92 5.84
N PHE A 129 3.46 -13.01 5.24
CA PHE A 129 2.32 -13.60 5.93
C PHE A 129 2.47 -15.11 6.07
N LEU A 130 3.40 -15.68 5.31
CA LEU A 130 3.65 -17.11 5.34
C LEU A 130 4.62 -17.47 6.47
N GLN A 131 5.12 -16.45 7.16
CA GLN A 131 6.05 -16.66 8.27
C GLN A 131 5.50 -17.67 9.25
N PRO A 132 4.31 -17.37 9.81
CA PRO A 132 3.65 -18.25 10.78
C PRO A 132 3.14 -19.54 10.15
N LEU A 133 3.02 -20.58 10.95
CA LEU A 133 2.53 -21.88 10.48
C LEU A 133 1.00 -21.92 10.49
N PHE A 134 0.41 -21.13 11.37
CA PHE A 134 -1.05 -21.08 11.49
C PHE A 134 -1.49 -20.11 12.57
N GLN A 135 -1.37 -20.54 13.83
CA GLN A 135 -1.75 -19.70 14.96
C GLN A 135 -0.54 -19.41 15.85
N GLU A 136 0.42 -20.32 15.85
CA GLU A 136 1.63 -20.17 16.65
C GLU A 136 2.66 -19.29 15.93
N GLU A 137 2.23 -18.08 15.55
CA GLU A 137 3.11 -17.15 14.86
C GLU A 137 4.36 -16.86 15.69
N ASN A 2 11.49 -15.85 22.22
CA ASN A 2 10.89 -14.61 22.74
C ASN A 2 9.39 -14.55 22.43
N ALA A 3 8.96 -15.43 21.53
CA ALA A 3 7.55 -15.48 21.14
C ALA A 3 6.66 -15.76 22.36
N GLU A 4 5.92 -14.75 22.79
CA GLU A 4 5.03 -14.89 23.94
C GLU A 4 3.57 -14.84 23.51
N GLU A 5 3.32 -15.20 22.25
CA GLU A 5 1.96 -15.18 21.71
C GLU A 5 1.32 -13.80 21.88
N GLU A 6 1.49 -12.96 20.87
CA GLU A 6 0.93 -11.61 20.91
C GLU A 6 1.30 -10.84 19.64
N PRO A 7 2.61 -10.68 19.40
CA PRO A 7 3.11 -9.96 18.23
C PRO A 7 2.87 -10.72 16.93
N LEU A 8 2.69 -12.04 17.04
CA LEU A 8 2.44 -12.87 15.87
C LEU A 8 1.05 -12.63 15.32
N PHE A 9 0.08 -12.44 16.21
CA PHE A 9 -1.30 -12.20 15.80
C PHE A 9 -1.50 -10.72 15.44
N TYR A 10 -0.64 -9.87 15.96
CA TYR A 10 -0.73 -8.43 15.69
C TYR A 10 -0.33 -8.13 14.25
N THR A 11 0.85 -8.59 13.85
CA THR A 11 1.33 -8.36 12.50
C THR A 11 0.30 -8.78 11.45
N ILE A 12 -0.37 -9.90 11.71
CA ILE A 12 -1.38 -10.42 10.80
C ILE A 12 -2.58 -9.49 10.74
N ASN A 13 -2.90 -8.87 11.87
CA ASN A 13 -4.04 -7.96 11.97
C ASN A 13 -3.71 -6.63 11.27
N LEU A 14 -2.43 -6.41 10.99
CA LEU A 14 -1.99 -5.18 10.34
C LEU A 14 -2.02 -5.34 8.82
N ILE A 15 -1.88 -6.57 8.35
CA ILE A 15 -1.89 -6.85 6.92
C ILE A 15 -3.32 -6.89 6.39
N ILE A 16 -4.26 -7.30 7.24
CA ILE A 16 -5.66 -7.37 6.85
C ILE A 16 -6.13 -6.05 6.24
N PRO A 17 -6.00 -4.97 7.01
CA PRO A 17 -6.41 -3.63 6.56
C PRO A 17 -5.51 -3.08 5.46
N CYS A 18 -4.21 -3.37 5.57
CA CYS A 18 -3.24 -2.90 4.59
C CYS A 18 -3.67 -3.29 3.17
N VAL A 19 -3.83 -4.60 2.95
CA VAL A 19 -4.24 -5.10 1.65
C VAL A 19 -5.68 -4.70 1.33
N LEU A 20 -6.45 -4.43 2.37
CA LEU A 20 -7.85 -4.03 2.20
C LEU A 20 -7.95 -2.66 1.55
N ILE A 21 -7.32 -1.67 2.18
CA ILE A 21 -7.34 -0.30 1.66
C ILE A 21 -6.87 -0.26 0.21
N THR A 22 -5.77 -0.93 -0.07
CA THR A 22 -5.22 -0.98 -1.43
C THR A 22 -6.28 -1.41 -2.44
N SER A 23 -6.93 -2.53 -2.15
CA SER A 23 -7.96 -3.05 -3.04
C SER A 23 -9.02 -1.98 -3.33
N LEU A 24 -9.36 -1.20 -2.31
CA LEU A 24 -10.36 -0.14 -2.45
C LEU A 24 -9.99 0.80 -3.59
N ALA A 25 -8.71 1.17 -3.66
CA ALA A 25 -8.23 2.06 -4.70
C ALA A 25 -8.30 1.41 -6.08
N ILE A 26 -8.15 0.08 -6.10
CA ILE A 26 -8.20 -0.68 -7.34
C ILE A 26 -9.63 -0.80 -7.85
N LEU A 27 -10.55 -1.08 -6.93
CA LEU A 27 -11.96 -1.22 -7.29
C LEU A 27 -12.50 0.05 -7.93
N VAL A 28 -11.97 1.19 -7.52
CA VAL A 28 -12.40 2.47 -8.06
C VAL A 28 -11.81 2.71 -9.45
N PHE A 29 -10.50 2.53 -9.56
CA PHE A 29 -9.82 2.71 -10.84
C PHE A 29 -10.34 1.75 -11.89
N TYR A 30 -10.81 0.59 -11.43
CA TYR A 30 -11.34 -0.43 -12.32
C TYR A 30 -12.79 -0.12 -12.70
N LEU A 31 -13.59 0.23 -11.71
CA LEU A 31 -15.00 0.55 -11.93
C LEU A 31 -15.33 1.94 -11.40
N PRO A 32 -14.81 2.98 -12.09
CA PRO A 32 -15.05 4.37 -11.71
C PRO A 32 -16.48 4.81 -11.96
N SER A 33 -17.16 5.20 -10.88
CA SER A 33 -18.56 5.64 -10.97
C SER A 33 -18.65 7.16 -10.94
N ASP A 34 -17.60 7.80 -10.43
CA ASP A 34 -17.56 9.26 -10.34
C ASP A 34 -16.27 9.81 -10.93
N CYS A 35 -16.15 11.13 -10.97
CA CYS A 35 -14.96 11.78 -11.52
C CYS A 35 -14.18 12.47 -10.41
N GLY A 36 -14.84 12.73 -9.29
CA GLY A 36 -14.17 13.39 -8.17
C GLY A 36 -13.90 12.43 -7.03
N GLU A 37 -14.32 11.18 -7.18
CA GLU A 37 -14.11 10.18 -6.14
C GLU A 37 -12.63 9.89 -5.95
N LYS A 38 -11.86 10.00 -7.03
CA LYS A 38 -10.42 9.75 -6.97
C LYS A 38 -9.76 10.64 -5.92
N MET A 39 -9.97 11.94 -6.02
CA MET A 39 -9.40 12.89 -5.08
C MET A 39 -9.78 12.52 -3.65
N THR A 40 -11.08 12.31 -3.43
CA THR A 40 -11.58 11.95 -2.10
C THR A 40 -10.87 10.70 -1.57
N LEU A 41 -10.49 9.81 -2.47
CA LEU A 41 -9.80 8.58 -2.08
C LEU A 41 -8.39 8.87 -1.59
N CYS A 42 -7.68 9.74 -2.30
CA CYS A 42 -6.32 10.10 -1.93
C CYS A 42 -6.25 10.55 -0.47
N ILE A 43 -7.25 11.32 -0.05
CA ILE A 43 -7.30 11.80 1.33
C ILE A 43 -7.68 10.69 2.29
N SER A 44 -8.43 9.71 1.80
CA SER A 44 -8.86 8.58 2.61
C SER A 44 -7.67 7.70 2.99
N VAL A 45 -6.98 7.17 1.98
CA VAL A 45 -5.83 6.31 2.21
C VAL A 45 -4.79 7.00 3.08
N LEU A 46 -4.69 8.32 2.94
CA LEU A 46 -3.74 9.10 3.72
C LEU A 46 -4.08 9.05 5.21
N LEU A 47 -5.36 9.19 5.53
CA LEU A 47 -5.81 9.15 6.91
C LEU A 47 -5.43 7.83 7.58
N ALA A 48 -5.56 6.74 6.82
CA ALA A 48 -5.23 5.42 7.33
C ALA A 48 -3.78 5.36 7.82
N LEU A 49 -2.86 5.85 7.00
CA LEU A 49 -1.44 5.86 7.35
C LEU A 49 -1.22 6.60 8.66
N THR A 50 -1.97 7.67 8.87
CA THR A 50 -1.85 8.47 10.08
C THR A 50 -2.33 7.70 11.30
N VAL A 51 -3.47 7.03 11.16
CA VAL A 51 -4.04 6.24 12.25
C VAL A 51 -3.07 5.17 12.72
N PHE A 52 -2.33 4.59 11.77
CA PHE A 52 -1.37 3.54 12.08
C PHE A 52 -0.22 4.10 12.91
N LEU A 53 0.30 5.25 12.50
CA LEU A 53 1.42 5.89 13.19
C LEU A 53 1.11 6.04 14.69
N LEU A 54 0.02 6.75 14.99
CA LEU A 54 -0.39 6.95 16.38
C LEU A 54 -0.68 5.63 17.06
N LEU A 55 -1.20 4.67 16.31
CA LEU A 55 -1.52 3.35 16.84
C LEU A 55 -0.34 2.78 17.61
N ILE A 56 0.74 2.49 16.91
CA ILE A 56 1.94 1.93 17.52
C ILE A 56 2.62 2.96 18.42
N SER A 57 2.43 4.24 18.10
CA SER A 57 3.02 5.32 18.87
C SER A 57 2.78 5.13 20.36
N LYS A 58 1.63 4.55 20.70
CA LYS A 58 1.27 4.30 22.09
C LYS A 58 1.63 2.87 22.50
N ILE A 59 1.67 1.97 21.51
CA ILE A 59 2.00 0.57 21.78
C ILE A 59 3.02 0.07 20.78
N VAL A 60 4.28 0.00 21.20
CA VAL A 60 5.35 -0.47 20.34
C VAL A 60 5.81 -1.87 20.74
N PRO A 61 6.38 -2.60 19.78
CA PRO A 61 6.88 -3.97 20.02
C PRO A 61 8.10 -4.00 20.92
N PRO A 62 8.47 -5.20 21.39
CA PRO A 62 9.63 -5.39 22.26
C PRO A 62 10.95 -5.18 21.53
N THR A 63 10.93 -5.36 20.21
CA THR A 63 12.12 -5.19 19.40
C THR A 63 12.41 -3.71 19.16
N SER A 64 12.98 -3.06 20.16
CA SER A 64 13.31 -1.65 20.07
C SER A 64 14.82 -1.44 19.99
N SER A 65 15.53 -2.47 19.55
CA SER A 65 16.98 -2.41 19.45
C SER A 65 17.44 -2.73 18.03
N ASP A 66 17.14 -3.96 17.59
CA ASP A 66 17.52 -4.40 16.26
C ASP A 66 16.40 -5.20 15.60
N SER A 67 16.40 -5.25 14.27
CA SER A 67 15.38 -5.97 13.53
C SER A 67 13.98 -5.54 13.97
N PRO A 68 13.59 -4.32 13.55
CA PRO A 68 12.28 -3.75 13.88
C PRO A 68 11.14 -4.47 13.17
N SER A 69 9.92 -3.99 13.38
CA SER A 69 8.74 -4.59 12.75
C SER A 69 7.77 -3.52 12.28
N VAL A 70 7.07 -2.90 13.22
CA VAL A 70 6.11 -1.85 12.90
C VAL A 70 6.78 -0.71 12.14
N GLY A 71 8.05 -0.48 12.41
CA GLY A 71 8.78 0.57 11.73
C GLY A 71 9.27 0.16 10.36
N GLU A 72 9.66 -1.11 10.24
CA GLU A 72 10.15 -1.64 8.97
C GLU A 72 9.10 -1.54 7.89
N TYR A 73 7.89 -1.98 8.21
CA TYR A 73 6.78 -1.94 7.25
C TYR A 73 6.38 -0.50 6.94
N LEU A 74 6.31 0.32 7.98
CA LEU A 74 5.94 1.72 7.82
C LEU A 74 6.81 2.40 6.76
N MET A 75 8.12 2.19 6.86
CA MET A 75 9.06 2.78 5.91
C MET A 75 8.70 2.39 4.48
N PHE A 76 8.47 1.10 4.27
CA PHE A 76 8.12 0.59 2.95
C PHE A 76 6.74 1.09 2.52
N THR A 77 5.91 1.39 3.50
CA THR A 77 4.56 1.88 3.23
C THR A 77 4.59 3.31 2.69
N MET A 78 5.37 4.16 3.35
CA MET A 78 5.49 5.56 2.95
C MET A 78 6.00 5.67 1.51
N VAL A 79 6.90 4.77 1.13
CA VAL A 79 7.45 4.76 -0.21
C VAL A 79 6.38 4.49 -1.25
N LEU A 80 5.77 3.31 -1.17
CA LEU A 80 4.72 2.93 -2.10
C LEU A 80 3.58 3.94 -2.10
N VAL A 81 3.17 4.36 -0.90
CA VAL A 81 2.10 5.32 -0.75
C VAL A 81 2.38 6.59 -1.55
N THR A 82 3.60 7.10 -1.42
CA THR A 82 4.00 8.31 -2.13
C THR A 82 3.76 8.18 -3.62
N PHE A 83 4.13 7.03 -4.18
CA PHE A 83 3.96 6.77 -5.60
C PHE A 83 2.48 6.82 -5.98
N SER A 84 1.63 6.34 -5.08
CA SER A 84 0.19 6.32 -5.32
C SER A 84 -0.36 7.72 -5.50
N ILE A 85 0.19 8.66 -4.74
CA ILE A 85 -0.25 10.05 -4.82
C ILE A 85 0.11 10.66 -6.17
N VAL A 86 1.35 10.45 -6.60
CA VAL A 86 1.82 10.98 -7.88
C VAL A 86 0.91 10.52 -9.03
N THR A 87 0.43 9.28 -8.93
CA THR A 87 -0.44 8.72 -9.96
C THR A 87 -1.83 9.34 -9.89
N SER A 88 -2.19 9.84 -8.71
CA SER A 88 -3.50 10.45 -8.52
C SER A 88 -3.64 11.71 -9.38
N VAL A 89 -2.75 12.67 -9.16
CA VAL A 89 -2.79 13.92 -9.91
C VAL A 89 -2.48 13.68 -11.39
N CYS A 90 -1.54 12.79 -11.66
CA CYS A 90 -1.16 12.47 -13.03
C CYS A 90 -2.38 12.02 -13.83
N VAL A 91 -3.13 11.07 -13.28
CA VAL A 91 -4.32 10.56 -13.95
C VAL A 91 -5.31 11.67 -14.24
N LEU A 92 -5.47 12.58 -13.28
CA LEU A 92 -6.38 13.71 -13.44
C LEU A 92 -5.89 14.68 -14.51
N ASN A 93 -4.57 14.83 -14.60
CA ASN A 93 -3.98 15.72 -15.58
C ASN A 93 -2.54 15.31 -15.90
N VAL A 94 -2.25 15.13 -17.18
CA VAL A 94 -0.91 14.73 -17.61
C VAL A 94 -0.33 15.74 -18.59
N HIS A 95 0.95 16.05 -18.43
CA HIS A 95 1.63 16.99 -19.32
C HIS A 95 3.07 16.59 -19.54
N HIS A 96 3.77 17.33 -20.40
CA HIS A 96 5.17 17.05 -20.70
C HIS A 96 5.33 15.64 -21.25
N ARG A 97 5.14 15.49 -22.56
CA ARG A 97 5.27 14.19 -23.21
C ARG A 97 6.61 13.54 -22.88
N SER A 98 6.59 12.24 -22.69
CA SER A 98 7.81 11.49 -22.36
C SER A 98 8.62 11.21 -23.62
N PRO A 99 9.92 10.91 -23.43
CA PRO A 99 10.83 10.61 -24.54
C PRO A 99 10.52 9.27 -25.20
N GLU A 100 10.17 8.28 -24.38
CA GLU A 100 9.85 6.95 -24.89
C GLU A 100 11.04 6.34 -25.62
N THR A 101 11.78 5.48 -24.92
CA THR A 101 12.94 4.83 -25.49
C THR A 101 12.54 3.71 -26.44
N HIS A 102 11.54 2.93 -26.04
CA HIS A 102 11.06 1.82 -26.86
C HIS A 102 9.79 2.23 -27.62
N THR A 103 9.84 2.11 -28.94
CA THR A 103 8.71 2.47 -29.79
C THR A 103 7.61 1.41 -29.69
N GLY A 104 6.47 1.70 -30.31
CA GLY A 104 5.36 0.77 -30.29
C GLY A 104 4.64 0.76 -28.96
N GLY A 105 3.40 1.24 -28.95
CA GLY A 105 2.62 1.28 -27.72
C GLY A 105 1.17 1.62 -27.97
N GLY A 106 0.48 2.07 -26.92
CA GLY A 106 -0.92 2.42 -27.04
C GLY A 106 -1.53 2.85 -25.72
N GLY A 107 -2.81 3.21 -25.76
CA GLY A 107 -3.49 3.64 -24.55
C GLY A 107 -3.56 2.54 -23.51
N GLY A 108 -4.08 2.87 -22.33
CA GLY A 108 -4.19 1.90 -21.26
C GLY A 108 -3.19 2.14 -20.15
N ILE A 109 -2.55 3.31 -20.18
CA ILE A 109 -1.56 3.66 -19.16
C ILE A 109 -2.12 3.45 -17.76
N ASP A 110 -3.40 3.74 -17.58
CA ASP A 110 -4.05 3.58 -16.29
C ASP A 110 -4.10 2.11 -15.87
N ARG A 111 -4.50 1.25 -16.80
CA ARG A 111 -4.58 -0.18 -16.53
C ARG A 111 -3.20 -0.75 -16.25
N LEU A 112 -2.19 -0.19 -16.90
CA LEU A 112 -0.81 -0.65 -16.72
C LEU A 112 -0.33 -0.40 -15.29
N PHE A 113 -0.40 0.86 -14.87
CA PHE A 113 0.03 1.23 -13.53
C PHE A 113 -0.76 0.47 -12.47
N LEU A 114 -2.01 0.16 -12.79
CA LEU A 114 -2.88 -0.57 -11.86
C LEU A 114 -2.46 -2.03 -11.77
N TRP A 115 -2.28 -2.67 -12.91
CA TRP A 115 -1.88 -4.07 -12.95
C TRP A 115 -0.60 -4.30 -12.15
N ILE A 116 0.40 -3.45 -12.38
CA ILE A 116 1.66 -3.55 -11.67
C ILE A 116 1.49 -3.25 -10.19
N PHE A 117 0.45 -2.50 -9.87
CA PHE A 117 0.17 -2.14 -8.48
C PHE A 117 -0.21 -3.37 -7.65
N VAL A 118 -1.01 -4.24 -8.26
CA VAL A 118 -1.46 -5.46 -7.59
C VAL A 118 -0.29 -6.44 -7.41
N PHE A 119 0.58 -6.49 -8.40
CA PHE A 119 1.74 -7.38 -8.36
C PHE A 119 2.61 -7.10 -7.14
N VAL A 120 3.09 -5.86 -7.05
CA VAL A 120 3.94 -5.46 -5.93
C VAL A 120 3.21 -5.63 -4.60
N CYS A 121 1.90 -5.45 -4.62
CA CYS A 121 1.08 -5.58 -3.43
C CYS A 121 1.04 -7.03 -2.95
N VAL A 122 0.76 -7.94 -3.87
CA VAL A 122 0.69 -9.36 -3.55
C VAL A 122 2.05 -9.90 -3.16
N PHE A 123 3.03 -9.74 -4.06
CA PHE A 123 4.39 -10.21 -3.81
C PHE A 123 4.93 -9.63 -2.50
N GLY A 124 4.86 -8.32 -2.37
CA GLY A 124 5.35 -7.66 -1.17
C GLY A 124 4.68 -8.18 0.10
N THR A 125 3.35 -8.17 0.10
CA THR A 125 2.58 -8.64 1.25
C THR A 125 2.95 -10.08 1.61
N ILE A 126 3.00 -10.93 0.59
CA ILE A 126 3.34 -12.33 0.80
C ILE A 126 4.76 -12.48 1.36
N GLY A 127 5.64 -11.56 0.97
CA GLY A 127 7.02 -11.61 1.44
C GLY A 127 7.12 -11.45 2.94
N MET A 128 6.51 -10.40 3.48
CA MET A 128 6.53 -10.15 4.91
C MET A 128 5.60 -11.10 5.65
N PHE A 129 4.51 -11.49 4.98
CA PHE A 129 3.54 -12.41 5.57
C PHE A 129 4.13 -13.79 5.77
N LEU A 130 5.23 -14.06 5.06
CA LEU A 130 5.90 -15.36 5.16
C LEU A 130 6.87 -15.37 6.34
N GLN A 131 6.92 -14.27 7.08
CA GLN A 131 7.81 -14.16 8.22
C GLN A 131 7.58 -15.30 9.21
N PRO A 132 6.34 -15.40 9.71
CA PRO A 132 5.96 -16.45 10.67
C PRO A 132 5.93 -17.83 10.03
N LEU A 133 6.19 -18.86 10.84
CA LEU A 133 6.19 -20.23 10.35
C LEU A 133 4.79 -20.66 9.95
N PHE A 134 3.78 -20.04 10.55
CA PHE A 134 2.39 -20.36 10.24
C PHE A 134 1.44 -19.39 10.92
N GLN A 135 0.14 -19.59 10.74
CA GLN A 135 -0.86 -18.73 11.34
C GLN A 135 -0.87 -18.87 12.85
N GLU A 136 -0.37 -20.00 13.35
CA GLU A 136 -0.32 -20.25 14.78
C GLU A 136 -1.69 -20.05 15.42
N GLU A 137 -2.67 -20.82 14.96
CA GLU A 137 -4.03 -20.72 15.49
C GLU A 137 -4.18 -21.55 16.76
N ASN A 2 9.86 -14.25 26.08
CA ASN A 2 10.58 -13.58 25.00
C ASN A 2 9.93 -13.89 23.66
N ALA A 3 8.94 -14.77 23.67
CA ALA A 3 8.24 -15.15 22.45
C ALA A 3 6.84 -15.68 22.75
N GLU A 4 5.96 -14.78 23.18
CA GLU A 4 4.59 -15.17 23.51
C GLU A 4 3.64 -14.89 22.34
N GLU A 5 4.22 -14.69 21.17
CA GLU A 5 3.44 -14.42 19.97
C GLU A 5 2.53 -13.21 20.19
N GLU A 6 2.97 -12.28 21.03
CA GLU A 6 2.20 -11.09 21.32
C GLU A 6 2.05 -10.21 20.08
N PRO A 7 3.20 -9.80 19.52
CA PRO A 7 3.24 -8.96 18.32
C PRO A 7 2.78 -9.70 17.07
N LEU A 8 2.87 -11.02 17.11
CA LEU A 8 2.46 -11.86 15.98
C LEU A 8 1.03 -11.54 15.56
N PHE A 9 0.14 -11.42 16.53
CA PHE A 9 -1.26 -11.11 16.26
C PHE A 9 -1.42 -9.67 15.80
N TYR A 10 -0.45 -8.83 16.16
CA TYR A 10 -0.48 -7.42 15.79
C TYR A 10 -0.14 -7.23 14.31
N THR A 11 1.04 -7.71 13.92
CA THR A 11 1.47 -7.60 12.53
C THR A 11 0.43 -8.14 11.57
N ILE A 12 -0.19 -9.26 11.94
CA ILE A 12 -1.22 -9.88 11.11
C ILE A 12 -2.41 -8.95 10.94
N ASN A 13 -2.77 -8.25 12.02
CA ASN A 13 -3.90 -7.33 11.99
C ASN A 13 -3.59 -6.12 11.11
N LEU A 14 -2.32 -5.92 10.80
CA LEU A 14 -1.89 -4.80 9.98
C LEU A 14 -1.90 -5.18 8.50
N ILE A 15 -1.81 -6.48 8.23
CA ILE A 15 -1.82 -6.97 6.85
C ILE A 15 -3.23 -7.01 6.29
N ILE A 16 -4.20 -7.27 7.17
CA ILE A 16 -5.60 -7.34 6.76
C ILE A 16 -6.00 -6.08 6.00
N PRO A 17 -5.84 -4.92 6.63
CA PRO A 17 -6.18 -3.63 6.02
C PRO A 17 -5.23 -3.25 4.89
N CYS A 18 -3.98 -3.64 5.02
CA CYS A 18 -2.97 -3.36 4.00
C CYS A 18 -3.44 -3.83 2.63
N VAL A 19 -3.71 -5.13 2.52
CA VAL A 19 -4.16 -5.70 1.26
C VAL A 19 -5.53 -5.17 0.86
N LEU A 20 -6.42 -5.04 1.84
CA LEU A 20 -7.76 -4.53 1.59
C LEU A 20 -7.71 -3.15 0.94
N ILE A 21 -6.83 -2.29 1.44
CA ILE A 21 -6.68 -0.95 0.91
C ILE A 21 -6.29 -0.98 -0.57
N THR A 22 -5.29 -1.80 -0.89
CA THR A 22 -4.82 -1.92 -2.26
C THR A 22 -5.95 -2.33 -3.19
N SER A 23 -6.71 -3.34 -2.79
CA SER A 23 -7.83 -3.82 -3.60
C SER A 23 -8.77 -2.67 -3.97
N LEU A 24 -8.98 -1.77 -3.02
CA LEU A 24 -9.86 -0.63 -3.24
C LEU A 24 -9.39 0.20 -4.44
N ALA A 25 -8.10 0.49 -4.48
CA ALA A 25 -7.53 1.27 -5.58
C ALA A 25 -7.68 0.54 -6.90
N ILE A 26 -7.60 -0.80 -6.86
CA ILE A 26 -7.73 -1.61 -8.05
C ILE A 26 -9.17 -1.65 -8.54
N LEU A 27 -10.10 -1.83 -7.61
CA LEU A 27 -11.52 -1.89 -7.94
C LEU A 27 -11.98 -0.59 -8.58
N VAL A 28 -11.36 0.52 -8.19
CA VAL A 28 -11.69 1.83 -8.74
C VAL A 28 -11.22 1.97 -10.18
N PHE A 29 -10.05 1.40 -10.46
CA PHE A 29 -9.48 1.46 -11.81
C PHE A 29 -10.34 0.68 -12.80
N TYR A 30 -10.82 -0.48 -12.37
CA TYR A 30 -11.66 -1.33 -13.21
C TYR A 30 -13.09 -0.80 -13.27
N LEU A 31 -13.55 -0.24 -12.16
CA LEU A 31 -14.90 0.31 -12.09
C LEU A 31 -14.88 1.72 -11.52
N PRO A 32 -14.40 2.68 -12.34
CA PRO A 32 -14.32 4.08 -11.94
C PRO A 32 -15.70 4.74 -11.83
N SER A 33 -16.19 4.86 -10.61
CA SER A 33 -17.50 5.47 -10.37
C SER A 33 -17.36 6.93 -9.96
N ASP A 34 -17.93 7.82 -10.75
CA ASP A 34 -17.87 9.25 -10.46
C ASP A 34 -16.42 9.74 -10.45
N CYS A 35 -16.25 11.05 -10.32
CA CYS A 35 -14.92 11.64 -10.29
C CYS A 35 -14.53 12.06 -8.88
N GLY A 36 -15.52 12.08 -7.98
CA GLY A 36 -15.26 12.46 -6.60
C GLY A 36 -14.74 11.29 -5.78
N GLU A 37 -14.79 10.10 -6.35
CA GLU A 37 -14.32 8.91 -5.65
C GLU A 37 -12.80 8.80 -5.72
N LYS A 38 -12.22 9.39 -6.75
CA LYS A 38 -10.77 9.37 -6.94
C LYS A 38 -10.08 10.19 -5.85
N MET A 39 -10.41 11.47 -5.79
CA MET A 39 -9.82 12.37 -4.80
C MET A 39 -10.07 11.85 -3.38
N THR A 40 -11.30 11.42 -3.12
CA THR A 40 -11.67 10.90 -1.81
C THR A 40 -10.83 9.67 -1.44
N LEU A 41 -10.57 8.83 -2.43
CA LEU A 41 -9.78 7.62 -2.21
C LEU A 41 -8.35 7.98 -1.78
N CYS A 42 -7.72 8.86 -2.54
CA CYS A 42 -6.36 9.28 -2.23
C CYS A 42 -6.25 9.80 -0.80
N ILE A 43 -7.30 10.49 -0.34
CA ILE A 43 -7.32 11.02 1.01
C ILE A 43 -7.56 9.93 2.04
N SER A 44 -8.30 8.90 1.63
CA SER A 44 -8.61 7.79 2.52
C SER A 44 -7.38 6.93 2.78
N VAL A 45 -6.74 6.49 1.71
CA VAL A 45 -5.54 5.66 1.82
C VAL A 45 -4.41 6.43 2.52
N LEU A 46 -4.38 7.74 2.31
CA LEU A 46 -3.35 8.58 2.91
C LEU A 46 -3.55 8.68 4.42
N LEU A 47 -4.77 9.00 4.83
CA LEU A 47 -5.09 9.12 6.24
C LEU A 47 -4.81 7.81 6.98
N ALA A 48 -5.12 6.70 6.34
CA ALA A 48 -4.90 5.39 6.94
C ALA A 48 -3.45 5.23 7.39
N LEU A 49 -2.52 5.45 6.46
CA LEU A 49 -1.10 5.34 6.77
C LEU A 49 -0.72 6.22 7.95
N THR A 50 -1.36 7.38 8.05
CA THR A 50 -1.10 8.32 9.13
C THR A 50 -1.62 7.78 10.46
N VAL A 51 -2.77 7.14 10.42
CA VAL A 51 -3.39 6.58 11.62
C VAL A 51 -2.46 5.56 12.28
N PHE A 52 -1.87 4.70 11.46
CA PHE A 52 -0.97 3.67 11.96
C PHE A 52 0.27 4.30 12.62
N LEU A 53 0.81 5.33 11.96
CA LEU A 53 1.99 6.02 12.47
C LEU A 53 1.79 6.43 13.93
N LEU A 54 0.77 7.24 14.17
CA LEU A 54 0.47 7.71 15.52
C LEU A 54 0.36 6.54 16.49
N LEU A 55 -0.22 5.44 16.01
CA LEU A 55 -0.38 4.24 16.84
C LEU A 55 0.92 3.87 17.53
N ILE A 56 1.91 3.47 16.73
CA ILE A 56 3.22 3.10 17.26
C ILE A 56 3.98 4.32 17.77
N SER A 57 3.59 5.49 17.29
CA SER A 57 4.25 6.73 17.70
C SER A 57 4.38 6.81 19.21
N LYS A 58 3.34 6.38 19.91
CA LYS A 58 3.35 6.40 21.37
C LYS A 58 3.76 5.04 21.93
N ILE A 59 3.61 4.00 21.12
CA ILE A 59 3.97 2.64 21.53
C ILE A 59 5.34 2.27 21.00
N VAL A 60 6.37 2.94 21.50
CA VAL A 60 7.74 2.66 21.09
C VAL A 60 8.56 2.07 22.23
N PRO A 61 8.30 0.79 22.55
CA PRO A 61 9.01 0.08 23.62
C PRO A 61 10.47 -0.19 23.28
N PRO A 62 11.24 -0.60 24.30
CA PRO A 62 12.67 -0.90 24.12
C PRO A 62 12.89 -2.18 23.31
N THR A 63 11.83 -2.94 23.12
CA THR A 63 11.91 -4.18 22.35
C THR A 63 12.24 -3.90 20.88
N SER A 64 12.00 -2.67 20.46
CA SER A 64 12.26 -2.27 19.07
C SER A 64 13.68 -1.72 18.93
N SER A 65 14.38 -1.60 20.05
CA SER A 65 15.74 -1.08 20.06
C SER A 65 16.62 -1.86 19.08
N ASP A 66 16.50 -3.18 19.11
CA ASP A 66 17.28 -4.04 18.23
C ASP A 66 16.38 -4.82 17.28
N SER A 67 16.51 -4.56 15.99
CA SER A 67 15.69 -5.24 14.98
C SER A 67 14.22 -4.91 15.17
N PRO A 68 13.84 -3.66 14.86
CA PRO A 68 12.46 -3.19 14.98
C PRO A 68 11.54 -3.83 13.95
N SER A 69 10.26 -3.97 14.31
CA SER A 69 9.28 -4.58 13.41
C SER A 69 8.41 -3.49 12.77
N VAL A 70 7.82 -2.65 13.60
CA VAL A 70 6.95 -1.57 13.11
C VAL A 70 7.71 -0.67 12.14
N GLY A 71 9.02 -0.55 12.35
CA GLY A 71 9.83 0.29 11.48
C GLY A 71 10.18 -0.39 10.17
N GLU A 72 10.34 -1.71 10.22
CA GLU A 72 10.68 -2.48 9.03
C GLU A 72 9.56 -2.41 7.99
N TYR A 73 8.34 -2.76 8.42
CA TYR A 73 7.19 -2.74 7.53
C TYR A 73 6.87 -1.31 7.10
N LEU A 74 7.09 -0.36 8.01
CA LEU A 74 6.82 1.04 7.72
C LEU A 74 7.71 1.56 6.60
N MET A 75 8.99 1.17 6.65
CA MET A 75 9.95 1.58 5.63
C MET A 75 9.49 1.17 4.24
N PHE A 76 9.07 -0.08 4.11
CA PHE A 76 8.60 -0.61 2.83
C PHE A 76 7.22 -0.05 2.48
N THR A 77 6.48 0.33 3.50
CA THR A 77 5.14 0.88 3.32
C THR A 77 5.20 2.28 2.72
N MET A 78 6.00 3.14 3.32
CA MET A 78 6.16 4.52 2.85
C MET A 78 6.61 4.54 1.39
N VAL A 79 7.57 3.67 1.06
CA VAL A 79 8.09 3.60 -0.31
C VAL A 79 6.96 3.38 -1.31
N LEU A 80 6.28 2.26 -1.19
CA LEU A 80 5.17 1.94 -2.09
C LEU A 80 4.09 3.01 -2.03
N VAL A 81 3.84 3.52 -0.83
CA VAL A 81 2.83 4.55 -0.63
C VAL A 81 3.12 5.77 -1.49
N THR A 82 4.31 6.33 -1.33
CA THR A 82 4.73 7.51 -2.08
C THR A 82 4.54 7.29 -3.58
N PHE A 83 4.68 6.05 -4.02
CA PHE A 83 4.53 5.71 -5.43
C PHE A 83 3.06 5.80 -5.85
N SER A 84 2.18 5.27 -5.02
CA SER A 84 0.75 5.28 -5.30
C SER A 84 0.24 6.72 -5.47
N ILE A 85 0.89 7.65 -4.78
CA ILE A 85 0.51 9.05 -4.85
C ILE A 85 0.98 9.68 -6.16
N VAL A 86 2.20 9.32 -6.57
CA VAL A 86 2.78 9.85 -7.80
C VAL A 86 1.83 9.64 -8.98
N THR A 87 1.37 8.40 -9.13
CA THR A 87 0.47 8.06 -10.23
C THR A 87 -0.87 8.76 -10.07
N SER A 88 -1.33 8.89 -8.83
CA SER A 88 -2.61 9.55 -8.55
C SER A 88 -2.66 10.93 -9.17
N VAL A 89 -1.59 11.71 -8.96
CA VAL A 89 -1.51 13.06 -9.50
C VAL A 89 -1.32 13.04 -11.01
N CYS A 90 -0.65 12.01 -11.50
CA CYS A 90 -0.41 11.86 -12.94
C CYS A 90 -1.70 11.60 -13.69
N VAL A 91 -2.53 10.70 -13.15
CA VAL A 91 -3.80 10.37 -13.76
C VAL A 91 -4.86 11.42 -13.47
N LEU A 92 -4.61 12.22 -12.44
CA LEU A 92 -5.54 13.27 -12.04
C LEU A 92 -5.44 14.47 -12.98
N ASN A 93 -4.25 15.07 -13.04
CA ASN A 93 -4.01 16.22 -13.90
C ASN A 93 -3.20 15.82 -15.13
N VAL A 94 -3.54 16.42 -16.27
CA VAL A 94 -2.85 16.13 -17.52
C VAL A 94 -2.92 17.32 -18.48
N HIS A 95 -1.81 17.59 -19.17
CA HIS A 95 -1.76 18.70 -20.11
C HIS A 95 -1.30 18.21 -21.48
N HIS A 96 -2.02 17.24 -22.04
CA HIS A 96 -1.68 16.68 -23.34
C HIS A 96 -0.31 16.02 -23.31
N ARG A 97 0.03 15.32 -24.41
CA ARG A 97 1.31 14.64 -24.50
C ARG A 97 2.45 15.65 -24.60
N SER A 98 3.68 15.14 -24.57
CA SER A 98 4.86 16.00 -24.66
C SER A 98 5.11 16.44 -26.10
N PRO A 99 5.90 17.52 -26.25
CA PRO A 99 6.23 18.08 -27.57
C PRO A 99 7.17 17.16 -28.36
N GLU A 100 8.04 16.47 -27.64
CA GLU A 100 9.00 15.57 -28.27
C GLU A 100 8.54 14.11 -28.14
N THR A 101 8.73 13.34 -29.21
CA THR A 101 8.34 11.94 -29.21
C THR A 101 9.44 11.05 -28.64
N HIS A 102 9.45 10.92 -27.31
CA HIS A 102 10.45 10.11 -26.64
C HIS A 102 10.17 8.61 -26.84
N THR A 103 11.05 7.77 -26.32
CA THR A 103 10.89 6.33 -26.44
C THR A 103 9.73 5.83 -25.59
N GLY A 104 8.56 5.71 -26.21
CA GLY A 104 7.38 5.24 -25.50
C GLY A 104 7.39 3.74 -25.31
N GLY A 105 7.01 3.01 -26.35
CA GLY A 105 6.98 1.56 -26.27
C GLY A 105 5.69 0.97 -26.83
N GLY A 106 4.58 1.65 -26.57
CA GLY A 106 3.29 1.18 -27.06
C GLY A 106 2.15 1.62 -26.17
N GLY A 107 1.39 0.64 -25.67
CA GLY A 107 0.26 0.94 -24.81
C GLY A 107 0.12 -0.04 -23.67
N GLY A 108 -0.89 0.16 -22.84
CA GLY A 108 -1.11 -0.73 -21.72
C GLY A 108 -0.39 -0.28 -20.46
N ILE A 109 0.23 0.89 -20.53
CA ILE A 109 0.95 1.44 -19.39
C ILE A 109 0.10 1.41 -18.12
N ASP A 110 -1.20 1.65 -18.29
CA ASP A 110 -2.11 1.66 -17.16
C ASP A 110 -2.31 0.24 -16.61
N ARG A 111 -2.66 -0.69 -17.49
CA ARG A 111 -2.88 -2.07 -17.09
C ARG A 111 -1.62 -2.66 -16.46
N LEU A 112 -0.46 -2.15 -16.86
CA LEU A 112 0.81 -2.62 -16.33
C LEU A 112 0.95 -2.27 -14.85
N PHE A 113 0.78 -1.00 -14.54
CA PHE A 113 0.89 -0.53 -13.16
C PHE A 113 -0.05 -1.31 -12.25
N LEU A 114 -1.15 -1.81 -12.83
CA LEU A 114 -2.13 -2.57 -12.07
C LEU A 114 -1.56 -3.91 -11.62
N TRP A 115 -0.83 -4.57 -12.51
CA TRP A 115 -0.22 -5.86 -12.21
C TRP A 115 1.07 -5.68 -11.41
N ILE A 116 1.88 -4.70 -11.81
CA ILE A 116 3.14 -4.42 -11.13
C ILE A 116 2.91 -4.16 -9.65
N PHE A 117 1.70 -3.72 -9.30
CA PHE A 117 1.36 -3.44 -7.91
C PHE A 117 0.99 -4.71 -7.17
N VAL A 118 -0.09 -5.36 -7.60
CA VAL A 118 -0.54 -6.60 -6.98
C VAL A 118 0.57 -7.63 -6.94
N PHE A 119 1.50 -7.54 -7.89
CA PHE A 119 2.63 -8.47 -7.96
C PHE A 119 3.59 -8.25 -6.79
N VAL A 120 4.09 -7.03 -6.68
CA VAL A 120 5.02 -6.69 -5.60
C VAL A 120 4.35 -6.75 -4.25
N CYS A 121 3.04 -6.52 -4.24
CA CYS A 121 2.26 -6.55 -3.00
C CYS A 121 2.02 -7.98 -2.53
N VAL A 122 1.47 -8.80 -3.42
CA VAL A 122 1.20 -10.20 -3.11
C VAL A 122 2.44 -10.90 -2.61
N PHE A 123 3.59 -10.60 -3.23
CA PHE A 123 4.85 -11.21 -2.84
C PHE A 123 5.26 -10.79 -1.44
N GLY A 124 5.41 -9.49 -1.23
CA GLY A 124 5.79 -8.97 0.07
C GLY A 124 4.84 -9.42 1.17
N THR A 125 3.54 -9.21 0.94
CA THR A 125 2.54 -9.58 1.93
C THR A 125 2.60 -11.07 2.24
N ILE A 126 2.37 -11.91 1.24
CA ILE A 126 2.40 -13.35 1.41
C ILE A 126 3.73 -13.79 2.02
N GLY A 127 4.78 -13.02 1.77
CA GLY A 127 6.09 -13.35 2.31
C GLY A 127 6.07 -13.47 3.83
N MET A 128 5.64 -12.41 4.50
CA MET A 128 5.59 -12.41 5.96
C MET A 128 4.31 -13.08 6.45
N PHE A 129 3.30 -13.12 5.59
CA PHE A 129 2.02 -13.73 5.95
C PHE A 129 2.11 -15.25 5.89
N LEU A 130 3.15 -15.75 5.24
CA LEU A 130 3.36 -17.20 5.11
C LEU A 130 4.00 -17.76 6.37
N GLN A 131 4.44 -16.87 7.27
CA GLN A 131 5.07 -17.28 8.51
C GLN A 131 4.13 -18.16 9.33
N PRO A 132 2.96 -17.61 9.68
CA PRO A 132 1.96 -18.31 10.47
C PRO A 132 1.30 -19.45 9.70
N LEU A 133 0.87 -20.47 10.43
CA LEU A 133 0.22 -21.63 9.81
C LEU A 133 -1.12 -21.24 9.20
N PHE A 134 -1.73 -20.19 9.75
CA PHE A 134 -3.02 -19.71 9.26
C PHE A 134 -3.38 -18.37 9.89
N GLN A 135 -4.55 -17.85 9.53
CA GLN A 135 -5.01 -16.58 10.06
C GLN A 135 -5.24 -16.65 11.56
N GLU A 136 -5.40 -17.87 12.07
CA GLU A 136 -5.63 -18.08 13.49
C GLU A 136 -6.85 -17.29 13.97
N GLU A 137 -8.03 -17.75 13.59
CA GLU A 137 -9.27 -17.08 13.98
C GLU A 137 -9.70 -17.51 15.38
N ASN A 2 5.83 -19.88 23.21
CA ASN A 2 5.92 -18.73 24.11
C ASN A 2 4.54 -18.17 24.42
N ALA A 3 3.78 -17.86 23.37
CA ALA A 3 2.44 -17.32 23.54
C ALA A 3 1.38 -18.37 23.25
N GLU A 4 0.13 -18.05 23.56
CA GLU A 4 -0.98 -18.99 23.33
C GLU A 4 -2.10 -18.31 22.56
N GLU A 5 -1.75 -17.66 21.44
CA GLU A 5 -2.73 -16.97 20.62
C GLU A 5 -3.40 -15.83 21.39
N GLU A 6 -2.98 -14.60 21.09
CA GLU A 6 -3.54 -13.43 21.76
C GLU A 6 -2.87 -12.15 21.24
N PRO A 7 -1.55 -12.07 21.40
CA PRO A 7 -0.76 -10.91 20.96
C PRO A 7 -0.68 -10.80 19.44
N LEU A 8 -0.82 -11.94 18.76
CA LEU A 8 -0.77 -11.98 17.31
C LEU A 8 -2.01 -11.32 16.70
N PHE A 9 -3.02 -11.12 17.52
CA PHE A 9 -4.26 -10.50 17.08
C PHE A 9 -4.02 -9.07 16.59
N TYR A 10 -2.90 -8.50 17.02
CA TYR A 10 -2.54 -7.15 16.63
C TYR A 10 -2.04 -7.10 15.19
N THR A 11 -0.95 -7.81 14.92
CA THR A 11 -0.37 -7.86 13.59
C THR A 11 -1.41 -8.23 12.55
N ILE A 12 -2.31 -9.14 12.92
CA ILE A 12 -3.37 -9.59 12.01
C ILE A 12 -4.30 -8.43 11.66
N ASN A 13 -4.63 -7.62 12.65
CA ASN A 13 -5.53 -6.48 12.44
C ASN A 13 -4.83 -5.38 11.63
N LEU A 14 -3.52 -5.52 11.47
CA LEU A 14 -2.73 -4.55 10.72
C LEU A 14 -2.68 -4.92 9.25
N ILE A 15 -2.79 -6.21 8.96
CA ILE A 15 -2.77 -6.68 7.58
C ILE A 15 -4.11 -6.48 6.89
N ILE A 16 -5.18 -6.53 7.68
CA ILE A 16 -6.52 -6.34 7.16
C ILE A 16 -6.61 -5.06 6.33
N PRO A 17 -6.29 -3.92 6.95
CA PRO A 17 -6.32 -2.61 6.29
C PRO A 17 -5.23 -2.47 5.24
N CYS A 18 -4.05 -3.01 5.53
CA CYS A 18 -2.93 -2.94 4.61
C CYS A 18 -3.32 -3.44 3.23
N VAL A 19 -3.77 -4.68 3.15
CA VAL A 19 -4.19 -5.28 1.89
C VAL A 19 -5.36 -4.52 1.28
N LEU A 20 -6.35 -4.22 2.11
CA LEU A 20 -7.54 -3.50 1.66
C LEU A 20 -7.15 -2.20 0.96
N ILE A 21 -6.19 -1.48 1.55
CA ILE A 21 -5.73 -0.23 0.99
C ILE A 21 -5.28 -0.40 -0.46
N THR A 22 -4.45 -1.42 -0.70
CA THR A 22 -3.95 -1.70 -2.04
C THR A 22 -5.10 -1.85 -3.03
N SER A 23 -6.03 -2.75 -2.72
CA SER A 23 -7.17 -3.00 -3.59
C SER A 23 -7.89 -1.70 -3.93
N LEU A 24 -8.03 -0.84 -2.92
CA LEU A 24 -8.69 0.45 -3.10
C LEU A 24 -8.06 1.24 -4.25
N ALA A 25 -6.74 1.15 -4.36
CA ALA A 25 -6.01 1.84 -5.41
C ALA A 25 -6.25 1.19 -6.77
N ILE A 26 -6.57 -0.09 -6.75
CA ILE A 26 -6.83 -0.84 -7.98
C ILE A 26 -8.26 -0.64 -8.47
N LEU A 27 -9.22 -1.00 -7.62
CA LEU A 27 -10.64 -0.87 -7.94
C LEU A 27 -10.95 0.56 -8.38
N VAL A 28 -10.20 1.52 -7.86
CA VAL A 28 -10.40 2.92 -8.20
C VAL A 28 -9.75 3.27 -9.53
N PHE A 29 -8.53 2.77 -9.73
CA PHE A 29 -7.80 3.02 -10.97
C PHE A 29 -8.41 2.25 -12.14
N TYR A 30 -9.23 1.25 -11.81
CA TYR A 30 -9.88 0.44 -12.83
C TYR A 30 -11.24 1.04 -13.22
N LEU A 31 -11.86 1.75 -12.28
CA LEU A 31 -13.15 2.36 -12.52
C LEU A 31 -13.10 3.86 -12.22
N PRO A 32 -12.45 4.62 -13.11
CA PRO A 32 -12.32 6.08 -12.96
C PRO A 32 -13.65 6.80 -13.17
N SER A 33 -14.47 6.82 -12.13
CA SER A 33 -15.78 7.48 -12.20
C SER A 33 -15.62 8.99 -12.16
N ASP A 34 -16.69 9.70 -12.52
CA ASP A 34 -16.67 11.16 -12.53
C ASP A 34 -17.12 11.71 -11.18
N CYS A 35 -17.26 10.84 -10.19
CA CYS A 35 -17.70 11.24 -8.86
C CYS A 35 -16.50 11.65 -8.01
N GLY A 36 -15.32 11.70 -8.62
CA GLY A 36 -14.12 12.08 -7.90
C GLY A 36 -13.58 10.96 -7.04
N GLU A 37 -13.86 9.71 -7.44
CA GLU A 37 -13.41 8.56 -6.69
C GLU A 37 -11.88 8.49 -6.66
N LYS A 38 -11.25 9.08 -7.68
CA LYS A 38 -9.80 9.09 -7.77
C LYS A 38 -9.18 9.84 -6.60
N MET A 39 -9.62 11.08 -6.41
CA MET A 39 -9.11 11.91 -5.31
C MET A 39 -9.31 11.21 -3.97
N THR A 40 -10.50 10.66 -3.77
CA THR A 40 -10.82 9.97 -2.53
C THR A 40 -9.82 8.85 -2.25
N LEU A 41 -9.46 8.12 -3.29
CA LEU A 41 -8.51 7.01 -3.16
C LEU A 41 -7.20 7.49 -2.54
N CYS A 42 -6.57 8.46 -3.20
CA CYS A 42 -5.30 9.01 -2.71
C CYS A 42 -5.43 9.47 -1.26
N ILE A 43 -6.61 9.98 -0.91
CA ILE A 43 -6.86 10.46 0.44
C ILE A 43 -6.99 9.29 1.42
N SER A 44 -7.51 8.17 0.93
CA SER A 44 -7.69 6.99 1.76
C SER A 44 -6.34 6.39 2.16
N VAL A 45 -5.49 6.16 1.16
CA VAL A 45 -4.17 5.60 1.40
C VAL A 45 -3.37 6.46 2.38
N LEU A 46 -3.49 7.77 2.24
CA LEU A 46 -2.78 8.70 3.11
C LEU A 46 -3.31 8.62 4.54
N LEU A 47 -4.62 8.82 4.69
CA LEU A 47 -5.24 8.77 6.00
C LEU A 47 -4.92 7.45 6.71
N ALA A 48 -4.82 6.38 5.94
CA ALA A 48 -4.50 5.07 6.49
C ALA A 48 -3.12 5.06 7.13
N LEU A 49 -2.18 5.75 6.50
CA LEU A 49 -0.81 5.82 7.00
C LEU A 49 -0.77 6.42 8.39
N THR A 50 -1.43 7.57 8.56
CA THR A 50 -1.47 8.26 9.85
C THR A 50 -2.06 7.35 10.92
N VAL A 51 -3.10 6.62 10.57
CA VAL A 51 -3.75 5.71 11.51
C VAL A 51 -2.77 4.67 12.04
N PHE A 52 -1.90 4.18 11.17
CA PHE A 52 -0.91 3.18 11.56
C PHE A 52 0.03 3.74 12.61
N LEU A 53 0.46 4.98 12.42
CA LEU A 53 1.37 5.62 13.36
C LEU A 53 0.84 5.53 14.79
N LEU A 54 -0.35 6.08 15.00
CA LEU A 54 -0.98 6.06 16.31
C LEU A 54 -1.10 4.63 16.84
N LEU A 55 -1.31 3.69 15.94
CA LEU A 55 -1.45 2.28 16.30
C LEU A 55 -0.27 1.84 17.17
N ILE A 56 0.92 1.87 16.59
CA ILE A 56 2.13 1.47 17.31
C ILE A 56 2.55 2.54 18.32
N SER A 57 2.16 3.78 18.06
CA SER A 57 2.49 4.89 18.94
C SER A 57 2.09 4.57 20.38
N LYS A 58 1.05 3.78 20.53
CA LYS A 58 0.56 3.39 21.85
C LYS A 58 1.18 2.07 22.30
N ILE A 59 1.10 1.07 21.43
CA ILE A 59 1.66 -0.24 21.74
C ILE A 59 2.12 -0.95 20.47
N VAL A 60 3.32 -1.52 20.51
CA VAL A 60 3.88 -2.24 19.38
C VAL A 60 3.46 -3.71 19.39
N PRO A 61 3.45 -4.33 18.20
CA PRO A 61 3.08 -5.73 18.05
C PRO A 61 4.12 -6.68 18.63
N PRO A 62 3.75 -7.96 18.77
CA PRO A 62 4.64 -8.99 19.32
C PRO A 62 5.79 -9.31 18.37
N THR A 63 5.71 -8.82 17.14
CA THR A 63 6.75 -9.07 16.15
C THR A 63 8.10 -8.58 16.64
N SER A 64 8.09 -7.62 17.55
CA SER A 64 9.32 -7.07 18.10
C SER A 64 9.83 -7.93 19.25
N SER A 65 11.15 -8.17 19.24
CA SER A 65 11.77 -8.99 20.28
C SER A 65 13.30 -8.92 20.19
N ASP A 66 13.82 -9.16 19.00
CA ASP A 66 15.26 -9.11 18.77
C ASP A 66 15.66 -7.82 18.06
N SER A 67 15.04 -7.57 16.92
CA SER A 67 15.34 -6.37 16.13
C SER A 67 14.07 -5.54 15.92
N PRO A 68 14.26 -4.26 15.57
CA PRO A 68 13.15 -3.34 15.33
C PRO A 68 12.41 -3.66 14.03
N SER A 69 11.09 -3.75 14.13
CA SER A 69 10.25 -4.06 12.98
C SER A 69 9.40 -2.85 12.57
N VAL A 70 8.99 -2.07 13.56
CA VAL A 70 8.18 -0.89 13.31
C VAL A 70 8.89 0.09 12.39
N GLY A 71 10.22 0.14 12.51
CA GLY A 71 11.01 1.04 11.68
C GLY A 71 11.12 0.54 10.25
N GLU A 72 11.45 -0.73 10.09
CA GLU A 72 11.59 -1.32 8.77
C GLU A 72 10.29 -1.24 7.99
N TYR A 73 9.17 -1.46 8.68
CA TYR A 73 7.85 -1.42 8.06
C TYR A 73 7.57 -0.03 7.49
N LEU A 74 7.95 1.00 8.24
CA LEU A 74 7.73 2.37 7.82
C LEU A 74 8.66 2.74 6.66
N MET A 75 9.91 2.28 6.74
CA MET A 75 10.90 2.55 5.70
C MET A 75 10.37 2.13 4.34
N PHE A 76 10.00 0.87 4.21
CA PHE A 76 9.49 0.34 2.96
C PHE A 76 8.18 1.02 2.57
N THR A 77 7.37 1.36 3.58
CA THR A 77 6.09 2.01 3.35
C THR A 77 6.29 3.38 2.72
N MET A 78 7.31 4.11 3.19
CA MET A 78 7.59 5.44 2.67
C MET A 78 8.13 5.36 1.24
N VAL A 79 8.83 4.27 0.93
CA VAL A 79 9.39 4.07 -0.39
C VAL A 79 8.29 3.87 -1.44
N LEU A 80 7.42 2.91 -1.19
CA LEU A 80 6.32 2.62 -2.10
C LEU A 80 5.37 3.81 -2.21
N VAL A 81 4.98 4.36 -1.07
CA VAL A 81 4.08 5.51 -1.04
C VAL A 81 4.59 6.63 -1.94
N THR A 82 5.84 7.02 -1.74
CA THR A 82 6.44 8.09 -2.53
C THR A 82 6.28 7.82 -4.03
N PHE A 83 6.38 6.55 -4.40
CA PHE A 83 6.24 6.16 -5.80
C PHE A 83 4.79 6.27 -6.26
N SER A 84 3.86 5.91 -5.38
CA SER A 84 2.45 5.97 -5.70
C SER A 84 1.99 7.41 -5.91
N ILE A 85 2.52 8.31 -5.08
CA ILE A 85 2.17 9.73 -5.18
C ILE A 85 2.68 10.33 -6.47
N VAL A 86 3.92 9.99 -6.84
CA VAL A 86 4.53 10.50 -8.06
C VAL A 86 3.63 10.25 -9.26
N THR A 87 3.06 9.04 -9.34
CA THR A 87 2.17 8.68 -10.43
C THR A 87 0.80 9.33 -10.28
N SER A 88 0.41 9.58 -9.04
CA SER A 88 -0.88 10.19 -8.76
C SER A 88 -0.97 11.58 -9.39
N VAL A 89 -0.03 12.44 -9.03
CA VAL A 89 0.01 13.80 -9.56
C VAL A 89 0.36 13.80 -11.05
N CYS A 90 1.03 12.75 -11.49
CA CYS A 90 1.43 12.62 -12.90
C CYS A 90 0.21 12.46 -13.79
N VAL A 91 -0.86 11.88 -13.25
CA VAL A 91 -2.08 11.66 -14.00
C VAL A 91 -2.95 12.93 -14.02
N LEU A 92 -3.11 13.54 -12.84
CA LEU A 92 -3.90 14.75 -12.73
C LEU A 92 -3.32 15.87 -13.58
N ASN A 93 -2.00 15.99 -13.58
CA ASN A 93 -1.33 17.02 -14.36
C ASN A 93 -0.39 16.39 -15.39
N VAL A 94 -0.94 16.09 -16.57
CA VAL A 94 -0.16 15.48 -17.64
C VAL A 94 0.32 16.54 -18.62
N HIS A 95 1.52 16.34 -19.17
CA HIS A 95 2.09 17.27 -20.12
C HIS A 95 3.01 16.56 -21.11
N HIS A 96 2.42 15.69 -21.94
CA HIS A 96 3.18 14.94 -22.92
C HIS A 96 3.01 15.53 -24.32
N ARG A 97 3.96 16.37 -24.71
CA ARG A 97 3.92 17.02 -26.03
C ARG A 97 4.42 16.07 -27.11
N SER A 98 3.48 15.46 -27.85
CA SER A 98 3.83 14.53 -28.91
C SER A 98 3.69 15.20 -30.27
N PRO A 99 4.35 14.61 -31.29
CA PRO A 99 4.31 15.12 -32.66
C PRO A 99 2.94 14.94 -33.31
N GLU A 100 2.39 13.73 -33.19
CA GLU A 100 1.08 13.43 -33.76
C GLU A 100 0.45 12.23 -33.07
N THR A 101 -0.75 11.85 -33.50
CA THR A 101 -1.46 10.72 -32.93
C THR A 101 -1.26 9.47 -33.75
N HIS A 102 0.00 9.04 -33.87
CA HIS A 102 0.33 7.84 -34.64
C HIS A 102 -0.05 6.58 -33.86
N THR A 103 -0.60 5.61 -34.56
CA THR A 103 -1.02 4.35 -33.94
C THR A 103 0.18 3.41 -33.76
N GLY A 104 0.59 3.22 -32.51
CA GLY A 104 1.72 2.35 -32.23
C GLY A 104 1.55 1.60 -30.93
N GLY A 105 1.63 2.32 -29.81
CA GLY A 105 1.49 1.68 -28.52
C GLY A 105 2.06 2.53 -27.39
N GLY A 106 1.19 3.13 -26.60
CA GLY A 106 1.63 3.97 -25.50
C GLY A 106 0.48 4.44 -24.63
N GLY A 107 0.76 4.63 -23.34
CA GLY A 107 -0.28 5.09 -22.42
C GLY A 107 -0.79 3.97 -21.53
N GLY A 108 0.11 3.11 -21.08
CA GLY A 108 -0.28 2.00 -20.21
C GLY A 108 0.25 2.16 -18.81
N ILE A 109 0.58 3.39 -18.43
CA ILE A 109 1.10 3.67 -17.09
C ILE A 109 0.20 3.05 -16.01
N ASP A 110 -1.10 3.29 -16.14
CA ASP A 110 -2.06 2.76 -15.18
C ASP A 110 -2.12 1.23 -15.26
N ARG A 111 -1.77 0.69 -16.42
CA ARG A 111 -1.79 -0.75 -16.62
C ARG A 111 -0.60 -1.41 -15.92
N LEU A 112 0.59 -0.86 -16.13
CA LEU A 112 1.79 -1.40 -15.52
C LEU A 112 1.78 -1.21 -14.00
N PHE A 113 1.41 -0.01 -13.58
CA PHE A 113 1.34 0.31 -12.16
C PHE A 113 0.33 -0.57 -11.44
N LEU A 114 -0.67 -1.03 -12.18
CA LEU A 114 -1.71 -1.89 -11.63
C LEU A 114 -1.15 -3.26 -11.26
N TRP A 115 -0.32 -3.82 -12.14
CA TRP A 115 0.29 -5.11 -11.90
C TRP A 115 1.49 -4.99 -10.97
N ILE A 116 2.30 -3.96 -11.18
CA ILE A 116 3.47 -3.72 -10.35
C ILE A 116 3.10 -3.63 -8.87
N PHE A 117 1.85 -3.26 -8.61
CA PHE A 117 1.37 -3.12 -7.24
C PHE A 117 0.97 -4.48 -6.67
N VAL A 118 0.02 -5.14 -7.32
CA VAL A 118 -0.46 -6.44 -6.88
C VAL A 118 0.71 -7.41 -6.69
N PHE A 119 1.76 -7.21 -7.47
CA PHE A 119 2.94 -8.06 -7.38
C PHE A 119 3.70 -7.83 -6.08
N VAL A 120 4.09 -6.59 -5.85
CA VAL A 120 4.81 -6.23 -4.63
C VAL A 120 3.94 -6.43 -3.39
N CYS A 121 2.63 -6.38 -3.59
CA CYS A 121 1.69 -6.55 -2.48
C CYS A 121 1.59 -8.01 -2.08
N VAL A 122 1.39 -8.89 -3.07
CA VAL A 122 1.27 -10.32 -2.81
C VAL A 122 2.46 -10.84 -2.02
N PHE A 123 3.67 -10.50 -2.49
CA PHE A 123 4.90 -10.93 -1.82
C PHE A 123 5.13 -10.12 -0.55
N GLY A 124 4.70 -8.86 -0.57
CA GLY A 124 4.88 -8.00 0.58
C GLY A 124 4.09 -8.48 1.79
N THR A 125 2.78 -8.56 1.64
CA THR A 125 1.91 -9.01 2.72
C THR A 125 2.33 -10.38 3.24
N ILE A 126 2.59 -11.29 2.32
CA ILE A 126 3.00 -12.65 2.69
C ILE A 126 4.19 -12.62 3.64
N GLY A 127 5.18 -11.78 3.33
CA GLY A 127 6.35 -11.67 4.17
C GLY A 127 6.01 -11.23 5.59
N MET A 128 4.98 -10.41 5.71
CA MET A 128 4.55 -9.92 7.02
C MET A 128 4.18 -11.07 7.95
N PHE A 129 3.23 -11.89 7.51
CA PHE A 129 2.78 -13.04 8.30
C PHE A 129 3.81 -14.16 8.26
N LEU A 130 4.76 -14.05 7.34
CA LEU A 130 5.80 -15.06 7.20
C LEU A 130 6.94 -14.81 8.18
N GLN A 131 6.97 -13.61 8.74
CA GLN A 131 8.00 -13.24 9.70
C GLN A 131 8.06 -14.23 10.86
N PRO A 132 6.93 -14.38 11.56
CA PRO A 132 6.83 -15.31 12.70
C PRO A 132 6.87 -16.76 12.27
N LEU A 133 7.37 -17.62 13.15
CA LEU A 133 7.47 -19.04 12.86
C LEU A 133 6.08 -19.68 12.75
N PHE A 134 5.10 -19.07 13.42
CA PHE A 134 3.73 -19.56 13.40
C PHE A 134 2.78 -18.59 14.08
N GLN A 135 1.52 -18.96 14.17
CA GLN A 135 0.52 -18.11 14.80
C GLN A 135 0.76 -17.99 16.29
N GLU A 136 1.62 -18.86 16.83
CA GLU A 136 1.94 -18.86 18.24
C GLU A 136 3.12 -17.94 18.53
N GLU A 137 3.03 -16.70 18.04
CA GLU A 137 4.09 -15.73 18.24
C GLU A 137 5.45 -16.31 17.85
N ASN A 2 -0.25 -17.62 28.94
CA ASN A 2 -1.40 -18.12 28.20
C ASN A 2 -1.06 -18.25 26.71
N ALA A 3 -0.77 -17.13 26.08
CA ALA A 3 -0.44 -17.11 24.66
C ALA A 3 0.89 -16.40 24.42
N GLU A 4 1.71 -16.97 23.53
CA GLU A 4 3.01 -16.40 23.21
C GLU A 4 2.97 -15.68 21.86
N GLU A 5 1.80 -15.64 21.24
CA GLU A 5 1.63 -14.99 19.95
C GLU A 5 0.95 -13.63 20.11
N GLU A 6 1.30 -12.93 21.19
CA GLU A 6 0.72 -11.61 21.46
C GLU A 6 1.17 -10.60 20.41
N PRO A 7 2.49 -10.42 20.28
CA PRO A 7 3.07 -9.48 19.33
C PRO A 7 2.91 -9.95 17.88
N LEU A 8 2.73 -11.26 17.70
CA LEU A 8 2.56 -11.83 16.38
C LEU A 8 1.14 -11.59 15.86
N PHE A 9 0.21 -11.36 16.78
CA PHE A 9 -1.17 -11.11 16.41
C PHE A 9 -1.37 -9.68 15.91
N TYR A 10 -0.43 -8.80 16.28
CA TYR A 10 -0.50 -7.41 15.88
C TYR A 10 -0.16 -7.26 14.39
N THR A 11 1.03 -7.73 14.01
CA THR A 11 1.48 -7.66 12.63
C THR A 11 0.43 -8.23 11.68
N ILE A 12 -0.18 -9.34 12.08
CA ILE A 12 -1.20 -9.98 11.27
C ILE A 12 -2.41 -9.06 11.05
N ASN A 13 -2.83 -8.41 12.13
CA ASN A 13 -3.97 -7.50 12.07
C ASN A 13 -3.64 -6.27 11.22
N LEU A 14 -2.36 -6.09 10.94
CA LEU A 14 -1.90 -4.95 10.15
C LEU A 14 -1.91 -5.28 8.66
N ILE A 15 -1.80 -6.58 8.35
CA ILE A 15 -1.80 -7.04 6.98
C ILE A 15 -3.21 -7.09 6.40
N ILE A 16 -4.18 -7.34 7.27
CA ILE A 16 -5.58 -7.42 6.85
C ILE A 16 -5.99 -6.16 6.10
N PRO A 17 -5.83 -5.00 6.75
CA PRO A 17 -6.19 -3.71 6.16
C PRO A 17 -5.24 -3.31 5.03
N CYS A 18 -3.97 -3.65 5.20
CA CYS A 18 -2.95 -3.33 4.19
C CYS A 18 -3.39 -3.81 2.81
N VAL A 19 -3.68 -5.09 2.70
CA VAL A 19 -4.11 -5.68 1.43
C VAL A 19 -5.45 -5.09 0.98
N LEU A 20 -6.40 -5.03 1.90
CA LEU A 20 -7.73 -4.49 1.60
C LEU A 20 -7.61 -3.11 0.97
N ILE A 21 -6.79 -2.26 1.57
CA ILE A 21 -6.60 -0.90 1.07
C ILE A 21 -6.23 -0.92 -0.42
N THR A 22 -5.24 -1.72 -0.77
CA THR A 22 -4.80 -1.82 -2.16
C THR A 22 -5.96 -2.16 -3.08
N SER A 23 -6.71 -3.22 -2.73
CA SER A 23 -7.84 -3.64 -3.53
C SER A 23 -8.81 -2.49 -3.76
N LEU A 24 -9.02 -1.69 -2.73
CA LEU A 24 -9.92 -0.54 -2.83
C LEU A 24 -9.58 0.34 -4.02
N ALA A 25 -8.29 0.62 -4.18
CA ALA A 25 -7.82 1.45 -5.29
C ALA A 25 -8.05 0.76 -6.62
N ILE A 26 -8.02 -0.57 -6.61
CA ILE A 26 -8.22 -1.35 -7.83
C ILE A 26 -9.69 -1.36 -8.22
N LEU A 27 -10.56 -1.59 -7.25
CA LEU A 27 -12.00 -1.63 -7.50
C LEU A 27 -12.48 -0.33 -8.13
N VAL A 28 -11.89 0.78 -7.69
CA VAL A 28 -12.25 2.09 -8.22
C VAL A 28 -11.81 2.24 -9.67
N PHE A 29 -10.56 1.86 -9.95
CA PHE A 29 -10.01 1.96 -11.30
C PHE A 29 -10.85 1.14 -12.28
N TYR A 30 -11.46 0.07 -11.79
CA TYR A 30 -12.28 -0.80 -12.62
C TYR A 30 -13.69 -0.22 -12.79
N LEU A 31 -14.19 0.41 -11.74
CA LEU A 31 -15.51 1.01 -11.77
C LEU A 31 -15.45 2.49 -11.43
N PRO A 32 -14.92 3.30 -12.37
CA PRO A 32 -14.79 4.74 -12.20
C PRO A 32 -16.14 5.45 -12.21
N SER A 33 -16.68 5.71 -11.03
CA SER A 33 -17.98 6.38 -10.91
C SER A 33 -17.82 7.89 -11.09
N ASP A 34 -18.95 8.57 -11.31
CA ASP A 34 -18.94 10.02 -11.49
C ASP A 34 -19.45 10.72 -10.24
N CYS A 35 -19.12 10.17 -9.08
CA CYS A 35 -19.55 10.75 -7.81
C CYS A 35 -18.36 11.34 -7.05
N GLY A 36 -17.26 11.58 -7.76
CA GLY A 36 -16.08 12.14 -7.13
C GLY A 36 -15.37 11.13 -6.26
N GLU A 37 -15.62 9.85 -6.50
CA GLU A 37 -14.99 8.79 -5.71
C GLU A 37 -13.47 8.80 -5.90
N LYS A 38 -13.02 9.39 -7.00
CA LYS A 38 -11.60 9.47 -7.31
C LYS A 38 -10.84 10.15 -6.18
N MET A 39 -11.36 11.29 -5.74
CA MET A 39 -10.73 12.06 -4.66
C MET A 39 -11.01 11.41 -3.31
N THR A 40 -12.23 10.92 -3.13
CA THR A 40 -12.63 10.29 -1.88
C THR A 40 -11.68 9.15 -1.52
N LEU A 41 -11.24 8.40 -2.53
CA LEU A 41 -10.33 7.29 -2.32
C LEU A 41 -8.92 7.79 -2.03
N CYS A 42 -8.47 8.77 -2.80
CA CYS A 42 -7.13 9.33 -2.61
C CYS A 42 -6.96 9.84 -1.18
N ILE A 43 -7.97 10.53 -0.67
CA ILE A 43 -7.92 11.07 0.68
C ILE A 43 -8.14 9.98 1.72
N SER A 44 -8.89 8.94 1.34
CA SER A 44 -9.18 7.83 2.23
C SER A 44 -7.91 7.02 2.51
N VAL A 45 -7.27 6.56 1.44
CA VAL A 45 -6.06 5.76 1.56
C VAL A 45 -4.99 6.51 2.35
N LEU A 46 -4.83 7.80 2.06
CA LEU A 46 -3.85 8.62 2.76
C LEU A 46 -4.10 8.62 4.26
N LEU A 47 -5.37 8.56 4.65
CA LEU A 47 -5.75 8.55 6.05
C LEU A 47 -5.20 7.31 6.75
N ALA A 48 -5.35 6.16 6.09
CA ALA A 48 -4.87 4.90 6.65
C ALA A 48 -3.39 4.98 7.01
N LEU A 49 -2.61 5.62 6.15
CA LEU A 49 -1.18 5.77 6.38
C LEU A 49 -0.92 6.54 7.67
N THR A 50 -1.61 7.68 7.83
CA THR A 50 -1.44 8.52 9.00
C THR A 50 -1.64 7.70 10.29
N VAL A 51 -2.67 6.87 10.30
CA VAL A 51 -2.95 6.03 11.46
C VAL A 51 -1.81 5.06 11.74
N PHE A 52 -1.25 4.50 10.68
CA PHE A 52 -0.15 3.55 10.80
C PHE A 52 0.98 4.13 11.64
N LEU A 53 1.47 5.29 11.23
CA LEU A 53 2.56 5.96 11.94
C LEU A 53 2.23 6.10 13.42
N LEU A 54 1.13 6.78 13.72
CA LEU A 54 0.70 6.98 15.10
C LEU A 54 0.62 5.66 15.85
N LEU A 55 0.16 4.62 15.14
CA LEU A 55 0.04 3.29 15.74
C LEU A 55 1.33 2.89 16.45
N ILE A 56 2.40 2.72 15.68
CA ILE A 56 3.69 2.34 16.24
C ILE A 56 4.31 3.50 17.01
N SER A 57 3.87 4.71 16.71
CA SER A 57 4.39 5.90 17.37
C SER A 57 4.42 5.71 18.89
N LYS A 58 3.37 5.09 19.42
CA LYS A 58 3.27 4.85 20.86
C LYS A 58 3.76 3.44 21.20
N ILE A 59 3.74 2.55 20.21
CA ILE A 59 4.18 1.18 20.41
C ILE A 59 5.62 0.99 19.94
N VAL A 60 6.55 1.63 20.63
CA VAL A 60 7.97 1.53 20.29
C VAL A 60 8.75 0.80 21.38
N PRO A 61 8.57 -0.53 21.43
CA PRO A 61 9.26 -1.37 22.42
C PRO A 61 10.76 -1.48 22.16
N PRO A 62 11.50 -2.00 23.14
CA PRO A 62 12.95 -2.18 23.04
C PRO A 62 13.33 -3.26 22.04
N THR A 63 12.34 -4.01 21.59
CA THR A 63 12.58 -5.08 20.61
C THR A 63 12.52 -4.56 19.18
N SER A 64 12.34 -3.24 19.05
CA SER A 64 12.27 -2.62 17.73
C SER A 64 13.65 -2.17 17.28
N SER A 65 14.51 -1.84 18.23
CA SER A 65 15.86 -1.39 17.93
C SER A 65 16.60 -2.42 17.08
N ASP A 66 17.65 -1.97 16.39
CA ASP A 66 18.44 -2.85 15.54
C ASP A 66 17.57 -3.46 14.44
N SER A 67 17.57 -2.84 13.27
CA SER A 67 16.77 -3.32 12.14
C SER A 67 15.31 -3.45 12.53
N PRO A 68 14.63 -2.30 12.71
CA PRO A 68 13.22 -2.27 13.08
C PRO A 68 12.31 -2.73 11.95
N SER A 69 11.42 -3.68 12.26
CA SER A 69 10.50 -4.21 11.26
C SER A 69 9.49 -3.15 10.83
N VAL A 70 8.95 -2.42 11.81
CA VAL A 70 7.98 -1.37 11.52
C VAL A 70 8.58 -0.28 10.64
N GLY A 71 9.90 -0.17 10.68
CA GLY A 71 10.59 0.84 9.88
C GLY A 71 10.66 0.46 8.42
N GLU A 72 11.16 -0.75 8.15
CA GLU A 72 11.29 -1.22 6.78
C GLU A 72 9.95 -1.15 6.04
N TYR A 73 8.92 -1.78 6.61
CA TYR A 73 7.60 -1.78 6.01
C TYR A 73 7.13 -0.36 5.70
N LEU A 74 7.33 0.55 6.67
CA LEU A 74 6.93 1.94 6.50
C LEU A 74 7.59 2.54 5.26
N MET A 75 8.88 2.30 5.10
CA MET A 75 9.62 2.82 3.96
C MET A 75 8.94 2.44 2.64
N PHE A 76 8.74 1.14 2.44
CA PHE A 76 8.09 0.65 1.23
C PHE A 76 6.68 1.20 1.10
N THR A 77 6.05 1.49 2.24
CA THR A 77 4.70 2.04 2.25
C THR A 77 4.69 3.50 1.82
N MET A 78 5.77 4.21 2.15
CA MET A 78 5.89 5.62 1.80
C MET A 78 5.98 5.80 0.29
N VAL A 79 7.01 5.21 -0.31
CA VAL A 79 7.21 5.31 -1.75
C VAL A 79 5.99 4.81 -2.51
N LEU A 80 5.28 3.85 -1.93
CA LEU A 80 4.09 3.29 -2.55
C LEU A 80 2.99 4.34 -2.66
N VAL A 81 2.65 4.95 -1.52
CA VAL A 81 1.61 5.98 -1.49
C VAL A 81 1.96 7.16 -2.39
N THR A 82 3.19 7.67 -2.23
CA THR A 82 3.66 8.80 -3.03
C THR A 82 3.45 8.54 -4.52
N PHE A 83 3.88 7.36 -4.97
CA PHE A 83 3.75 7.00 -6.38
C PHE A 83 2.30 7.14 -6.84
N SER A 84 1.37 6.77 -5.98
CA SER A 84 -0.05 6.85 -6.30
C SER A 84 -0.46 8.29 -6.59
N ILE A 85 0.00 9.21 -5.74
CA ILE A 85 -0.31 10.63 -5.91
C ILE A 85 0.15 11.13 -7.26
N VAL A 86 1.33 10.68 -7.70
CA VAL A 86 1.88 11.08 -8.98
C VAL A 86 0.97 10.66 -10.13
N THR A 87 0.36 9.49 -9.99
CA THR A 87 -0.53 8.96 -11.02
C THR A 87 -1.94 9.56 -10.89
N SER A 88 -2.30 9.95 -9.67
CA SER A 88 -3.61 10.53 -9.41
C SER A 88 -3.82 11.78 -10.27
N VAL A 89 -2.81 12.62 -10.35
CA VAL A 89 -2.89 13.85 -11.14
C VAL A 89 -2.58 13.58 -12.60
N CYS A 90 -1.58 12.74 -12.85
CA CYS A 90 -1.20 12.39 -14.21
C CYS A 90 -2.38 11.82 -14.99
N VAL A 91 -3.29 11.19 -14.28
CA VAL A 91 -4.47 10.60 -14.91
C VAL A 91 -5.59 11.63 -15.03
N LEU A 92 -5.84 12.36 -13.95
CA LEU A 92 -6.88 13.37 -13.94
C LEU A 92 -6.71 14.36 -15.09
N ASN A 93 -5.46 14.76 -15.34
CA ASN A 93 -5.16 15.69 -16.41
C ASN A 93 -3.67 15.65 -16.76
N VAL A 94 -3.39 15.38 -18.03
CA VAL A 94 -2.01 15.32 -18.50
C VAL A 94 -1.51 16.69 -18.94
N HIS A 95 -0.19 16.84 -19.02
CA HIS A 95 0.41 18.10 -19.44
C HIS A 95 1.93 17.97 -19.51
N HIS A 96 2.53 17.38 -18.48
CA HIS A 96 3.98 17.20 -18.44
C HIS A 96 4.36 15.76 -18.79
N ARG A 97 5.63 15.43 -18.61
CA ARG A 97 6.12 14.09 -18.90
C ARG A 97 7.15 13.64 -17.86
N SER A 98 7.15 12.35 -17.56
CA SER A 98 8.08 11.80 -16.59
C SER A 98 9.49 11.75 -17.14
N PRO A 99 10.48 11.65 -16.24
CA PRO A 99 11.90 11.58 -16.61
C PRO A 99 12.26 10.27 -17.31
N GLU A 100 11.73 9.17 -16.78
CA GLU A 100 12.00 7.85 -17.33
C GLU A 100 10.74 7.26 -17.96
N THR A 101 10.85 6.90 -19.24
CA THR A 101 9.72 6.32 -19.97
C THR A 101 10.14 5.09 -20.76
N HIS A 102 9.17 4.27 -21.13
CA HIS A 102 9.44 3.06 -21.90
C HIS A 102 9.03 3.24 -23.35
N THR A 103 9.79 2.62 -24.26
CA THR A 103 9.51 2.70 -25.68
C THR A 103 8.15 2.08 -26.02
N GLY A 104 7.47 2.66 -27.00
CA GLY A 104 6.17 2.15 -27.41
C GLY A 104 5.14 2.25 -26.30
N GLY A 105 3.87 2.09 -26.66
CA GLY A 105 2.81 2.18 -25.68
C GLY A 105 1.62 1.31 -26.04
N GLY A 106 0.66 1.89 -26.76
CA GLY A 106 -0.52 1.15 -27.15
C GLY A 106 -1.76 1.57 -26.38
N GLY A 107 -1.55 2.37 -25.34
CA GLY A 107 -2.67 2.82 -24.53
C GLY A 107 -3.00 1.86 -23.40
N GLY A 108 -2.00 1.13 -22.93
CA GLY A 108 -2.21 0.18 -21.86
C GLY A 108 -1.57 0.62 -20.56
N ILE A 109 -1.09 1.86 -20.53
CA ILE A 109 -0.45 2.39 -19.34
C ILE A 109 -1.33 2.20 -18.10
N ASP A 110 -2.63 2.31 -18.29
CA ASP A 110 -3.58 2.14 -17.20
C ASP A 110 -3.47 0.75 -16.59
N ARG A 111 -3.55 -0.28 -17.44
CA ARG A 111 -3.46 -1.65 -16.98
C ARG A 111 -2.07 -1.95 -16.41
N LEU A 112 -1.07 -1.22 -16.90
CA LEU A 112 0.30 -1.40 -16.44
C LEU A 112 0.46 -0.97 -14.99
N PHE A 113 0.11 0.28 -14.71
CA PHE A 113 0.21 0.82 -13.35
C PHE A 113 -0.57 -0.05 -12.37
N LEU A 114 -1.65 -0.65 -12.85
CA LEU A 114 -2.49 -1.51 -12.02
C LEU A 114 -1.86 -2.88 -11.83
N TRP A 115 -1.40 -3.47 -12.93
CA TRP A 115 -0.77 -4.78 -12.89
C TRP A 115 0.49 -4.75 -12.03
N ILE A 116 1.36 -3.78 -12.30
CA ILE A 116 2.60 -3.64 -11.55
C ILE A 116 2.33 -3.39 -10.07
N PHE A 117 1.21 -2.73 -9.80
CA PHE A 117 0.83 -2.41 -8.42
C PHE A 117 0.29 -3.64 -7.72
N VAL A 118 -0.46 -4.46 -8.45
CA VAL A 118 -1.05 -5.68 -7.90
C VAL A 118 0.04 -6.71 -7.57
N PHE A 119 1.06 -6.77 -8.42
CA PHE A 119 2.16 -7.70 -8.22
C PHE A 119 2.88 -7.43 -6.89
N VAL A 120 3.38 -6.22 -6.74
CA VAL A 120 4.08 -5.83 -5.53
C VAL A 120 3.20 -6.02 -4.30
N CYS A 121 1.88 -5.90 -4.49
CA CYS A 121 0.93 -6.06 -3.39
C CYS A 121 0.87 -7.52 -2.94
N VAL A 122 0.87 -8.42 -3.91
CA VAL A 122 0.81 -9.85 -3.61
C VAL A 122 2.16 -10.38 -3.14
N PHE A 123 3.17 -10.26 -4.00
CA PHE A 123 4.51 -10.72 -3.67
C PHE A 123 5.02 -10.07 -2.40
N GLY A 124 4.79 -8.76 -2.27
CA GLY A 124 5.23 -8.04 -1.09
C GLY A 124 4.58 -8.54 0.18
N THR A 125 3.26 -8.54 0.20
CA THR A 125 2.51 -9.00 1.37
C THR A 125 2.83 -10.45 1.68
N ILE A 126 2.75 -11.31 0.67
CA ILE A 126 3.03 -12.73 0.83
C ILE A 126 4.43 -12.94 1.40
N GLY A 127 5.38 -12.13 0.95
CA GLY A 127 6.75 -12.25 1.42
C GLY A 127 6.86 -12.10 2.93
N MET A 128 6.44 -10.95 3.44
CA MET A 128 6.50 -10.70 4.88
C MET A 128 5.54 -11.62 5.63
N PHE A 129 4.55 -12.14 4.92
CA PHE A 129 3.56 -13.04 5.53
C PHE A 129 4.09 -14.46 5.57
N LEU A 130 5.16 -14.72 4.83
CA LEU A 130 5.76 -16.05 4.80
C LEU A 130 6.69 -16.26 5.98
N GLN A 131 7.02 -15.17 6.67
CA GLN A 131 7.90 -15.24 7.83
C GLN A 131 7.42 -16.30 8.82
N PRO A 132 6.18 -16.14 9.30
CA PRO A 132 5.58 -17.08 10.26
C PRO A 132 5.27 -18.43 9.62
N LEU A 133 5.30 -19.48 10.45
CA LEU A 133 5.03 -20.83 9.96
C LEU A 133 3.57 -20.97 9.53
N PHE A 134 2.70 -20.15 10.12
CA PHE A 134 1.28 -20.18 9.80
C PHE A 134 0.55 -19.01 10.45
N GLN A 135 -0.75 -18.90 10.19
CA GLN A 135 -1.56 -17.84 10.75
C GLN A 135 -1.44 -17.80 12.28
N GLU A 136 -1.28 -18.97 12.88
CA GLU A 136 -1.15 -19.07 14.32
C GLU A 136 -2.33 -18.41 15.03
N GLU A 137 -3.39 -19.18 15.26
CA GLU A 137 -4.58 -18.68 15.92
C GLU A 137 -4.50 -18.88 17.43
N ASN A 2 3.84 -14.88 25.14
CA ASN A 2 4.78 -15.94 24.79
C ASN A 2 4.15 -17.31 25.01
N ALA A 3 2.99 -17.52 24.40
CA ALA A 3 2.29 -18.79 24.52
C ALA A 3 1.01 -18.80 23.69
N GLU A 4 0.20 -17.75 23.85
CA GLU A 4 -1.05 -17.64 23.11
C GLU A 4 -0.87 -16.76 21.87
N GLU A 5 0.38 -16.51 21.51
CA GLU A 5 0.68 -15.68 20.34
C GLU A 5 0.01 -14.32 20.45
N GLU A 6 0.39 -13.56 21.48
CA GLU A 6 -0.18 -12.23 21.70
C GLU A 6 0.23 -11.28 20.58
N PRO A 7 1.54 -11.10 20.40
CA PRO A 7 2.09 -10.22 19.37
C PRO A 7 1.87 -10.76 17.96
N LEU A 8 1.92 -12.09 17.83
CA LEU A 8 1.73 -12.74 16.54
C LEU A 8 0.33 -12.47 16.00
N PHE A 9 -0.57 -12.08 16.88
CA PHE A 9 -1.95 -11.79 16.50
C PHE A 9 -2.09 -10.36 16.01
N TYR A 10 -1.20 -9.49 16.47
CA TYR A 10 -1.21 -8.09 16.08
C TYR A 10 -0.86 -7.92 14.61
N THR A 11 0.26 -8.53 14.21
CA THR A 11 0.72 -8.45 12.82
C THR A 11 -0.37 -8.89 11.86
N ILE A 12 -1.10 -9.94 12.24
CA ILE A 12 -2.17 -10.47 11.41
C ILE A 12 -3.29 -9.44 11.24
N ASN A 13 -3.66 -8.79 12.33
CA ASN A 13 -4.72 -7.78 12.31
C ASN A 13 -4.27 -6.56 11.53
N LEU A 14 -2.97 -6.47 11.26
CA LEU A 14 -2.41 -5.34 10.52
C LEU A 14 -2.44 -5.59 9.03
N ILE A 15 -2.45 -6.87 8.64
CA ILE A 15 -2.49 -7.24 7.23
C ILE A 15 -3.90 -7.14 6.67
N ILE A 16 -4.88 -7.38 7.52
CA ILE A 16 -6.29 -7.31 7.11
C ILE A 16 -6.59 -5.98 6.42
N PRO A 17 -6.33 -4.88 7.13
CA PRO A 17 -6.56 -3.53 6.60
C PRO A 17 -5.58 -3.16 5.49
N CYS A 18 -4.34 -3.60 5.64
CA CYS A 18 -3.31 -3.31 4.65
C CYS A 18 -3.77 -3.72 3.26
N VAL A 19 -4.10 -5.00 3.10
CA VAL A 19 -4.56 -5.52 1.82
C VAL A 19 -5.84 -4.84 1.37
N LEU A 20 -6.66 -4.45 2.34
CA LEU A 20 -7.93 -3.78 2.05
C LEU A 20 -7.69 -2.44 1.37
N ILE A 21 -6.79 -1.64 1.94
CA ILE A 21 -6.47 -0.33 1.38
C ILE A 21 -6.11 -0.44 -0.10
N THR A 22 -5.21 -1.36 -0.41
CA THR A 22 -4.77 -1.56 -1.79
C THR A 22 -5.96 -1.80 -2.72
N SER A 23 -6.84 -2.72 -2.31
CA SER A 23 -8.02 -3.05 -3.11
C SER A 23 -8.85 -1.80 -3.39
N LEU A 24 -8.93 -0.91 -2.40
CA LEU A 24 -9.69 0.32 -2.54
C LEU A 24 -9.22 1.12 -3.75
N ALA A 25 -7.90 1.19 -3.93
CA ALA A 25 -7.33 1.92 -5.05
C ALA A 25 -7.63 1.22 -6.37
N ILE A 26 -7.68 -0.11 -6.35
CA ILE A 26 -7.96 -0.88 -7.55
C ILE A 26 -9.43 -0.78 -7.94
N LEU A 27 -10.30 -0.65 -6.93
CA LEU A 27 -11.74 -0.54 -7.16
C LEU A 27 -12.08 0.81 -7.78
N VAL A 28 -11.39 1.85 -7.34
CA VAL A 28 -11.61 3.20 -7.84
C VAL A 28 -11.28 3.29 -9.33
N PHE A 29 -10.16 2.68 -9.72
CA PHE A 29 -9.73 2.70 -11.11
C PHE A 29 -10.66 1.85 -11.98
N TYR A 30 -11.30 0.87 -11.36
CA TYR A 30 -12.22 -0.01 -12.07
C TYR A 30 -13.64 0.56 -12.07
N LEU A 31 -13.84 1.62 -11.30
CA LEU A 31 -15.14 2.27 -11.21
C LEU A 31 -15.01 3.78 -11.18
N PRO A 32 -14.62 4.36 -12.33
CA PRO A 32 -14.45 5.81 -12.47
C PRO A 32 -15.78 6.56 -12.42
N SER A 33 -16.15 7.00 -11.22
CA SER A 33 -17.40 7.73 -11.04
C SER A 33 -17.15 9.08 -10.38
N ASP A 34 -17.65 10.14 -11.01
CA ASP A 34 -17.47 11.49 -10.48
C ASP A 34 -16.00 11.87 -10.43
N CYS A 35 -15.73 13.14 -10.12
CA CYS A 35 -14.36 13.62 -10.03
C CYS A 35 -13.92 13.76 -8.58
N GLY A 36 -14.89 13.91 -7.68
CA GLY A 36 -14.58 14.04 -6.27
C GLY A 36 -14.18 12.73 -5.64
N GLU A 37 -14.44 11.63 -6.34
CA GLU A 37 -14.09 10.31 -5.83
C GLU A 37 -12.58 10.10 -5.81
N LYS A 38 -11.91 10.60 -6.85
CA LYS A 38 -10.46 10.46 -6.96
C LYS A 38 -9.77 11.18 -5.79
N MET A 39 -10.14 12.44 -5.58
CA MET A 39 -9.55 13.22 -4.49
C MET A 39 -9.81 12.57 -3.14
N THR A 40 -10.93 11.85 -3.03
CA THR A 40 -11.28 11.17 -1.80
C THR A 40 -10.36 9.98 -1.53
N LEU A 41 -9.93 9.32 -2.61
CA LEU A 41 -9.05 8.17 -2.50
C LEU A 41 -7.71 8.56 -1.86
N CYS A 42 -7.08 9.59 -2.43
CA CYS A 42 -5.80 10.06 -1.92
C CYS A 42 -5.90 10.43 -0.44
N ILE A 43 -7.01 11.06 -0.07
CA ILE A 43 -7.23 11.47 1.31
C ILE A 43 -7.56 10.27 2.19
N SER A 44 -8.06 9.21 1.57
CA SER A 44 -8.42 7.99 2.30
C SER A 44 -7.17 7.19 2.66
N VAL A 45 -6.46 6.73 1.62
CA VAL A 45 -5.25 5.95 1.83
C VAL A 45 -4.27 6.67 2.75
N LEU A 46 -4.30 8.00 2.70
CA LEU A 46 -3.41 8.81 3.53
C LEU A 46 -3.85 8.79 4.99
N LEU A 47 -5.16 8.94 5.20
CA LEU A 47 -5.72 8.94 6.55
C LEU A 47 -5.31 7.67 7.29
N ALA A 48 -5.39 6.53 6.61
CA ALA A 48 -5.03 5.25 7.21
C ALA A 48 -3.56 5.23 7.60
N LEU A 49 -2.71 5.77 6.75
CA LEU A 49 -1.27 5.81 7.01
C LEU A 49 -0.98 6.49 8.34
N THR A 50 -1.44 7.74 8.48
CA THR A 50 -1.22 8.50 9.70
C THR A 50 -1.84 7.79 10.90
N VAL A 51 -3.00 7.17 10.69
CA VAL A 51 -3.68 6.45 11.76
C VAL A 51 -2.82 5.34 12.32
N PHE A 52 -2.25 4.53 11.43
CA PHE A 52 -1.39 3.42 11.84
C PHE A 52 -0.28 3.90 12.76
N LEU A 53 0.38 4.98 12.37
CA LEU A 53 1.46 5.54 13.17
C LEU A 53 1.02 5.78 14.61
N LEU A 54 -0.02 6.58 14.78
CA LEU A 54 -0.54 6.89 16.11
C LEU A 54 -0.85 5.60 16.88
N LEU A 55 -1.36 4.60 16.17
CA LEU A 55 -1.70 3.32 16.78
C LEU A 55 -0.53 2.80 17.62
N ILE A 56 0.57 2.47 16.95
CA ILE A 56 1.75 1.97 17.63
C ILE A 56 2.44 3.06 18.44
N SER A 57 2.17 4.31 18.08
CA SER A 57 2.75 5.46 18.77
C SER A 57 2.61 5.31 20.28
N LYS A 58 1.44 4.85 20.71
CA LYS A 58 1.17 4.66 22.13
C LYS A 58 1.44 3.23 22.56
N ILE A 59 1.41 2.31 21.60
CA ILE A 59 1.65 0.90 21.86
C ILE A 59 2.86 0.39 21.07
N VAL A 60 4.03 0.95 21.36
CA VAL A 60 5.25 0.55 20.68
C VAL A 60 5.43 -0.97 20.72
N PRO A 61 6.21 -1.49 19.76
CA PRO A 61 6.47 -2.93 19.66
C PRO A 61 7.36 -3.43 20.79
N PRO A 62 7.45 -4.77 20.92
CA PRO A 62 8.27 -5.40 21.96
C PRO A 62 9.77 -5.23 21.70
N THR A 63 10.11 -4.91 20.47
CA THR A 63 11.52 -4.72 20.10
C THR A 63 11.64 -4.18 18.68
N SER A 64 12.14 -2.96 18.55
CA SER A 64 12.31 -2.33 17.25
C SER A 64 13.76 -1.91 17.03
N SER A 65 14.63 -2.29 17.96
CA SER A 65 16.04 -1.95 17.88
C SER A 65 16.74 -2.74 16.77
N ASP A 66 16.14 -3.88 16.41
CA ASP A 66 16.69 -4.74 15.37
C ASP A 66 15.60 -5.53 14.68
N SER A 67 15.43 -5.29 13.38
CA SER A 67 14.40 -5.97 12.60
C SER A 67 13.03 -5.83 13.26
N PRO A 68 12.47 -4.62 13.20
CA PRO A 68 11.16 -4.32 13.79
C PRO A 68 10.02 -4.99 13.02
N SER A 69 8.81 -4.86 13.55
CA SER A 69 7.63 -5.46 12.92
C SER A 69 6.69 -4.38 12.40
N VAL A 70 6.15 -3.58 13.32
CA VAL A 70 5.23 -2.52 12.96
C VAL A 70 5.92 -1.45 12.12
N GLY A 71 7.21 -1.26 12.38
CA GLY A 71 7.98 -0.26 11.64
C GLY A 71 8.27 -0.70 10.22
N GLU A 72 8.66 -1.96 10.06
CA GLU A 72 8.99 -2.51 8.74
C GLU A 72 7.79 -2.40 7.80
N TYR A 73 6.66 -2.93 8.24
CA TYR A 73 5.44 -2.91 7.43
C TYR A 73 5.13 -1.48 6.98
N LEU A 74 5.19 -0.54 7.91
CA LEU A 74 4.91 0.85 7.61
C LEU A 74 5.83 1.37 6.50
N MET A 75 7.07 0.92 6.52
CA MET A 75 8.05 1.32 5.52
C MET A 75 7.55 1.00 4.12
N PHE A 76 7.08 -0.23 3.93
CA PHE A 76 6.57 -0.66 2.63
C PHE A 76 5.41 0.20 2.19
N THR A 77 4.63 0.69 3.15
CA THR A 77 3.49 1.54 2.85
C THR A 77 3.93 2.92 2.39
N MET A 78 5.01 3.42 2.96
CA MET A 78 5.54 4.73 2.60
C MET A 78 5.85 4.80 1.11
N VAL A 79 6.73 3.92 0.66
CA VAL A 79 7.12 3.88 -0.75
C VAL A 79 5.91 3.64 -1.64
N LEU A 80 4.98 2.81 -1.17
CA LEU A 80 3.77 2.49 -1.93
C LEU A 80 2.93 3.74 -2.13
N VAL A 81 2.66 4.46 -1.05
CA VAL A 81 1.86 5.67 -1.12
C VAL A 81 2.51 6.72 -2.02
N THR A 82 3.83 6.85 -1.91
CA THR A 82 4.57 7.81 -2.72
C THR A 82 4.31 7.59 -4.21
N PHE A 83 4.23 6.33 -4.60
CA PHE A 83 3.99 5.98 -6.01
C PHE A 83 2.62 6.48 -6.45
N SER A 84 1.62 6.31 -5.59
CA SER A 84 0.26 6.73 -5.90
C SER A 84 0.19 8.25 -6.08
N ILE A 85 0.91 8.97 -5.22
CA ILE A 85 0.93 10.43 -5.28
C ILE A 85 1.39 10.92 -6.65
N VAL A 86 2.44 10.29 -7.17
CA VAL A 86 2.98 10.66 -8.48
C VAL A 86 1.92 10.52 -9.56
N THR A 87 1.18 9.41 -9.51
CA THR A 87 0.14 9.14 -10.50
C THR A 87 -1.04 10.09 -10.32
N SER A 88 -1.31 10.47 -9.07
CA SER A 88 -2.41 11.36 -8.76
C SER A 88 -2.29 12.66 -9.56
N VAL A 89 -1.08 13.21 -9.60
CA VAL A 89 -0.83 14.46 -10.32
C VAL A 89 -0.79 14.22 -11.82
N CYS A 90 -0.36 13.02 -12.22
CA CYS A 90 -0.26 12.67 -13.63
C CYS A 90 -1.64 12.71 -14.29
N VAL A 91 -2.64 12.19 -13.58
CA VAL A 91 -4.01 12.17 -14.09
C VAL A 91 -4.68 13.53 -13.95
N LEU A 92 -4.35 14.23 -12.86
CA LEU A 92 -4.92 15.54 -12.60
C LEU A 92 -4.48 16.55 -13.66
N ASN A 93 -3.18 16.58 -13.94
CA ASN A 93 -2.63 17.49 -14.94
C ASN A 93 -1.69 16.77 -15.88
N VAL A 94 -1.71 17.15 -17.15
CA VAL A 94 -0.86 16.53 -18.16
C VAL A 94 -0.80 17.38 -19.43
N HIS A 95 0.40 17.49 -20.00
CA HIS A 95 0.60 18.27 -21.21
C HIS A 95 1.98 18.03 -21.79
N HIS A 96 2.26 18.66 -22.93
CA HIS A 96 3.56 18.51 -23.59
C HIS A 96 3.79 17.06 -23.99
N ARG A 97 4.83 16.84 -24.78
CA ARG A 97 5.18 15.50 -25.25
C ARG A 97 6.56 15.48 -25.90
N SER A 98 7.24 14.36 -25.76
CA SER A 98 8.58 14.21 -26.33
C SER A 98 8.53 14.28 -27.86
N PRO A 99 9.69 14.55 -28.47
CA PRO A 99 9.81 14.65 -29.93
C PRO A 99 9.66 13.30 -30.61
N GLU A 100 10.12 12.24 -29.95
CA GLU A 100 10.04 10.89 -30.49
C GLU A 100 8.77 10.19 -30.01
N THR A 101 8.44 9.08 -30.66
CA THR A 101 7.25 8.30 -30.30
C THR A 101 7.62 6.89 -29.87
N HIS A 102 8.74 6.77 -29.16
CA HIS A 102 9.21 5.47 -28.68
C HIS A 102 8.59 5.14 -27.32
N THR A 103 8.48 6.15 -26.46
CA THR A 103 7.91 5.96 -25.14
C THR A 103 6.38 5.82 -25.20
N GLY A 104 5.85 4.82 -24.51
CA GLY A 104 4.42 4.59 -24.51
C GLY A 104 4.02 3.39 -25.33
N GLY A 105 2.94 2.73 -24.94
CA GLY A 105 2.46 1.56 -25.65
C GLY A 105 0.98 1.63 -25.96
N GLY A 106 0.56 2.72 -26.58
CA GLY A 106 -0.84 2.89 -26.92
C GLY A 106 -1.62 3.62 -25.85
N GLY A 107 -2.27 2.86 -24.97
CA GLY A 107 -3.05 3.46 -23.90
C GLY A 107 -3.40 2.47 -22.81
N GLY A 108 -2.48 1.56 -22.52
CA GLY A 108 -2.72 0.55 -21.49
C GLY A 108 -1.88 0.79 -20.25
N ILE A 109 -1.29 1.96 -20.16
CA ILE A 109 -0.45 2.30 -19.01
C ILE A 109 -1.18 2.03 -17.70
N ASP A 110 -2.49 2.27 -17.69
CA ASP A 110 -3.29 2.05 -16.50
C ASP A 110 -3.19 0.60 -16.04
N ARG A 111 -3.32 -0.33 -16.98
CA ARG A 111 -3.25 -1.75 -16.68
C ARG A 111 -1.86 -2.12 -16.13
N LEU A 112 -0.84 -1.42 -16.61
CA LEU A 112 0.52 -1.67 -16.18
C LEU A 112 0.72 -1.27 -14.73
N PHE A 113 0.17 -0.12 -14.36
CA PHE A 113 0.28 0.38 -12.99
C PHE A 113 -0.48 -0.52 -12.02
N LEU A 114 -1.65 -0.99 -12.46
CA LEU A 114 -2.48 -1.86 -11.63
C LEU A 114 -1.82 -3.22 -11.43
N TRP A 115 -1.29 -3.77 -12.51
CA TRP A 115 -0.62 -5.07 -12.46
C TRP A 115 0.51 -5.06 -11.45
N ILE A 116 1.47 -4.15 -11.63
CA ILE A 116 2.60 -4.03 -10.73
C ILE A 116 2.15 -3.81 -9.29
N PHE A 117 0.95 -3.24 -9.13
CA PHE A 117 0.40 -2.97 -7.81
C PHE A 117 -0.20 -4.24 -7.21
N VAL A 118 -0.78 -5.08 -8.06
CA VAL A 118 -1.40 -6.32 -7.62
C VAL A 118 -0.34 -7.36 -7.29
N PHE A 119 0.72 -7.40 -8.08
CA PHE A 119 1.81 -8.35 -7.86
C PHE A 119 2.52 -8.08 -6.53
N VAL A 120 2.85 -6.81 -6.29
CA VAL A 120 3.53 -6.42 -5.06
C VAL A 120 2.61 -6.61 -3.85
N CYS A 121 1.31 -6.50 -4.07
CA CYS A 121 0.33 -6.65 -3.00
C CYS A 121 0.21 -8.11 -2.59
N VAL A 122 0.40 -9.01 -3.55
CA VAL A 122 0.30 -10.44 -3.29
C VAL A 122 1.60 -10.98 -2.68
N PHE A 123 2.69 -10.86 -3.42
CA PHE A 123 3.98 -11.32 -2.96
C PHE A 123 4.40 -10.60 -1.68
N GLY A 124 3.91 -9.38 -1.51
CA GLY A 124 4.23 -8.60 -0.33
C GLY A 124 3.58 -9.13 0.92
N THR A 125 2.26 -9.30 0.86
CA THR A 125 1.51 -9.82 2.01
C THR A 125 1.92 -11.24 2.35
N ILE A 126 2.16 -12.05 1.31
CA ILE A 126 2.56 -13.44 1.50
C ILE A 126 3.96 -13.53 2.09
N GLY A 127 4.75 -12.49 1.87
CA GLY A 127 6.11 -12.46 2.39
C GLY A 127 6.15 -12.30 3.91
N MET A 128 5.37 -11.35 4.41
CA MET A 128 5.31 -11.10 5.84
C MET A 128 4.45 -12.13 6.55
N PHE A 129 3.55 -12.76 5.79
CA PHE A 129 2.66 -13.76 6.35
C PHE A 129 3.35 -15.12 6.44
N LEU A 130 4.05 -15.49 5.36
CA LEU A 130 4.76 -16.76 5.32
C LEU A 130 6.19 -16.61 5.82
N GLN A 131 6.53 -15.40 6.26
CA GLN A 131 7.87 -15.12 6.77
C GLN A 131 8.27 -16.13 7.83
N PRO A 132 7.46 -16.20 8.91
CA PRO A 132 7.70 -17.12 10.02
C PRO A 132 7.48 -18.58 9.64
N LEU A 133 8.20 -19.47 10.29
CA LEU A 133 8.08 -20.90 10.02
C LEU A 133 6.70 -21.41 10.43
N PHE A 134 6.09 -20.75 11.40
CA PHE A 134 4.77 -21.13 11.89
C PHE A 134 4.23 -20.11 12.89
N GLN A 135 4.74 -20.17 14.11
CA GLN A 135 4.32 -19.25 15.16
C GLN A 135 5.43 -18.28 15.52
N GLU A 136 6.67 -18.73 15.36
CA GLU A 136 7.83 -17.89 15.67
C GLU A 136 7.74 -17.33 17.08
N GLU A 137 8.14 -18.12 18.07
CA GLU A 137 8.10 -17.70 19.46
C GLU A 137 9.50 -17.55 20.02
#